data_4Q7J
#
_entry.id   4Q7J
#
_cell.length_a   132.190
_cell.length_b   150.830
_cell.length_c   189.780
_cell.angle_alpha   90.00
_cell.angle_beta   90.00
_cell.angle_gamma   90.00
#
_symmetry.space_group_name_H-M   'P 21 21 21'
#
loop_
_entity.id
_entity.type
_entity.pdbx_description
1 polymer 'Elongation factor Ts'
2 polymer 'Elongation factor Tu 1'
3 polymer 'Q beta replicase'
4 polymer '30S ribosomal protein S1'
5 non-polymer 'SULFATE ION'
6 water water
#
loop_
_entity_poly.entity_id
_entity_poly.type
_entity_poly.pdbx_seq_one_letter_code
_entity_poly.pdbx_strand_id
1 'polypeptide(L)'
;AEITASLVKELRERTGAGMMDCKKALTEANGDIELAIENMRKSGAIKAAKKAGNVAADGVIKTKIDGNYGIILEVNCQTD
FVAKDAGFQAFADKVLDAAVAGKITDVEVLKAQFEEERVALVAKIGENINIRRVAALEGDVLGSYQHGARIGVLVAAKGA
DEELVKHIAMHVAASKPEFIKPEDVSAEVVEKEYQVQLDIAMQSGKPKEIAEKMVEGRMKKFTGEVSLTGQPFVMEPSKT
VGQLLKEHNAEVTGFIRFEVGEGIEKVETDFAAEVAAMSKQS
;
A,E
2 'polypeptide(L)'
;SKEKFERTKPHVNVGTIGHVDHGKTTLTAAITTVLAKTYGGAARAFDQIDNAPEEKARGITINTSHVEYDTPTRHYAHVD
CPGHADYVKNMITGAAQMDGAILVVAATDGPMPQTREHILLGRQVGVPYIIVFLNKCDMVDDEELLELVEMEVRELLSQY
DFPGDDTPIVRGSALKALEGDAEWEAKILELAGFLDSYIPEPERAIDKPFLLPIEDVFSISGRGTVVTGRVERGIIKVGE
EVEIVGIKETQKSTCTGVEMFRKLLDEGRAGENVGVLLRGIKREEIERGQVLAKPGTIKPHTKFESEVYILSKDEGGRHT
PFFKGYRPQFYFRTTDVTGTIELPEGVEMVMPGDNIKMVVTLIHPIAMDDGLRFAIREGGRTVGAGVVAKVLG
;
B,F
3 'polypeptide(L)'
;SKTASSRNSLSAQLRRAANTRIEVEGNLALSIANDLLLAYGQSPFNSEAECISFSPRFDGTPDDFRINYLKAEIMSKYDD
FSLGIDTEAVAWEKFLAAEAECALTNARLYRPDYSEDFNFSLGESCIHMARRKIAKLIGDVPSVEGMLRHCRFSGGATTT
NNRSYGHPSFKFALPQACTPRALKYVLALRASTHFDIRISDISPFNKAVTVPKNSKTDRCIAIEPGWNMFFQLGIGGILR
DRLRCWGIDLNDQTINQRRAHEGSVTNNLATVDLSAASDSISLALCELLLPPGWFEVLMDLRSPKGRLPDGSVVTYEKIS
SMGNGYTFELESLIFASLARSVCEILDLDSSEVTVYGDDIILPSCAVPALREVFKYVGFTTNTKKTFSEGPFRESCGKHY
YSGVDVTPFYIRHRIVSPADLILVLNNLYRWATIDGVWDPRAHSVYLKYRKLLPKQLQRNTIPDGYGDGALVGSVLINPF
AKNRGWIRYVPVITDHTRDRERAELGSYLYDLFSRCLSESNDGLPLRGPSGCDSADLFAIDQLICRSNPTKISRSTGKFD
IQYIACSSRVLAPYGVFQGTKVASLHEAHHHHHH
;
C,G
4 'polypeptide(L)'
;MTESFAQLFEESLKEIETRPGSIVRGVVVAIDKDVVLVDAGLKSESAIPAEQFKNAQGELEIQVGDEVDVALDAVEDGFG
ETLLSREKAKRHEAWITLEKAYEDAETVTGVINGKVKGGFTVELNGIRAFLPGSLVDVRPVRDTLHLEGKELEFKVIKLD
QKRNNVVVSRRAVIESENSAERDQLLENLQEGMEVKGIVKNLTDYGAFVDLGGVDGLLHITDMAWKRVKHPSEIVNVGDE
ITVKVLKFDRERTRVSLGLKQLGEDPWVAIAKRLEHHHHHH
;
D,H
#
# COMPACT_ATOMS: atom_id res chain seq x y z
N THR A 4 2.30 37.00 -42.91
CA THR A 4 3.06 37.97 -42.14
C THR A 4 2.48 38.17 -40.75
N ALA A 5 3.25 38.80 -39.87
CA ALA A 5 2.82 39.03 -38.49
C ALA A 5 1.85 40.21 -38.38
N SER A 6 2.14 41.27 -39.13
CA SER A 6 1.32 42.49 -39.09
C SER A 6 -0.14 42.23 -39.49
N LEU A 7 -0.36 41.15 -40.23
CA LEU A 7 -1.71 40.72 -40.57
C LEU A 7 -2.34 39.96 -39.40
N VAL A 8 -1.54 39.11 -38.77
CA VAL A 8 -1.99 38.33 -37.63
C VAL A 8 -2.43 39.23 -36.48
N LYS A 9 -1.65 40.28 -36.21
CA LYS A 9 -2.01 41.23 -35.16
C LYS A 9 -3.32 41.94 -35.53
N GLU A 10 -3.54 42.14 -36.82
CA GLU A 10 -4.77 42.79 -37.28
C GLU A 10 -5.96 41.88 -37.01
N LEU A 11 -5.82 40.61 -37.37
CA LEU A 11 -6.88 39.62 -37.14
C LEU A 11 -7.19 39.48 -35.65
N ARG A 12 -6.16 39.40 -34.83
CA ARG A 12 -6.32 39.24 -33.39
C ARG A 12 -6.96 40.46 -32.76
N GLU A 13 -6.53 41.65 -33.19
CA GLU A 13 -7.12 42.90 -32.71
C GLU A 13 -8.58 43.03 -33.16
N ARG A 14 -8.90 42.44 -34.30
CA ARG A 14 -10.26 42.48 -34.83
C ARG A 14 -11.18 41.49 -34.10
N THR A 15 -10.61 40.38 -33.65
CA THR A 15 -11.38 39.32 -33.01
C THR A 15 -11.13 39.24 -31.50
N GLY A 16 -9.90 38.96 -31.12
CA GLY A 16 -9.57 38.69 -29.73
C GLY A 16 -9.31 37.23 -29.49
N ALA A 17 -9.26 36.46 -30.58
CA ALA A 17 -8.92 35.05 -30.52
C ALA A 17 -7.43 34.88 -30.25
N GLY A 18 -7.03 33.69 -29.81
CA GLY A 18 -5.64 33.43 -29.46
C GLY A 18 -4.68 33.65 -30.61
N MET A 19 -3.42 33.86 -30.28
CA MET A 19 -2.40 34.20 -31.27
C MET A 19 -2.20 33.12 -32.33
N MET A 20 -1.87 31.91 -31.87
CA MET A 20 -1.60 30.80 -32.78
C MET A 20 -2.88 30.31 -33.47
N ASP A 21 -4.02 30.55 -32.83
CA ASP A 21 -5.30 30.24 -33.44
C ASP A 21 -5.52 31.15 -34.63
N CYS A 22 -5.19 32.43 -34.47
CA CYS A 22 -5.27 33.39 -35.56
C CYS A 22 -4.23 33.08 -36.64
N LYS A 23 -3.06 32.61 -36.22
CA LYS A 23 -2.00 32.24 -37.14
C LYS A 23 -2.43 31.10 -38.05
N LYS A 24 -2.92 30.02 -37.46
CA LYS A 24 -3.38 28.85 -38.21
C LYS A 24 -4.64 29.15 -39.01
N ALA A 25 -5.51 30.00 -38.46
CA ALA A 25 -6.71 30.42 -39.18
C ALA A 25 -6.35 31.21 -40.43
N LEU A 26 -5.31 32.03 -40.32
CA LEU A 26 -4.83 32.84 -41.43
C LEU A 26 -4.05 31.98 -42.42
N THR A 27 -3.48 30.89 -41.92
CA THR A 27 -2.74 29.95 -42.74
C THR A 27 -3.69 29.14 -43.62
N GLU A 28 -4.81 28.73 -43.02
CA GLU A 28 -5.84 27.99 -43.74
C GLU A 28 -6.67 28.91 -44.63
N ALA A 29 -6.66 30.20 -44.35
CA ALA A 29 -7.45 31.16 -45.11
C ALA A 29 -6.67 31.81 -46.25
N ASN A 30 -5.40 31.46 -46.38
CA ASN A 30 -4.53 31.98 -47.43
C ASN A 30 -4.42 33.50 -47.44
N GLY A 31 -4.56 34.12 -46.27
CA GLY A 31 -4.47 35.56 -46.16
C GLY A 31 -5.81 36.28 -46.09
N ASP A 32 -6.88 35.59 -46.49
CA ASP A 32 -8.20 36.19 -46.47
C ASP A 32 -8.67 36.39 -45.03
N ILE A 33 -9.02 37.63 -44.68
CA ILE A 33 -9.43 37.95 -43.32
C ILE A 33 -10.83 37.44 -42.98
N GLU A 34 -11.80 37.78 -43.82
CA GLU A 34 -13.19 37.41 -43.58
C GLU A 34 -13.38 35.89 -43.61
N LEU A 35 -12.61 35.22 -44.45
CA LEU A 35 -12.61 33.76 -44.50
C LEU A 35 -12.10 33.21 -43.17
N ALA A 36 -11.02 33.81 -42.68
CA ALA A 36 -10.45 33.44 -41.40
C ALA A 36 -11.46 33.58 -40.27
N ILE A 37 -12.09 34.74 -40.18
CA ILE A 37 -13.08 35.00 -39.13
C ILE A 37 -14.30 34.09 -39.25
N GLU A 38 -14.63 33.69 -40.48
CA GLU A 38 -15.70 32.72 -40.71
C GLU A 38 -15.33 31.34 -40.16
N ASN A 39 -14.16 30.85 -40.54
CA ASN A 39 -13.67 29.56 -40.07
C ASN A 39 -13.53 29.51 -38.55
N MET A 40 -13.02 30.59 -37.97
CA MET A 40 -12.91 30.71 -36.52
C MET A 40 -14.31 30.72 -35.89
N ARG A 41 -15.24 31.38 -36.57
CA ARG A 41 -16.62 31.45 -36.10
C ARG A 41 -17.26 30.06 -36.05
N LYS A 42 -16.96 29.23 -37.04
CA LYS A 42 -17.50 27.87 -37.07
C LYS A 42 -16.73 26.89 -36.18
N SER A 43 -15.48 27.24 -35.85
CA SER A 43 -14.67 26.44 -34.94
C SER A 43 -15.00 26.75 -33.47
N GLY A 44 -15.59 27.92 -33.26
CA GLY A 44 -15.93 28.38 -31.92
C GLY A 44 -16.88 27.46 -31.17
N ALA A 45 -17.80 26.84 -31.91
CA ALA A 45 -18.78 25.93 -31.31
C ALA A 45 -18.11 24.74 -30.62
N ILE A 46 -17.27 24.02 -31.35
CA ILE A 46 -16.55 22.89 -30.77
C ILE A 46 -15.51 23.38 -29.76
N LYS A 47 -15.02 24.60 -29.97
CA LYS A 47 -14.06 25.22 -29.05
C LYS A 47 -14.71 25.42 -27.68
N ALA A 48 -16.01 25.68 -27.69
CA ALA A 48 -16.77 25.78 -26.45
C ALA A 48 -17.14 24.40 -25.93
N ALA A 49 -17.45 23.50 -26.86
CA ALA A 49 -17.86 22.14 -26.52
C ALA A 49 -16.79 21.38 -25.74
N LYS A 50 -15.52 21.59 -26.08
CA LYS A 50 -14.43 20.94 -25.35
C LYS A 50 -14.28 21.46 -23.92
N LYS A 51 -14.55 22.75 -23.73
CA LYS A 51 -14.43 23.36 -22.42
C LYS A 51 -15.69 23.18 -21.57
N ALA A 52 -16.77 22.74 -22.21
CA ALA A 52 -18.06 22.60 -21.53
C ALA A 52 -18.04 21.63 -20.35
N GLY A 53 -17.08 20.72 -20.34
CA GLY A 53 -16.95 19.74 -19.27
C GLY A 53 -16.58 20.34 -17.94
N ASN A 54 -16.05 21.57 -17.96
CA ASN A 54 -15.68 22.26 -16.73
C ASN A 54 -16.89 22.86 -16.02
N VAL A 55 -16.85 22.86 -14.70
CA VAL A 55 -17.94 23.39 -13.89
C VAL A 55 -17.72 24.87 -13.57
N ALA A 56 -18.79 25.67 -13.67
CA ALA A 56 -18.67 27.09 -13.38
C ALA A 56 -19.25 27.41 -12.00
N ALA A 57 -18.36 27.67 -11.05
CA ALA A 57 -18.76 28.03 -9.70
C ALA A 57 -19.11 29.51 -9.55
N ASP A 58 -18.25 30.36 -10.06
CA ASP A 58 -18.42 31.81 -9.92
C ASP A 58 -19.46 32.33 -10.89
N GLY A 59 -19.62 33.65 -10.92
CA GLY A 59 -20.58 34.25 -11.82
C GLY A 59 -21.16 35.53 -11.22
N VAL A 60 -22.28 35.98 -11.80
CA VAL A 60 -22.96 37.17 -11.31
C VAL A 60 -24.48 37.00 -11.31
N ILE A 61 -25.12 37.79 -10.46
CA ILE A 61 -26.58 37.88 -10.42
C ILE A 61 -26.99 39.27 -10.89
N LYS A 62 -27.65 39.35 -12.03
CA LYS A 62 -28.15 40.62 -12.54
C LYS A 62 -29.64 40.73 -12.32
N THR A 63 -30.11 41.92 -11.96
CA THR A 63 -31.53 42.12 -11.70
C THR A 63 -31.99 43.48 -12.21
N LYS A 64 -33.16 43.52 -12.83
CA LYS A 64 -33.70 44.79 -13.31
C LYS A 64 -35.22 44.76 -13.32
N ILE A 65 -35.83 45.92 -13.11
CA ILE A 65 -37.29 46.01 -13.06
C ILE A 65 -37.85 46.92 -14.16
N ASP A 66 -38.98 46.48 -14.73
CA ASP A 66 -39.74 47.34 -15.64
C ASP A 66 -41.09 47.61 -15.02
N GLY A 67 -41.29 48.84 -14.55
CA GLY A 67 -42.56 49.22 -13.95
C GLY A 67 -42.93 48.31 -12.80
N ASN A 68 -44.09 47.67 -12.94
CA ASN A 68 -44.59 46.70 -11.98
C ASN A 68 -44.09 45.29 -12.26
N TYR A 69 -43.24 45.15 -13.27
CA TYR A 69 -42.68 43.87 -13.66
C TYR A 69 -41.17 43.86 -13.41
N GLY A 70 -40.63 42.70 -13.05
CA GLY A 70 -39.21 42.61 -12.77
C GLY A 70 -38.61 41.25 -13.07
N ILE A 71 -37.29 41.24 -13.29
CA ILE A 71 -36.59 40.02 -13.66
C ILE A 71 -35.24 39.91 -12.96
N ILE A 72 -34.99 38.72 -12.41
CA ILE A 72 -33.72 38.41 -11.76
C ILE A 72 -33.08 37.23 -12.48
N LEU A 73 -31.76 37.24 -12.59
CA LEU A 73 -31.05 36.22 -13.37
C LEU A 73 -29.67 35.90 -12.82
N GLU A 74 -29.31 34.62 -12.89
CA GLU A 74 -27.97 34.18 -12.56
C GLU A 74 -27.27 33.68 -13.80
N VAL A 75 -26.05 34.18 -14.03
CA VAL A 75 -25.20 33.68 -15.10
C VAL A 75 -23.80 33.41 -14.55
N ASN A 76 -23.32 32.19 -14.74
CA ASN A 76 -22.11 31.75 -14.05
C ASN A 76 -20.89 31.46 -14.94
N CYS A 77 -19.72 31.85 -14.44
CA CYS A 77 -18.45 31.50 -15.08
C CYS A 77 -17.60 30.71 -14.08
N GLN A 78 -16.43 30.27 -14.49
CA GLN A 78 -15.61 29.42 -13.63
C GLN A 78 -14.51 30.13 -12.83
N THR A 79 -14.43 31.45 -12.96
CA THR A 79 -13.45 32.19 -12.16
C THR A 79 -13.95 33.55 -11.66
N ASP A 80 -13.26 34.09 -10.65
CA ASP A 80 -13.64 35.33 -10.00
C ASP A 80 -13.34 36.54 -10.88
N PHE A 81 -12.32 36.41 -11.73
CA PHE A 81 -11.86 37.51 -12.56
C PHE A 81 -12.73 37.75 -13.79
N VAL A 82 -13.17 36.66 -14.42
CA VAL A 82 -14.04 36.74 -15.60
C VAL A 82 -15.35 37.46 -15.26
N ALA A 83 -15.86 37.22 -14.06
CA ALA A 83 -17.09 37.86 -13.60
C ALA A 83 -16.97 39.39 -13.54
N LYS A 84 -15.74 39.88 -13.36
CA LYS A 84 -15.50 41.31 -13.31
C LYS A 84 -15.06 41.88 -14.65
N ASP A 85 -14.90 41.01 -15.65
CA ASP A 85 -14.51 41.44 -16.99
C ASP A 85 -15.63 42.23 -17.66
N ALA A 86 -15.24 43.22 -18.45
CA ALA A 86 -16.19 44.10 -19.12
C ALA A 86 -17.08 43.36 -20.12
N GLY A 87 -16.50 42.44 -20.86
CA GLY A 87 -17.26 41.67 -21.84
C GLY A 87 -18.31 40.76 -21.22
N PHE A 88 -17.94 40.09 -20.13
CA PHE A 88 -18.86 39.22 -19.42
C PHE A 88 -20.01 40.04 -18.85
N GLN A 89 -19.68 41.19 -18.28
CA GLN A 89 -20.66 42.13 -17.73
C GLN A 89 -21.63 42.61 -18.80
N ALA A 90 -21.08 43.05 -19.93
CA ALA A 90 -21.89 43.55 -21.04
C ALA A 90 -22.78 42.45 -21.63
N PHE A 91 -22.29 41.22 -21.62
CA PHE A 91 -23.06 40.08 -22.11
C PHE A 91 -24.22 39.76 -21.19
N ALA A 92 -23.92 39.67 -19.88
CA ALA A 92 -24.93 39.42 -18.87
C ALA A 92 -26.00 40.51 -18.88
N ASP A 93 -25.57 41.76 -19.02
CA ASP A 93 -26.48 42.88 -19.12
C ASP A 93 -27.31 42.79 -20.38
N LYS A 94 -26.70 42.34 -21.47
CA LYS A 94 -27.41 42.19 -22.74
C LYS A 94 -28.54 41.17 -22.61
N VAL A 95 -28.20 39.97 -22.16
CA VAL A 95 -29.19 38.90 -22.01
C VAL A 95 -30.26 39.27 -20.97
N LEU A 96 -29.86 40.01 -19.95
CA LEU A 96 -30.81 40.46 -18.92
C LEU A 96 -31.82 41.45 -19.50
N ASP A 97 -31.32 42.49 -20.14
CA ASP A 97 -32.16 43.51 -20.76
C ASP A 97 -33.08 42.90 -21.81
N ALA A 98 -32.55 41.94 -22.56
CA ALA A 98 -33.32 41.22 -23.57
C ALA A 98 -34.43 40.40 -22.91
N ALA A 99 -34.11 39.80 -21.77
CA ALA A 99 -35.09 39.02 -21.01
C ALA A 99 -36.21 39.90 -20.46
N VAL A 100 -35.85 41.07 -19.94
CA VAL A 100 -36.81 41.99 -19.36
C VAL A 100 -37.72 42.60 -20.44
N ALA A 101 -37.10 43.19 -21.45
CA ALA A 101 -37.85 43.83 -22.53
C ALA A 101 -38.65 42.81 -23.32
N GLY A 102 -38.15 41.59 -23.38
CA GLY A 102 -38.83 40.52 -24.09
C GLY A 102 -39.78 39.74 -23.20
N LYS A 103 -39.68 39.97 -21.89
CA LYS A 103 -40.54 39.29 -20.91
C LYS A 103 -40.39 37.77 -21.01
N ILE A 104 -39.15 37.30 -20.96
CA ILE A 104 -38.85 35.88 -21.12
C ILE A 104 -38.76 35.17 -19.77
N THR A 105 -39.73 34.29 -19.53
CA THR A 105 -39.76 33.50 -18.29
C THR A 105 -39.16 32.11 -18.49
N ASP A 106 -38.80 31.77 -19.72
CA ASP A 106 -38.23 30.46 -20.00
C ASP A 106 -36.72 30.52 -20.18
N VAL A 107 -36.01 29.79 -19.33
CA VAL A 107 -34.54 29.77 -19.34
C VAL A 107 -33.95 29.16 -20.62
N GLU A 108 -34.50 28.02 -21.03
CA GLU A 108 -33.98 27.31 -22.20
C GLU A 108 -34.07 28.15 -23.48
N VAL A 109 -35.12 28.95 -23.58
CA VAL A 109 -35.35 29.79 -24.75
C VAL A 109 -34.22 30.80 -24.97
N LEU A 110 -33.97 31.65 -23.98
CA LEU A 110 -32.96 32.68 -24.11
C LEU A 110 -31.55 32.12 -23.90
N LYS A 111 -31.48 30.90 -23.38
CA LYS A 111 -30.20 30.19 -23.29
C LYS A 111 -29.79 29.73 -24.68
N ALA A 112 -30.76 29.24 -25.44
CA ALA A 112 -30.51 28.82 -26.81
C ALA A 112 -30.45 30.01 -27.76
N GLN A 113 -31.02 31.14 -27.32
CA GLN A 113 -31.04 32.35 -28.13
C GLN A 113 -29.66 32.97 -28.24
N PHE A 114 -28.95 33.04 -27.13
CA PHE A 114 -27.64 33.71 -27.07
C PHE A 114 -26.47 32.76 -27.27
N GLU A 115 -26.77 31.49 -27.54
CA GLU A 115 -25.73 30.46 -27.68
C GLU A 115 -24.62 30.84 -28.64
N GLU A 116 -24.99 31.34 -29.83
CA GLU A 116 -24.01 31.73 -30.84
C GLU A 116 -23.14 32.89 -30.37
N GLU A 117 -23.67 33.72 -29.48
CA GLU A 117 -22.90 34.79 -28.87
C GLU A 117 -22.04 34.25 -27.73
N ARG A 118 -22.61 33.33 -26.96
CA ARG A 118 -21.95 32.79 -25.78
C ARG A 118 -20.73 31.93 -26.15
N VAL A 119 -20.77 31.29 -27.32
CA VAL A 119 -19.65 30.47 -27.78
C VAL A 119 -18.50 31.35 -28.25
N ALA A 120 -18.83 32.51 -28.78
CA ALA A 120 -17.84 33.49 -29.19
C ALA A 120 -17.20 34.14 -27.96
N LEU A 121 -18.04 34.40 -26.96
CA LEU A 121 -17.56 34.96 -25.70
C LEU A 121 -16.69 33.95 -24.95
N VAL A 122 -17.03 32.66 -25.11
CA VAL A 122 -16.25 31.58 -24.51
C VAL A 122 -14.91 31.42 -25.22
N ALA A 123 -14.95 31.41 -26.56
CA ALA A 123 -13.75 31.29 -27.37
C ALA A 123 -12.81 32.47 -27.13
N LYS A 124 -13.39 33.63 -26.86
CA LYS A 124 -12.61 34.84 -26.57
C LYS A 124 -12.03 34.79 -25.16
N ILE A 125 -12.85 34.38 -24.20
CA ILE A 125 -12.43 34.35 -22.79
C ILE A 125 -11.55 33.15 -22.45
N GLY A 126 -11.93 31.96 -22.89
CA GLY A 126 -11.14 30.77 -22.65
C GLY A 126 -11.67 29.92 -21.49
N GLU A 127 -12.80 30.34 -20.93
CA GLU A 127 -13.43 29.61 -19.85
C GLU A 127 -14.87 29.27 -20.22
N ASN A 128 -15.40 28.20 -19.64
CA ASN A 128 -16.78 27.82 -19.94
C ASN A 128 -17.75 28.70 -19.17
N ILE A 129 -18.57 29.45 -19.91
CA ILE A 129 -19.60 30.29 -19.33
C ILE A 129 -20.95 29.93 -19.93
N ASN A 130 -22.00 30.06 -19.13
CA ASN A 130 -23.35 29.74 -19.58
C ASN A 130 -24.39 30.45 -18.73
N ILE A 131 -25.61 30.56 -19.26
CA ILE A 131 -26.70 31.17 -18.51
C ILE A 131 -27.21 30.14 -17.52
N ARG A 132 -27.13 30.48 -16.23
CA ARG A 132 -27.51 29.54 -15.18
C ARG A 132 -29.02 29.44 -15.11
N ARG A 133 -29.67 30.52 -14.66
CA ARG A 133 -31.13 30.52 -14.56
C ARG A 133 -31.74 31.92 -14.58
N VAL A 134 -33.05 31.98 -14.82
CA VAL A 134 -33.75 33.26 -14.89
C VAL A 134 -35.16 33.15 -14.31
N ALA A 135 -35.61 34.19 -13.62
CA ALA A 135 -36.95 34.20 -13.04
C ALA A 135 -37.55 35.60 -13.04
N ALA A 136 -38.87 35.67 -12.91
CA ALA A 136 -39.57 36.95 -12.93
C ALA A 136 -40.45 37.14 -11.71
N LEU A 137 -40.79 38.39 -11.42
CA LEU A 137 -41.69 38.71 -10.32
C LEU A 137 -42.53 39.93 -10.66
N GLU A 138 -43.80 39.89 -10.29
CA GLU A 138 -44.69 41.01 -10.54
C GLU A 138 -45.48 41.40 -9.29
N GLY A 139 -45.58 42.70 -9.06
CA GLY A 139 -46.32 43.24 -7.94
C GLY A 139 -46.49 44.73 -8.14
N ASP A 140 -47.24 45.38 -7.26
CA ASP A 140 -47.48 46.81 -7.38
C ASP A 140 -46.23 47.64 -7.11
N VAL A 141 -45.58 47.38 -5.98
CA VAL A 141 -44.33 48.06 -5.65
C VAL A 141 -43.20 47.05 -5.46
N LEU A 142 -42.25 47.05 -6.37
CA LEU A 142 -41.14 46.10 -6.27
C LEU A 142 -39.75 46.72 -6.22
N GLY A 143 -39.03 46.44 -5.13
CA GLY A 143 -37.66 46.87 -5.00
C GLY A 143 -36.71 45.74 -5.37
N SER A 144 -35.47 46.10 -5.68
CA SER A 144 -34.45 45.13 -6.04
C SER A 144 -33.15 45.47 -5.32
N TYR A 145 -32.63 44.54 -4.53
CA TYR A 145 -31.37 44.80 -3.82
C TYR A 145 -30.22 43.92 -4.30
N GLN A 146 -29.07 44.54 -4.52
CA GLN A 146 -27.89 43.83 -4.99
C GLN A 146 -26.75 43.93 -3.97
N HIS A 147 -26.44 42.81 -3.33
CA HIS A 147 -25.30 42.76 -2.41
C HIS A 147 -24.15 42.09 -3.15
N GLY A 148 -23.16 42.90 -3.53
CA GLY A 148 -22.10 42.43 -4.40
C GLY A 148 -22.69 41.98 -5.72
N ALA A 149 -21.89 41.27 -6.52
CA ALA A 149 -22.42 40.65 -7.73
C ALA A 149 -22.77 39.20 -7.45
N ARG A 150 -22.45 38.75 -6.23
CA ARG A 150 -22.60 37.34 -5.86
C ARG A 150 -24.04 36.97 -5.50
N ILE A 151 -24.78 37.93 -4.96
CA ILE A 151 -26.14 37.66 -4.49
C ILE A 151 -27.07 38.86 -4.75
N GLY A 152 -28.29 38.58 -5.18
CA GLY A 152 -29.26 39.64 -5.42
C GLY A 152 -30.68 39.17 -5.20
N VAL A 153 -31.56 40.13 -4.90
CA VAL A 153 -32.93 39.81 -4.52
C VAL A 153 -33.95 40.73 -5.19
N LEU A 154 -35.10 40.17 -5.52
CA LEU A 154 -36.18 40.89 -6.17
C LEU A 154 -37.44 40.75 -5.34
N VAL A 155 -37.94 41.85 -4.79
CA VAL A 155 -39.08 41.78 -3.87
C VAL A 155 -40.26 42.64 -4.30
N ALA A 156 -41.39 41.99 -4.56
CA ALA A 156 -42.63 42.70 -4.89
C ALA A 156 -43.64 42.64 -3.74
N ALA A 157 -44.13 43.82 -3.36
CA ALA A 157 -45.09 43.95 -2.27
C ALA A 157 -46.12 45.03 -2.61
N LYS A 158 -47.23 45.04 -1.88
CA LYS A 158 -48.25 46.07 -2.07
C LYS A 158 -48.22 47.10 -0.96
N GLY A 159 -48.29 48.38 -1.34
CA GLY A 159 -48.24 49.45 -0.37
C GLY A 159 -46.83 49.81 0.04
N ALA A 160 -46.67 50.25 1.28
CA ALA A 160 -45.39 50.69 1.82
C ALA A 160 -44.71 51.73 0.94
N ASP A 161 -43.40 51.61 0.79
CA ASP A 161 -42.62 52.55 -0.02
C ASP A 161 -41.32 51.92 -0.51
N GLU A 162 -40.70 52.58 -1.49
CA GLU A 162 -39.46 52.09 -2.11
C GLU A 162 -38.36 51.78 -1.11
N GLU A 163 -38.20 52.64 -0.10
CA GLU A 163 -37.20 52.42 0.94
C GLU A 163 -37.57 51.21 1.77
N LEU A 164 -38.87 51.06 2.04
CA LEU A 164 -39.38 49.94 2.82
C LEU A 164 -39.07 48.61 2.16
N VAL A 165 -39.38 48.51 0.87
CA VAL A 165 -39.11 47.28 0.11
C VAL A 165 -37.61 47.11 -0.15
N LYS A 166 -36.86 48.21 -0.11
CA LYS A 166 -35.40 48.11 -0.19
C LYS A 166 -34.87 47.38 1.03
N HIS A 167 -35.21 47.88 2.21
CA HIS A 167 -34.79 47.26 3.47
C HIS A 167 -35.31 45.84 3.60
N ILE A 168 -36.55 45.62 3.18
CA ILE A 168 -37.14 44.29 3.17
C ILE A 168 -36.35 43.34 2.27
N ALA A 169 -35.91 43.85 1.11
CA ALA A 169 -35.11 43.06 0.18
C ALA A 169 -33.76 42.71 0.80
N MET A 170 -33.16 43.68 1.47
CA MET A 170 -31.90 43.41 2.18
C MET A 170 -32.09 42.32 3.23
N HIS A 171 -33.20 42.42 3.98
CA HIS A 171 -33.53 41.41 4.98
C HIS A 171 -33.70 40.03 4.35
N VAL A 172 -34.30 39.99 3.16
CA VAL A 172 -34.49 38.72 2.44
C VAL A 172 -33.15 38.14 2.03
N ALA A 173 -32.29 38.98 1.45
CA ALA A 173 -30.96 38.54 1.04
C ALA A 173 -30.15 38.02 2.22
N ALA A 174 -30.34 38.63 3.39
CA ALA A 174 -29.60 38.24 4.58
C ALA A 174 -30.14 36.97 5.25
N SER A 175 -31.46 36.87 5.37
CA SER A 175 -32.08 35.82 6.16
C SER A 175 -32.48 34.55 5.39
N LYS A 176 -32.39 34.60 4.07
CA LYS A 176 -32.78 33.48 3.20
C LYS A 176 -34.16 32.87 3.49
N PRO A 177 -35.23 33.70 3.43
CA PRO A 177 -36.55 33.13 3.70
C PRO A 177 -37.02 32.22 2.57
N GLU A 178 -37.56 31.06 2.92
CA GLU A 178 -38.12 30.16 1.91
C GLU A 178 -39.54 30.56 1.54
N PHE A 179 -40.32 30.96 2.53
CA PHE A 179 -41.71 31.35 2.30
C PHE A 179 -42.02 32.74 2.85
N ILE A 180 -43.10 33.33 2.35
CA ILE A 180 -43.52 34.66 2.77
C ILE A 180 -44.20 34.63 4.14
N LYS A 181 -45.33 33.96 4.25
CA LYS A 181 -46.07 33.87 5.51
C LYS A 181 -46.11 32.43 6.00
N PRO A 182 -46.11 32.24 7.33
CA PRO A 182 -46.15 30.89 7.93
C PRO A 182 -47.37 30.09 7.50
N GLU A 183 -48.41 30.78 7.03
CA GLU A 183 -49.58 30.12 6.49
C GLU A 183 -49.35 29.63 5.07
N ASP A 184 -48.42 30.28 4.38
CA ASP A 184 -48.13 29.98 2.98
C ASP A 184 -47.12 28.84 2.81
N VAL A 185 -46.68 28.28 3.93
CA VAL A 185 -45.70 27.19 3.91
C VAL A 185 -46.27 25.95 3.20
N SER A 186 -45.38 25.19 2.57
CA SER A 186 -45.77 23.98 1.86
C SER A 186 -46.08 22.86 2.86
N ALA A 187 -46.88 21.88 2.42
CA ALA A 187 -47.21 20.74 3.26
C ALA A 187 -46.09 19.71 3.26
N GLU A 188 -45.46 19.52 2.10
CA GLU A 188 -44.38 18.56 1.94
C GLU A 188 -43.16 18.95 2.77
N VAL A 189 -42.86 20.25 2.79
CA VAL A 189 -41.79 20.79 3.62
C VAL A 189 -42.05 20.49 5.10
N VAL A 190 -43.25 20.88 5.54
CA VAL A 190 -43.68 20.67 6.91
C VAL A 190 -43.58 19.21 7.31
N GLU A 191 -44.01 18.31 6.43
CA GLU A 191 -43.92 16.88 6.70
C GLU A 191 -42.47 16.40 6.76
N LYS A 192 -41.62 16.97 5.90
CA LYS A 192 -40.19 16.66 5.92
C LYS A 192 -39.57 16.98 7.27
N GLU A 193 -39.69 18.25 7.68
CA GLU A 193 -39.12 18.68 8.96
C GLU A 193 -39.77 17.97 10.14
N TYR A 194 -41.07 17.69 10.01
CA TYR A 194 -41.83 16.97 11.03
C TYR A 194 -41.24 15.60 11.27
N GLN A 195 -41.13 14.81 10.22
CA GLN A 195 -40.54 13.48 10.32
C GLN A 195 -39.07 13.50 10.73
N VAL A 196 -38.33 14.51 10.28
CA VAL A 196 -36.92 14.64 10.66
C VAL A 196 -36.77 14.85 12.17
N GLN A 197 -37.44 15.89 12.69
CA GLN A 197 -37.39 16.20 14.11
C GLN A 197 -38.00 15.09 14.96
N LEU A 198 -38.98 14.38 14.39
CA LEU A 198 -39.60 13.26 15.07
C LEU A 198 -38.59 12.10 15.17
N ASP A 199 -37.79 11.93 14.12
CA ASP A 199 -36.76 10.91 14.12
C ASP A 199 -35.66 11.26 15.11
N ILE A 200 -35.34 12.55 15.22
CA ILE A 200 -34.39 13.03 16.22
C ILE A 200 -34.94 12.74 17.62
N ALA A 201 -36.23 12.95 17.80
CA ALA A 201 -36.90 12.75 19.07
C ALA A 201 -36.94 11.28 19.48
N MET A 202 -37.22 10.41 18.51
CA MET A 202 -37.30 8.98 18.77
C MET A 202 -35.92 8.35 18.93
N GLN A 203 -34.92 8.96 18.29
CA GLN A 203 -33.54 8.52 18.45
C GLN A 203 -33.01 9.00 19.79
N SER A 204 -33.77 9.92 20.41
CA SER A 204 -33.41 10.45 21.72
C SER A 204 -34.07 9.63 22.82
N GLY A 205 -34.71 8.52 22.44
CA GLY A 205 -35.32 7.63 23.41
C GLY A 205 -36.58 8.21 24.04
N LYS A 206 -37.50 8.64 23.20
CA LYS A 206 -38.76 9.22 23.69
C LYS A 206 -39.95 8.45 23.15
N PRO A 207 -40.99 8.28 23.99
CA PRO A 207 -42.22 7.56 23.64
C PRO A 207 -43.06 8.29 22.59
N LYS A 208 -44.03 7.58 22.02
CA LYS A 208 -44.91 8.11 20.98
C LYS A 208 -45.53 9.48 21.29
N GLU A 209 -46.38 9.52 22.30
CA GLU A 209 -47.09 10.75 22.68
C GLU A 209 -46.17 11.94 22.92
N ILE A 210 -45.16 11.71 23.75
CA ILE A 210 -44.18 12.74 24.09
C ILE A 210 -43.53 13.34 22.85
N ALA A 211 -42.98 12.47 22.00
CA ALA A 211 -42.33 12.90 20.76
C ALA A 211 -43.29 13.66 19.85
N GLU A 212 -44.49 13.10 19.67
CA GLU A 212 -45.53 13.73 18.85
C GLU A 212 -45.83 15.15 19.30
N LYS A 213 -46.08 15.31 20.59
CA LYS A 213 -46.41 16.62 21.15
C LYS A 213 -45.24 17.60 21.06
N MET A 214 -44.04 17.11 21.36
CA MET A 214 -42.83 17.94 21.28
C MET A 214 -42.61 18.50 19.87
N VAL A 215 -42.58 17.59 18.88
CA VAL A 215 -42.39 18.00 17.49
C VAL A 215 -43.53 18.88 17.00
N GLU A 216 -44.76 18.54 17.38
CA GLU A 216 -45.94 19.33 17.01
C GLU A 216 -45.79 20.75 17.54
N GLY A 217 -45.16 20.87 18.71
CA GLY A 217 -44.85 22.18 19.25
C GLY A 217 -43.72 22.85 18.49
N ARG A 218 -42.79 22.04 17.98
CA ARG A 218 -41.62 22.56 17.28
C ARG A 218 -41.94 23.16 15.90
N MET A 219 -42.87 22.53 15.20
CA MET A 219 -43.29 23.01 13.89
C MET A 219 -43.77 24.45 13.95
N LYS A 220 -44.45 24.80 15.04
CA LYS A 220 -44.96 26.15 15.26
C LYS A 220 -43.86 27.20 15.13
N LYS A 221 -42.71 26.92 15.73
CA LYS A 221 -41.56 27.83 15.65
C LYS A 221 -40.83 27.69 14.32
N PHE A 222 -40.71 26.46 13.82
CA PHE A 222 -40.01 26.21 12.56
C PHE A 222 -40.62 26.96 11.38
N THR A 223 -41.94 26.91 11.28
CA THR A 223 -42.67 27.62 10.24
C THR A 223 -42.34 29.11 10.25
N GLY A 224 -42.31 29.69 11.45
CA GLY A 224 -41.98 31.10 11.60
C GLY A 224 -40.53 31.40 11.29
N GLU A 225 -39.67 30.41 11.53
CA GLU A 225 -38.24 30.56 11.25
C GLU A 225 -37.95 30.55 9.74
N VAL A 226 -38.68 29.71 9.02
CA VAL A 226 -38.47 29.58 7.58
C VAL A 226 -39.30 30.61 6.81
N SER A 227 -40.20 31.29 7.53
CA SER A 227 -41.06 32.29 6.91
C SER A 227 -40.49 33.70 7.05
N LEU A 228 -40.67 34.49 5.99
CA LEU A 228 -40.21 35.88 5.97
C LEU A 228 -40.86 36.71 7.08
N THR A 229 -42.14 36.42 7.34
CA THR A 229 -42.93 37.17 8.32
C THR A 229 -42.46 36.94 9.75
N GLY A 230 -42.12 35.71 10.08
CA GLY A 230 -41.73 35.34 11.43
C GLY A 230 -40.31 35.72 11.80
N GLN A 231 -39.45 35.85 10.79
CA GLN A 231 -38.05 36.21 11.01
C GLN A 231 -37.93 37.59 11.66
N PRO A 232 -36.95 37.74 12.56
CA PRO A 232 -36.68 39.06 13.14
C PRO A 232 -36.10 40.00 12.08
N PHE A 233 -36.61 41.22 12.00
CA PHE A 233 -36.13 42.19 11.02
C PHE A 233 -34.66 42.50 11.26
N VAL A 234 -33.86 42.48 10.20
CA VAL A 234 -32.43 42.74 10.31
C VAL A 234 -32.14 44.14 10.83
N MET A 235 -32.79 45.14 10.23
CA MET A 235 -32.60 46.53 10.63
C MET A 235 -33.04 46.78 12.08
N GLU A 236 -34.12 46.12 12.49
CA GLU A 236 -34.62 46.24 13.85
C GLU A 236 -34.93 44.88 14.44
N PRO A 237 -33.93 44.23 15.02
CA PRO A 237 -34.02 42.87 15.60
C PRO A 237 -34.96 42.83 16.79
N SER A 238 -35.27 43.99 17.35
CA SER A 238 -36.20 44.11 18.46
C SER A 238 -37.60 43.63 18.08
N LYS A 239 -37.90 43.70 16.79
CA LYS A 239 -39.21 43.30 16.28
C LYS A 239 -39.07 42.35 15.10
N THR A 240 -40.15 41.66 14.78
CA THR A 240 -40.17 40.78 13.61
C THR A 240 -40.51 41.59 12.36
N VAL A 241 -40.53 40.92 11.20
CA VAL A 241 -40.80 41.58 9.94
C VAL A 241 -42.28 41.94 9.80
N GLY A 242 -43.15 41.00 10.13
CA GLY A 242 -44.58 41.20 10.05
C GLY A 242 -45.08 42.34 10.91
N GLN A 243 -44.39 42.58 12.02
CA GLN A 243 -44.71 43.69 12.91
C GLN A 243 -44.35 45.00 12.22
N LEU A 244 -43.27 44.96 11.43
CA LEU A 244 -42.82 46.13 10.68
C LEU A 244 -43.78 46.42 9.53
N LEU A 245 -44.27 45.37 8.89
CA LEU A 245 -45.28 45.49 7.83
C LEU A 245 -46.57 46.09 8.41
N LYS A 246 -47.00 45.54 9.55
CA LYS A 246 -48.19 46.01 10.23
C LYS A 246 -48.04 47.46 10.67
N GLU A 247 -46.81 47.85 10.98
CA GLU A 247 -46.52 49.23 11.39
C GLU A 247 -46.67 50.18 10.21
N HIS A 248 -46.16 49.77 9.06
CA HIS A 248 -46.26 50.57 7.83
C HIS A 248 -47.50 50.22 7.04
N ASN A 249 -48.34 49.36 7.61
CA ASN A 249 -49.57 48.87 6.98
C ASN A 249 -49.43 48.46 5.51
N ALA A 250 -48.71 47.36 5.29
CA ALA A 250 -48.50 46.84 3.96
C ALA A 250 -48.23 45.33 4.02
N GLU A 251 -48.41 44.66 2.88
CA GLU A 251 -48.15 43.23 2.81
C GLU A 251 -47.22 42.93 1.64
N VAL A 252 -46.66 41.73 1.61
CA VAL A 252 -45.75 41.35 0.54
C VAL A 252 -46.34 40.25 -0.33
N THR A 253 -46.41 40.50 -1.63
CA THR A 253 -46.96 39.55 -2.58
C THR A 253 -45.99 38.41 -2.84
N GLY A 254 -44.74 38.75 -3.14
CA GLY A 254 -43.74 37.73 -3.45
C GLY A 254 -42.31 38.22 -3.42
N PHE A 255 -41.37 37.28 -3.36
CA PHE A 255 -39.95 37.61 -3.39
C PHE A 255 -39.14 36.47 -3.98
N ILE A 256 -38.04 36.81 -4.66
CA ILE A 256 -37.14 35.83 -5.24
C ILE A 256 -35.71 36.17 -4.86
N ARG A 257 -34.95 35.19 -4.38
CA ARG A 257 -33.57 35.43 -3.98
C ARG A 257 -32.58 34.54 -4.74
N PHE A 258 -31.58 35.15 -5.35
CA PHE A 258 -30.56 34.41 -6.10
C PHE A 258 -29.17 34.61 -5.49
N GLU A 259 -28.41 33.52 -5.46
CA GLU A 259 -27.03 33.55 -4.98
C GLU A 259 -26.16 32.65 -5.86
N VAL A 260 -24.97 33.14 -6.21
CA VAL A 260 -24.09 32.41 -7.11
C VAL A 260 -23.50 31.16 -6.46
N GLY A 261 -23.67 30.02 -7.12
CA GLY A 261 -23.08 28.78 -6.64
C GLY A 261 -24.03 27.89 -5.86
N GLU A 262 -25.33 28.21 -5.91
CA GLU A 262 -26.33 27.37 -5.24
C GLU A 262 -26.50 26.05 -5.99
N GLY A 263 -26.34 24.94 -5.28
CA GLY A 263 -26.51 23.62 -5.87
C GLY A 263 -25.33 23.11 -6.67
N ILE A 264 -24.34 23.98 -6.89
CA ILE A 264 -23.17 23.64 -7.69
C ILE A 264 -22.17 22.77 -6.92
N GLU A 265 -22.04 23.06 -5.62
CA GLU A 265 -21.16 22.33 -4.69
C GLU A 265 -19.67 22.67 -4.86
N LYS A 266 -19.31 23.30 -5.97
CA LYS A 266 -17.96 23.81 -6.19
C LYS A 266 -16.82 22.83 -5.87
N VAL A 267 -16.61 21.87 -6.77
CA VAL A 267 -15.61 20.82 -6.54
C VAL A 267 -14.26 21.39 -6.10
N GLU A 268 -13.75 20.86 -4.99
CA GLU A 268 -12.55 21.37 -4.36
C GLU A 268 -11.31 21.11 -5.20
N THR A 269 -10.25 21.87 -4.93
CA THR A 269 -8.98 21.68 -5.60
C THR A 269 -7.83 22.02 -4.65
N ASP A 270 -6.74 21.26 -4.74
CA ASP A 270 -5.57 21.54 -3.92
C ASP A 270 -4.35 21.86 -4.80
N PHE A 271 -3.72 22.99 -4.53
CA PHE A 271 -2.60 23.46 -5.34
C PHE A 271 -1.35 22.61 -5.14
N ALA A 272 -0.95 22.46 -3.89
CA ALA A 272 0.26 21.72 -3.55
C ALA A 272 0.22 20.28 -4.05
N ALA A 273 -0.92 19.62 -3.85
CA ALA A 273 -1.11 18.25 -4.31
C ALA A 273 -0.95 18.14 -5.83
N GLU A 274 -1.52 19.09 -6.56
CA GLU A 274 -1.40 19.13 -8.01
C GLU A 274 0.07 19.31 -8.42
N VAL A 275 0.75 20.24 -7.75
CA VAL A 275 2.16 20.51 -8.01
C VAL A 275 3.01 19.26 -7.84
N ALA A 276 2.88 18.61 -6.69
CA ALA A 276 3.61 17.37 -6.42
C ALA A 276 3.22 16.27 -7.40
N ALA A 277 1.96 16.25 -7.80
CA ALA A 277 1.46 15.28 -8.76
C ALA A 277 2.19 15.43 -10.09
N MET A 278 2.39 16.67 -10.52
CA MET A 278 3.14 16.94 -11.75
C MET A 278 4.64 16.72 -11.54
N SER A 279 5.08 16.82 -10.29
CA SER A 279 6.48 16.61 -9.95
C SER A 279 6.77 15.12 -9.75
N LYS A 280 5.73 14.30 -9.88
CA LYS A 280 5.86 12.86 -9.72
C LYS A 280 6.05 12.18 -11.09
N GLN A 281 6.01 12.98 -12.15
CA GLN A 281 6.14 12.47 -13.51
C GLN A 281 7.57 12.63 -14.04
N THR B 8 18.50 30.76 8.91
CA THR B 8 19.36 31.94 8.86
C THR B 8 19.15 32.71 7.55
N LYS B 9 18.48 32.07 6.60
CA LYS B 9 18.19 32.70 5.31
C LYS B 9 16.85 33.44 5.34
N PRO B 10 16.76 34.54 4.59
CA PRO B 10 15.53 35.36 4.50
C PRO B 10 14.34 34.57 3.95
N HIS B 11 13.14 35.10 4.18
CA HIS B 11 11.93 34.43 3.74
C HIS B 11 11.10 35.35 2.85
N VAL B 12 10.84 34.91 1.62
CA VAL B 12 10.08 35.70 0.65
C VAL B 12 8.79 35.01 0.25
N ASN B 13 7.68 35.73 0.37
CA ASN B 13 6.39 35.20 -0.04
C ASN B 13 6.02 35.63 -1.44
N VAL B 14 5.83 34.65 -2.32
CA VAL B 14 5.46 34.92 -3.70
C VAL B 14 4.26 34.09 -4.10
N GLY B 15 3.82 34.24 -5.34
CA GLY B 15 2.66 33.50 -5.81
C GLY B 15 2.46 33.59 -7.31
N THR B 16 1.65 32.68 -7.85
CA THR B 16 1.36 32.67 -9.28
C THR B 16 -0.02 33.24 -9.58
N ILE B 17 -0.12 33.94 -10.70
CA ILE B 17 -1.37 34.57 -11.12
C ILE B 17 -1.46 34.54 -12.64
N GLY B 18 -2.66 34.30 -13.16
CA GLY B 18 -2.88 34.27 -14.59
C GLY B 18 -4.04 33.37 -14.99
N HIS B 19 -4.11 33.03 -16.27
CA HIS B 19 -5.17 32.16 -16.77
C HIS B 19 -4.99 30.73 -16.29
N VAL B 20 -6.08 29.97 -16.26
CA VAL B 20 -6.08 28.62 -15.70
C VAL B 20 -5.26 27.60 -16.50
N ASP B 21 -5.51 27.52 -17.80
CA ASP B 21 -4.87 26.51 -18.64
C ASP B 21 -3.53 27.00 -19.21
N HIS B 22 -3.10 28.18 -18.80
CA HIS B 22 -1.84 28.74 -19.25
C HIS B 22 -0.60 28.11 -18.60
N GLY B 23 -0.83 27.21 -17.65
CA GLY B 23 0.27 26.41 -17.10
C GLY B 23 0.96 26.94 -15.85
N LYS B 24 0.25 27.74 -15.06
CA LYS B 24 0.78 28.25 -13.79
C LYS B 24 1.31 27.11 -12.91
N THR B 25 0.44 26.13 -12.68
CA THR B 25 0.78 24.93 -11.90
C THR B 25 2.02 24.22 -12.44
N THR B 26 2.03 24.00 -13.74
CA THR B 26 3.14 23.35 -14.42
C THR B 26 4.41 24.18 -14.24
N LEU B 27 4.26 25.51 -14.30
CA LEU B 27 5.38 26.41 -14.13
C LEU B 27 6.00 26.29 -12.74
N THR B 28 5.20 26.42 -11.68
CA THR B 28 5.74 26.32 -10.32
C THR B 28 6.29 24.92 -10.02
N ALA B 29 5.65 23.90 -10.58
CA ALA B 29 6.18 22.54 -10.47
C ALA B 29 7.58 22.48 -11.07
N ALA B 30 7.71 23.06 -12.25
CA ALA B 30 9.02 23.16 -12.92
C ALA B 30 10.03 23.92 -12.06
N ILE B 31 9.60 25.01 -11.44
CA ILE B 31 10.42 25.78 -10.51
C ILE B 31 10.99 24.87 -9.44
N THR B 32 10.12 24.26 -8.65
CA THR B 32 10.53 23.36 -7.59
C THR B 32 11.50 22.29 -8.07
N THR B 33 11.10 21.57 -9.12
CA THR B 33 11.91 20.47 -9.65
C THR B 33 13.31 20.89 -10.10
N VAL B 34 13.40 21.98 -10.86
CA VAL B 34 14.67 22.48 -11.36
C VAL B 34 15.56 23.02 -10.24
N LEU B 35 14.98 23.85 -9.38
CA LEU B 35 15.69 24.42 -8.24
C LEU B 35 16.28 23.33 -7.34
N ALA B 36 15.51 22.27 -7.12
CA ALA B 36 15.98 21.14 -6.35
C ALA B 36 17.02 20.31 -7.12
N LYS B 37 16.87 20.27 -8.44
CA LYS B 37 17.78 19.50 -9.29
C LYS B 37 19.13 20.18 -9.44
N THR B 38 19.17 21.48 -9.18
CA THR B 38 20.38 22.28 -9.37
C THR B 38 21.08 22.56 -8.04
N TYR B 39 20.51 23.45 -7.24
CA TYR B 39 21.10 23.79 -5.95
C TYR B 39 20.61 22.85 -4.86
N GLY B 40 21.54 22.38 -4.03
CA GLY B 40 21.18 21.49 -2.93
C GLY B 40 20.71 22.24 -1.70
N SER B 65 -2.36 25.11 2.69
CA SER B 65 -1.95 24.36 1.50
C SER B 65 -1.16 25.23 0.53
N HIS B 66 0.16 25.12 0.58
CA HIS B 66 1.03 25.88 -0.30
C HIS B 66 2.34 25.11 -0.52
N VAL B 67 3.04 25.46 -1.60
CA VAL B 67 4.33 24.85 -1.88
C VAL B 67 5.45 25.86 -1.59
N GLU B 68 6.51 25.39 -0.94
CA GLU B 68 7.66 26.24 -0.67
C GLU B 68 8.94 25.61 -1.18
N TYR B 69 9.82 26.45 -1.70
CA TYR B 69 11.10 25.97 -2.25
C TYR B 69 12.25 26.85 -1.80
N ASP B 70 13.45 26.56 -2.30
CA ASP B 70 14.64 27.28 -1.85
C ASP B 70 15.59 27.64 -2.98
N THR B 71 16.13 28.85 -2.90
CA THR B 71 17.23 29.26 -3.75
C THR B 71 18.51 29.09 -2.92
N PRO B 72 19.69 29.33 -3.51
CA PRO B 72 20.89 29.19 -2.68
C PRO B 72 20.98 30.26 -1.60
N THR B 73 20.25 31.35 -1.81
CA THR B 73 20.28 32.49 -0.89
C THR B 73 19.03 32.56 0.01
N ARG B 74 17.87 32.73 -0.61
CA ARG B 74 16.62 32.93 0.14
C ARG B 74 15.59 31.83 -0.09
N HIS B 75 14.70 31.66 0.89
CA HIS B 75 13.64 30.67 0.83
C HIS B 75 12.34 31.31 0.33
N TYR B 76 11.60 30.59 -0.51
CA TYR B 76 10.36 31.11 -1.06
C TYR B 76 9.14 30.30 -0.64
N ALA B 77 8.05 31.01 -0.37
CA ALA B 77 6.75 30.37 -0.13
C ALA B 77 5.78 30.76 -1.23
N HIS B 78 5.35 29.78 -2.01
CA HIS B 78 4.49 30.03 -3.18
C HIS B 78 3.02 29.77 -2.86
N VAL B 79 2.18 30.76 -3.14
CA VAL B 79 0.74 30.63 -2.90
C VAL B 79 -0.07 30.99 -4.16
N ASP B 80 -0.98 30.10 -4.55
CA ASP B 80 -1.82 30.37 -5.70
C ASP B 80 -3.24 30.79 -5.29
N CYS B 81 -3.75 31.82 -5.95
CA CYS B 81 -5.07 32.36 -5.65
C CYS B 81 -6.13 31.80 -6.59
N PRO B 82 -7.13 31.11 -6.02
CA PRO B 82 -8.26 30.57 -6.77
C PRO B 82 -9.17 31.68 -7.30
N GLY B 83 -9.04 32.88 -6.72
CA GLY B 83 -9.86 34.00 -7.15
C GLY B 83 -9.35 35.36 -6.72
N HIS B 84 -10.19 36.38 -6.92
CA HIS B 84 -9.87 37.76 -6.59
C HIS B 84 -10.08 38.01 -5.10
N ALA B 85 -11.33 37.95 -4.68
CA ALA B 85 -11.71 38.16 -3.29
C ALA B 85 -11.06 37.13 -2.37
N ASP B 86 -10.63 36.01 -2.95
CA ASP B 86 -9.94 34.97 -2.20
C ASP B 86 -8.61 35.49 -1.67
N TYR B 87 -7.81 36.10 -2.54
CA TYR B 87 -6.55 36.68 -2.08
C TYR B 87 -6.69 38.09 -1.52
N VAL B 88 -7.83 38.74 -1.75
CA VAL B 88 -8.11 39.97 -1.02
C VAL B 88 -8.29 39.60 0.45
N LYS B 89 -9.18 38.65 0.70
CA LYS B 89 -9.37 38.09 2.03
C LYS B 89 -8.06 37.59 2.62
N ASN B 90 -7.29 36.86 1.80
CA ASN B 90 -6.02 36.30 2.24
C ASN B 90 -4.97 37.37 2.55
N MET B 91 -5.11 38.54 1.94
CA MET B 91 -4.21 39.65 2.21
C MET B 91 -4.61 40.38 3.49
N ILE B 92 -5.91 40.56 3.69
CA ILE B 92 -6.41 41.26 4.87
C ILE B 92 -6.13 40.48 6.17
N THR B 93 -6.32 39.17 6.12
CA THR B 93 -6.09 38.31 7.28
C THR B 93 -4.62 38.26 7.69
N GLY B 94 -3.75 38.69 6.81
CA GLY B 94 -2.32 38.73 7.09
C GLY B 94 -1.64 37.40 6.95
N ALA B 95 -2.36 36.42 6.40
CA ALA B 95 -1.80 35.08 6.20
C ALA B 95 -0.61 35.11 5.26
N ALA B 96 -0.84 35.59 4.05
CA ALA B 96 0.24 35.72 3.07
C ALA B 96 0.29 37.13 2.51
N GLN B 97 1.37 37.84 2.82
CA GLN B 97 1.59 39.16 2.24
C GLN B 97 2.61 38.98 1.15
N MET B 98 2.15 39.10 -0.10
CA MET B 98 2.97 38.75 -1.25
C MET B 98 3.94 39.87 -1.60
N ASP B 99 5.24 39.55 -1.56
CA ASP B 99 6.28 40.51 -1.89
C ASP B 99 6.38 40.66 -3.40
N GLY B 100 6.21 39.56 -4.10
CA GLY B 100 6.24 39.55 -5.55
C GLY B 100 5.41 38.42 -6.10
N ALA B 101 5.02 38.52 -7.36
CA ALA B 101 4.23 37.48 -7.99
C ALA B 101 4.63 37.33 -9.45
N ILE B 102 4.66 36.10 -9.94
CA ILE B 102 4.94 35.88 -11.35
C ILE B 102 3.64 35.74 -12.14
N LEU B 103 3.61 36.35 -13.31
CA LEU B 103 2.42 36.33 -14.16
C LEU B 103 2.62 35.35 -15.30
N VAL B 104 1.85 34.26 -15.29
CA VAL B 104 1.97 33.23 -16.31
C VAL B 104 1.01 33.49 -17.47
N VAL B 105 1.57 33.77 -18.64
CA VAL B 105 0.78 33.99 -19.85
C VAL B 105 1.29 33.13 -20.99
N ALA B 106 0.40 32.37 -21.63
CA ALA B 106 0.80 31.50 -22.73
C ALA B 106 1.07 32.30 -24.00
N ALA B 107 2.17 32.01 -24.67
CA ALA B 107 2.51 32.67 -25.93
C ALA B 107 1.62 32.16 -27.05
N THR B 108 1.24 30.88 -26.95
CA THR B 108 0.33 30.26 -27.91
C THR B 108 -0.98 31.02 -27.97
N ASP B 109 -1.42 31.53 -26.82
CA ASP B 109 -2.60 32.36 -26.73
C ASP B 109 -2.21 33.84 -26.78
N GLY B 110 -1.45 34.27 -25.79
CA GLY B 110 -1.18 35.68 -25.59
C GLY B 110 -2.04 36.17 -24.45
N PRO B 111 -2.10 37.49 -24.24
CA PRO B 111 -2.96 38.06 -23.19
C PRO B 111 -4.43 37.69 -23.36
N MET B 112 -5.18 37.77 -22.26
CA MET B 112 -6.58 37.37 -22.24
C MET B 112 -7.43 38.54 -21.73
N PRO B 113 -8.75 38.51 -21.99
CA PRO B 113 -9.62 39.60 -21.52
C PRO B 113 -9.63 39.72 -19.99
N GLN B 114 -9.41 38.62 -19.30
CA GLN B 114 -9.40 38.62 -17.84
C GLN B 114 -8.03 38.94 -17.25
N THR B 115 -7.03 39.10 -18.12
CA THR B 115 -5.68 39.45 -17.68
C THR B 115 -5.64 40.86 -17.10
N ARG B 116 -6.47 41.74 -17.66
CA ARG B 116 -6.59 43.11 -17.17
C ARG B 116 -7.09 43.09 -15.72
N GLU B 117 -7.98 42.15 -15.42
CA GLU B 117 -8.50 41.99 -14.07
C GLU B 117 -7.46 41.37 -13.15
N HIS B 118 -6.59 40.54 -13.72
CA HIS B 118 -5.47 39.96 -12.98
C HIS B 118 -4.51 41.06 -12.51
N ILE B 119 -4.05 41.87 -13.46
CA ILE B 119 -3.14 42.97 -13.16
C ILE B 119 -3.80 44.00 -12.24
N LEU B 120 -5.08 44.25 -12.49
CA LEU B 120 -5.87 45.15 -11.65
C LEU B 120 -5.88 44.67 -10.21
N LEU B 121 -6.10 43.37 -10.03
CA LEU B 121 -6.03 42.75 -8.71
C LEU B 121 -4.61 42.91 -8.15
N GLY B 122 -3.63 42.84 -9.04
CA GLY B 122 -2.24 43.07 -8.66
C GLY B 122 -2.05 44.43 -8.01
N ARG B 123 -2.62 45.46 -8.61
CA ARG B 123 -2.54 46.81 -8.04
C ARG B 123 -3.34 46.92 -6.74
N GLN B 124 -4.56 46.38 -6.75
CA GLN B 124 -5.46 46.47 -5.60
C GLN B 124 -4.89 45.81 -4.34
N VAL B 125 -4.31 44.63 -4.50
CA VAL B 125 -3.69 43.93 -3.38
C VAL B 125 -2.39 44.65 -2.98
N GLY B 126 -1.81 45.37 -3.93
CA GLY B 126 -0.62 46.15 -3.66
C GLY B 126 0.69 45.38 -3.70
N VAL B 127 0.77 44.37 -4.56
CA VAL B 127 2.04 43.66 -4.77
C VAL B 127 2.97 44.56 -5.59
N PRO B 128 4.11 44.93 -5.00
CA PRO B 128 5.04 45.93 -5.56
C PRO B 128 5.78 45.47 -6.82
N TYR B 129 6.02 44.16 -6.96
CA TYR B 129 6.79 43.66 -8.09
C TYR B 129 6.10 42.51 -8.82
N ILE B 130 6.09 42.58 -10.15
CA ILE B 130 5.53 41.52 -10.97
C ILE B 130 6.51 41.07 -12.05
N ILE B 131 6.82 39.78 -12.07
CA ILE B 131 7.64 39.20 -13.12
C ILE B 131 6.72 38.43 -14.07
N VAL B 132 7.07 38.42 -15.35
CA VAL B 132 6.25 37.73 -16.34
C VAL B 132 7.00 36.55 -16.95
N PHE B 133 6.30 35.41 -17.08
CA PHE B 133 6.88 34.25 -17.72
C PHE B 133 6.04 33.81 -18.91
N LEU B 134 6.61 33.91 -20.10
CA LEU B 134 5.94 33.43 -21.29
C LEU B 134 6.13 31.92 -21.43
N ASN B 135 5.00 31.20 -21.49
CA ASN B 135 5.03 29.75 -21.55
C ASN B 135 4.65 29.22 -22.92
N LYS B 136 5.19 28.05 -23.25
CA LYS B 136 4.96 27.41 -24.55
C LYS B 136 5.49 28.26 -25.70
N CYS B 137 6.74 28.71 -25.57
CA CYS B 137 7.40 29.49 -26.60
C CYS B 137 7.93 28.60 -27.73
N ASP B 138 8.09 27.31 -27.43
CA ASP B 138 8.57 26.35 -28.41
C ASP B 138 7.60 26.19 -29.57
N MET B 139 6.31 26.39 -29.29
CA MET B 139 5.25 26.22 -30.28
C MET B 139 4.99 27.51 -31.05
N VAL B 140 5.79 28.54 -30.78
CA VAL B 140 5.66 29.81 -31.48
C VAL B 140 6.34 29.78 -32.85
N ASP B 141 5.68 30.34 -33.85
CA ASP B 141 6.15 30.29 -35.23
C ASP B 141 7.29 31.27 -35.47
N ASP B 142 7.13 32.51 -34.99
CA ASP B 142 8.12 33.55 -35.25
C ASP B 142 8.44 34.38 -34.02
N GLU B 143 9.69 34.83 -33.92
CA GLU B 143 10.16 35.66 -32.82
C GLU B 143 9.39 36.97 -32.71
N GLU B 144 9.03 37.53 -33.86
CA GLU B 144 8.32 38.80 -33.91
C GLU B 144 6.96 38.71 -33.23
N LEU B 145 6.34 37.54 -33.30
CA LEU B 145 5.06 37.31 -32.63
C LEU B 145 5.26 37.34 -31.11
N LEU B 146 6.35 36.73 -30.65
CA LEU B 146 6.71 36.76 -29.25
C LEU B 146 6.96 38.21 -28.81
N GLU B 147 7.52 39.00 -29.72
CA GLU B 147 7.72 40.42 -29.46
C GLU B 147 6.39 41.17 -29.36
N LEU B 148 5.43 40.75 -30.17
CA LEU B 148 4.07 41.29 -30.10
C LEU B 148 3.45 41.00 -28.73
N VAL B 149 3.50 39.75 -28.32
CA VAL B 149 2.97 39.34 -27.01
C VAL B 149 3.65 40.13 -25.89
N GLU B 150 4.97 40.26 -25.98
CA GLU B 150 5.75 41.01 -25.00
C GLU B 150 5.24 42.45 -24.92
N MET B 151 5.22 43.15 -26.05
CA MET B 151 4.79 44.55 -26.07
C MET B 151 3.36 44.73 -25.57
N GLU B 152 2.50 43.75 -25.85
CA GLU B 152 1.12 43.81 -25.40
C GLU B 152 1.01 43.66 -23.88
N VAL B 153 1.77 42.70 -23.34
CA VAL B 153 1.83 42.50 -21.89
C VAL B 153 2.39 43.73 -21.18
N ARG B 154 3.48 44.26 -21.71
CA ARG B 154 4.11 45.46 -21.16
C ARG B 154 3.17 46.66 -21.23
N GLU B 155 2.35 46.70 -22.28
CA GLU B 155 1.28 47.68 -22.37
C GLU B 155 0.29 47.50 -21.22
N LEU B 156 -0.14 46.26 -21.00
CA LEU B 156 -1.06 45.94 -19.91
C LEU B 156 -0.52 46.38 -18.55
N LEU B 157 0.76 46.12 -18.30
CA LEU B 157 1.39 46.52 -17.04
C LEU B 157 1.54 48.04 -16.93
N SER B 158 1.86 48.69 -18.05
CA SER B 158 2.04 50.13 -18.07
C SER B 158 0.73 50.86 -17.79
N GLN B 159 -0.37 50.29 -18.27
CA GLN B 159 -1.70 50.88 -18.04
C GLN B 159 -2.08 50.89 -16.56
N TYR B 160 -1.67 49.86 -15.85
CA TYR B 160 -1.99 49.70 -14.43
C TYR B 160 -0.92 50.23 -13.47
N ASP B 161 0.06 50.92 -14.06
CA ASP B 161 1.12 51.65 -13.35
C ASP B 161 2.34 50.80 -12.95
N PHE B 162 2.29 49.51 -13.24
CA PHE B 162 3.46 48.67 -13.10
C PHE B 162 4.47 49.05 -14.19
N PRO B 163 5.77 48.96 -13.86
CA PRO B 163 6.83 49.34 -14.81
C PRO B 163 6.91 48.35 -15.97
N GLY B 164 5.94 48.44 -16.88
CA GLY B 164 5.87 47.53 -18.01
C GLY B 164 7.12 47.49 -18.87
N ASP B 165 7.80 48.62 -18.97
CA ASP B 165 9.02 48.71 -19.76
C ASP B 165 10.21 48.13 -19.00
N ASP B 166 10.23 48.32 -17.69
CA ASP B 166 11.34 47.87 -16.87
C ASP B 166 11.12 46.49 -16.24
N THR B 167 9.94 45.91 -16.47
CA THR B 167 9.62 44.61 -15.88
C THR B 167 10.24 43.45 -16.66
N PRO B 168 10.84 42.50 -15.92
CA PRO B 168 11.47 41.32 -16.50
C PRO B 168 10.45 40.35 -17.11
N ILE B 169 10.74 39.85 -18.31
CA ILE B 169 9.96 38.81 -18.94
C ILE B 169 10.89 37.67 -19.34
N VAL B 170 10.50 36.44 -19.02
CA VAL B 170 11.32 35.29 -19.36
C VAL B 170 10.55 34.27 -20.18
N ARG B 171 11.05 33.97 -21.38
CA ARG B 171 10.44 32.98 -22.25
C ARG B 171 10.83 31.59 -21.80
N GLY B 172 9.99 30.60 -22.12
CA GLY B 172 10.32 29.22 -21.83
C GLY B 172 9.12 28.30 -21.82
N SER B 173 9.36 27.03 -21.51
CA SER B 173 8.29 26.05 -21.42
C SER B 173 8.46 25.20 -20.18
N ALA B 174 7.43 25.17 -19.34
CA ALA B 174 7.45 24.37 -18.12
C ALA B 174 7.40 22.88 -18.45
N LEU B 175 6.60 22.53 -19.45
CA LEU B 175 6.48 21.15 -19.91
C LEU B 175 7.84 20.64 -20.41
N LYS B 176 8.54 21.48 -21.17
CA LYS B 176 9.86 21.16 -21.69
C LYS B 176 10.90 21.15 -20.56
N ALA B 177 10.59 21.87 -19.47
CA ALA B 177 11.49 21.96 -18.33
C ALA B 177 11.43 20.71 -17.46
N LEU B 178 10.22 20.20 -17.26
CA LEU B 178 10.02 19.02 -16.41
C LEU B 178 10.61 17.74 -16.99
N GLU B 179 10.66 17.66 -18.32
CA GLU B 179 11.13 16.44 -18.98
C GLU B 179 12.62 16.19 -18.82
N GLY B 180 13.32 17.19 -18.28
CA GLY B 180 14.74 17.04 -17.99
C GLY B 180 15.68 17.66 -19.02
N ASP B 181 15.12 18.50 -19.90
CA ASP B 181 15.95 19.19 -20.89
C ASP B 181 16.65 20.37 -20.23
N ALA B 182 17.98 20.34 -20.26
CA ALA B 182 18.79 21.35 -19.59
C ALA B 182 18.61 22.74 -20.20
N GLU B 183 18.59 22.80 -21.54
CA GLU B 183 18.43 24.07 -22.25
C GLU B 183 17.15 24.79 -21.84
N TRP B 184 16.10 24.01 -21.56
CA TRP B 184 14.83 24.58 -21.10
C TRP B 184 14.83 24.88 -19.60
N GLU B 185 15.54 24.07 -18.82
CA GLU B 185 15.66 24.29 -17.39
C GLU B 185 16.39 25.60 -17.09
N ALA B 186 17.29 25.96 -18.01
CA ALA B 186 18.05 27.20 -17.91
C ALA B 186 17.12 28.42 -17.81
N LYS B 187 15.98 28.35 -18.49
CA LYS B 187 14.99 29.41 -18.44
C LYS B 187 14.31 29.49 -17.07
N ILE B 188 14.09 28.33 -16.46
CA ILE B 188 13.54 28.27 -15.11
C ILE B 188 14.53 28.90 -14.12
N LEU B 189 15.81 28.56 -14.29
CA LEU B 189 16.85 29.16 -13.46
C LEU B 189 16.98 30.66 -13.71
N GLU B 190 16.65 31.08 -14.92
CA GLU B 190 16.63 32.50 -15.27
C GLU B 190 15.50 33.19 -14.52
N LEU B 191 14.34 32.52 -14.47
CA LEU B 191 13.19 33.03 -13.74
C LEU B 191 13.47 33.11 -12.24
N ALA B 192 14.20 32.13 -11.73
CA ALA B 192 14.58 32.12 -10.31
C ALA B 192 15.57 33.24 -10.01
N GLY B 193 16.53 33.42 -10.90
CA GLY B 193 17.51 34.49 -10.77
C GLY B 193 16.84 35.84 -10.76
N PHE B 194 15.86 36.01 -11.65
CA PHE B 194 15.07 37.24 -11.70
C PHE B 194 14.21 37.37 -10.45
N LEU B 195 13.81 36.23 -9.89
CA LEU B 195 12.96 36.21 -8.71
C LEU B 195 13.73 36.69 -7.51
N ASP B 196 15.03 36.39 -7.48
CA ASP B 196 15.91 36.86 -6.41
C ASP B 196 16.35 38.31 -6.64
N SER B 197 16.69 38.64 -7.87
CA SER B 197 17.26 39.96 -8.19
C SER B 197 16.22 41.09 -8.24
N TYR B 198 15.08 40.81 -8.86
CA TYR B 198 14.04 41.84 -9.06
C TYR B 198 13.23 42.10 -7.79
N ILE B 199 13.08 41.09 -6.95
CA ILE B 199 12.34 41.23 -5.70
C ILE B 199 13.29 41.40 -4.52
N PRO B 200 13.29 42.61 -3.91
CA PRO B 200 14.21 42.97 -2.83
C PRO B 200 13.90 42.20 -1.56
N GLU B 201 14.87 42.14 -0.65
CA GLU B 201 14.65 41.51 0.65
C GLU B 201 13.74 42.39 1.48
N PRO B 202 12.67 41.82 2.05
CA PRO B 202 11.76 42.55 2.94
C PRO B 202 12.56 43.18 4.08
N GLU B 203 12.16 44.36 4.52
CA GLU B 203 12.89 45.06 5.57
C GLU B 203 12.91 44.26 6.85
N ARG B 204 14.10 44.11 7.43
CA ARG B 204 14.26 43.36 8.66
C ARG B 204 13.61 44.09 9.83
N ALA B 205 13.31 43.35 10.90
CA ALA B 205 12.74 43.95 12.10
C ALA B 205 13.74 44.91 12.74
N ILE B 206 15.01 44.51 12.78
CA ILE B 206 16.08 45.32 13.33
C ILE B 206 16.25 46.64 12.55
N ASP B 207 16.09 46.56 11.23
CA ASP B 207 16.23 47.71 10.35
C ASP B 207 15.16 48.78 10.61
N LYS B 208 14.04 48.35 11.20
CA LYS B 208 12.95 49.26 11.54
C LYS B 208 13.23 49.96 12.87
N PRO B 209 12.60 51.12 13.10
CA PRO B 209 12.81 51.81 14.39
C PRO B 209 12.19 51.03 15.54
N PHE B 210 12.63 51.30 16.77
CA PHE B 210 12.25 50.49 17.91
C PHE B 210 10.79 50.63 18.33
N LEU B 211 10.13 49.48 18.47
CA LEU B 211 8.77 49.43 19.03
C LEU B 211 8.59 48.15 19.84
N LEU B 212 7.99 48.26 21.01
CA LEU B 212 7.58 47.08 21.78
C LEU B 212 6.19 47.31 22.36
N PRO B 213 5.31 46.29 22.27
CA PRO B 213 4.01 46.41 22.92
C PRO B 213 4.14 46.18 24.42
N ILE B 214 3.34 46.88 25.23
CA ILE B 214 3.42 46.73 26.68
C ILE B 214 2.28 45.86 27.22
N GLU B 215 2.60 44.65 27.61
CA GLU B 215 1.62 43.72 28.17
C GLU B 215 1.37 43.93 29.67
N ASP B 216 2.42 44.23 30.42
CA ASP B 216 2.27 44.42 31.86
C ASP B 216 3.23 45.47 32.39
N VAL B 217 2.90 46.03 33.56
CA VAL B 217 3.75 47.01 34.23
C VAL B 217 3.98 46.58 35.67
N PHE B 218 5.21 46.70 36.15
CA PHE B 218 5.53 46.33 37.52
C PHE B 218 6.31 47.44 38.21
N SER B 219 6.16 47.55 39.52
CA SER B 219 6.98 48.46 40.31
C SER B 219 7.76 47.65 41.32
N ILE B 220 9.09 47.60 41.15
CA ILE B 220 9.93 46.76 42.00
C ILE B 220 10.60 47.62 43.07
N SER B 221 10.78 47.05 44.26
CA SER B 221 11.46 47.77 45.33
C SER B 221 12.98 47.71 45.16
N GLY B 222 13.62 48.88 45.04
CA GLY B 222 15.06 48.93 44.83
C GLY B 222 15.43 48.90 43.37
N ARG B 223 14.41 48.85 42.51
CA ARG B 223 14.59 48.79 41.07
C ARG B 223 13.76 49.90 40.43
N GLY B 224 12.46 49.85 40.67
CA GLY B 224 11.53 50.77 40.04
C GLY B 224 10.66 50.12 38.99
N THR B 225 10.02 50.97 38.19
CA THR B 225 9.07 50.54 37.16
C THR B 225 9.74 49.76 36.03
N VAL B 226 9.09 48.68 35.59
CA VAL B 226 9.55 47.88 34.47
C VAL B 226 8.36 47.41 33.64
N VAL B 227 8.47 47.53 32.31
CA VAL B 227 7.40 47.07 31.43
C VAL B 227 7.82 45.82 30.68
N THR B 228 6.94 44.82 30.61
CA THR B 228 7.29 43.55 29.99
C THR B 228 6.64 43.38 28.62
N GLY B 229 7.33 42.69 27.72
CA GLY B 229 6.76 42.43 26.41
C GLY B 229 7.71 41.75 25.44
N ARG B 230 7.27 41.63 24.20
CA ARG B 230 8.10 41.11 23.13
C ARG B 230 8.34 42.21 22.11
N VAL B 231 9.60 42.59 21.92
CA VAL B 231 9.92 43.70 21.03
C VAL B 231 9.61 43.34 19.58
N GLU B 232 8.77 44.15 18.94
CA GLU B 232 8.32 43.88 17.58
C GLU B 232 9.41 44.19 16.56
N ARG B 233 10.04 45.36 16.71
CA ARG B 233 11.07 45.78 15.78
C ARG B 233 12.06 46.75 16.43
N GLY B 234 13.24 46.85 15.85
CA GLY B 234 14.26 47.75 16.35
C GLY B 234 15.01 47.21 17.54
N ILE B 235 15.98 47.99 18.02
CA ILE B 235 16.78 47.60 19.16
C ILE B 235 16.71 48.68 20.23
N ILE B 236 16.55 48.28 21.48
CA ILE B 236 16.63 49.24 22.59
C ILE B 236 17.84 48.97 23.46
N LYS B 237 18.64 50.02 23.70
CA LYS B 237 19.85 49.89 24.51
C LYS B 237 19.77 50.74 25.77
N VAL B 238 20.51 50.34 26.80
CA VAL B 238 20.52 51.05 28.08
C VAL B 238 21.02 52.48 27.94
N GLY B 239 20.29 53.42 28.54
CA GLY B 239 20.66 54.82 28.46
C GLY B 239 19.85 55.57 27.41
N GLU B 240 19.25 54.84 26.49
CA GLU B 240 18.44 55.45 25.44
C GLU B 240 17.20 56.15 25.99
N GLU B 241 16.78 57.21 25.32
CA GLU B 241 15.55 57.88 25.65
C GLU B 241 14.43 57.28 24.82
N VAL B 242 13.44 56.70 25.50
CA VAL B 242 12.33 56.04 24.84
C VAL B 242 11.04 56.80 25.10
N GLU B 243 10.08 56.64 24.21
CA GLU B 243 8.79 57.32 24.33
C GLU B 243 7.66 56.32 24.52
N ILE B 244 6.95 56.46 25.63
CA ILE B 244 5.79 55.60 25.90
C ILE B 244 4.54 56.29 25.35
N VAL B 245 3.97 55.68 24.32
CA VAL B 245 2.90 56.29 23.53
C VAL B 245 1.71 55.34 23.43
N GLY B 246 0.50 55.88 23.56
CA GLY B 246 -0.68 55.05 23.71
C GLY B 246 -1.92 55.84 24.08
N ILE B 247 -2.83 55.19 24.80
CA ILE B 247 -4.10 55.76 25.25
C ILE B 247 -3.94 57.17 25.81
N LYS B 248 -3.19 57.30 26.89
CA LYS B 248 -2.96 58.61 27.51
C LYS B 248 -2.07 59.46 26.61
N GLU B 249 -1.79 60.69 27.06
CA GLU B 249 -0.91 61.56 26.31
C GLU B 249 0.51 61.00 26.34
N THR B 250 1.13 60.93 25.17
CA THR B 250 2.47 60.35 25.04
C THR B 250 3.51 61.05 25.91
N GLN B 251 4.33 60.24 26.58
CA GLN B 251 5.39 60.74 27.45
C GLN B 251 6.68 59.98 27.23
N LYS B 252 7.78 60.49 27.79
CA LYS B 252 9.09 59.88 27.58
C LYS B 252 9.81 59.53 28.88
N SER B 253 10.63 58.50 28.83
CA SER B 253 11.45 58.08 29.95
C SER B 253 12.67 57.34 29.42
N THR B 254 13.71 57.20 30.23
CA THR B 254 14.95 56.58 29.81
C THR B 254 15.06 55.13 30.27
N CYS B 255 15.72 54.30 29.47
CA CYS B 255 15.88 52.89 29.82
C CYS B 255 16.99 52.72 30.85
N THR B 256 16.61 52.17 32.01
CA THR B 256 17.56 51.86 33.08
C THR B 256 18.25 50.54 32.76
N GLY B 257 17.50 49.61 32.19
CA GLY B 257 18.03 48.29 31.87
C GLY B 257 17.07 47.42 31.08
N VAL B 258 17.58 46.28 30.63
CA VAL B 258 16.77 45.29 29.91
C VAL B 258 17.15 43.92 30.45
N GLU B 259 16.17 43.09 30.77
CA GLU B 259 16.49 41.75 31.27
C GLU B 259 15.46 40.68 30.92
N MET B 260 15.97 39.47 30.76
CA MET B 260 15.14 38.28 30.67
C MET B 260 15.25 37.55 32.00
N PHE B 261 14.65 36.37 32.08
CA PHE B 261 14.70 35.56 33.29
C PHE B 261 16.13 35.21 33.69
N ARG B 262 16.85 34.56 32.76
CA ARG B 262 18.23 34.14 33.00
C ARG B 262 19.17 35.28 33.36
N LYS B 263 19.39 36.19 32.41
CA LYS B 263 20.43 37.21 32.55
C LYS B 263 19.89 38.63 32.44
N LEU B 264 20.70 39.59 32.89
CA LEU B 264 20.40 41.01 32.68
C LEU B 264 21.12 41.44 31.41
N LEU B 265 20.40 42.10 30.51
CA LEU B 265 20.93 42.35 29.17
C LEU B 265 21.27 43.80 28.88
N ASP B 266 22.25 44.00 28.00
CA ASP B 266 22.61 45.33 27.55
C ASP B 266 21.66 45.82 26.47
N GLU B 267 21.15 44.90 25.65
CA GLU B 267 20.32 45.29 24.50
C GLU B 267 18.98 44.56 24.35
N GLY B 268 18.08 45.22 23.62
CA GLY B 268 16.69 44.84 23.46
C GLY B 268 16.28 44.17 22.17
N ARG B 269 17.20 43.45 21.53
CA ARG B 269 17.06 43.04 20.12
C ARG B 269 15.69 42.44 19.77
N ALA B 270 15.17 42.83 18.61
CA ALA B 270 13.81 42.51 18.20
C ALA B 270 13.49 41.02 18.14
N GLY B 271 12.25 40.68 18.45
CA GLY B 271 11.80 39.30 18.45
C GLY B 271 11.97 38.64 19.80
N GLU B 272 12.84 39.21 20.63
CA GLU B 272 13.12 38.65 21.95
C GLU B 272 12.05 39.04 22.96
N ASN B 273 11.70 38.10 23.84
CA ASN B 273 10.79 38.38 24.93
C ASN B 273 11.57 38.86 26.15
N VAL B 274 11.33 40.11 26.54
CA VAL B 274 12.11 40.75 27.58
C VAL B 274 11.26 41.64 28.45
N GLY B 275 11.94 42.43 29.28
CA GLY B 275 11.29 43.44 30.06
C GLY B 275 12.28 44.57 30.17
N VAL B 276 11.77 45.77 30.39
CA VAL B 276 12.53 46.99 30.21
C VAL B 276 12.38 47.84 31.46
N LEU B 277 13.50 48.08 32.12
CA LEU B 277 13.51 48.96 33.29
C LEU B 277 13.40 50.40 32.81
N LEU B 278 12.54 51.17 33.46
CA LEU B 278 12.34 52.56 33.09
C LEU B 278 12.74 53.48 34.24
N ARG B 279 13.20 54.68 33.91
CA ARG B 279 13.61 55.63 34.94
C ARG B 279 12.68 56.82 35.04
N GLY B 280 12.25 57.15 36.25
CA GLY B 280 11.45 58.33 36.49
C GLY B 280 9.95 58.15 36.37
N ILE B 281 9.52 57.06 35.74
CA ILE B 281 8.09 56.85 35.48
C ILE B 281 7.44 55.93 36.52
N LYS B 282 6.19 56.22 36.84
CA LYS B 282 5.43 55.43 37.80
C LYS B 282 4.61 54.33 37.15
N ARG B 283 4.51 53.20 37.83
CA ARG B 283 3.72 52.05 37.37
C ARG B 283 2.29 52.44 37.02
N GLU B 284 1.70 53.35 37.80
CA GLU B 284 0.34 53.82 37.56
C GLU B 284 0.19 54.71 36.33
N GLU B 285 1.31 55.12 35.75
CA GLU B 285 1.28 56.02 34.60
C GLU B 285 1.32 55.27 33.27
N ILE B 286 1.40 53.95 33.33
CA ILE B 286 1.47 53.13 32.12
C ILE B 286 0.32 52.12 32.07
N GLU B 287 -0.28 51.97 30.89
CA GLU B 287 -1.37 51.03 30.69
C GLU B 287 -0.99 49.98 29.67
N ARG B 288 -1.67 48.84 29.72
CA ARG B 288 -1.55 47.82 28.69
C ARG B 288 -2.23 48.36 27.43
N GLY B 289 -1.65 48.07 26.28
CA GLY B 289 -2.15 48.62 25.03
C GLY B 289 -1.28 49.76 24.55
N GLN B 290 -0.56 50.36 25.49
CA GLN B 290 0.44 51.38 25.15
C GLN B 290 1.70 50.69 24.65
N VAL B 291 2.49 51.41 23.87
CA VAL B 291 3.74 50.86 23.36
C VAL B 291 4.95 51.70 23.79
N LEU B 292 6.09 51.03 23.91
CA LEU B 292 7.36 51.67 24.20
C LEU B 292 8.12 51.76 22.89
N ALA B 293 8.25 52.97 22.36
CA ALA B 293 8.79 53.13 21.01
C ALA B 293 9.86 54.21 20.91
N LYS B 294 10.66 54.14 19.85
CA LYS B 294 11.63 55.18 19.54
C LYS B 294 10.89 56.50 19.34
N PRO B 295 11.32 57.55 20.06
CA PRO B 295 10.67 58.86 20.03
C PRO B 295 10.50 59.44 18.62
N GLY B 296 9.31 59.97 18.34
CA GLY B 296 9.02 60.61 17.07
C GLY B 296 8.70 59.65 15.94
N THR B 297 8.97 58.37 16.15
CA THR B 297 8.75 57.36 15.12
C THR B 297 7.29 56.94 14.99
N ILE B 298 6.62 56.75 16.12
CA ILE B 298 5.23 56.31 16.13
C ILE B 298 4.32 57.38 16.70
N LYS B 299 3.08 57.44 16.21
CA LYS B 299 2.12 58.45 16.68
C LYS B 299 0.77 57.83 17.03
N PRO B 300 0.10 58.40 18.04
CA PRO B 300 -1.26 58.01 18.44
C PRO B 300 -2.27 58.52 17.44
N HIS B 301 -3.30 57.72 17.15
CA HIS B 301 -4.32 58.12 16.19
C HIS B 301 -5.70 57.58 16.58
N THR B 302 -6.73 58.18 16.00
CA THR B 302 -8.11 57.83 16.31
C THR B 302 -8.88 57.44 15.05
N LYS B 303 -9.00 58.38 14.13
CA LYS B 303 -9.66 58.11 12.85
C LYS B 303 -8.66 57.59 11.81
N PHE B 304 -9.03 56.51 11.13
CA PHE B 304 -8.24 55.93 10.06
C PHE B 304 -9.13 55.11 9.14
N GLU B 305 -8.69 54.87 7.91
CA GLU B 305 -9.44 54.01 7.02
C GLU B 305 -8.69 52.70 6.75
N SER B 306 -9.45 51.60 6.69
CA SER B 306 -8.85 50.28 6.63
C SER B 306 -9.67 49.30 5.80
N GLU B 307 -9.02 48.26 5.29
CA GLU B 307 -9.72 47.18 4.61
C GLU B 307 -9.88 46.02 5.58
N VAL B 308 -11.12 45.57 5.78
CA VAL B 308 -11.38 44.52 6.75
C VAL B 308 -12.10 43.32 6.15
N TYR B 309 -12.00 42.19 6.83
CA TYR B 309 -12.77 41.00 6.46
C TYR B 309 -13.59 40.54 7.65
N ILE B 310 -14.83 40.14 7.40
CA ILE B 310 -15.70 39.66 8.47
C ILE B 310 -15.98 38.17 8.32
N LEU B 311 -15.70 37.42 9.37
CA LEU B 311 -15.87 35.96 9.37
C LEU B 311 -17.31 35.56 9.11
N SER B 312 -17.52 34.39 8.49
CA SER B 312 -18.86 33.87 8.28
C SER B 312 -19.30 33.08 9.50
N LYS B 313 -20.52 32.56 9.46
CA LYS B 313 -21.08 31.83 10.59
C LYS B 313 -20.32 30.53 10.83
N ASP B 314 -20.04 29.80 9.76
CA ASP B 314 -19.28 28.56 9.85
C ASP B 314 -17.82 28.82 10.19
N GLU B 315 -17.36 30.05 9.94
CA GLU B 315 -16.00 30.43 10.29
C GLU B 315 -15.91 30.88 11.75
N GLY B 316 -17.06 30.93 12.42
CA GLY B 316 -17.10 31.26 13.83
C GLY B 316 -17.42 32.70 14.12
N GLY B 317 -17.88 33.42 13.09
CA GLY B 317 -18.25 34.81 13.24
C GLY B 317 -19.73 35.00 13.45
N ARG B 318 -20.18 36.26 13.42
CA ARG B 318 -21.59 36.59 13.58
C ARG B 318 -22.42 36.12 12.41
N HIS B 319 -23.64 35.64 12.69
CA HIS B 319 -24.58 35.25 11.64
C HIS B 319 -25.52 36.39 11.32
N THR B 320 -25.37 37.50 12.04
CA THR B 320 -26.17 38.69 11.83
C THR B 320 -25.35 39.84 11.26
N PRO B 321 -25.76 40.37 10.11
CA PRO B 321 -25.07 41.49 9.44
C PRO B 321 -25.11 42.77 10.26
N PHE B 322 -24.26 43.73 9.92
CA PHE B 322 -24.19 44.99 10.66
C PHE B 322 -24.26 46.19 9.73
N PHE B 323 -24.42 47.37 10.31
CA PHE B 323 -24.67 48.58 9.55
C PHE B 323 -23.86 49.77 10.08
N LYS B 324 -24.20 50.95 9.59
CA LYS B 324 -23.46 52.19 9.88
C LYS B 324 -23.10 52.39 11.36
N GLY B 325 -24.03 52.07 12.26
CA GLY B 325 -23.81 52.32 13.67
C GLY B 325 -23.02 51.26 14.41
N TYR B 326 -22.30 50.42 13.67
CA TYR B 326 -21.52 49.33 14.25
C TYR B 326 -20.49 49.80 15.27
N ARG B 327 -20.53 49.22 16.47
CA ARG B 327 -19.63 49.62 17.55
C ARG B 327 -18.92 48.43 18.20
N PRO B 328 -17.98 47.80 17.46
CA PRO B 328 -17.25 46.65 17.99
C PRO B 328 -15.99 47.06 18.72
N GLN B 329 -15.19 46.07 19.12
CA GLN B 329 -13.89 46.33 19.73
C GLN B 329 -12.79 46.10 18.69
N PHE B 330 -11.73 46.89 18.76
CA PHE B 330 -10.60 46.72 17.86
C PHE B 330 -9.34 46.36 18.63
N TYR B 331 -8.79 45.19 18.33
CA TYR B 331 -7.62 44.68 19.04
C TYR B 331 -6.36 45.08 18.30
N PHE B 332 -5.54 45.93 18.92
CA PHE B 332 -4.23 46.25 18.37
C PHE B 332 -3.14 45.71 19.29
N ARG B 333 -2.55 44.59 18.87
CA ARG B 333 -1.30 44.03 19.42
C ARG B 333 -1.32 43.62 20.89
N THR B 334 -2.18 44.23 21.68
CA THR B 334 -2.30 43.94 23.11
C THR B 334 -3.73 43.91 23.65
N THR B 335 -4.40 45.05 23.60
CA THR B 335 -5.74 45.19 24.18
C THR B 335 -6.77 45.78 23.21
N ASP B 336 -8.04 45.65 23.59
CA ASP B 336 -9.14 46.16 22.78
C ASP B 336 -9.35 47.66 22.97
N VAL B 337 -9.82 48.32 21.91
CA VAL B 337 -10.28 49.70 21.98
C VAL B 337 -11.60 49.84 21.23
N THR B 338 -12.62 50.32 21.93
CA THR B 338 -13.94 50.54 21.33
C THR B 338 -13.85 51.63 20.26
N GLY B 339 -14.50 51.39 19.13
CA GLY B 339 -14.51 52.35 18.05
C GLY B 339 -15.78 52.26 17.23
N THR B 340 -16.09 53.33 16.50
CA THR B 340 -17.27 53.37 15.65
C THR B 340 -16.84 53.40 14.20
N ILE B 341 -17.66 52.85 13.31
CA ILE B 341 -17.29 52.80 11.89
C ILE B 341 -18.28 53.55 11.01
N GLU B 342 -17.81 53.94 9.83
CA GLU B 342 -18.68 54.45 8.78
C GLU B 342 -18.32 53.79 7.46
N LEU B 343 -19.36 53.45 6.70
CA LEU B 343 -19.24 52.69 5.48
C LEU B 343 -18.99 53.59 4.28
N PRO B 344 -18.32 53.06 3.24
CA PRO B 344 -18.12 53.80 2.00
C PRO B 344 -19.42 53.98 1.24
N GLU B 345 -19.50 55.04 0.44
CA GLU B 345 -20.67 55.34 -0.38
C GLU B 345 -20.96 54.19 -1.34
N GLY B 346 -22.22 53.77 -1.41
CA GLY B 346 -22.61 52.69 -2.29
C GLY B 346 -22.87 51.39 -1.57
N VAL B 347 -22.49 51.33 -0.30
CA VAL B 347 -22.77 50.16 0.53
C VAL B 347 -23.56 50.57 1.78
N GLU B 348 -24.47 49.69 2.20
CA GLU B 348 -25.32 49.96 3.36
C GLU B 348 -25.23 48.79 4.34
N MET B 349 -25.62 47.60 3.87
CA MET B 349 -25.53 46.39 4.68
C MET B 349 -24.21 45.65 4.46
N VAL B 350 -23.62 45.14 5.54
CA VAL B 350 -22.44 44.28 5.44
C VAL B 350 -22.75 42.91 6.02
N MET B 351 -22.82 41.91 5.15
CA MET B 351 -23.06 40.53 5.57
C MET B 351 -21.74 39.86 5.95
N PRO B 352 -21.81 38.72 6.66
CA PRO B 352 -20.56 38.03 6.99
C PRO B 352 -19.90 37.40 5.77
N GLY B 353 -18.74 36.80 5.96
CA GLY B 353 -18.04 36.10 4.89
C GLY B 353 -17.47 36.98 3.78
N ASP B 354 -17.58 38.29 3.92
CA ASP B 354 -17.07 39.19 2.88
C ASP B 354 -16.11 40.25 3.41
N ASN B 355 -15.36 40.86 2.49
CA ASN B 355 -14.41 41.90 2.81
C ASN B 355 -14.88 43.26 2.30
N ILE B 356 -14.62 44.30 3.09
CA ILE B 356 -15.06 45.65 2.75
C ILE B 356 -14.09 46.68 3.31
N LYS B 357 -13.90 47.78 2.59
CA LYS B 357 -13.14 48.90 3.11
C LYS B 357 -14.09 49.73 3.96
N MET B 358 -13.60 50.26 5.07
CA MET B 358 -14.42 51.07 5.96
C MET B 358 -13.57 52.06 6.74
N VAL B 359 -14.21 53.11 7.24
CA VAL B 359 -13.49 54.10 8.04
C VAL B 359 -13.80 53.95 9.52
N VAL B 360 -12.77 53.64 10.31
CA VAL B 360 -12.92 53.44 11.74
C VAL B 360 -12.39 54.64 12.54
N THR B 361 -13.20 55.12 13.48
CA THR B 361 -12.80 56.17 14.40
C THR B 361 -12.91 55.66 15.84
N LEU B 362 -11.78 55.55 16.52
CA LEU B 362 -11.72 55.00 17.87
C LEU B 362 -12.20 56.00 18.91
N ILE B 363 -12.64 55.48 20.06
CA ILE B 363 -13.09 56.34 21.14
C ILE B 363 -11.90 56.97 21.87
N HIS B 364 -10.75 56.31 21.81
CA HIS B 364 -9.50 56.85 22.36
C HIS B 364 -8.30 56.44 21.52
N PRO B 365 -7.24 57.28 21.50
CA PRO B 365 -6.13 57.07 20.55
C PRO B 365 -5.24 55.85 20.86
N ILE B 366 -4.86 55.16 19.79
CA ILE B 366 -3.91 54.06 19.86
C ILE B 366 -2.74 54.39 18.94
N ALA B 367 -1.52 54.11 19.38
CA ALA B 367 -0.35 54.39 18.55
C ALA B 367 -0.36 53.44 17.37
N MET B 368 -0.31 53.99 16.16
CA MET B 368 -0.44 53.15 14.98
C MET B 368 0.36 53.62 13.76
N ASP B 369 0.77 52.65 12.94
CA ASP B 369 1.43 52.91 11.68
C ASP B 369 0.58 52.32 10.58
N ASP B 370 0.75 52.80 9.35
CA ASP B 370 0.02 52.25 8.22
C ASP B 370 0.49 50.83 7.93
N GLY B 371 -0.43 49.97 7.50
CA GLY B 371 -0.10 48.58 7.21
C GLY B 371 -0.23 47.68 8.43
N LEU B 372 -0.53 48.28 9.58
CA LEU B 372 -0.72 47.53 10.82
C LEU B 372 -1.97 46.68 10.75
N ARG B 373 -1.95 45.53 11.40
CA ARG B 373 -3.09 44.62 11.42
C ARG B 373 -3.78 44.64 12.77
N PHE B 374 -5.11 44.60 12.74
CA PHE B 374 -5.90 44.58 13.96
C PHE B 374 -6.97 43.50 13.90
N ALA B 375 -7.57 43.19 15.05
CA ALA B 375 -8.66 42.21 15.07
C ALA B 375 -9.97 42.88 15.40
N ILE B 376 -11.08 42.31 14.96
CA ILE B 376 -12.40 42.82 15.30
C ILE B 376 -13.08 41.85 16.26
N ARG B 377 -13.41 42.32 17.45
CA ARG B 377 -13.94 41.44 18.49
C ARG B 377 -15.26 41.93 19.08
N GLU B 378 -16.12 40.97 19.41
CA GLU B 378 -17.32 41.25 20.20
C GLU B 378 -17.23 40.42 21.47
N GLY B 379 -17.08 41.10 22.60
CA GLY B 379 -17.04 40.44 23.90
C GLY B 379 -16.03 39.33 24.03
N GLY B 380 -14.91 39.45 23.32
CA GLY B 380 -13.86 38.45 23.41
C GLY B 380 -13.87 37.45 22.25
N ARG B 381 -14.93 37.45 21.45
CA ARG B 381 -14.98 36.56 20.30
C ARG B 381 -14.60 37.30 19.03
N THR B 382 -13.65 36.75 18.27
CA THR B 382 -13.18 37.42 17.06
C THR B 382 -14.15 37.17 15.92
N VAL B 383 -14.76 38.26 15.43
CA VAL B 383 -15.72 38.18 14.33
C VAL B 383 -15.09 38.55 13.00
N GLY B 384 -13.82 38.97 13.04
CA GLY B 384 -13.14 39.41 11.84
C GLY B 384 -11.83 40.13 12.12
N ALA B 385 -11.12 40.49 11.04
CA ALA B 385 -9.83 41.17 11.14
C ALA B 385 -9.72 42.28 10.11
N GLY B 386 -8.72 43.13 10.26
CA GLY B 386 -8.52 44.23 9.32
C GLY B 386 -7.08 44.68 9.26
N VAL B 387 -6.78 45.51 8.27
CA VAL B 387 -5.45 46.09 8.11
C VAL B 387 -5.59 47.56 7.78
N VAL B 388 -4.91 48.42 8.52
CA VAL B 388 -5.04 49.86 8.34
C VAL B 388 -4.43 50.32 7.01
N ALA B 389 -5.21 51.07 6.24
CA ALA B 389 -4.77 51.57 4.94
C ALA B 389 -4.22 52.98 5.06
N LYS B 390 -5.10 53.93 5.35
CA LYS B 390 -4.68 55.33 5.42
C LYS B 390 -5.04 55.98 6.75
N VAL B 391 -4.02 56.39 7.49
CA VAL B 391 -4.21 57.06 8.78
C VAL B 391 -4.81 58.45 8.58
N LEU B 392 -5.71 58.85 9.48
CA LEU B 392 -6.35 60.16 9.42
C LEU B 392 -6.21 60.90 10.74
N GLY B 393 -6.51 62.19 10.74
CA GLY B 393 -6.47 62.98 11.95
C GLY B 393 -7.65 62.67 12.85
N ASN C 8 -29.21 52.77 35.14
CA ASN C 8 -29.09 52.97 36.58
C ASN C 8 -29.95 52.00 37.38
N SER C 9 -31.27 52.14 37.27
CA SER C 9 -32.20 51.29 38.00
C SER C 9 -32.37 49.91 37.34
N LEU C 10 -32.13 49.85 36.03
CA LEU C 10 -32.33 48.61 35.30
C LEU C 10 -31.37 47.52 35.77
N SER C 11 -30.09 47.86 35.87
CA SER C 11 -29.09 46.91 36.34
C SER C 11 -29.15 46.74 37.86
N ALA C 12 -29.58 47.80 38.55
CA ALA C 12 -29.68 47.78 40.00
C ALA C 12 -30.81 46.89 40.49
N GLN C 13 -31.83 46.70 39.65
CA GLN C 13 -32.93 45.81 39.98
C GLN C 13 -32.45 44.36 40.00
N LEU C 14 -31.63 44.01 39.02
CA LEU C 14 -31.04 42.69 38.94
C LEU C 14 -29.97 42.50 40.02
N ARG C 15 -29.26 43.58 40.33
CA ARG C 15 -28.25 43.58 41.37
C ARG C 15 -28.94 43.34 42.71
N ARG C 16 -30.15 43.86 42.83
CA ARG C 16 -30.98 43.65 44.02
C ARG C 16 -31.47 42.21 44.09
N ALA C 17 -32.11 41.76 43.02
CA ALA C 17 -32.73 40.44 42.98
C ALA C 17 -31.72 39.30 43.10
N ALA C 18 -30.49 39.55 42.67
CA ALA C 18 -29.43 38.57 42.80
C ALA C 18 -29.06 38.36 44.26
N ASN C 19 -29.13 39.44 45.03
CA ASN C 19 -28.76 39.42 46.44
C ASN C 19 -29.96 39.17 47.34
N THR C 20 -31.13 38.95 46.75
CA THR C 20 -32.31 38.61 47.52
C THR C 20 -32.27 37.12 47.86
N ARG C 21 -32.26 36.82 49.16
CA ARG C 21 -32.13 35.45 49.62
C ARG C 21 -33.48 34.75 49.54
N ILE C 22 -33.54 33.68 48.76
CA ILE C 22 -34.78 32.90 48.62
C ILE C 22 -34.70 31.63 49.48
N GLU C 23 -35.60 31.54 50.45
CA GLU C 23 -35.61 30.42 51.38
C GLU C 23 -37.02 29.98 51.73
N VAL C 24 -37.22 28.67 51.72
CA VAL C 24 -38.51 28.07 52.06
C VAL C 24 -38.28 26.87 52.97
N GLU C 25 -39.35 26.34 53.56
CA GLU C 25 -39.22 25.22 54.48
C GLU C 25 -38.70 23.98 53.76
N GLY C 26 -38.11 23.08 54.54
CA GLY C 26 -37.61 21.81 54.00
C GLY C 26 -36.42 21.97 53.08
N ASN C 27 -36.14 20.92 52.31
CA ASN C 27 -35.05 20.93 51.35
C ASN C 27 -35.58 21.19 49.94
N LEU C 28 -35.24 22.34 49.38
CA LEU C 28 -35.72 22.72 48.06
C LEU C 28 -35.19 21.78 46.99
N ALA C 29 -33.97 21.29 47.18
CA ALA C 29 -33.38 20.31 46.27
C ALA C 29 -34.20 19.03 46.27
N LEU C 30 -34.56 18.57 47.47
CA LEU C 30 -35.35 17.35 47.62
C LEU C 30 -36.78 17.55 47.11
N SER C 31 -37.29 18.77 47.25
CA SER C 31 -38.61 19.11 46.73
C SER C 31 -38.62 19.05 45.21
N ILE C 32 -37.63 19.67 44.58
CA ILE C 32 -37.48 19.63 43.13
C ILE C 32 -37.30 18.20 42.63
N ALA C 33 -36.42 17.46 43.30
CA ALA C 33 -36.16 16.06 42.94
C ALA C 33 -37.43 15.22 43.01
N ASN C 34 -38.17 15.36 44.10
CA ASN C 34 -39.40 14.60 44.31
C ASN C 34 -40.53 14.99 43.36
N ASP C 35 -40.67 16.27 43.07
CA ASP C 35 -41.68 16.73 42.11
C ASP C 35 -41.33 16.28 40.70
N LEU C 36 -40.03 16.26 40.39
CA LEU C 36 -39.56 15.80 39.08
C LEU C 36 -39.81 14.32 38.93
N LEU C 37 -39.51 13.55 39.98
CA LEU C 37 -39.80 12.12 40.00
C LEU C 37 -41.29 11.88 39.84
N LEU C 38 -42.08 12.73 40.50
CA LEU C 38 -43.54 12.62 40.48
C LEU C 38 -44.08 12.87 39.08
N ALA C 39 -43.48 13.84 38.39
CA ALA C 39 -43.89 14.16 37.01
C ALA C 39 -43.65 12.98 36.09
N TYR C 40 -42.61 12.20 36.37
CA TYR C 40 -42.27 11.04 35.56
C TYR C 40 -42.92 9.77 36.11
N GLY C 41 -43.73 9.92 37.15
CA GLY C 41 -44.47 8.79 37.71
C GLY C 41 -43.60 7.79 38.44
N GLN C 42 -42.67 8.29 39.24
CA GLN C 42 -41.74 7.42 39.97
C GLN C 42 -41.86 7.64 41.48
N SER C 43 -41.40 6.66 42.26
CA SER C 43 -41.44 6.76 43.71
C SER C 43 -40.53 7.86 44.23
N PRO C 44 -41.09 8.80 45.01
CA PRO C 44 -40.32 9.91 45.60
C PRO C 44 -39.38 9.43 46.69
N PHE C 45 -38.40 10.26 47.06
CA PHE C 45 -37.56 9.94 48.21
C PHE C 45 -38.37 10.30 49.45
N ASN C 46 -38.64 9.31 50.29
CA ASN C 46 -39.42 9.54 51.49
C ASN C 46 -38.50 9.75 52.68
N SER C 47 -37.20 9.73 52.41
CA SER C 47 -36.19 9.99 53.41
C SER C 47 -34.90 10.47 52.76
N GLU C 48 -34.02 11.08 53.55
CA GLU C 48 -32.72 11.52 53.06
C GLU C 48 -31.82 10.34 52.74
N ALA C 49 -32.22 9.16 53.23
CA ALA C 49 -31.46 7.94 52.98
C ALA C 49 -31.74 7.38 51.58
N GLU C 50 -33.02 7.42 51.16
CA GLU C 50 -33.42 6.87 49.87
C GLU C 50 -32.79 7.60 48.69
N CYS C 51 -32.32 8.83 48.93
CA CYS C 51 -31.64 9.59 47.90
C CYS C 51 -30.34 8.92 47.49
N ILE C 52 -29.50 8.62 48.47
CA ILE C 52 -28.20 7.99 48.25
C ILE C 52 -28.27 6.47 48.08
N SER C 53 -29.25 5.85 48.73
CA SER C 53 -29.34 4.39 48.78
C SER C 53 -29.95 3.77 47.52
N PHE C 54 -30.68 4.57 46.74
CA PHE C 54 -31.36 4.05 45.56
C PHE C 54 -30.38 3.51 44.52
N SER C 55 -30.65 2.30 44.05
CA SER C 55 -29.88 1.72 42.97
C SER C 55 -30.84 1.35 41.85
N PRO C 56 -30.42 1.59 40.60
CA PRO C 56 -31.28 1.27 39.45
C PRO C 56 -31.04 -0.13 38.92
N ARG C 57 -31.80 -0.50 37.90
CA ARG C 57 -31.61 -1.77 37.21
C ARG C 57 -31.37 -1.46 35.75
N PHE C 58 -30.47 -2.20 35.10
CA PHE C 58 -30.22 -1.94 33.70
C PHE C 58 -31.05 -2.86 32.82
N ASP C 59 -32.09 -2.28 32.21
CA ASP C 59 -33.06 -2.99 31.39
C ASP C 59 -34.20 -2.05 30.99
N GLY C 60 -35.11 -2.53 30.15
CA GLY C 60 -36.32 -1.80 29.83
C GLY C 60 -36.13 -0.61 28.91
N THR C 61 -37.22 0.10 28.63
CA THR C 61 -37.21 1.27 27.77
C THR C 61 -36.21 2.32 28.29
N PRO C 62 -35.44 2.91 27.36
CA PRO C 62 -34.42 3.91 27.70
C PRO C 62 -35.01 5.13 28.40
N ASP C 63 -36.27 5.44 28.12
CA ASP C 63 -36.94 6.57 28.75
C ASP C 63 -37.17 6.33 30.24
N ASP C 64 -37.42 5.07 30.61
CA ASP C 64 -37.58 4.71 32.01
C ASP C 64 -36.23 4.70 32.71
N PHE C 65 -35.25 4.09 32.05
CA PHE C 65 -33.90 3.98 32.61
C PHE C 65 -33.26 5.34 32.82
N ARG C 66 -33.54 6.28 31.94
CA ARG C 66 -32.95 7.62 32.04
C ARG C 66 -33.38 8.28 33.33
N ILE C 67 -34.68 8.21 33.63
CA ILE C 67 -35.23 8.85 34.82
C ILE C 67 -34.92 8.06 36.09
N ASN C 68 -34.77 6.75 35.97
CA ASN C 68 -34.40 5.93 37.13
C ASN C 68 -32.93 6.16 37.51
N TYR C 69 -32.07 6.23 36.50
CA TYR C 69 -30.66 6.52 36.70
C TYR C 69 -30.53 7.92 37.28
N LEU C 70 -31.28 8.86 36.69
CA LEU C 70 -31.35 10.22 37.22
C LEU C 70 -31.72 10.19 38.69
N LYS C 71 -32.71 9.39 39.03
CA LYS C 71 -33.15 9.23 40.43
C LYS C 71 -32.00 8.73 41.31
N ALA C 72 -31.27 7.73 40.82
CA ALA C 72 -30.16 7.17 41.56
C ALA C 72 -28.99 8.14 41.71
N GLU C 73 -28.95 9.13 40.84
CA GLU C 73 -27.80 10.05 40.76
C GLU C 73 -28.02 11.42 41.43
N ILE C 74 -29.02 12.16 40.98
CA ILE C 74 -29.15 13.60 41.26
C ILE C 74 -28.90 14.03 42.70
N MET C 75 -29.45 13.30 43.65
CA MET C 75 -29.33 13.69 45.06
C MET C 75 -28.18 13.00 45.79
N SER C 76 -27.39 12.22 45.06
CA SER C 76 -26.26 11.50 45.66
C SER C 76 -25.17 12.42 46.19
N LYS C 77 -24.91 13.51 45.49
CA LYS C 77 -23.77 14.39 45.82
C LYS C 77 -24.15 15.57 46.71
N TYR C 78 -25.40 15.62 47.14
CA TYR C 78 -25.87 16.68 48.02
C TYR C 78 -25.15 16.64 49.37
N ASP C 79 -24.53 17.76 49.75
CA ASP C 79 -23.65 17.80 50.91
C ASP C 79 -24.30 18.25 52.23
N ASP C 80 -25.53 18.74 52.15
CA ASP C 80 -26.18 19.31 53.33
C ASP C 80 -27.03 18.29 54.08
N PHE C 81 -26.97 17.04 53.65
CA PHE C 81 -27.73 15.96 54.29
C PHE C 81 -27.43 15.86 55.78
N SER C 82 -28.48 15.91 56.59
CA SER C 82 -28.37 15.74 58.03
C SER C 82 -28.32 14.24 58.35
N LEU C 83 -28.39 13.44 57.30
CA LEU C 83 -28.38 11.99 57.42
C LEU C 83 -27.01 11.48 57.87
N GLY C 84 -26.99 10.75 58.98
CA GLY C 84 -25.80 10.05 59.40
C GLY C 84 -24.69 10.93 59.91
N ILE C 85 -23.69 10.28 60.51
CA ILE C 85 -22.51 10.95 61.04
C ILE C 85 -21.39 10.96 60.00
N ASP C 86 -21.73 10.56 58.78
CA ASP C 86 -20.76 10.27 57.73
C ASP C 86 -19.72 11.38 57.58
N THR C 87 -18.46 10.97 57.50
CA THR C 87 -17.33 11.89 57.61
C THR C 87 -16.36 11.74 56.44
N GLU C 88 -15.22 12.40 56.54
CA GLU C 88 -14.14 12.17 55.59
C GLU C 88 -13.28 11.03 56.12
N ALA C 89 -13.64 10.53 57.30
CA ALA C 89 -12.90 9.45 57.94
C ALA C 89 -12.98 8.15 57.13
N VAL C 90 -14.12 7.92 56.48
CA VAL C 90 -14.27 6.78 55.58
C VAL C 90 -13.25 6.85 54.45
N ALA C 91 -13.02 8.05 53.93
CA ALA C 91 -12.03 8.26 52.88
C ALA C 91 -10.63 7.93 53.38
N TRP C 92 -10.37 8.22 54.66
CA TRP C 92 -9.09 7.90 55.27
C TRP C 92 -8.95 6.40 55.49
N GLU C 93 -10.07 5.73 55.75
CA GLU C 93 -10.06 4.28 55.88
C GLU C 93 -9.74 3.65 54.52
N LYS C 94 -10.38 4.17 53.48
CA LYS C 94 -10.10 3.74 52.11
C LYS C 94 -8.65 4.03 51.73
N PHE C 95 -8.10 5.11 52.27
CA PHE C 95 -6.74 5.51 51.96
C PHE C 95 -5.74 4.56 52.61
N LEU C 96 -5.89 4.37 53.91
CA LEU C 96 -5.04 3.46 54.67
C LEU C 96 -5.11 2.04 54.10
N ALA C 97 -6.33 1.60 53.79
CA ALA C 97 -6.55 0.30 53.18
C ALA C 97 -5.86 0.19 51.81
N ALA C 98 -6.09 1.18 50.96
CA ALA C 98 -5.48 1.23 49.63
C ALA C 98 -3.97 1.18 49.71
N GLU C 99 -3.41 1.78 50.76
CA GLU C 99 -1.96 1.78 50.95
C GLU C 99 -1.43 0.43 51.43
N ALA C 100 -2.14 -0.20 52.36
CA ALA C 100 -1.77 -1.53 52.81
C ALA C 100 -1.81 -2.52 51.65
N GLU C 101 -2.86 -2.41 50.84
CA GLU C 101 -3.02 -3.25 49.67
C GLU C 101 -1.95 -2.96 48.63
N CYS C 102 -1.60 -1.70 48.47
CA CYS C 102 -0.55 -1.29 47.54
C CYS C 102 0.81 -1.80 48.02
N ALA C 103 0.92 -2.03 49.33
CA ALA C 103 2.13 -2.59 49.91
C ALA C 103 2.18 -4.08 49.61
N LEU C 104 1.03 -4.75 49.76
CA LEU C 104 0.91 -6.15 49.40
C LEU C 104 1.29 -6.38 47.94
N THR C 105 0.73 -5.55 47.06
CA THR C 105 0.99 -5.65 45.63
C THR C 105 2.40 -5.18 45.27
N ASN C 106 2.97 -4.32 46.10
CA ASN C 106 4.35 -3.86 45.87
C ASN C 106 5.32 -5.00 46.15
N ALA C 107 5.17 -5.60 47.33
CA ALA C 107 5.98 -6.75 47.71
C ALA C 107 5.70 -7.97 46.82
N ARG C 108 4.53 -7.99 46.20
CA ARG C 108 4.17 -9.07 45.29
C ARG C 108 4.84 -8.88 43.93
N LEU C 109 4.77 -7.65 43.41
CA LEU C 109 5.44 -7.31 42.16
C LEU C 109 6.95 -7.51 42.27
N TYR C 110 7.52 -7.05 43.38
CA TYR C 110 8.95 -7.20 43.60
C TYR C 110 9.37 -8.67 43.67
N ARG C 111 8.84 -9.39 44.64
CA ARG C 111 9.10 -10.82 44.77
C ARG C 111 7.81 -11.61 44.64
N PRO C 112 7.65 -12.34 43.54
CA PRO C 112 6.44 -13.15 43.34
C PRO C 112 6.41 -14.36 44.26
N ASP C 113 5.27 -14.61 44.87
CA ASP C 113 5.04 -15.89 45.54
C ASP C 113 4.19 -16.71 44.57
N TYR C 114 4.79 -17.76 44.02
CA TYR C 114 4.30 -18.33 42.77
C TYR C 114 2.96 -19.06 42.80
N SER C 115 2.51 -19.53 43.96
CA SER C 115 1.17 -20.06 44.00
C SER C 115 0.23 -19.25 44.89
N GLU C 116 -0.59 -18.42 44.25
CA GLU C 116 -1.86 -17.96 44.81
C GLU C 116 -2.90 -18.00 43.71
N ASP C 117 -2.73 -17.06 42.79
CA ASP C 117 -3.61 -16.80 41.66
C ASP C 117 -2.90 -15.84 40.69
N PHE C 118 -3.68 -15.22 39.82
CA PHE C 118 -3.26 -14.06 39.00
C PHE C 118 -2.64 -14.37 37.64
N ASN C 119 -2.41 -15.65 37.34
CA ASN C 119 -1.89 -16.04 36.03
C ASN C 119 -0.57 -15.33 35.69
N PHE C 120 0.49 -15.73 36.38
CA PHE C 120 1.81 -15.12 36.23
C PHE C 120 2.28 -15.09 34.77
N SER C 121 1.98 -16.16 34.04
CA SER C 121 2.37 -16.30 32.64
C SER C 121 1.91 -15.11 31.79
N LEU C 122 0.62 -14.79 31.90
CA LEU C 122 0.04 -13.66 31.18
C LEU C 122 0.58 -12.33 31.72
N GLY C 123 0.61 -12.22 33.04
CA GLY C 123 1.02 -10.99 33.70
C GLY C 123 2.42 -10.52 33.34
N GLU C 124 3.41 -11.39 33.53
CA GLU C 124 4.80 -11.04 33.27
C GLU C 124 5.06 -10.71 31.80
N SER C 125 4.45 -11.48 30.90
CA SER C 125 4.57 -11.22 29.47
C SER C 125 4.01 -9.84 29.15
N CYS C 126 2.87 -9.53 29.76
CA CYS C 126 2.28 -8.20 29.62
C CYS C 126 3.21 -7.11 30.17
N ILE C 127 3.89 -7.41 31.27
CA ILE C 127 4.85 -6.48 31.87
C ILE C 127 5.98 -6.17 30.90
N HIS C 128 6.62 -7.21 30.38
CA HIS C 128 7.72 -7.04 29.43
C HIS C 128 7.28 -6.27 28.20
N MET C 129 6.18 -6.71 27.59
CA MET C 129 5.68 -6.06 26.38
C MET C 129 5.38 -4.58 26.60
N ALA C 130 4.69 -4.29 27.69
CA ALA C 130 4.37 -2.92 28.07
C ALA C 130 5.63 -2.09 28.30
N ARG C 131 6.65 -2.72 28.89
CA ARG C 131 7.92 -2.05 29.16
C ARG C 131 8.61 -1.70 27.86
N ARG C 132 8.57 -2.62 26.90
CA ARG C 132 9.20 -2.42 25.60
C ARG C 132 8.49 -1.31 24.82
N LYS C 133 7.16 -1.32 24.87
CA LYS C 133 6.37 -0.29 24.20
C LYS C 133 6.60 1.09 24.83
N ILE C 134 6.60 1.15 26.16
CA ILE C 134 6.85 2.38 26.90
C ILE C 134 8.24 2.93 26.57
N ALA C 135 9.26 2.08 26.66
CA ALA C 135 10.61 2.47 26.31
C ALA C 135 10.67 2.98 24.87
N LYS C 136 9.89 2.36 24.00
CA LYS C 136 9.82 2.77 22.60
C LYS C 136 9.20 4.17 22.49
N LEU C 137 8.27 4.48 23.39
CA LEU C 137 7.57 5.77 23.34
C LEU C 137 8.41 6.94 23.87
N ILE C 138 8.63 6.94 25.18
CA ILE C 138 9.25 8.08 25.86
C ILE C 138 10.76 8.18 25.69
N GLY C 139 11.44 7.03 25.73
CA GLY C 139 12.90 7.01 25.62
C GLY C 139 13.58 6.71 26.93
N ASP C 140 14.91 6.60 26.89
CA ASP C 140 15.71 6.25 28.06
C ASP C 140 15.65 7.30 29.16
N VAL C 141 15.94 8.54 28.80
CA VAL C 141 15.99 9.63 29.76
C VAL C 141 15.06 10.76 29.31
N PRO C 142 14.35 11.38 30.27
CA PRO C 142 13.53 12.55 29.92
C PRO C 142 14.41 13.73 29.54
N SER C 143 14.02 14.48 28.52
CA SER C 143 14.77 15.66 28.12
C SER C 143 14.63 16.78 29.14
N VAL C 144 15.78 17.31 29.59
CA VAL C 144 15.79 18.44 30.51
C VAL C 144 15.14 19.66 29.86
N GLU C 145 15.41 19.82 28.57
CA GLU C 145 14.85 20.91 27.78
C GLU C 145 13.32 20.89 27.75
N GLY C 146 12.76 19.72 27.46
CA GLY C 146 11.31 19.54 27.45
C GLY C 146 10.70 19.75 28.83
N MET C 147 11.34 19.18 29.84
CA MET C 147 10.90 19.32 31.22
C MET C 147 10.81 20.80 31.58
N LEU C 148 11.90 21.52 31.33
CA LEU C 148 11.96 22.95 31.58
C LEU C 148 10.88 23.72 30.85
N ARG C 149 10.76 23.52 29.54
CA ARG C 149 9.76 24.22 28.76
C ARG C 149 8.33 23.91 29.22
N HIS C 150 8.15 22.75 29.85
CA HIS C 150 6.86 22.45 30.48
C HIS C 150 6.81 22.72 31.98
N CYS C 151 7.93 23.11 32.58
CA CYS C 151 7.96 23.41 34.00
C CYS C 151 7.16 24.68 34.28
N ARG C 152 6.21 24.59 35.21
CA ARG C 152 5.38 25.76 35.53
C ARG C 152 4.84 25.76 36.95
N PHE C 153 4.54 26.95 37.45
CA PHE C 153 3.78 27.12 38.67
C PHE C 153 2.33 27.34 38.31
N SER C 154 1.43 26.63 38.99
CA SER C 154 -0.01 26.83 38.78
C SER C 154 -0.83 26.17 39.88
N GLY C 155 -2.15 26.33 39.78
CA GLY C 155 -3.07 25.63 40.64
C GLY C 155 -3.27 26.26 42.01
N GLY C 156 -3.64 25.41 42.97
CA GLY C 156 -4.01 25.87 44.29
C GLY C 156 -2.90 25.74 45.32
N ALA C 157 -3.30 25.43 46.55
CA ALA C 157 -2.41 25.39 47.70
C ALA C 157 -1.22 24.46 47.50
N THR C 158 -0.10 24.87 48.10
CA THR C 158 1.08 24.02 48.23
C THR C 158 1.25 23.73 49.72
N THR C 159 2.31 23.03 50.08
CA THR C 159 2.60 22.75 51.50
C THR C 159 3.03 24.04 52.21
N THR C 160 3.26 25.09 51.41
CA THR C 160 3.68 26.38 51.92
C THR C 160 2.56 27.40 51.82
N ASN C 161 2.18 27.74 50.60
CA ASN C 161 1.09 28.68 50.36
C ASN C 161 -0.27 27.99 50.47
N ASN C 162 -1.27 28.71 50.98
CA ASN C 162 -2.62 28.16 51.06
C ASN C 162 -3.43 28.44 49.79
N ARG C 163 -4.73 28.15 49.85
CA ARG C 163 -5.62 28.27 48.69
C ARG C 163 -5.68 29.67 48.09
N SER C 164 -5.51 30.69 48.93
CA SER C 164 -5.59 32.08 48.48
C SER C 164 -4.32 32.50 47.75
N TYR C 165 -3.18 32.03 48.25
CA TYR C 165 -1.88 32.38 47.71
C TYR C 165 -1.41 31.39 46.65
N GLY C 166 -2.30 30.48 46.27
CA GLY C 166 -1.99 29.46 45.27
C GLY C 166 -1.59 29.98 43.89
N HIS C 167 -1.83 31.25 43.62
CA HIS C 167 -1.45 31.83 42.34
C HIS C 167 0.07 31.85 42.15
N PRO C 168 0.54 31.45 40.95
CA PRO C 168 1.96 31.35 40.61
C PRO C 168 2.77 32.60 40.94
N SER C 169 2.14 33.77 40.92
CA SER C 169 2.80 35.01 41.32
C SER C 169 3.27 34.90 42.77
N PHE C 170 2.39 34.44 43.65
CA PHE C 170 2.69 34.27 45.06
C PHE C 170 3.63 33.07 45.26
N LYS C 171 3.72 32.22 44.26
CA LYS C 171 4.63 31.08 44.29
C LYS C 171 6.05 31.54 43.99
N PHE C 172 6.17 32.51 43.07
CA PHE C 172 7.46 33.09 42.75
C PHE C 172 7.90 34.07 43.83
N ALA C 173 6.94 34.74 44.46
CA ALA C 173 7.24 35.66 45.56
C ALA C 173 7.67 34.93 46.83
N LEU C 174 6.84 33.99 47.27
CA LEU C 174 7.10 33.26 48.51
C LEU C 174 7.89 31.97 48.27
N PRO C 175 8.89 31.71 49.13
CA PRO C 175 9.70 30.49 49.06
C PRO C 175 8.85 29.23 49.20
N GLN C 176 9.15 28.22 48.39
CA GLN C 176 8.38 26.98 48.39
C GLN C 176 9.26 25.83 48.87
N ALA C 177 8.64 24.79 49.43
CA ALA C 177 9.41 23.66 49.95
C ALA C 177 9.92 22.78 48.83
N CYS C 178 10.70 21.76 49.18
CA CYS C 178 11.22 20.82 48.20
C CYS C 178 11.56 19.47 48.82
N THR C 179 11.60 18.44 47.99
CA THR C 179 11.99 17.10 48.41
C THR C 179 13.52 17.02 48.39
N PRO C 180 14.12 16.42 49.44
CA PRO C 180 15.57 16.31 49.59
C PRO C 180 16.28 15.79 48.33
N ARG C 181 15.57 15.01 47.53
CA ARG C 181 16.07 14.57 46.23
C ARG C 181 15.99 15.72 45.22
N ALA C 182 14.77 16.20 44.98
CA ALA C 182 14.52 17.23 43.96
C ALA C 182 15.22 18.56 44.21
N LEU C 183 15.83 18.72 45.38
CA LEU C 183 16.58 19.93 45.72
C LEU C 183 17.57 20.31 44.63
N LYS C 184 18.30 19.33 44.12
CA LYS C 184 19.31 19.55 43.08
C LYS C 184 18.75 20.23 41.84
N TYR C 185 17.44 20.10 41.63
CA TYR C 185 16.79 20.79 40.53
C TYR C 185 16.66 22.28 40.83
N VAL C 186 16.12 22.59 42.01
CA VAL C 186 15.82 23.97 42.37
C VAL C 186 17.11 24.79 42.57
N LEU C 187 18.23 24.08 42.70
CA LEU C 187 19.54 24.72 42.72
C LEU C 187 19.96 25.09 41.30
N ALA C 188 19.77 24.15 40.37
CA ALA C 188 20.12 24.38 38.97
C ALA C 188 19.38 25.59 38.46
N LEU C 189 18.07 25.60 38.70
CA LEU C 189 17.22 26.75 38.40
C LEU C 189 17.82 28.02 38.99
N ARG C 190 18.23 27.94 40.26
CA ARG C 190 18.79 29.08 40.96
C ARG C 190 20.06 29.56 40.27
N ALA C 191 20.81 28.62 39.69
CA ALA C 191 22.04 28.97 39.00
C ALA C 191 21.78 29.46 37.59
N SER C 192 20.56 29.23 37.08
CA SER C 192 20.23 29.60 35.72
C SER C 192 19.68 31.02 35.64
N THR C 193 19.42 31.64 36.77
CA THR C 193 18.87 33.00 36.79
C THR C 193 19.64 33.92 37.75
N HIS C 194 19.60 35.21 37.44
CA HIS C 194 20.21 36.21 38.30
C HIS C 194 19.24 36.60 39.40
N PHE C 195 17.98 36.18 39.25
CA PHE C 195 16.96 36.39 40.27
C PHE C 195 17.18 35.47 41.46
N ASP C 196 16.60 35.82 42.60
CA ASP C 196 16.74 35.02 43.81
C ASP C 196 15.71 33.90 43.82
N ILE C 197 16.20 32.66 43.83
CA ILE C 197 15.34 31.49 43.94
C ILE C 197 15.44 30.93 45.35
N ARG C 198 14.34 31.01 46.10
CA ARG C 198 14.34 30.63 47.50
C ARG C 198 13.51 29.37 47.78
N ILE C 199 13.92 28.63 48.80
CA ILE C 199 13.13 27.51 49.30
C ILE C 199 12.83 27.74 50.79
N SER C 200 11.59 27.48 51.20
CA SER C 200 11.19 27.74 52.58
C SER C 200 11.86 26.75 53.52
N ASP C 201 11.66 25.47 53.23
CA ASP C 201 12.25 24.38 54.00
C ASP C 201 12.37 23.17 53.09
N ILE C 202 13.17 22.19 53.51
CA ILE C 202 13.33 20.97 52.72
C ILE C 202 12.74 19.78 53.48
N SER C 203 11.61 19.29 53.00
CA SER C 203 10.88 18.22 53.71
C SER C 203 10.34 17.18 52.74
N PRO C 204 10.42 15.89 53.14
CA PRO C 204 9.87 14.77 52.37
C PRO C 204 8.35 14.75 52.41
N PHE C 205 7.76 15.46 53.36
CA PHE C 205 6.32 15.38 53.58
C PHE C 205 5.50 16.32 52.70
N ASN C 206 4.36 15.82 52.23
CA ASN C 206 3.37 16.64 51.56
C ASN C 206 2.06 16.59 52.34
N LYS C 207 1.24 17.63 52.24
CA LYS C 207 0.06 17.73 53.10
C LYS C 207 -1.14 17.07 52.44
N ALA C 208 -1.61 15.98 53.02
CA ALA C 208 -2.75 15.25 52.46
C ALA C 208 -4.05 15.65 53.14
N VAL C 209 -5.07 15.92 52.33
CA VAL C 209 -6.39 16.31 52.86
C VAL C 209 -7.49 15.64 52.04
N THR C 210 -8.74 16.01 52.30
CA THR C 210 -9.87 15.41 51.59
C THR C 210 -10.82 16.45 50.99
N VAL C 211 -10.93 16.44 49.66
CA VAL C 211 -11.87 17.31 48.95
C VAL C 211 -13.18 16.57 48.74
N PRO C 212 -14.32 17.26 48.96
CA PRO C 212 -15.66 16.68 48.81
C PRO C 212 -15.86 15.97 47.47
N LYS C 213 -16.47 14.79 47.52
CA LYS C 213 -16.72 13.98 46.33
C LYS C 213 -18.19 13.57 46.29
N ASN C 214 -18.60 12.78 47.28
CA ASN C 214 -19.96 12.27 47.37
C ASN C 214 -20.48 12.45 48.80
N SER C 215 -21.77 12.23 49.01
CA SER C 215 -22.35 12.34 50.34
C SER C 215 -21.87 11.22 51.27
N LYS C 216 -21.77 10.01 50.72
CA LYS C 216 -21.32 8.86 51.50
C LYS C 216 -19.81 8.81 51.67
N THR C 217 -19.07 9.40 50.72
CA THR C 217 -17.62 9.42 50.80
C THR C 217 -17.00 10.64 50.13
N ASP C 218 -15.83 11.06 50.62
CA ASP C 218 -15.10 12.16 50.00
C ASP C 218 -14.04 11.61 49.06
N ARG C 219 -13.18 12.50 48.56
CA ARG C 219 -12.05 12.10 47.74
C ARG C 219 -10.77 12.51 48.43
N CYS C 220 -9.77 11.63 48.42
CA CYS C 220 -8.49 11.94 49.06
C CYS C 220 -7.54 12.64 48.10
N ILE C 221 -7.19 13.87 48.45
CA ILE C 221 -6.35 14.72 47.60
C ILE C 221 -5.02 15.03 48.28
N ALA C 222 -3.94 15.00 47.49
CA ALA C 222 -2.61 15.31 48.01
C ALA C 222 -2.18 16.72 47.62
N ILE C 223 -1.52 17.41 48.55
CA ILE C 223 -0.96 18.73 48.30
C ILE C 223 0.56 18.67 48.38
N GLU C 224 1.20 18.86 47.23
CA GLU C 224 2.64 18.71 47.07
C GLU C 224 3.37 20.02 47.35
N PRO C 225 4.68 19.93 47.65
CA PRO C 225 5.53 21.13 47.75
C PRO C 225 5.55 21.89 46.44
N GLY C 226 5.89 23.19 46.48
CA GLY C 226 5.81 24.03 45.31
C GLY C 226 6.73 23.70 44.16
N TRP C 227 8.04 23.63 44.44
CA TRP C 227 9.02 23.34 43.41
C TRP C 227 8.81 21.94 42.81
N ASN C 228 8.46 21.00 43.69
CA ASN C 228 8.14 19.64 43.25
C ASN C 228 7.06 19.67 42.18
N MET C 229 5.95 20.34 42.47
CA MET C 229 4.89 20.54 41.49
C MET C 229 5.41 21.24 40.23
N PHE C 230 6.28 22.23 40.43
CA PHE C 230 6.87 22.99 39.34
C PHE C 230 7.54 22.09 38.30
N PHE C 231 8.36 21.15 38.76
CA PHE C 231 9.03 20.21 37.84
C PHE C 231 8.16 19.02 37.38
N GLN C 232 7.32 18.54 38.30
CA GLN C 232 6.40 17.44 38.03
C GLN C 232 5.49 17.79 36.87
N LEU C 233 5.00 19.03 36.86
CA LEU C 233 4.17 19.50 35.75
C LEU C 233 4.99 19.52 34.45
N GLY C 234 6.30 19.65 34.57
CA GLY C 234 7.18 19.57 33.41
C GLY C 234 7.22 18.18 32.82
N ILE C 235 7.56 17.18 33.64
CA ILE C 235 7.63 15.81 33.13
C ILE C 235 6.26 15.27 32.73
N GLY C 236 5.23 15.69 33.45
CA GLY C 236 3.87 15.32 33.10
C GLY C 236 3.50 15.97 31.78
N GLY C 237 4.01 17.19 31.58
CA GLY C 237 3.81 17.90 30.33
C GLY C 237 4.39 17.14 29.16
N ILE C 238 5.65 16.73 29.26
CA ILE C 238 6.29 15.99 28.17
C ILE C 238 5.68 14.59 28.01
N LEU C 239 5.14 14.03 29.09
CA LEU C 239 4.42 12.77 29.01
C LEU C 239 3.16 12.94 28.17
N ARG C 240 2.39 13.99 28.46
CA ARG C 240 1.19 14.31 27.71
C ARG C 240 1.53 14.57 26.24
N ASP C 241 2.64 15.25 26.01
CA ASP C 241 3.10 15.48 24.65
C ASP C 241 3.47 14.17 23.94
N ARG C 242 3.98 13.21 24.71
CA ARG C 242 4.43 11.94 24.15
C ARG C 242 3.28 10.99 23.88
N LEU C 243 2.19 11.15 24.63
CA LEU C 243 1.03 10.25 24.51
C LEU C 243 0.21 10.44 23.24
N ARG C 244 0.52 11.46 22.45
CA ARG C 244 -0.20 11.69 21.19
C ARG C 244 0.14 10.64 20.14
N CYS C 245 1.36 10.13 20.18
CA CYS C 245 1.78 9.10 19.24
C CYS C 245 1.03 7.79 19.44
N TRP C 246 0.48 7.62 20.65
CA TRP C 246 -0.36 6.46 20.95
C TRP C 246 -1.82 6.78 20.67
N GLY C 247 -2.07 7.97 20.13
CA GLY C 247 -3.41 8.39 19.80
C GLY C 247 -4.22 8.76 21.03
N ILE C 248 -3.54 9.28 22.04
CA ILE C 248 -4.20 9.71 23.26
C ILE C 248 -4.11 11.23 23.47
N ASP C 249 -5.25 11.90 23.34
CA ASP C 249 -5.32 13.34 23.58
C ASP C 249 -5.91 13.59 24.96
N LEU C 250 -5.09 14.12 25.86
CA LEU C 250 -5.53 14.37 27.23
C LEU C 250 -6.14 15.75 27.37
N ASN C 251 -6.00 16.57 26.33
CA ASN C 251 -6.62 17.88 26.29
C ASN C 251 -8.04 17.80 25.74
N ASP C 252 -8.36 16.66 25.15
CA ASP C 252 -9.69 16.43 24.60
C ASP C 252 -10.29 15.12 25.12
N GLN C 253 -11.34 15.24 25.91
CA GLN C 253 -11.99 14.08 26.54
C GLN C 253 -13.22 13.59 25.80
N THR C 254 -13.57 14.23 24.69
CA THR C 254 -14.80 13.90 23.96
C THR C 254 -14.72 12.60 23.16
N ILE C 255 -13.51 12.20 22.80
CA ILE C 255 -13.29 10.97 22.04
C ILE C 255 -13.77 9.74 22.81
N ASN C 256 -13.39 9.66 24.08
CA ASN C 256 -13.81 8.57 24.95
C ASN C 256 -15.33 8.53 25.12
N GLN C 257 -15.96 9.70 25.13
CA GLN C 257 -17.41 9.80 25.21
C GLN C 257 -18.07 9.24 23.96
N ARG C 258 -17.55 9.66 22.80
CA ARG C 258 -18.06 9.16 21.52
C ARG C 258 -17.93 7.64 21.42
N ARG C 259 -16.78 7.12 21.84
CA ARG C 259 -16.54 5.68 21.80
C ARG C 259 -17.39 4.93 22.82
N ALA C 260 -17.71 5.58 23.93
CA ALA C 260 -18.64 5.02 24.90
C ALA C 260 -20.03 4.93 24.26
N HIS C 261 -20.39 5.95 23.48
CA HIS C 261 -21.64 5.92 22.74
C HIS C 261 -21.63 4.80 21.71
N GLU C 262 -20.46 4.51 21.16
CA GLU C 262 -20.33 3.40 20.22
C GLU C 262 -20.53 2.06 20.93
N GLY C 263 -19.93 1.93 22.11
CA GLY C 263 -20.07 0.73 22.90
C GLY C 263 -21.47 0.57 23.47
N SER C 264 -22.24 1.65 23.45
CA SER C 264 -23.63 1.61 23.89
C SER C 264 -24.48 0.71 23.00
N VAL C 265 -24.32 0.85 21.68
CA VAL C 265 -25.13 0.12 20.71
C VAL C 265 -24.50 -1.21 20.29
N THR C 266 -23.34 -1.14 19.64
CA THR C 266 -22.63 -2.32 19.14
C THR C 266 -22.31 -3.31 20.27
N ASN C 267 -22.01 -2.76 21.45
CA ASN C 267 -21.62 -3.54 22.62
C ASN C 267 -20.34 -4.36 22.38
N ASN C 268 -19.57 -3.96 21.38
CA ASN C 268 -18.25 -4.54 21.16
C ASN C 268 -17.18 -3.88 22.02
N LEU C 269 -17.32 -2.57 22.21
CA LEU C 269 -16.35 -1.79 22.98
C LEU C 269 -16.76 -1.68 24.45
N ALA C 270 -15.87 -2.15 25.32
CA ALA C 270 -16.13 -2.11 26.75
C ALA C 270 -15.39 -0.96 27.43
N THR C 271 -16.05 -0.35 28.40
CA THR C 271 -15.46 0.71 29.20
C THR C 271 -15.07 0.20 30.58
N VAL C 272 -13.98 0.72 31.12
CA VAL C 272 -13.55 0.37 32.46
C VAL C 272 -13.10 1.61 33.24
N ASP C 273 -13.64 1.77 34.44
CA ASP C 273 -13.34 2.90 35.31
C ASP C 273 -12.53 2.43 36.50
N LEU C 274 -11.67 3.31 37.00
CA LEU C 274 -10.83 2.99 38.15
C LEU C 274 -10.85 4.11 39.20
N SER C 275 -11.34 3.78 40.38
CA SER C 275 -11.51 4.74 41.47
C SER C 275 -10.22 4.93 42.25
N ALA C 276 -9.75 3.85 42.86
CA ALA C 276 -8.61 3.88 43.75
C ALA C 276 -7.31 3.82 42.96
N ALA C 277 -7.43 3.86 41.64
CA ALA C 277 -6.28 3.82 40.73
C ALA C 277 -5.16 4.77 41.12
N SER C 278 -5.54 6.00 41.48
CA SER C 278 -4.57 7.01 41.89
C SER C 278 -3.70 6.50 43.04
N ASP C 279 -4.33 5.84 43.99
CA ASP C 279 -3.62 5.28 45.13
C ASP C 279 -3.15 3.86 44.83
N SER C 280 -3.60 3.31 43.71
CA SER C 280 -3.29 1.92 43.34
C SER C 280 -1.93 1.70 42.69
N ILE C 281 -1.40 2.72 42.01
CA ILE C 281 -0.20 2.53 41.21
C ILE C 281 1.02 2.26 42.09
N SER C 282 1.66 1.12 41.86
CA SER C 282 2.77 0.67 42.69
C SER C 282 4.09 1.34 42.32
N LEU C 283 4.98 1.45 43.30
CA LEU C 283 6.35 1.85 43.06
C LEU C 283 7.01 0.80 42.18
N ALA C 284 6.87 -0.45 42.60
CA ALA C 284 7.47 -1.59 41.91
C ALA C 284 6.99 -1.68 40.47
N LEU C 285 5.68 -1.56 40.27
CA LEU C 285 5.09 -1.58 38.93
C LEU C 285 5.73 -0.54 38.02
N CYS C 286 6.09 0.60 38.61
CA CYS C 286 6.75 1.66 37.86
C CYS C 286 8.22 1.35 37.62
N GLU C 287 8.88 0.73 38.60
CA GLU C 287 10.29 0.38 38.46
C GLU C 287 10.46 -0.71 37.41
N LEU C 288 9.39 -1.47 37.17
CA LEU C 288 9.38 -2.48 36.13
C LEU C 288 9.00 -1.86 34.79
N LEU C 289 7.79 -1.32 34.71
CA LEU C 289 7.27 -0.73 33.48
C LEU C 289 8.06 0.46 32.93
N LEU C 290 8.81 1.13 33.78
CA LEU C 290 9.51 2.35 33.34
C LEU C 290 11.02 2.16 33.38
N PRO C 291 11.71 2.79 32.42
CA PRO C 291 13.18 2.77 32.40
C PRO C 291 13.70 3.56 33.57
N PRO C 292 14.81 3.11 34.17
CA PRO C 292 15.38 3.75 35.36
C PRO C 292 15.68 5.24 35.14
N GLY C 293 15.85 5.64 33.88
CA GLY C 293 16.05 7.04 33.56
C GLY C 293 14.87 7.91 33.92
N TRP C 294 13.67 7.44 33.59
CA TRP C 294 12.44 8.15 33.96
C TRP C 294 12.10 7.90 35.42
N PHE C 295 12.39 6.69 35.89
CA PHE C 295 12.08 6.30 37.25
C PHE C 295 12.87 7.13 38.26
N GLU C 296 14.08 7.52 37.88
CA GLU C 296 14.93 8.30 38.78
C GLU C 296 14.39 9.71 39.01
N VAL C 297 14.02 10.40 37.93
CA VAL C 297 13.45 11.74 38.05
C VAL C 297 12.05 11.68 38.66
N LEU C 298 11.34 10.58 38.43
CA LEU C 298 10.04 10.35 39.06
C LEU C 298 10.17 10.22 40.57
N MET C 299 11.15 9.44 41.01
CA MET C 299 11.41 9.25 42.42
C MET C 299 11.91 10.55 43.06
N ASP C 300 12.74 11.28 42.33
CA ASP C 300 13.25 12.56 42.79
C ASP C 300 12.14 13.57 43.03
N LEU C 301 11.34 13.81 42.01
CA LEU C 301 10.33 14.87 42.04
C LEU C 301 9.14 14.56 42.97
N ARG C 302 8.84 13.27 43.15
CA ARG C 302 7.70 12.85 43.95
C ARG C 302 7.93 13.05 45.45
N SER C 303 6.83 13.09 46.20
CA SER C 303 6.90 13.13 47.66
C SER C 303 6.88 11.70 48.20
N PRO C 304 8.00 11.27 48.78
CA PRO C 304 8.16 9.91 49.31
C PRO C 304 7.29 9.68 50.56
N LYS C 305 7.17 10.70 51.39
CA LYS C 305 6.37 10.62 52.60
C LYS C 305 5.20 11.57 52.52
N GLY C 306 4.38 11.57 53.56
CA GLY C 306 3.19 12.40 53.60
C GLY C 306 2.67 12.59 55.00
N ARG C 307 1.90 13.66 55.20
CA ARG C 307 1.36 13.98 56.51
C ARG C 307 -0.15 14.18 56.45
N LEU C 308 -0.84 13.76 57.50
CA LEU C 308 -2.29 13.83 57.57
C LEU C 308 -2.69 14.79 58.68
N PRO C 309 -3.92 15.35 58.60
CA PRO C 309 -4.40 16.28 59.63
C PRO C 309 -4.41 15.66 61.02
N ASP C 310 -4.40 14.33 61.09
CA ASP C 310 -4.30 13.62 62.35
C ASP C 310 -2.90 13.75 62.95
N GLY C 311 -1.98 14.32 62.17
CA GLY C 311 -0.61 14.49 62.61
C GLY C 311 0.23 13.28 62.23
N SER C 312 -0.45 12.18 61.93
CA SER C 312 0.20 10.94 61.55
C SER C 312 0.92 11.07 60.21
N VAL C 313 2.00 10.32 60.05
CA VAL C 313 2.75 10.32 58.81
C VAL C 313 2.64 8.98 58.09
N VAL C 314 2.71 9.01 56.77
CA VAL C 314 2.66 7.79 55.97
C VAL C 314 3.69 7.83 54.85
N THR C 315 4.51 6.79 54.77
CA THR C 315 5.41 6.63 53.64
C THR C 315 4.65 5.99 52.48
N TYR C 316 4.77 6.59 51.30
CA TYR C 316 3.93 6.20 50.17
C TYR C 316 4.40 4.93 49.46
N GLU C 317 3.52 3.94 49.40
CA GLU C 317 3.74 2.72 48.62
C GLU C 317 3.43 3.06 47.17
N LYS C 318 2.48 3.98 46.99
CA LYS C 318 2.14 4.50 45.67
C LYS C 318 3.19 5.49 45.20
N ILE C 319 3.26 5.71 43.90
CA ILE C 319 4.13 6.73 43.33
C ILE C 319 3.53 8.10 43.62
N SER C 320 2.34 8.35 43.06
CA SER C 320 1.66 9.62 43.25
C SER C 320 0.16 9.44 43.27
N SER C 321 -0.51 10.19 44.15
CA SER C 321 -1.96 10.25 44.14
C SER C 321 -2.41 11.50 43.40
N MET C 322 -3.71 11.78 43.46
CA MET C 322 -4.27 13.00 42.87
C MET C 322 -3.60 14.23 43.46
N GLY C 323 -3.47 15.28 42.66
CA GLY C 323 -2.82 16.50 43.12
C GLY C 323 -1.33 16.49 42.84
N ASN C 324 -0.91 15.65 41.91
CA ASN C 324 0.48 15.57 41.48
C ASN C 324 0.57 16.00 40.02
N GLY C 325 1.73 16.50 39.61
CA GLY C 325 1.91 16.99 38.26
C GLY C 325 1.75 15.93 37.19
N TYR C 326 2.49 14.84 37.30
CA TYR C 326 2.51 13.81 36.28
C TYR C 326 1.59 12.61 36.52
N THR C 327 0.92 12.57 37.67
CA THR C 327 0.13 11.39 38.06
C THR C 327 -0.95 11.01 37.05
N PHE C 328 -1.64 12.01 36.49
CA PHE C 328 -2.68 11.81 35.50
C PHE C 328 -2.07 11.23 34.23
N GLU C 329 -1.06 11.92 33.72
CA GLU C 329 -0.35 11.50 32.53
C GLU C 329 0.32 10.16 32.72
N LEU C 330 0.86 9.92 33.92
CA LEU C 330 1.55 8.67 34.22
C LEU C 330 0.61 7.48 34.25
N GLU C 331 -0.48 7.59 35.01
CA GLU C 331 -1.44 6.49 35.07
C GLU C 331 -2.10 6.26 33.71
N SER C 332 -2.30 7.35 32.95
CA SER C 332 -2.79 7.22 31.59
C SER C 332 -1.83 6.39 30.75
N LEU C 333 -0.55 6.77 30.76
CA LEU C 333 0.48 6.05 30.02
C LEU C 333 0.58 4.57 30.40
N ILE C 334 0.55 4.30 31.70
CA ILE C 334 0.66 2.94 32.21
C ILE C 334 -0.55 2.08 31.79
N PHE C 335 -1.76 2.58 32.05
CA PHE C 335 -2.98 1.89 31.66
C PHE C 335 -2.97 1.62 30.15
N ALA C 336 -2.51 2.61 29.39
CA ALA C 336 -2.38 2.48 27.95
C ALA C 336 -1.41 1.36 27.57
N SER C 337 -0.26 1.32 28.24
CA SER C 337 0.74 0.29 27.98
C SER C 337 0.20 -1.10 28.24
N LEU C 338 -0.36 -1.30 29.43
CA LEU C 338 -0.93 -2.59 29.81
C LEU C 338 -2.05 -3.04 28.88
N ALA C 339 -2.97 -2.13 28.59
CA ALA C 339 -4.11 -2.45 27.74
C ALA C 339 -3.71 -2.75 26.30
N ARG C 340 -2.81 -1.93 25.75
CA ARG C 340 -2.27 -2.15 24.42
C ARG C 340 -1.56 -3.49 24.33
N SER C 341 -0.82 -3.83 25.39
CA SER C 341 -0.15 -5.11 25.48
C SER C 341 -1.17 -6.25 25.46
N VAL C 342 -2.23 -6.11 26.28
CA VAL C 342 -3.30 -7.09 26.33
C VAL C 342 -3.93 -7.30 24.96
N CYS C 343 -4.27 -6.21 24.28
CA CYS C 343 -4.87 -6.28 22.95
C CYS C 343 -3.90 -6.84 21.91
N GLU C 344 -2.60 -6.70 22.18
CA GLU C 344 -1.59 -7.21 21.26
C GLU C 344 -1.40 -8.73 21.42
N ILE C 345 -1.49 -9.21 22.64
CA ILE C 345 -1.42 -10.65 22.92
C ILE C 345 -2.58 -11.36 22.26
N LEU C 346 -3.74 -10.72 22.26
CA LEU C 346 -4.97 -11.32 21.75
C LEU C 346 -5.12 -11.08 20.25
N ASP C 347 -4.08 -10.51 19.64
CA ASP C 347 -4.05 -10.22 18.21
C ASP C 347 -5.18 -9.27 17.81
N LEU C 348 -5.32 -8.19 18.57
CA LEU C 348 -6.33 -7.17 18.32
C LEU C 348 -5.65 -5.86 18.00
N ASP C 349 -6.38 -4.97 17.32
CA ASP C 349 -5.86 -3.64 17.00
C ASP C 349 -5.50 -2.90 18.28
N SER C 350 -4.27 -2.38 18.34
CA SER C 350 -3.79 -1.66 19.51
C SER C 350 -4.32 -0.23 19.54
N SER C 351 -4.88 0.22 18.42
CA SER C 351 -5.46 1.56 18.35
C SER C 351 -6.92 1.53 18.80
N GLU C 352 -7.39 0.35 19.17
CA GLU C 352 -8.75 0.18 19.66
C GLU C 352 -8.89 0.68 21.09
N VAL C 353 -7.79 0.60 21.85
CA VAL C 353 -7.79 1.04 23.23
C VAL C 353 -7.46 2.52 23.39
N THR C 354 -8.34 3.25 24.07
CA THR C 354 -8.13 4.66 24.35
C THR C 354 -8.26 4.93 25.84
N VAL C 355 -7.32 5.67 26.40
CA VAL C 355 -7.29 5.93 27.84
C VAL C 355 -7.21 7.42 28.16
N TYR C 356 -8.18 7.91 28.92
CA TYR C 356 -8.13 9.27 29.44
C TYR C 356 -8.15 9.16 30.95
N GLY C 357 -7.03 9.49 31.59
CA GLY C 357 -6.91 9.28 33.02
C GLY C 357 -7.11 7.83 33.37
N ASP C 358 -8.07 7.56 34.25
CA ASP C 358 -8.43 6.21 34.63
C ASP C 358 -9.60 5.66 33.82
N ASP C 359 -10.15 6.49 32.93
CA ASP C 359 -11.26 6.06 32.08
C ASP C 359 -10.74 5.37 30.84
N ILE C 360 -11.09 4.09 30.67
CA ILE C 360 -10.55 3.29 29.58
C ILE C 360 -11.65 2.74 28.67
N ILE C 361 -11.39 2.67 27.37
CA ILE C 361 -12.27 1.99 26.43
C ILE C 361 -11.46 1.06 25.54
N LEU C 362 -11.74 -0.23 25.62
CA LEU C 362 -11.07 -1.23 24.77
C LEU C 362 -12.08 -2.31 24.43
N PRO C 363 -11.89 -3.02 23.31
CA PRO C 363 -12.83 -4.06 22.88
C PRO C 363 -13.17 -5.06 23.99
N SER C 364 -14.44 -5.44 24.08
CA SER C 364 -14.94 -6.25 25.19
C SER C 364 -14.22 -7.59 25.34
N CYS C 365 -13.86 -8.20 24.23
CA CYS C 365 -13.18 -9.49 24.22
C CYS C 365 -11.85 -9.45 24.98
N ALA C 366 -11.32 -8.25 25.18
CA ALA C 366 -10.05 -8.06 25.88
C ALA C 366 -10.22 -7.91 27.40
N VAL C 367 -11.46 -7.76 27.86
CA VAL C 367 -11.73 -7.54 29.28
C VAL C 367 -11.27 -8.65 30.26
N PRO C 368 -11.67 -9.92 30.01
CA PRO C 368 -11.32 -10.97 30.97
C PRO C 368 -9.81 -11.15 31.15
N ALA C 369 -9.04 -10.91 30.10
CA ALA C 369 -7.59 -10.97 30.19
C ALA C 369 -7.06 -9.73 30.90
N LEU C 370 -7.67 -8.58 30.60
CA LEU C 370 -7.28 -7.31 31.20
C LEU C 370 -7.50 -7.31 32.71
N ARG C 371 -8.65 -7.81 33.14
CA ARG C 371 -9.01 -7.84 34.56
C ARG C 371 -8.09 -8.79 35.33
N GLU C 372 -7.54 -9.78 34.63
CA GLU C 372 -6.57 -10.68 35.24
C GLU C 372 -5.21 -9.99 35.37
N VAL C 373 -4.87 -9.19 34.36
CA VAL C 373 -3.63 -8.41 34.38
C VAL C 373 -3.67 -7.36 35.48
N PHE C 374 -4.75 -6.58 35.52
CA PHE C 374 -4.89 -5.49 36.48
C PHE C 374 -4.91 -5.98 37.94
N LYS C 375 -5.58 -7.10 38.18
CA LYS C 375 -5.62 -7.68 39.52
C LYS C 375 -4.25 -8.22 39.93
N TYR C 376 -3.43 -8.53 38.95
CA TYR C 376 -2.07 -9.00 39.21
C TYR C 376 -1.15 -7.83 39.57
N VAL C 377 -1.36 -6.70 38.92
CA VAL C 377 -0.47 -5.54 39.11
C VAL C 377 -0.98 -4.56 40.17
N GLY C 378 -2.11 -4.87 40.80
CA GLY C 378 -2.61 -4.07 41.90
C GLY C 378 -3.78 -3.16 41.59
N PHE C 379 -4.38 -3.30 40.41
CA PHE C 379 -5.56 -2.53 40.06
C PHE C 379 -6.82 -3.37 40.26
N THR C 380 -7.69 -2.93 41.17
CA THR C 380 -8.93 -3.66 41.44
C THR C 380 -10.00 -3.34 40.40
N THR C 381 -10.79 -4.36 40.05
CA THR C 381 -11.81 -4.22 39.02
C THR C 381 -13.19 -4.07 39.66
N ASN C 382 -13.77 -2.88 39.53
CA ASN C 382 -15.07 -2.61 40.12
C ASN C 382 -16.18 -2.88 39.10
N THR C 383 -16.98 -3.92 39.36
CA THR C 383 -17.97 -4.40 38.41
C THR C 383 -19.17 -3.46 38.26
N LYS C 384 -19.46 -2.69 39.31
CA LYS C 384 -20.58 -1.76 39.27
C LYS C 384 -20.16 -0.40 38.70
N LYS C 385 -18.90 -0.33 38.28
CA LYS C 385 -18.38 0.83 37.54
C LYS C 385 -18.17 0.48 36.08
N THR C 386 -17.29 -0.49 35.83
CA THR C 386 -16.99 -0.95 34.48
C THR C 386 -18.14 -1.77 33.89
N PHE C 387 -18.44 -1.55 32.61
CA PHE C 387 -19.45 -2.35 31.92
C PHE C 387 -18.90 -2.95 30.62
N SER C 388 -18.73 -4.26 30.61
CA SER C 388 -18.29 -4.95 29.40
C SER C 388 -19.41 -5.62 28.62
N GLU C 389 -20.62 -5.60 29.19
CA GLU C 389 -21.72 -6.36 28.62
C GLU C 389 -23.02 -5.58 28.43
N GLY C 390 -23.59 -5.09 29.53
CA GLY C 390 -24.88 -4.42 29.48
C GLY C 390 -24.94 -3.23 28.55
N PRO C 391 -26.16 -2.85 28.14
CA PRO C 391 -26.42 -1.75 27.21
C PRO C 391 -25.90 -0.41 27.72
N PHE C 392 -25.59 -0.34 29.00
CA PHE C 392 -25.12 0.90 29.63
C PHE C 392 -23.60 1.04 29.63
N ARG C 393 -23.12 2.21 29.24
CA ARG C 393 -21.69 2.50 29.21
C ARG C 393 -21.42 3.93 29.66
N GLU C 394 -20.32 4.15 30.37
CA GLU C 394 -19.94 5.49 30.80
C GLU C 394 -18.44 5.75 30.70
N SER C 395 -18.08 6.90 30.14
CA SER C 395 -16.69 7.37 30.20
C SER C 395 -16.58 8.88 30.14
N CYS C 396 -15.66 9.43 30.93
CA CYS C 396 -15.34 10.86 30.93
C CYS C 396 -16.55 11.78 31.09
N GLY C 397 -17.43 11.46 32.04
CA GLY C 397 -18.54 12.33 32.37
C GLY C 397 -19.81 12.13 31.54
N LYS C 398 -19.78 11.18 30.61
CA LYS C 398 -20.95 10.91 29.78
C LYS C 398 -21.50 9.49 30.01
N HIS C 399 -22.82 9.39 30.08
CA HIS C 399 -23.48 8.12 30.32
C HIS C 399 -24.47 7.80 29.19
N TYR C 400 -24.32 6.63 28.59
CA TYR C 400 -25.17 6.22 27.48
C TYR C 400 -25.84 4.88 27.75
N TYR C 401 -27.08 4.75 27.32
CA TYR C 401 -27.81 3.49 27.43
C TYR C 401 -28.49 3.16 26.10
N SER C 402 -28.05 2.07 25.47
CA SER C 402 -28.59 1.61 24.20
C SER C 402 -28.61 2.68 23.09
N GLY C 403 -27.56 3.49 23.04
CA GLY C 403 -27.43 4.48 21.98
C GLY C 403 -27.83 5.89 22.36
N VAL C 404 -28.63 6.03 23.41
CA VAL C 404 -29.08 7.36 23.84
C VAL C 404 -28.36 7.83 25.11
N ASP C 405 -28.11 9.13 25.20
CA ASP C 405 -27.40 9.68 26.35
C ASP C 405 -28.33 9.81 27.54
N VAL C 406 -28.03 9.07 28.60
CA VAL C 406 -28.80 9.10 29.83
C VAL C 406 -28.17 10.01 30.88
N THR C 407 -27.11 10.71 30.50
CA THR C 407 -26.30 11.49 31.44
C THR C 407 -27.16 12.43 32.27
N PRO C 408 -27.10 12.28 33.61
CA PRO C 408 -27.92 13.03 34.57
C PRO C 408 -27.23 14.31 35.00
N PHE C 409 -27.83 14.99 35.97
CA PHE C 409 -27.23 16.16 36.58
C PHE C 409 -27.30 16.02 38.11
N TYR C 410 -26.55 16.85 38.82
CA TYR C 410 -26.46 16.73 40.27
C TYR C 410 -26.73 18.05 40.98
N ILE C 411 -27.46 17.99 42.09
CA ILE C 411 -27.56 19.14 42.98
C ILE C 411 -26.65 18.83 44.17
N ARG C 412 -25.50 19.51 44.20
CA ARG C 412 -24.46 19.18 45.17
C ARG C 412 -24.48 20.08 46.40
N HIS C 413 -25.35 21.08 46.40
CA HIS C 413 -25.36 22.06 47.47
C HIS C 413 -26.76 22.53 47.83
N ARG C 414 -26.94 22.88 49.10
CA ARG C 414 -28.19 23.47 49.55
C ARG C 414 -28.37 24.80 48.84
N ILE C 415 -29.51 24.97 48.18
CA ILE C 415 -29.75 26.19 47.43
C ILE C 415 -30.24 27.30 48.38
N VAL C 416 -29.64 28.47 48.22
CA VAL C 416 -29.96 29.63 49.05
C VAL C 416 -30.25 30.84 48.17
N SER C 417 -29.23 31.27 47.42
CA SER C 417 -29.36 32.37 46.48
C SER C 417 -30.14 31.96 45.24
N PRO C 418 -30.70 32.92 44.51
CA PRO C 418 -31.42 32.62 43.27
C PRO C 418 -30.49 32.05 42.20
N ALA C 419 -29.20 32.38 42.28
CA ALA C 419 -28.22 31.88 41.33
C ALA C 419 -28.14 30.35 41.32
N ASP C 420 -28.21 29.76 42.50
CA ASP C 420 -28.16 28.30 42.63
C ASP C 420 -29.41 27.68 42.02
N LEU C 421 -30.56 28.30 42.29
CA LEU C 421 -31.82 27.85 41.73
C LEU C 421 -31.78 27.92 40.21
N ILE C 422 -31.13 28.95 39.69
CA ILE C 422 -30.97 29.14 38.25
C ILE C 422 -30.04 28.07 37.67
N LEU C 423 -28.98 27.74 38.40
CA LEU C 423 -28.07 26.66 38.03
C LEU C 423 -28.83 25.36 37.89
N VAL C 424 -29.64 25.03 38.90
CA VAL C 424 -30.44 23.82 38.91
C VAL C 424 -31.48 23.80 37.78
N LEU C 425 -32.20 24.90 37.63
CA LEU C 425 -33.21 25.04 36.57
C LEU C 425 -32.59 24.88 35.19
N ASN C 426 -31.37 25.40 35.02
CA ASN C 426 -30.65 25.31 33.76
C ASN C 426 -30.15 23.89 33.50
N ASN C 427 -29.71 23.20 34.54
CA ASN C 427 -29.34 21.80 34.41
C ASN C 427 -30.54 20.95 33.99
N LEU C 428 -31.67 21.19 34.65
CA LEU C 428 -32.93 20.54 34.29
C LEU C 428 -33.31 20.85 32.86
N TYR C 429 -33.08 22.10 32.44
CA TYR C 429 -33.32 22.51 31.07
C TYR C 429 -32.50 21.66 30.11
N ARG C 430 -31.20 21.60 30.35
CA ARG C 430 -30.28 20.88 29.47
C ARG C 430 -30.57 19.37 29.44
N TRP C 431 -31.06 18.84 30.55
CA TRP C 431 -31.35 17.41 30.64
C TRP C 431 -32.67 17.04 29.97
N ALA C 432 -33.68 17.87 30.18
CA ALA C 432 -35.04 17.56 29.74
C ALA C 432 -35.42 18.13 28.37
N THR C 433 -34.46 18.78 27.69
CA THR C 433 -34.76 19.41 26.40
C THR C 433 -34.01 18.74 25.25
N ILE C 434 -34.59 18.83 24.05
CA ILE C 434 -33.90 18.41 22.84
C ILE C 434 -33.94 19.55 21.83
N ASP C 435 -32.77 20.12 21.54
CA ASP C 435 -32.63 21.25 20.63
C ASP C 435 -33.54 22.42 21.02
N GLY C 436 -33.78 22.58 22.31
CA GLY C 436 -34.57 23.68 22.82
C GLY C 436 -36.05 23.40 22.96
N VAL C 437 -36.44 22.13 22.96
CA VAL C 437 -37.85 21.77 23.12
C VAL C 437 -38.11 21.03 24.43
N TRP C 438 -39.02 21.56 25.23
CA TRP C 438 -39.30 21.03 26.58
C TRP C 438 -40.10 19.73 26.58
N ASP C 439 -39.59 18.75 27.34
CA ASP C 439 -40.37 17.55 27.65
C ASP C 439 -41.49 17.99 28.59
N PRO C 440 -42.75 17.82 28.15
CA PRO C 440 -43.93 18.31 28.84
C PRO C 440 -44.06 17.81 30.28
N ARG C 441 -43.31 16.76 30.62
CA ARG C 441 -43.29 16.22 31.97
C ARG C 441 -42.52 17.13 32.92
N ALA C 442 -41.23 17.31 32.67
CA ALA C 442 -40.39 18.14 33.52
C ALA C 442 -40.71 19.64 33.41
N HIS C 443 -41.34 20.03 32.31
CA HIS C 443 -41.64 21.43 32.04
C HIS C 443 -42.49 22.07 33.14
N SER C 444 -43.45 21.33 33.66
CA SER C 444 -44.33 21.84 34.71
C SER C 444 -43.58 22.08 36.03
N VAL C 445 -42.66 21.17 36.36
CA VAL C 445 -41.82 21.32 37.53
C VAL C 445 -40.93 22.55 37.37
N TYR C 446 -40.33 22.68 36.19
CA TYR C 446 -39.54 23.85 35.85
C TYR C 446 -40.32 25.12 36.09
N LEU C 447 -41.41 25.27 35.34
CA LEU C 447 -42.30 26.44 35.45
C LEU C 447 -42.74 26.72 36.89
N LYS C 448 -42.97 25.66 37.67
CA LYS C 448 -43.43 25.82 39.04
C LYS C 448 -42.33 26.43 39.90
N TYR C 449 -41.15 25.82 39.89
CA TYR C 449 -40.04 26.30 40.71
C TYR C 449 -39.40 27.58 40.17
N ARG C 450 -39.80 27.97 38.96
CA ARG C 450 -39.30 29.19 38.34
C ARG C 450 -40.03 30.40 38.94
N LYS C 451 -41.11 30.12 39.66
CA LYS C 451 -41.87 31.16 40.34
C LYS C 451 -41.25 31.50 41.70
N LEU C 452 -40.20 30.77 42.07
CA LEU C 452 -39.46 31.07 43.29
C LEU C 452 -38.46 32.19 43.03
N LEU C 453 -38.24 32.49 41.76
CA LEU C 453 -37.32 33.54 41.36
C LEU C 453 -38.04 34.89 41.29
N PRO C 454 -37.33 35.97 41.64
CA PRO C 454 -37.85 37.32 41.44
C PRO C 454 -38.19 37.55 39.96
N LYS C 455 -39.18 38.39 39.70
CA LYS C 455 -39.74 38.61 38.37
C LYS C 455 -38.69 38.90 37.29
N GLN C 456 -37.78 39.83 37.61
CA GLN C 456 -36.73 40.22 36.66
C GLN C 456 -35.71 39.10 36.47
N LEU C 457 -35.59 38.24 37.48
CA LEU C 457 -34.73 37.05 37.37
C LEU C 457 -35.46 35.91 36.68
N GLN C 458 -36.80 36.03 36.60
CA GLN C 458 -37.59 35.08 35.83
C GLN C 458 -37.45 35.39 34.35
N ARG C 459 -37.90 36.58 33.96
CA ARG C 459 -37.96 36.97 32.56
C ARG C 459 -36.62 37.22 31.87
N ASN C 460 -35.54 37.20 32.64
CA ASN C 460 -34.20 37.38 32.05
C ASN C 460 -33.64 36.06 31.53
N THR C 461 -33.38 36.01 30.23
CA THR C 461 -32.92 34.78 29.57
C THR C 461 -31.67 34.97 28.72
N ILE C 462 -30.88 33.91 28.60
CA ILE C 462 -29.66 33.91 27.80
C ILE C 462 -29.59 32.62 26.97
N PRO C 463 -28.74 32.58 25.95
CA PRO C 463 -28.56 31.32 25.21
C PRO C 463 -27.84 30.26 26.05
N ASP C 464 -27.66 29.07 25.49
CA ASP C 464 -26.99 27.97 26.18
C ASP C 464 -25.49 28.02 25.93
N GLY C 465 -24.70 27.68 26.95
CA GLY C 465 -23.25 27.68 26.84
C GLY C 465 -22.65 29.01 27.22
N TYR C 466 -23.50 29.97 27.55
CA TYR C 466 -23.05 31.31 27.93
C TYR C 466 -22.85 31.44 29.43
N GLY C 467 -23.02 30.32 30.14
CA GLY C 467 -22.89 30.32 31.57
C GLY C 467 -24.24 30.23 32.26
N ASP C 468 -24.21 30.07 33.58
CA ASP C 468 -25.42 29.87 34.37
C ASP C 468 -25.99 31.15 34.97
N GLY C 469 -25.43 32.30 34.58
CA GLY C 469 -25.86 33.59 35.11
C GLY C 469 -27.30 33.98 34.83
N ALA C 470 -28.01 33.17 34.04
CA ALA C 470 -29.44 33.39 33.82
C ALA C 470 -30.13 32.11 33.35
N LEU C 471 -31.44 32.20 33.14
CA LEU C 471 -32.21 31.06 32.67
C LEU C 471 -32.02 30.87 31.16
N VAL C 472 -31.73 29.64 30.75
CA VAL C 472 -31.54 29.34 29.33
C VAL C 472 -32.88 29.24 28.60
N GLY C 473 -33.00 29.93 27.48
CA GLY C 473 -34.23 29.99 26.71
C GLY C 473 -34.01 30.83 25.48
N SER C 474 -35.09 31.32 24.87
CA SER C 474 -34.99 32.17 23.70
C SER C 474 -34.63 33.61 24.13
N VAL C 475 -33.48 34.09 23.66
CA VAL C 475 -32.96 35.39 24.08
C VAL C 475 -33.54 36.53 23.24
N LEU C 476 -34.22 36.17 22.16
CA LEU C 476 -34.82 37.15 21.28
C LEU C 476 -36.04 37.76 21.94
N ILE C 477 -36.65 37.01 22.85
CA ILE C 477 -37.83 37.45 23.58
C ILE C 477 -37.42 38.10 24.91
N ASN C 478 -36.11 38.19 25.15
CA ASN C 478 -35.59 38.77 26.38
C ASN C 478 -35.73 40.29 26.42
N PRO C 479 -36.50 40.79 27.40
CA PRO C 479 -36.78 42.23 27.55
C PRO C 479 -35.56 43.01 28.01
N PHE C 480 -34.60 42.32 28.63
CA PHE C 480 -33.41 42.97 29.15
C PHE C 480 -32.29 43.01 28.13
N ALA C 481 -32.59 42.52 26.92
CA ALA C 481 -31.58 42.52 25.86
C ALA C 481 -31.46 43.93 25.29
N LYS C 482 -30.25 44.48 25.35
CA LYS C 482 -30.02 45.82 24.84
C LYS C 482 -29.08 45.79 23.65
N ASN C 483 -29.49 46.44 22.56
CA ASN C 483 -28.69 46.45 21.35
C ASN C 483 -27.91 47.76 21.27
N ARG C 484 -26.61 47.67 21.49
CA ARG C 484 -25.72 48.82 21.49
C ARG C 484 -24.70 48.65 20.38
N GLY C 485 -24.78 49.51 19.37
CA GLY C 485 -24.13 49.22 18.11
C GLY C 485 -25.00 48.18 17.45
N TRP C 486 -24.42 47.29 16.68
CA TRP C 486 -25.17 46.14 16.16
C TRP C 486 -24.95 44.86 16.97
N ILE C 487 -24.15 44.96 18.02
CA ILE C 487 -23.92 43.85 18.93
C ILE C 487 -25.01 43.83 20.00
N ARG C 488 -25.48 42.64 20.34
CA ARG C 488 -26.55 42.49 21.32
C ARG C 488 -25.99 42.08 22.68
N TYR C 489 -26.26 42.89 23.70
CA TYR C 489 -25.78 42.61 25.04
C TYR C 489 -26.90 42.18 25.99
N VAL C 490 -26.57 41.29 26.91
CA VAL C 490 -27.52 40.83 27.91
C VAL C 490 -26.84 40.74 29.28
N PRO C 491 -27.54 41.15 30.35
CA PRO C 491 -27.00 41.09 31.71
C PRO C 491 -27.00 39.68 32.30
N VAL C 492 -26.00 39.37 33.12
CA VAL C 492 -25.92 38.07 33.79
C VAL C 492 -25.47 38.23 35.24
N ILE C 493 -25.81 37.24 36.07
CA ILE C 493 -25.32 37.18 37.44
C ILE C 493 -23.82 36.85 37.40
N THR C 494 -23.04 37.53 38.23
CA THR C 494 -21.60 37.32 38.28
C THR C 494 -21.17 37.37 39.73
N ASP C 495 -20.31 36.45 40.14
CA ASP C 495 -19.81 36.45 41.51
C ASP C 495 -19.07 37.75 41.79
N HIS C 496 -19.48 38.45 42.83
CA HIS C 496 -18.91 39.75 43.16
C HIS C 496 -17.52 39.61 43.76
N THR C 497 -16.56 40.33 43.20
CA THR C 497 -15.17 40.23 43.63
C THR C 497 -14.58 41.58 43.98
N ARG C 498 -13.80 41.62 45.06
CA ARG C 498 -13.01 42.80 45.39
C ARG C 498 -11.53 42.46 45.23
N ASP C 499 -10.79 43.36 44.59
CA ASP C 499 -9.41 43.08 44.21
C ASP C 499 -8.49 42.93 45.41
N ARG C 500 -7.40 42.19 45.23
CA ARG C 500 -6.38 42.05 46.25
C ARG C 500 -5.07 42.60 45.73
N GLU C 501 -4.17 42.96 46.65
CA GLU C 501 -2.83 43.39 46.27
C GLU C 501 -2.10 42.19 45.71
N ARG C 502 -1.25 42.42 44.71
CA ARG C 502 -0.51 41.33 44.09
C ARG C 502 0.98 41.48 44.35
N ALA C 503 1.70 40.38 44.30
CA ALA C 503 3.14 40.42 44.45
C ALA C 503 3.75 40.93 43.16
N GLU C 504 4.49 42.02 43.25
CA GLU C 504 5.06 42.66 42.07
C GLU C 504 6.21 41.89 41.46
N LEU C 505 7.20 41.55 42.30
CA LEU C 505 8.37 40.81 41.84
C LEU C 505 7.97 39.36 41.52
N GLY C 506 6.96 38.87 42.22
CA GLY C 506 6.44 37.53 41.96
C GLY C 506 5.77 37.44 40.60
N SER C 507 4.87 38.38 40.33
CA SER C 507 4.17 38.42 39.05
C SER C 507 5.14 38.71 37.92
N TYR C 508 6.13 39.54 38.20
CA TYR C 508 7.16 39.88 37.21
C TYR C 508 8.00 38.66 36.86
N LEU C 509 8.41 37.91 37.88
CA LEU C 509 9.15 36.67 37.69
C LEU C 509 8.34 35.65 36.90
N TYR C 510 7.08 35.50 37.30
CA TYR C 510 6.13 34.63 36.61
C TYR C 510 6.03 35.01 35.14
N ASP C 511 6.05 36.31 34.87
CA ASP C 511 5.97 36.84 33.52
C ASP C 511 7.23 36.52 32.70
N LEU C 512 8.39 36.80 33.28
CA LEU C 512 9.66 36.55 32.60
C LEU C 512 9.88 35.07 32.32
N PHE C 513 9.42 34.22 33.25
CA PHE C 513 9.55 32.79 33.05
C PHE C 513 8.54 32.29 32.03
N SER C 514 7.35 32.89 32.01
CA SER C 514 6.35 32.54 31.01
C SER C 514 6.80 32.96 29.61
N ARG C 515 7.61 34.02 29.55
CA ARG C 515 8.16 34.51 28.28
C ARG C 515 9.39 33.74 27.82
N CYS C 516 10.20 33.29 28.77
CA CYS C 516 11.47 32.65 28.48
C CYS C 516 11.34 31.45 27.54
N LEU C 517 10.49 30.50 27.95
CA LEU C 517 10.36 29.23 27.26
C LEU C 517 9.23 29.21 26.23
N SER C 518 8.61 30.37 26.00
CA SER C 518 7.47 30.47 25.09
C SER C 518 7.90 30.53 23.62
N GLU C 519 9.21 30.48 23.39
CA GLU C 519 9.76 30.44 22.05
C GLU C 519 9.35 29.17 21.30
N SER C 520 9.09 28.11 22.05
CA SER C 520 8.66 26.83 21.48
C SER C 520 7.29 26.42 22.01
N ASN C 521 6.29 26.38 21.13
CA ASN C 521 4.94 25.97 21.51
C ASN C 521 4.29 25.08 20.47
N LEU C 537 -6.42 30.96 7.03
CA LEU C 537 -6.74 32.35 7.33
C LEU C 537 -7.15 32.54 8.78
N PHE C 538 -7.89 31.58 9.32
CA PHE C 538 -8.43 31.67 10.67
C PHE C 538 -7.37 31.48 11.76
N ALA C 539 -6.46 30.54 11.55
CA ALA C 539 -5.43 30.24 12.54
C ALA C 539 -4.38 31.35 12.63
N ILE C 540 -4.20 32.08 11.54
CA ILE C 540 -3.17 33.12 11.47
C ILE C 540 -3.57 34.44 12.15
N ASP C 541 -4.85 34.80 12.12
CA ASP C 541 -5.28 36.06 12.73
C ASP C 541 -5.47 35.93 14.25
N GLN C 542 -5.27 34.72 14.76
CA GLN C 542 -5.30 34.49 16.20
C GLN C 542 -3.91 34.78 16.77
N LEU C 543 -2.94 34.99 15.87
CA LEU C 543 -1.58 35.33 16.26
C LEU C 543 -1.46 36.77 16.75
N ILE C 544 -2.54 37.53 16.58
CA ILE C 544 -2.58 38.93 17.00
C ILE C 544 -2.79 39.03 18.51
N CYS C 545 -3.64 38.16 19.04
CA CYS C 545 -4.01 38.19 20.46
C CYS C 545 -2.90 37.71 21.38
N ARG C 546 -2.98 38.12 22.65
CA ARG C 546 -1.94 37.84 23.64
C ARG C 546 -2.53 37.22 24.91
N SER C 547 -1.70 37.09 25.93
CA SER C 547 -2.15 36.52 27.21
C SER C 547 -2.33 37.60 28.27
N ASN C 548 -3.30 37.38 29.17
CA ASN C 548 -3.69 38.36 30.17
C ASN C 548 -2.69 38.56 31.32
N PRO C 549 -2.57 39.80 31.81
CA PRO C 549 -1.72 40.17 32.95
C PRO C 549 -2.25 39.65 34.28
N THR C 550 -1.42 39.69 35.32
CA THR C 550 -1.79 39.18 36.63
C THR C 550 -2.68 40.15 37.40
N LYS C 551 -3.87 39.70 37.76
CA LYS C 551 -4.77 40.48 38.61
C LYS C 551 -5.38 39.55 39.65
N ILE C 552 -5.23 39.92 40.92
CA ILE C 552 -5.73 39.07 42.01
C ILE C 552 -7.03 39.61 42.57
N SER C 553 -8.01 38.72 42.73
CA SER C 553 -9.30 39.09 43.30
C SER C 553 -9.72 38.10 44.37
N ARG C 554 -10.51 38.57 45.33
CA ARG C 554 -11.13 37.69 46.31
C ARG C 554 -12.64 37.86 46.22
N SER C 555 -13.37 36.74 46.30
CA SER C 555 -14.81 36.76 46.15
C SER C 555 -15.51 37.25 47.42
N THR C 556 -16.70 37.80 47.24
CA THR C 556 -17.56 38.18 48.35
C THR C 556 -18.82 37.33 48.26
N GLY C 557 -19.50 37.16 49.39
CA GLY C 557 -20.72 36.35 49.42
C GLY C 557 -21.86 36.98 48.63
N LYS C 558 -21.65 38.20 48.15
CA LYS C 558 -22.69 38.92 47.42
C LYS C 558 -22.64 38.64 45.92
N PHE C 559 -23.57 39.24 45.19
CA PHE C 559 -23.65 39.02 43.75
C PHE C 559 -23.65 40.34 42.98
N ASP C 560 -23.23 40.28 41.72
CA ASP C 560 -23.13 41.46 40.87
C ASP C 560 -23.80 41.16 39.53
N ILE C 561 -24.01 42.19 38.73
CA ILE C 561 -24.61 42.02 37.41
C ILE C 561 -23.69 42.59 36.34
N GLN C 562 -23.42 41.80 35.31
CA GLN C 562 -22.54 42.26 34.23
C GLN C 562 -23.11 42.00 32.85
N TYR C 563 -23.05 43.02 32.00
CA TYR C 563 -23.50 42.88 30.61
C TYR C 563 -22.45 42.17 29.76
N ILE C 564 -22.90 41.20 28.98
CA ILE C 564 -22.00 40.47 28.08
C ILE C 564 -22.57 40.47 26.67
N ALA C 565 -21.70 40.33 25.67
CA ALA C 565 -22.15 40.22 24.29
C ALA C 565 -22.67 38.81 24.02
N CYS C 566 -23.68 38.72 23.16
CA CYS C 566 -24.30 37.42 22.89
C CYS C 566 -24.76 37.27 21.44
N SER C 567 -24.94 36.01 21.03
CA SER C 567 -25.47 35.69 19.71
C SER C 567 -26.38 34.48 19.82
N SER C 568 -27.44 34.44 19.00
CA SER C 568 -28.39 33.35 19.05
C SER C 568 -27.75 32.01 18.68
N ARG C 569 -27.01 32.00 17.58
CA ARG C 569 -26.35 30.78 17.12
C ARG C 569 -24.85 30.83 17.34
N GLU D 3 17.24 28.25 24.47
CA GLU D 3 18.09 27.13 24.10
C GLU D 3 19.29 27.03 25.03
N SER D 4 19.92 28.17 25.32
CA SER D 4 21.05 28.21 26.24
C SER D 4 20.57 28.00 27.67
N PHE D 5 19.29 28.23 27.91
CA PHE D 5 18.71 28.04 29.24
C PHE D 5 18.77 26.57 29.63
N ALA D 6 18.38 25.70 28.71
CA ALA D 6 18.47 24.26 28.91
C ALA D 6 19.93 23.83 29.13
N GLN D 7 20.84 24.51 28.45
CA GLN D 7 22.28 24.23 28.57
C GLN D 7 22.78 24.54 29.98
N LEU D 8 22.53 25.76 30.44
CA LEU D 8 22.97 26.21 31.76
C LEU D 8 22.32 25.35 32.85
N PHE D 9 21.02 25.11 32.69
CA PHE D 9 20.27 24.31 33.66
C PHE D 9 20.85 22.90 33.76
N GLU D 10 21.05 22.26 32.61
CA GLU D 10 21.53 20.89 32.58
C GLU D 10 22.95 20.77 33.13
N GLU D 11 23.83 21.67 32.67
CA GLU D 11 25.22 21.66 33.11
C GLU D 11 25.33 21.90 34.62
N SER D 12 24.55 22.85 35.13
CA SER D 12 24.56 23.14 36.56
C SER D 12 23.96 21.98 37.35
N LEU D 13 22.96 21.32 36.77
CA LEU D 13 22.34 20.15 37.37
C LEU D 13 23.37 19.04 37.54
N LYS D 14 24.07 18.72 36.46
CA LYS D 14 25.11 17.71 36.47
C LYS D 14 26.24 18.10 37.42
N GLU D 15 26.48 19.40 37.55
CA GLU D 15 27.48 19.90 38.51
C GLU D 15 27.05 19.60 39.95
N ILE D 16 25.77 19.81 40.24
CA ILE D 16 25.24 19.54 41.58
C ILE D 16 25.25 18.05 41.90
N GLU D 17 24.85 17.22 40.93
CA GLU D 17 24.93 15.78 41.08
C GLU D 17 26.38 15.36 41.34
N THR D 18 27.30 15.96 40.58
CA THR D 18 28.72 15.69 40.73
C THR D 18 29.24 16.23 42.06
N ARG D 19 28.57 17.26 42.58
CA ARG D 19 28.91 17.79 43.89
C ARG D 19 28.58 16.74 44.95
N PRO D 20 29.61 16.26 45.66
CA PRO D 20 29.49 15.16 46.62
C PRO D 20 28.83 15.55 47.93
N GLY D 21 28.27 14.57 48.63
CA GLY D 21 27.74 14.77 49.96
C GLY D 21 26.38 15.42 50.05
N SER D 22 25.85 15.49 51.26
CA SER D 22 24.58 16.16 51.53
C SER D 22 24.83 17.64 51.74
N ILE D 23 26.10 18.02 51.61
CA ILE D 23 26.52 19.42 51.77
C ILE D 23 26.01 20.26 50.59
N VAL D 24 25.77 21.54 50.85
CA VAL D 24 25.21 22.44 49.83
C VAL D 24 25.99 23.74 49.73
N ARG D 25 25.76 24.49 48.65
CA ARG D 25 26.47 25.74 48.43
C ARG D 25 25.87 26.87 49.26
N GLY D 26 26.72 27.79 49.70
CA GLY D 26 26.27 28.93 50.47
C GLY D 26 27.17 30.14 50.29
N VAL D 27 26.69 31.30 50.71
CA VAL D 27 27.47 32.54 50.63
C VAL D 27 27.45 33.27 51.96
N VAL D 28 28.61 33.72 52.44
CA VAL D 28 28.66 34.38 53.74
C VAL D 28 28.06 35.78 53.63
N VAL D 29 26.99 36.01 54.38
CA VAL D 29 26.34 37.32 54.43
C VAL D 29 27.10 38.25 55.36
N ALA D 30 27.40 37.75 56.55
CA ALA D 30 28.13 38.52 57.55
C ALA D 30 28.82 37.59 58.53
N ILE D 31 29.83 38.11 59.22
CA ILE D 31 30.53 37.35 60.24
C ILE D 31 30.49 38.06 61.58
N ASP D 32 30.75 37.33 62.65
CA ASP D 32 30.82 37.90 63.98
C ASP D 32 31.87 37.11 64.74
N LYS D 33 32.01 37.36 66.04
CA LYS D 33 33.00 36.63 66.83
C LYS D 33 32.61 35.17 67.02
N ASP D 34 31.40 34.93 67.51
CA ASP D 34 30.93 33.57 67.77
C ASP D 34 30.04 33.00 66.65
N VAL D 35 29.72 33.81 65.65
CA VAL D 35 28.78 33.38 64.61
C VAL D 35 29.16 33.84 63.20
N VAL D 36 29.14 32.90 62.26
CA VAL D 36 29.19 33.25 60.84
C VAL D 36 27.87 32.89 60.15
N LEU D 37 27.26 33.88 59.53
CA LEU D 37 25.99 33.69 58.82
C LEU D 37 26.20 33.42 57.35
N VAL D 38 25.68 32.29 56.87
CA VAL D 38 25.80 31.92 55.47
C VAL D 38 24.44 31.56 54.87
N ASP D 39 24.09 32.21 53.77
CA ASP D 39 22.84 31.92 53.07
C ASP D 39 23.02 30.78 52.07
N ALA D 40 22.27 29.71 52.27
CA ALA D 40 22.31 28.54 51.39
C ALA D 40 21.19 28.56 50.36
N GLY D 41 20.39 29.61 50.37
CA GLY D 41 19.26 29.70 49.43
C GLY D 41 17.92 29.45 50.07
N LEU D 42 17.89 29.38 51.40
CA LEU D 42 16.64 29.27 52.14
C LEU D 42 16.43 30.48 53.05
N LYS D 43 15.17 30.77 53.39
CA LYS D 43 14.83 31.95 54.19
C LYS D 43 15.50 31.94 55.56
N SER D 44 15.88 30.74 56.02
CA SER D 44 16.61 30.62 57.27
C SER D 44 18.08 30.42 56.98
N GLU D 45 18.88 31.45 57.25
CA GLU D 45 20.31 31.39 57.02
C GLU D 45 20.98 30.54 58.11
N SER D 46 22.02 29.81 57.72
CA SER D 46 22.74 28.99 58.67
C SER D 46 23.77 29.81 59.43
N ALA D 47 24.00 29.47 60.70
CA ALA D 47 24.98 30.15 61.53
C ALA D 47 25.93 29.14 62.13
N ILE D 48 27.24 29.38 61.99
CA ILE D 48 28.22 28.43 62.54
C ILE D 48 29.21 29.11 63.49
N PRO D 49 29.49 28.46 64.63
CA PRO D 49 30.46 28.94 65.64
C PRO D 49 31.95 28.83 65.31
N ALA D 50 32.36 27.75 64.65
CA ALA D 50 33.74 27.27 64.84
C ALA D 50 34.84 27.81 63.94
N GLU D 51 34.92 27.35 62.69
CA GLU D 51 36.09 27.57 61.84
C GLU D 51 37.39 27.29 62.60
N GLN D 52 38.35 28.19 62.49
CA GLN D 52 39.56 28.13 63.30
C GLN D 52 39.51 29.19 64.38
N PHE D 53 40.54 29.27 65.22
CA PHE D 53 40.58 30.32 66.24
C PHE D 53 41.52 31.42 65.79
N LYS D 54 42.82 31.19 65.95
CA LYS D 54 43.81 31.93 65.17
C LYS D 54 44.89 30.97 64.70
N ASN D 55 44.90 30.65 63.41
CA ASN D 55 46.06 30.07 62.77
C ASN D 55 46.28 30.76 61.43
N ALA D 56 45.40 30.42 60.49
CA ALA D 56 45.23 31.18 59.26
C ALA D 56 44.00 32.07 59.42
N GLN D 57 43.34 31.95 60.56
CA GLN D 57 42.06 32.64 60.78
C GLN D 57 42.25 34.15 60.95
N GLY D 58 41.46 34.90 60.19
CA GLY D 58 41.51 36.34 60.22
C GLY D 58 40.74 36.96 59.06
N GLU D 59 41.10 38.20 58.72
CA GLU D 59 40.45 38.94 57.65
C GLU D 59 40.48 38.23 56.29
N LEU D 60 41.63 37.64 55.97
CA LEU D 60 41.81 36.97 54.69
C LEU D 60 41.14 35.59 54.68
N GLU D 61 41.05 34.97 55.86
CA GLU D 61 40.50 33.63 56.00
C GLU D 61 39.10 33.51 55.42
N ILE D 62 38.13 34.12 56.09
CA ILE D 62 36.75 34.12 55.59
C ILE D 62 36.40 35.51 55.06
N GLN D 63 35.62 35.55 54.00
CA GLN D 63 35.25 36.81 53.36
C GLN D 63 33.79 36.85 52.93
N VAL D 64 33.19 38.04 52.98
CA VAL D 64 31.82 38.23 52.54
C VAL D 64 31.73 38.09 51.03
N GLY D 65 30.83 37.22 50.56
CA GLY D 65 30.68 36.98 49.14
C GLY D 65 31.48 35.77 48.69
N ASP D 66 32.05 35.04 49.64
CA ASP D 66 32.82 33.85 49.34
C ASP D 66 31.97 32.59 49.48
N GLU D 67 32.15 31.65 48.56
CA GLU D 67 31.37 30.41 48.56
C GLU D 67 31.82 29.45 49.65
N VAL D 68 30.89 29.04 50.50
CA VAL D 68 31.18 28.16 51.62
C VAL D 68 30.26 26.95 51.60
N ASP D 69 30.80 25.80 51.98
CA ASP D 69 30.03 24.56 52.00
C ASP D 69 29.28 24.40 53.32
N VAL D 70 27.95 24.30 53.25
CA VAL D 70 27.11 24.17 54.44
C VAL D 70 26.50 22.77 54.51
N ALA D 71 26.80 22.06 55.58
CA ALA D 71 26.24 20.73 55.77
C ALA D 71 25.01 20.75 56.66
N LEU D 72 23.86 20.43 56.07
CA LEU D 72 22.65 20.23 56.87
C LEU D 72 22.02 18.88 56.53
N ASP D 73 22.12 17.94 57.46
CA ASP D 73 21.58 16.60 57.31
C ASP D 73 20.24 16.39 58.02
N ALA D 74 19.76 17.43 58.70
CA ALA D 74 18.64 17.30 59.63
C ALA D 74 17.42 16.60 59.05
N VAL D 75 16.88 17.16 57.97
CA VAL D 75 15.75 16.53 57.29
C VAL D 75 16.20 15.72 56.07
N GLU D 76 17.50 15.77 55.79
CA GLU D 76 18.07 15.05 54.65
C GLU D 76 17.87 13.54 54.81
N ASP D 77 17.36 12.90 53.77
CA ASP D 77 17.01 11.49 53.87
C ASP D 77 17.97 10.56 53.13
N GLY D 78 18.77 9.83 53.90
CA GLY D 78 19.41 8.63 53.40
C GLY D 78 18.56 7.50 53.94
N PHE D 79 17.74 7.85 54.94
CA PHE D 79 16.77 6.95 55.53
C PHE D 79 15.54 6.82 54.66
N GLY D 80 15.08 7.95 54.12
CA GLY D 80 13.86 8.02 53.33
C GLY D 80 13.82 7.05 52.16
N GLU D 81 15.00 6.70 51.66
CA GLU D 81 15.13 5.66 50.66
C GLU D 81 14.99 4.29 51.32
N THR D 82 15.90 4.00 52.25
CA THR D 82 15.88 2.74 53.00
C THR D 82 14.58 2.57 53.79
N LEU D 83 13.85 3.66 53.94
CA LEU D 83 12.53 3.67 54.55
C LEU D 83 11.61 2.64 53.91
N LEU D 84 11.68 2.53 52.60
CA LEU D 84 10.90 1.53 51.89
C LEU D 84 11.77 0.29 51.78
N SER D 85 11.40 -0.76 52.51
CA SER D 85 12.26 -1.90 52.73
C SER D 85 12.15 -2.96 51.64
N ARG D 86 11.23 -2.74 50.71
CA ARG D 86 10.94 -3.73 49.67
C ARG D 86 11.99 -3.76 48.56
N GLU D 87 12.39 -2.59 48.08
CA GLU D 87 13.40 -2.51 47.02
C GLU D 87 14.84 -2.62 47.51
N LYS D 88 15.15 -1.91 48.60
CA LYS D 88 16.53 -1.66 49.02
C LYS D 88 17.39 -2.89 49.31
N ALA D 89 16.93 -3.72 50.24
CA ALA D 89 17.69 -4.90 50.64
C ALA D 89 17.82 -5.90 49.51
N LYS D 90 16.68 -6.24 48.89
CA LYS D 90 16.62 -7.31 47.90
C LYS D 90 17.28 -6.96 46.58
N ARG D 91 16.88 -5.84 45.98
CA ARG D 91 17.28 -5.55 44.60
C ARG D 91 18.76 -5.20 44.43
N HIS D 92 19.33 -4.46 45.37
CA HIS D 92 20.74 -4.12 45.32
C HIS D 92 21.59 -5.40 45.32
N GLU D 93 21.39 -6.23 46.33
CA GLU D 93 22.13 -7.49 46.44
C GLU D 93 21.85 -8.40 45.25
N ALA D 94 20.65 -8.28 44.66
CA ALA D 94 20.31 -9.01 43.46
C ALA D 94 21.21 -8.58 42.29
N TRP D 95 21.33 -7.28 42.08
CA TRP D 95 22.20 -6.74 41.04
C TRP D 95 23.68 -7.03 41.32
N ILE D 96 24.01 -7.23 42.60
CA ILE D 96 25.34 -7.67 42.98
C ILE D 96 25.58 -9.10 42.48
N THR D 97 24.62 -9.97 42.75
CA THR D 97 24.67 -11.35 42.27
C THR D 97 24.76 -11.38 40.75
N LEU D 98 24.06 -10.46 40.09
CA LEU D 98 24.12 -10.36 38.63
C LEU D 98 25.47 -9.84 38.16
N GLU D 99 26.11 -9.02 38.98
CA GLU D 99 27.47 -8.57 38.69
C GLU D 99 28.40 -9.78 38.72
N LYS D 100 28.20 -10.64 39.71
CA LYS D 100 28.94 -11.90 39.79
C LYS D 100 28.64 -12.78 38.58
N ALA D 101 27.41 -12.71 38.08
CA ALA D 101 26.97 -13.53 36.95
C ALA D 101 27.74 -13.23 35.68
N TYR D 102 27.80 -11.96 35.30
CA TYR D 102 28.58 -11.52 34.14
C TYR D 102 30.07 -11.73 34.44
N GLU D 103 30.91 -11.68 33.41
CA GLU D 103 32.35 -11.83 33.60
C GLU D 103 32.77 -13.21 34.13
N ASP D 104 32.88 -14.17 33.20
CA ASP D 104 33.00 -15.61 33.53
C ASP D 104 31.74 -16.14 34.17
N ALA D 105 30.73 -16.29 33.31
CA ALA D 105 29.36 -16.59 33.70
C ALA D 105 29.16 -17.78 34.65
N GLU D 106 28.26 -17.59 35.60
CA GLU D 106 27.92 -18.60 36.58
C GLU D 106 26.45 -18.97 36.43
N THR D 107 26.12 -20.23 36.70
CA THR D 107 24.74 -20.68 36.64
C THR D 107 23.92 -20.08 37.78
N VAL D 108 22.84 -19.40 37.44
CA VAL D 108 21.96 -18.79 38.43
C VAL D 108 20.55 -19.33 38.27
N THR D 109 19.80 -19.31 39.37
CA THR D 109 18.46 -19.87 39.42
C THR D 109 17.41 -18.85 39.01
N GLY D 110 16.61 -19.20 38.00
CA GLY D 110 15.54 -18.32 37.54
C GLY D 110 14.37 -19.13 37.03
N VAL D 111 13.21 -18.50 36.92
CA VAL D 111 12.01 -19.22 36.52
C VAL D 111 11.29 -18.54 35.36
N ILE D 112 11.00 -19.31 34.32
CA ILE D 112 10.28 -18.83 33.16
C ILE D 112 8.83 -18.57 33.54
N ASN D 113 8.24 -17.53 32.95
CA ASN D 113 6.86 -17.16 33.27
C ASN D 113 5.93 -17.32 32.07
N GLY D 114 6.16 -16.51 31.03
CA GLY D 114 5.37 -16.60 29.82
C GLY D 114 6.20 -16.17 28.63
N LYS D 115 5.75 -16.51 27.43
CA LYS D 115 6.50 -16.11 26.25
C LYS D 115 6.31 -14.65 25.94
N VAL D 116 7.42 -13.97 25.74
CA VAL D 116 7.44 -12.66 25.13
C VAL D 116 7.43 -12.96 23.63
N LYS D 117 7.76 -11.98 22.80
CA LYS D 117 7.73 -12.19 21.36
C LYS D 117 8.83 -13.15 20.90
N GLY D 118 10.08 -12.68 20.93
CA GLY D 118 11.19 -13.47 20.43
C GLY D 118 11.68 -14.53 21.39
N GLY D 119 11.11 -14.55 22.59
CA GLY D 119 11.56 -15.44 23.64
C GLY D 119 10.67 -15.39 24.85
N PHE D 120 11.20 -15.83 25.99
CA PHE D 120 10.45 -15.91 27.22
C PHE D 120 11.02 -14.95 28.27
N THR D 121 10.20 -14.57 29.24
CA THR D 121 10.68 -13.79 30.37
C THR D 121 11.05 -14.71 31.52
N VAL D 122 12.21 -14.47 32.12
CA VAL D 122 12.61 -15.20 33.32
C VAL D 122 12.77 -14.25 34.50
N GLU D 123 12.11 -14.56 35.61
CA GLU D 123 12.25 -13.76 36.82
C GLU D 123 13.33 -14.36 37.72
N LEU D 124 14.42 -13.64 37.86
CA LEU D 124 15.53 -14.08 38.70
C LEU D 124 15.64 -13.16 39.91
N ASN D 125 15.32 -13.72 41.08
CA ASN D 125 15.16 -12.93 42.30
C ASN D 125 14.20 -11.75 42.08
N GLY D 126 14.63 -10.56 42.45
CA GLY D 126 13.80 -9.38 42.28
C GLY D 126 13.69 -8.93 40.84
N ILE D 127 14.82 -8.92 40.13
CA ILE D 127 14.86 -8.39 38.77
C ILE D 127 14.20 -9.30 37.74
N ARG D 128 13.82 -8.72 36.60
CA ARG D 128 13.26 -9.48 35.50
C ARG D 128 14.26 -9.50 34.35
N ALA D 129 14.25 -10.58 33.57
CA ALA D 129 15.19 -10.70 32.46
C ALA D 129 14.55 -11.35 31.24
N PHE D 130 15.21 -11.19 30.09
CA PHE D 130 14.74 -11.77 28.84
C PHE D 130 15.62 -12.92 28.39
N LEU D 131 15.00 -14.07 28.14
CA LEU D 131 15.70 -15.26 27.65
C LEU D 131 15.25 -15.55 26.22
N PRO D 132 16.19 -15.51 25.26
CA PRO D 132 15.90 -15.74 23.85
C PRO D 132 15.22 -17.09 23.59
N GLY D 133 14.41 -17.15 22.54
CA GLY D 133 13.64 -18.35 22.25
C GLY D 133 14.44 -19.46 21.59
N SER D 134 15.48 -19.08 20.85
CA SER D 134 16.32 -20.07 20.18
C SER D 134 17.32 -20.68 21.16
N LEU D 135 17.48 -20.03 22.32
CA LEU D 135 18.45 -20.46 23.31
C LEU D 135 17.87 -21.35 24.41
N VAL D 136 16.60 -21.75 24.27
CA VAL D 136 15.94 -22.59 25.27
C VAL D 136 16.70 -23.88 25.55
N ASP D 137 16.92 -24.69 24.51
CA ASP D 137 17.66 -25.93 24.64
C ASP D 137 18.43 -26.30 23.38
N VAL D 138 19.14 -27.43 23.43
CA VAL D 138 19.93 -27.90 22.31
C VAL D 138 19.03 -28.30 21.16
N ARG D 139 18.08 -29.19 21.45
CA ARG D 139 17.10 -29.61 20.46
C ARG D 139 15.99 -28.58 20.37
N PRO D 140 15.76 -28.03 19.17
CA PRO D 140 14.77 -26.98 18.97
C PRO D 140 13.37 -27.54 18.76
N VAL D 141 12.91 -28.36 19.71
CA VAL D 141 11.55 -28.89 19.68
C VAL D 141 10.59 -27.75 20.00
N ARG D 142 9.34 -27.87 19.58
CA ARG D 142 8.34 -26.86 19.88
C ARG D 142 8.22 -26.69 21.39
N ASP D 143 8.40 -25.45 21.85
CA ASP D 143 8.49 -25.17 23.28
C ASP D 143 7.14 -24.77 23.86
N THR D 144 6.11 -24.78 23.03
CA THR D 144 4.75 -24.47 23.46
C THR D 144 4.29 -25.49 24.48
N LEU D 145 4.77 -26.72 24.35
CA LEU D 145 4.41 -27.80 25.26
C LEU D 145 5.29 -27.79 26.52
N HIS D 146 6.37 -27.02 26.48
CA HIS D 146 7.27 -26.93 27.62
C HIS D 146 6.63 -26.20 28.80
N LEU D 147 7.14 -26.47 30.00
CA LEU D 147 6.56 -25.94 31.22
C LEU D 147 6.92 -24.48 31.46
N GLU D 148 5.96 -23.73 31.99
CA GLU D 148 6.18 -22.36 32.42
C GLU D 148 5.84 -22.25 33.90
N GLY D 149 6.72 -21.61 34.66
CA GLY D 149 6.52 -21.50 36.10
C GLY D 149 7.38 -22.49 36.87
N LYS D 150 8.27 -23.17 36.16
CA LYS D 150 9.20 -24.08 36.80
C LYS D 150 10.58 -23.45 36.93
N GLU D 151 11.25 -23.71 38.05
CA GLU D 151 12.56 -23.14 38.31
C GLU D 151 13.66 -23.90 37.59
N LEU D 152 14.43 -23.18 36.77
CA LEU D 152 15.57 -23.75 36.07
C LEU D 152 16.82 -22.93 36.34
N GLU D 153 17.91 -23.31 35.67
CA GLU D 153 19.18 -22.62 35.82
C GLU D 153 19.69 -22.10 34.48
N PHE D 154 20.14 -20.85 34.47
CA PHE D 154 20.63 -20.23 33.23
C PHE D 154 21.89 -19.41 33.51
N LYS D 155 22.60 -19.02 32.47
CA LYS D 155 23.77 -18.16 32.63
C LYS D 155 23.61 -16.89 31.81
N VAL D 156 23.91 -15.75 32.43
CA VAL D 156 23.69 -14.45 31.81
C VAL D 156 24.65 -14.16 30.66
N ILE D 157 24.11 -13.67 29.55
CA ILE D 157 24.91 -13.26 28.41
C ILE D 157 25.31 -11.80 28.54
N LYS D 158 24.32 -10.90 28.51
CA LYS D 158 24.59 -9.47 28.52
C LYS D 158 23.57 -8.67 29.33
N LEU D 159 24.06 -7.72 30.13
CA LEU D 159 23.20 -6.76 30.82
C LEU D 159 23.68 -5.34 30.55
N ASP D 160 22.75 -4.39 30.50
CA ASP D 160 23.09 -3.01 30.16
C ASP D 160 23.49 -2.15 31.35
N GLN D 161 23.24 -2.66 32.57
CA GLN D 161 23.80 -2.09 33.80
C GLN D 161 23.29 -0.71 34.21
N LYS D 162 22.62 0.00 33.30
CA LYS D 162 22.03 1.29 33.62
C LYS D 162 20.55 1.25 33.26
N ARG D 163 20.27 1.28 31.96
CA ARG D 163 18.97 0.85 31.47
C ARG D 163 18.91 -0.63 31.79
N ASN D 164 17.76 -1.12 32.25
CA ASN D 164 17.71 -2.51 32.63
C ASN D 164 17.24 -3.39 31.47
N ASN D 165 18.18 -4.13 30.90
CA ASN D 165 17.89 -5.17 29.94
C ASN D 165 18.86 -6.31 30.22
N VAL D 166 18.32 -7.50 30.45
CA VAL D 166 19.18 -8.65 30.75
C VAL D 166 18.81 -9.83 29.87
N VAL D 167 19.76 -10.25 29.05
CA VAL D 167 19.57 -11.42 28.20
C VAL D 167 20.28 -12.63 28.80
N VAL D 168 19.50 -13.63 29.18
CA VAL D 168 20.05 -14.83 29.82
C VAL D 168 19.90 -16.05 28.92
N SER D 169 20.92 -16.89 28.89
CA SER D 169 20.91 -18.10 28.07
C SER D 169 20.61 -19.33 28.92
N ARG D 170 19.65 -20.14 28.47
CA ARG D 170 19.30 -21.37 29.18
C ARG D 170 20.29 -22.49 28.88
N ARG D 171 20.77 -22.52 27.64
CA ARG D 171 21.59 -23.64 27.16
C ARG D 171 23.05 -23.54 27.57
N ALA D 172 23.40 -22.47 28.28
CA ALA D 172 24.80 -22.24 28.66
C ALA D 172 25.35 -23.33 29.58
N VAL D 173 24.54 -23.78 30.53
CA VAL D 173 24.96 -24.82 31.47
C VAL D 173 24.98 -26.20 30.81
N ILE D 174 24.00 -26.44 29.92
CA ILE D 174 23.83 -27.73 29.27
C ILE D 174 24.84 -27.97 28.16
N GLU D 175 24.80 -27.12 27.13
CA GLU D 175 25.71 -27.23 25.98
C GLU D 175 27.19 -27.22 26.39
N SER D 176 27.53 -26.36 27.35
CA SER D 176 28.92 -26.22 27.78
C SER D 176 29.26 -27.11 28.98
N GLU D 177 28.32 -27.98 29.36
CA GLU D 177 28.49 -28.89 30.50
C GLU D 177 29.81 -29.64 30.48
N ASN D 178 30.02 -30.45 29.44
CA ASN D 178 31.24 -31.23 29.28
C ASN D 178 32.51 -30.38 29.41
N SER D 179 33.46 -30.87 30.19
CA SER D 179 34.72 -30.18 30.40
C SER D 179 35.90 -31.12 30.20
N ILE E 3 -40.78 -12.80 29.13
CA ILE E 3 -39.81 -12.75 28.03
C ILE E 3 -40.50 -12.77 26.67
N THR E 4 -39.69 -12.62 25.62
CA THR E 4 -40.15 -12.79 24.24
C THR E 4 -39.67 -14.13 23.71
N ALA E 5 -40.47 -14.78 22.88
CA ALA E 5 -40.11 -16.11 22.37
C ALA E 5 -40.04 -16.16 20.86
N SER E 6 -41.20 -16.19 20.21
CA SER E 6 -41.27 -16.29 18.76
C SER E 6 -41.37 -14.92 18.13
N LEU E 7 -41.31 -13.89 18.96
CA LEU E 7 -41.43 -12.51 18.49
C LEU E 7 -40.17 -12.07 17.73
N VAL E 8 -39.04 -12.70 18.05
CA VAL E 8 -37.79 -12.45 17.34
C VAL E 8 -37.98 -12.77 15.86
N LYS E 9 -38.64 -13.89 15.60
CA LYS E 9 -38.94 -14.33 14.24
C LYS E 9 -39.87 -13.35 13.53
N GLU E 10 -40.86 -12.84 14.26
CA GLU E 10 -41.80 -11.87 13.71
C GLU E 10 -41.08 -10.58 13.37
N LEU E 11 -40.06 -10.25 14.14
CA LEU E 11 -39.26 -9.06 13.90
C LEU E 11 -38.35 -9.23 12.69
N ARG E 12 -37.76 -10.42 12.57
CA ARG E 12 -36.83 -10.70 11.48
C ARG E 12 -37.56 -10.87 10.14
N GLU E 13 -38.78 -11.39 10.21
CA GLU E 13 -39.63 -11.51 9.02
C GLU E 13 -39.82 -10.15 8.36
N ARG E 14 -39.82 -9.09 9.19
CA ARG E 14 -39.95 -7.73 8.70
C ARG E 14 -38.58 -7.09 8.48
N THR E 15 -37.82 -6.95 9.57
CA THR E 15 -36.51 -6.31 9.52
C THR E 15 -35.52 -7.07 8.64
N GLY E 16 -35.28 -8.34 8.97
CA GLY E 16 -34.31 -9.14 8.26
C GLY E 16 -32.92 -9.04 8.86
N ALA E 17 -32.86 -8.63 10.13
CA ALA E 17 -31.59 -8.46 10.82
C ALA E 17 -31.17 -9.74 11.55
N GLY E 18 -30.07 -9.65 12.30
CA GLY E 18 -29.57 -10.78 13.05
C GLY E 18 -30.52 -11.25 14.13
N MET E 19 -30.44 -12.53 14.49
CA MET E 19 -31.30 -13.10 15.51
C MET E 19 -31.07 -12.43 16.86
N MET E 20 -29.82 -12.47 17.31
CA MET E 20 -29.44 -11.89 18.59
C MET E 20 -29.64 -10.39 18.63
N ASP E 21 -29.42 -9.71 17.50
CA ASP E 21 -29.65 -8.28 17.41
C ASP E 21 -31.14 -7.96 17.53
N CYS E 22 -31.96 -8.80 16.92
CA CYS E 22 -33.41 -8.67 17.04
C CYS E 22 -33.87 -8.88 18.47
N LYS E 23 -33.31 -9.88 19.14
CA LYS E 23 -33.67 -10.15 20.53
C LYS E 23 -33.23 -9.01 21.46
N LYS E 24 -32.04 -8.49 21.23
CA LYS E 24 -31.53 -7.34 21.98
C LYS E 24 -32.46 -6.14 21.80
N ALA E 25 -32.74 -5.81 20.54
CA ALA E 25 -33.60 -4.68 20.21
C ALA E 25 -35.00 -4.85 20.80
N LEU E 26 -35.47 -6.09 20.88
CA LEU E 26 -36.80 -6.38 21.39
C LEU E 26 -36.79 -6.37 22.92
N THR E 27 -35.62 -6.56 23.51
CA THR E 27 -35.46 -6.53 24.96
C THR E 27 -35.38 -5.09 25.48
N GLU E 28 -34.61 -4.26 24.78
CA GLU E 28 -34.40 -2.88 25.21
C GLU E 28 -35.57 -1.98 24.82
N ALA E 29 -36.38 -2.43 23.87
CA ALA E 29 -37.62 -1.73 23.54
C ALA E 29 -38.79 -2.35 24.31
N ASN E 30 -38.49 -3.42 25.04
CA ASN E 30 -39.47 -4.12 25.87
C ASN E 30 -40.73 -4.57 25.12
N GLY E 31 -40.57 -5.51 24.20
CA GLY E 31 -41.69 -6.08 23.48
C GLY E 31 -42.35 -5.17 22.46
N ASP E 32 -41.78 -3.99 22.25
CA ASP E 32 -42.30 -3.05 21.27
C ASP E 32 -41.52 -3.17 19.96
N ILE E 33 -42.21 -3.56 18.89
CA ILE E 33 -41.57 -3.79 17.59
C ILE E 33 -41.11 -2.49 16.92
N GLU E 34 -42.00 -1.50 16.87
CA GLU E 34 -41.69 -0.23 16.24
C GLU E 34 -40.60 0.53 17.01
N LEU E 35 -40.64 0.42 18.32
CA LEU E 35 -39.59 0.99 19.16
C LEU E 35 -38.28 0.24 18.92
N ALA E 36 -38.39 -1.05 18.62
CA ALA E 36 -37.21 -1.87 18.33
C ALA E 36 -36.54 -1.45 17.04
N ILE E 37 -37.32 -1.26 15.97
CA ILE E 37 -36.77 -0.82 14.69
C ILE E 37 -36.27 0.62 14.77
N GLU E 38 -36.96 1.45 15.55
CA GLU E 38 -36.50 2.82 15.80
C GLU E 38 -35.19 2.81 16.57
N ASN E 39 -34.99 1.77 17.39
CA ASN E 39 -33.72 1.56 18.08
C ASN E 39 -32.67 0.98 17.14
N MET E 40 -33.14 0.36 16.05
CA MET E 40 -32.27 -0.24 15.05
C MET E 40 -31.68 0.79 14.09
N ARG E 41 -32.44 1.83 13.79
CA ARG E 41 -32.04 2.85 12.82
C ARG E 41 -30.65 3.44 13.04
N LYS E 42 -30.26 3.60 14.31
CA LYS E 42 -28.93 4.11 14.65
C LYS E 42 -27.87 3.01 14.55
N SER E 43 -28.21 1.82 15.02
CA SER E 43 -27.29 0.68 15.00
C SER E 43 -26.87 0.34 13.57
N GLY E 44 -27.80 0.43 12.64
CA GLY E 44 -27.49 0.20 11.23
C GLY E 44 -26.44 1.16 10.72
N ALA E 45 -26.59 2.44 11.07
CA ALA E 45 -25.64 3.46 10.68
C ALA E 45 -24.25 3.24 11.29
N ILE E 46 -24.22 3.02 12.61
CA ILE E 46 -22.96 2.83 13.30
C ILE E 46 -22.24 1.54 12.89
N LYS E 47 -23.01 0.57 12.39
CA LYS E 47 -22.43 -0.67 11.88
C LYS E 47 -21.88 -0.42 10.48
N ALA E 48 -22.64 0.33 9.69
CA ALA E 48 -22.23 0.70 8.33
C ALA E 48 -20.91 1.46 8.34
N ALA E 49 -20.80 2.42 9.25
CA ALA E 49 -19.59 3.22 9.36
C ALA E 49 -18.35 2.38 9.66
N LYS E 50 -18.52 1.33 10.47
CA LYS E 50 -17.42 0.42 10.76
C LYS E 50 -17.18 -0.53 9.60
N LYS E 51 -18.21 -0.72 8.77
CA LYS E 51 -18.11 -1.61 7.62
C LYS E 51 -17.51 -0.91 6.40
N ALA E 52 -17.41 0.42 6.47
CA ALA E 52 -16.84 1.19 5.38
C ALA E 52 -15.32 1.02 5.29
N GLY E 53 -14.76 0.33 6.28
CA GLY E 53 -13.32 0.13 6.34
C GLY E 53 -12.76 -0.79 5.28
N ASN E 54 -13.51 -1.84 4.93
CA ASN E 54 -13.06 -2.79 3.92
C ASN E 54 -13.47 -2.35 2.52
N VAL E 55 -12.54 -2.48 1.56
CA VAL E 55 -12.77 -2.05 0.18
C VAL E 55 -13.78 -2.95 -0.52
N ALA E 56 -14.54 -2.37 -1.45
CA ALA E 56 -15.53 -3.13 -2.21
C ALA E 56 -15.14 -3.19 -3.68
N ALA E 57 -14.69 -4.36 -4.12
CA ALA E 57 -14.25 -4.55 -5.50
C ALA E 57 -15.38 -4.82 -6.48
N ASP E 58 -16.31 -5.70 -6.09
CA ASP E 58 -17.36 -6.15 -6.98
C ASP E 58 -18.53 -5.18 -7.02
N GLY E 59 -19.63 -5.58 -7.64
CA GLY E 59 -20.80 -4.73 -7.71
C GLY E 59 -21.62 -4.98 -8.97
N VAL E 60 -22.46 -4.01 -9.32
CA VAL E 60 -23.28 -4.11 -10.53
C VAL E 60 -23.32 -2.81 -11.33
N ILE E 61 -23.44 -2.97 -12.65
CA ILE E 61 -23.63 -1.86 -13.57
C ILE E 61 -25.04 -1.93 -14.14
N LYS E 62 -25.82 -0.87 -13.95
CA LYS E 62 -27.16 -0.81 -14.50
C LYS E 62 -27.27 0.33 -15.51
N THR E 63 -28.09 0.14 -16.53
CA THR E 63 -28.26 1.16 -17.57
C THR E 63 -29.68 1.16 -18.12
N LYS E 64 -30.19 2.34 -18.45
CA LYS E 64 -31.51 2.41 -19.08
C LYS E 64 -31.63 3.61 -20.01
N ILE E 65 -32.40 3.45 -21.08
CA ILE E 65 -32.59 4.51 -22.06
C ILE E 65 -34.05 4.94 -22.16
N ASP E 66 -34.28 6.24 -22.22
CA ASP E 66 -35.60 6.77 -22.50
C ASP E 66 -35.51 7.81 -23.62
N GLY E 67 -36.07 7.47 -24.78
CA GLY E 67 -36.05 8.37 -25.92
C GLY E 67 -34.65 8.81 -26.33
N ASN E 68 -34.44 10.12 -26.35
CA ASN E 68 -33.16 10.71 -26.72
C ASN E 68 -32.23 10.89 -25.52
N TYR E 69 -32.66 10.41 -24.36
CA TYR E 69 -31.90 10.53 -23.12
C TYR E 69 -31.56 9.14 -22.57
N GLY E 70 -30.45 9.05 -21.85
CA GLY E 70 -30.02 7.77 -21.30
C GLY E 70 -29.22 7.90 -20.02
N ILE E 71 -29.23 6.84 -19.22
CA ILE E 71 -28.61 6.87 -17.90
C ILE E 71 -27.80 5.60 -17.61
N ILE E 72 -26.60 5.80 -17.05
CA ILE E 72 -25.71 4.69 -16.71
C ILE E 72 -25.23 4.83 -15.27
N LEU E 73 -25.25 3.74 -14.51
CA LEU E 73 -25.01 3.79 -13.08
C LEU E 73 -24.18 2.61 -12.58
N GLU E 74 -23.22 2.90 -11.70
CA GLU E 74 -22.46 1.84 -11.04
C GLU E 74 -22.72 1.83 -9.54
N VAL E 75 -23.17 0.69 -9.03
CA VAL E 75 -23.34 0.56 -7.57
C VAL E 75 -22.64 -0.71 -7.10
N ASN E 76 -21.64 -0.55 -6.24
CA ASN E 76 -20.74 -1.65 -5.91
C ASN E 76 -20.97 -2.33 -4.56
N CYS E 77 -20.18 -3.38 -4.32
CA CYS E 77 -20.21 -4.15 -3.08
C CYS E 77 -18.92 -4.96 -3.02
N GLN E 78 -18.72 -5.71 -1.95
CA GLN E 78 -17.46 -6.41 -1.76
C GLN E 78 -17.45 -7.90 -2.18
N THR E 79 -18.57 -8.40 -2.70
CA THR E 79 -18.61 -9.80 -3.14
C THR E 79 -19.65 -10.08 -4.25
N ASP E 80 -19.45 -11.20 -4.94
CA ASP E 80 -20.32 -11.61 -6.05
C ASP E 80 -21.72 -12.03 -5.59
N PHE E 81 -21.79 -12.86 -4.56
CA PHE E 81 -23.06 -13.41 -4.07
C PHE E 81 -24.04 -12.31 -3.69
N VAL E 82 -23.53 -11.25 -3.06
CA VAL E 82 -24.34 -10.09 -2.72
C VAL E 82 -24.69 -9.32 -3.99
N ALA E 83 -23.76 -9.25 -4.93
CA ALA E 83 -24.00 -8.55 -6.20
C ALA E 83 -25.12 -9.20 -7.01
N LYS E 84 -25.26 -10.52 -6.89
CA LYS E 84 -26.30 -11.25 -7.62
C LYS E 84 -27.57 -11.43 -6.79
N ASP E 85 -27.56 -10.94 -5.55
CA ASP E 85 -28.72 -11.03 -4.68
C ASP E 85 -29.89 -10.23 -5.22
N ALA E 86 -31.09 -10.80 -5.13
CA ALA E 86 -32.30 -10.19 -5.66
C ALA E 86 -32.64 -8.86 -4.98
N GLY E 87 -32.33 -8.74 -3.69
CA GLY E 87 -32.59 -7.52 -2.96
C GLY E 87 -31.63 -6.41 -3.36
N PHE E 88 -30.36 -6.75 -3.50
CA PHE E 88 -29.33 -5.81 -3.94
C PHE E 88 -29.69 -5.27 -5.32
N GLN E 89 -30.08 -6.17 -6.22
CA GLN E 89 -30.49 -5.80 -7.56
C GLN E 89 -31.79 -5.01 -7.56
N ALA E 90 -32.65 -5.29 -6.59
CA ALA E 90 -33.90 -4.55 -6.44
C ALA E 90 -33.59 -3.10 -6.07
N PHE E 91 -32.63 -2.92 -5.17
CA PHE E 91 -32.20 -1.60 -4.75
C PHE E 91 -31.54 -0.85 -5.90
N ALA E 92 -30.61 -1.51 -6.58
CA ALA E 92 -29.93 -0.94 -7.73
C ALA E 92 -30.93 -0.51 -8.81
N ASP E 93 -31.93 -1.35 -9.05
CA ASP E 93 -32.98 -1.05 -10.01
C ASP E 93 -33.83 0.14 -9.54
N LYS E 94 -34.06 0.21 -8.23
CA LYS E 94 -34.84 1.30 -7.66
C LYS E 94 -34.14 2.64 -7.87
N VAL E 95 -32.88 2.74 -7.43
CA VAL E 95 -32.11 3.97 -7.61
C VAL E 95 -31.89 4.30 -9.09
N LEU E 96 -31.71 3.25 -9.91
CA LEU E 96 -31.54 3.43 -11.34
C LEU E 96 -32.77 4.07 -11.97
N ASP E 97 -33.95 3.57 -11.59
CA ASP E 97 -35.20 4.12 -12.08
C ASP E 97 -35.41 5.54 -11.56
N ALA E 98 -34.98 5.78 -10.33
CA ALA E 98 -35.04 7.12 -9.74
C ALA E 98 -34.20 8.09 -10.58
N ALA E 99 -33.08 7.58 -11.10
CA ALA E 99 -32.23 8.36 -11.99
C ALA E 99 -32.87 8.51 -13.38
N VAL E 100 -33.61 7.49 -13.80
CA VAL E 100 -34.36 7.54 -15.05
C VAL E 100 -35.37 8.68 -15.05
N ALA E 101 -36.40 8.57 -14.21
CA ALA E 101 -37.48 9.55 -14.19
C ALA E 101 -36.97 10.96 -13.91
N GLY E 102 -36.60 11.22 -12.66
CA GLY E 102 -35.90 12.45 -12.34
C GLY E 102 -34.49 12.37 -12.88
N LYS E 103 -34.11 13.34 -13.70
CA LYS E 103 -32.79 13.29 -14.32
C LYS E 103 -31.76 13.92 -13.40
N ILE E 104 -30.80 13.11 -12.97
CA ILE E 104 -29.76 13.57 -12.05
C ILE E 104 -28.36 13.25 -12.55
N THR E 105 -27.61 14.29 -12.89
CA THR E 105 -26.24 14.15 -13.34
C THR E 105 -25.29 13.97 -12.16
N ASP E 106 -25.50 14.78 -11.12
CA ASP E 106 -24.65 14.75 -9.93
C ASP E 106 -24.89 13.49 -9.11
N VAL E 107 -23.80 12.82 -8.75
CA VAL E 107 -23.87 11.56 -8.01
C VAL E 107 -24.24 11.75 -6.54
N GLU E 108 -23.67 12.77 -5.91
CA GLU E 108 -23.86 13.01 -4.48
C GLU E 108 -25.32 13.26 -4.11
N VAL E 109 -26.11 13.71 -5.09
CA VAL E 109 -27.53 13.95 -4.89
C VAL E 109 -28.28 12.67 -4.54
N LEU E 110 -28.21 11.67 -5.42
CA LEU E 110 -28.86 10.39 -5.20
C LEU E 110 -28.13 9.61 -4.12
N LYS E 111 -26.84 9.89 -3.95
CA LYS E 111 -26.06 9.29 -2.89
C LYS E 111 -26.65 9.68 -1.53
N ALA E 112 -27.01 10.95 -1.41
CA ALA E 112 -27.59 11.47 -0.18
C ALA E 112 -29.08 11.14 -0.06
N GLN E 113 -29.76 10.98 -1.19
CA GLN E 113 -31.20 10.73 -1.19
C GLN E 113 -31.54 9.29 -0.77
N PHE E 114 -30.73 8.34 -1.22
CA PHE E 114 -30.93 6.93 -0.90
C PHE E 114 -30.13 6.47 0.32
N GLU E 115 -29.45 7.41 0.96
CA GLU E 115 -28.52 7.08 2.05
C GLU E 115 -29.16 6.28 3.19
N GLU E 116 -30.19 6.85 3.80
CA GLU E 116 -30.84 6.20 4.94
C GLU E 116 -31.56 4.92 4.51
N GLU E 117 -31.82 4.80 3.21
CA GLU E 117 -32.40 3.58 2.67
C GLU E 117 -31.35 2.48 2.63
N ARG E 118 -30.14 2.82 2.19
CA ARG E 118 -29.08 1.83 2.03
C ARG E 118 -28.36 1.48 3.34
N VAL E 119 -28.44 2.36 4.34
CA VAL E 119 -27.76 2.10 5.61
C VAL E 119 -28.42 0.98 6.39
N ALA E 120 -29.69 0.72 6.12
CA ALA E 120 -30.40 -0.39 6.73
C ALA E 120 -30.08 -1.69 5.99
N LEU E 121 -30.03 -1.61 4.67
CA LEU E 121 -29.81 -2.77 3.82
C LEU E 121 -28.36 -3.25 3.90
N VAL E 122 -27.44 -2.34 4.20
CA VAL E 122 -26.04 -2.70 4.37
C VAL E 122 -25.87 -3.43 5.70
N ALA E 123 -26.73 -3.10 6.66
CA ALA E 123 -26.72 -3.76 7.95
C ALA E 123 -27.41 -5.11 7.88
N LYS E 124 -28.38 -5.23 6.96
CA LYS E 124 -29.07 -6.49 6.73
C LYS E 124 -28.18 -7.47 5.96
N ILE E 125 -27.50 -6.97 4.94
CA ILE E 125 -26.61 -7.76 4.11
C ILE E 125 -25.29 -8.06 4.83
N GLY E 126 -24.71 -7.01 5.43
CA GLY E 126 -23.46 -7.17 6.18
C GLY E 126 -22.24 -6.80 5.37
N GLU E 127 -22.45 -6.44 4.10
CA GLU E 127 -21.36 -6.05 3.23
C GLU E 127 -21.48 -4.58 2.81
N ASN E 128 -20.39 -3.84 2.97
CA ASN E 128 -20.37 -2.42 2.63
C ASN E 128 -20.76 -2.18 1.17
N ILE E 129 -21.78 -1.34 0.97
CA ILE E 129 -22.19 -0.96 -0.38
C ILE E 129 -22.34 0.56 -0.46
N ASN E 130 -22.34 1.07 -1.68
CA ASN E 130 -22.48 2.50 -1.95
C ASN E 130 -22.50 2.75 -3.45
N ILE E 131 -22.77 3.99 -3.84
CA ILE E 131 -22.76 4.37 -5.24
C ILE E 131 -21.46 5.10 -5.57
N ARG E 132 -20.62 4.48 -6.39
CA ARG E 132 -19.34 5.07 -6.77
C ARG E 132 -19.53 6.16 -7.83
N ARG E 133 -20.30 5.86 -8.86
CA ARG E 133 -20.48 6.80 -9.95
C ARG E 133 -21.77 6.61 -10.75
N VAL E 134 -22.17 7.67 -11.43
CA VAL E 134 -23.34 7.68 -12.31
C VAL E 134 -23.08 8.73 -13.39
N ALA E 135 -23.68 8.55 -14.56
CA ALA E 135 -23.56 9.53 -15.64
C ALA E 135 -24.75 9.44 -16.57
N ALA E 136 -24.97 10.49 -17.34
CA ALA E 136 -26.09 10.52 -18.28
C ALA E 136 -25.60 10.95 -19.66
N LEU E 137 -26.26 10.45 -20.70
CA LEU E 137 -25.89 10.80 -22.07
C LEU E 137 -27.12 11.03 -22.93
N GLU E 138 -27.13 12.15 -23.64
CA GLU E 138 -28.23 12.47 -24.55
C GLU E 138 -27.71 12.58 -25.98
N GLY E 139 -28.55 12.16 -26.93
CA GLY E 139 -28.18 12.21 -28.33
C GLY E 139 -29.41 12.02 -29.22
N ASP E 140 -29.18 11.81 -30.51
CA ASP E 140 -30.29 11.63 -31.45
C ASP E 140 -30.91 10.24 -31.27
N VAL E 141 -30.17 9.20 -31.63
CA VAL E 141 -30.62 7.83 -31.40
C VAL E 141 -29.58 7.07 -30.58
N LEU E 142 -29.98 6.64 -29.39
CA LEU E 142 -29.05 5.96 -28.50
C LEU E 142 -29.51 4.57 -28.03
N GLY E 143 -28.62 3.59 -28.19
CA GLY E 143 -28.84 2.26 -27.67
C GLY E 143 -27.97 2.02 -26.46
N SER E 144 -28.17 0.87 -25.83
CA SER E 144 -27.39 0.49 -24.66
C SER E 144 -27.10 -0.99 -24.70
N TYR E 145 -25.94 -1.40 -24.19
CA TYR E 145 -25.63 -2.83 -24.12
C TYR E 145 -25.12 -3.24 -22.74
N GLN E 146 -25.83 -4.16 -22.11
CA GLN E 146 -25.41 -4.68 -20.83
C GLN E 146 -24.79 -6.07 -21.02
N HIS E 147 -23.47 -6.16 -20.83
CA HIS E 147 -22.80 -7.44 -20.93
C HIS E 147 -22.73 -8.06 -19.55
N GLY E 148 -23.50 -9.13 -19.35
CA GLY E 148 -23.58 -9.75 -18.04
C GLY E 148 -23.99 -8.77 -16.95
N ALA E 149 -23.15 -8.67 -15.93
CA ALA E 149 -23.39 -7.78 -14.81
C ALA E 149 -22.32 -6.69 -14.75
N ARG E 150 -21.07 -7.12 -14.58
CA ARG E 150 -19.96 -6.22 -14.27
C ARG E 150 -19.64 -5.13 -15.29
N ILE E 151 -20.24 -5.21 -16.48
CA ILE E 151 -19.95 -4.23 -17.53
C ILE E 151 -21.18 -3.87 -18.38
N GLY E 152 -21.35 -2.57 -18.64
CA GLY E 152 -22.38 -2.11 -19.55
C GLY E 152 -21.97 -0.78 -20.18
N VAL E 153 -22.52 -0.51 -21.37
CA VAL E 153 -22.16 0.69 -22.11
C VAL E 153 -23.40 1.38 -22.70
N LEU E 154 -23.24 2.66 -23.02
CA LEU E 154 -24.32 3.50 -23.53
C LEU E 154 -23.82 4.23 -24.77
N VAL E 155 -24.46 3.99 -25.91
CA VAL E 155 -23.98 4.56 -27.16
C VAL E 155 -25.00 5.45 -27.85
N ALA E 156 -24.61 6.70 -28.12
CA ALA E 156 -25.48 7.64 -28.83
C ALA E 156 -24.91 8.03 -30.18
N ALA E 157 -25.71 7.87 -31.22
CA ALA E 157 -25.30 8.19 -32.59
C ALA E 157 -26.46 8.79 -33.38
N LYS E 158 -26.13 9.39 -34.53
CA LYS E 158 -27.15 9.97 -35.41
C LYS E 158 -27.21 9.24 -36.74
N GLY E 159 -28.42 9.06 -37.27
CA GLY E 159 -28.61 8.41 -38.54
C GLY E 159 -28.37 6.91 -38.50
N ALA E 160 -28.44 6.35 -37.29
CA ALA E 160 -28.24 4.91 -37.11
C ALA E 160 -29.46 4.27 -36.46
N ASP E 161 -29.65 2.98 -36.72
CA ASP E 161 -30.76 2.22 -36.16
C ASP E 161 -30.32 1.44 -34.93
N GLU E 162 -31.24 0.67 -34.34
CA GLU E 162 -30.95 -0.09 -33.13
C GLU E 162 -29.89 -1.17 -33.36
N GLU E 163 -29.85 -1.73 -34.56
CA GLU E 163 -28.85 -2.73 -34.92
C GLU E 163 -27.45 -2.12 -34.84
N LEU E 164 -27.27 -1.02 -35.55
CA LEU E 164 -26.01 -0.29 -35.56
C LEU E 164 -25.54 0.08 -34.15
N VAL E 165 -26.40 0.77 -33.40
CA VAL E 165 -26.02 1.21 -32.06
C VAL E 165 -25.75 0.03 -31.12
N LYS E 166 -26.45 -1.08 -31.33
CA LYS E 166 -26.24 -2.28 -30.52
C LYS E 166 -24.85 -2.86 -30.78
N HIS E 167 -24.55 -3.12 -32.06
CA HIS E 167 -23.28 -3.70 -32.45
C HIS E 167 -22.11 -2.80 -32.07
N ILE E 168 -22.26 -1.51 -32.33
CA ILE E 168 -21.26 -0.51 -31.96
C ILE E 168 -21.05 -0.53 -30.44
N ALA E 169 -22.15 -0.63 -29.69
CA ALA E 169 -22.08 -0.72 -28.24
C ALA E 169 -21.28 -1.94 -27.79
N MET E 170 -21.52 -3.08 -28.45
CA MET E 170 -20.77 -4.29 -28.15
C MET E 170 -19.28 -4.09 -28.40
N HIS E 171 -18.96 -3.49 -29.55
CA HIS E 171 -17.58 -3.19 -29.89
C HIS E 171 -16.92 -2.30 -28.84
N VAL E 172 -17.68 -1.32 -28.34
CA VAL E 172 -17.19 -0.41 -27.32
C VAL E 172 -16.95 -1.15 -26.01
N ALA E 173 -17.85 -2.05 -25.66
CA ALA E 173 -17.73 -2.85 -24.46
C ALA E 173 -16.48 -3.74 -24.52
N ALA E 174 -16.20 -4.26 -25.71
CA ALA E 174 -15.07 -5.16 -25.89
C ALA E 174 -13.70 -4.46 -25.98
N SER E 175 -13.62 -3.40 -26.78
CA SER E 175 -12.34 -2.79 -27.12
C SER E 175 -11.87 -1.69 -26.17
N LYS E 176 -12.76 -1.18 -25.32
CA LYS E 176 -12.46 -0.06 -24.43
C LYS E 176 -11.81 1.14 -25.12
N PRO E 177 -12.53 1.80 -26.04
CA PRO E 177 -11.96 3.00 -26.67
C PRO E 177 -11.91 4.16 -25.68
N GLU E 178 -10.78 4.87 -25.63
CA GLU E 178 -10.66 6.03 -24.76
C GLU E 178 -11.29 7.27 -25.39
N PHE E 179 -11.24 7.34 -26.71
CA PHE E 179 -11.79 8.48 -27.44
C PHE E 179 -12.55 8.04 -28.68
N ILE E 180 -13.44 8.91 -29.14
CA ILE E 180 -14.28 8.62 -30.30
C ILE E 180 -13.47 8.73 -31.60
N LYS E 181 -12.95 9.93 -31.88
CA LYS E 181 -12.14 10.15 -33.07
C LYS E 181 -10.71 10.54 -32.69
N PRO E 182 -9.74 10.14 -33.53
CA PRO E 182 -8.32 10.47 -33.29
C PRO E 182 -8.07 11.98 -33.29
N GLU E 183 -9.01 12.74 -33.85
CA GLU E 183 -8.91 14.20 -33.84
C GLU E 183 -9.49 14.78 -32.55
N ASP E 184 -10.06 13.93 -31.71
CA ASP E 184 -10.66 14.35 -30.45
C ASP E 184 -9.71 14.22 -29.27
N VAL E 185 -8.47 13.79 -29.53
CA VAL E 185 -7.46 13.64 -28.49
C VAL E 185 -6.89 14.99 -28.07
N SER E 186 -6.35 15.05 -26.85
CA SER E 186 -5.71 16.27 -26.35
C SER E 186 -4.27 16.37 -26.86
N ALA E 187 -3.91 17.53 -27.39
CA ALA E 187 -2.59 17.72 -28.00
C ALA E 187 -1.44 17.62 -27.00
N GLU E 188 -1.66 18.13 -25.79
CA GLU E 188 -0.60 18.18 -24.78
C GLU E 188 -0.17 16.80 -24.28
N VAL E 189 -1.15 15.95 -23.96
CA VAL E 189 -0.85 14.58 -23.50
C VAL E 189 -0.22 13.76 -24.63
N VAL E 190 -0.71 13.96 -25.85
CA VAL E 190 -0.15 13.31 -27.03
C VAL E 190 1.31 13.73 -27.22
N GLU E 191 1.60 14.99 -26.93
CA GLU E 191 2.96 15.51 -27.03
C GLU E 191 3.85 14.97 -25.90
N LYS E 192 3.24 14.74 -24.75
CA LYS E 192 3.95 14.12 -23.63
C LYS E 192 4.38 12.71 -24.02
N GLU E 193 3.43 11.94 -24.55
CA GLU E 193 3.72 10.60 -25.03
C GLU E 193 4.73 10.66 -26.17
N TYR E 194 4.67 11.74 -26.95
CA TYR E 194 5.63 11.97 -28.03
C TYR E 194 7.03 12.04 -27.46
N GLN E 195 7.19 12.82 -26.39
CA GLN E 195 8.48 12.89 -25.72
C GLN E 195 8.88 11.58 -25.05
N VAL E 196 7.90 10.78 -24.63
CA VAL E 196 8.18 9.46 -24.06
C VAL E 196 8.81 8.53 -25.10
N GLN E 197 8.11 8.36 -26.22
CA GLN E 197 8.60 7.51 -27.30
C GLN E 197 9.85 8.10 -27.94
N LEU E 198 10.04 9.41 -27.78
CA LEU E 198 11.24 10.09 -28.26
C LEU E 198 12.39 9.76 -27.33
N ASP E 199 12.09 9.58 -26.04
CA ASP E 199 13.08 9.12 -25.08
C ASP E 199 13.49 7.70 -25.43
N ILE E 200 12.51 6.88 -25.78
CA ILE E 200 12.77 5.51 -26.20
C ILE E 200 13.61 5.47 -27.48
N ALA E 201 13.38 6.45 -28.37
CA ALA E 201 14.05 6.50 -29.67
C ALA E 201 15.47 7.05 -29.60
N MET E 202 15.69 8.02 -28.72
CA MET E 202 17.02 8.61 -28.55
C MET E 202 17.90 7.72 -27.69
N GLN E 203 17.30 6.67 -27.13
CA GLN E 203 18.05 5.62 -26.45
C GLN E 203 18.84 4.86 -27.50
N SER E 204 18.31 4.84 -28.72
CA SER E 204 18.93 4.14 -29.83
C SER E 204 19.87 5.05 -30.62
N GLY E 205 20.02 6.29 -30.17
CA GLY E 205 20.94 7.22 -30.79
C GLY E 205 20.59 7.61 -32.22
N LYS E 206 19.36 7.34 -32.62
CA LYS E 206 18.90 7.68 -33.97
C LYS E 206 18.80 9.19 -34.13
N PRO E 207 19.26 9.71 -35.29
CA PRO E 207 19.25 11.14 -35.58
C PRO E 207 17.84 11.74 -35.65
N LYS E 208 17.78 13.04 -35.93
CA LYS E 208 16.52 13.79 -35.94
C LYS E 208 15.53 13.29 -36.99
N GLU E 209 15.97 13.31 -38.25
CA GLU E 209 15.11 12.97 -39.39
C GLU E 209 14.62 11.53 -39.36
N ILE E 210 15.18 10.75 -38.43
CA ILE E 210 14.81 9.35 -38.26
C ILE E 210 13.85 9.21 -37.07
N ALA E 211 14.35 9.54 -35.88
CA ALA E 211 13.56 9.42 -34.65
C ALA E 211 12.23 10.17 -34.73
N GLU E 212 12.26 11.35 -35.34
CA GLU E 212 11.04 12.15 -35.52
C GLU E 212 9.97 11.39 -36.29
N LYS E 213 10.32 10.93 -37.48
CA LYS E 213 9.39 10.22 -38.34
C LYS E 213 8.91 8.92 -37.71
N MET E 214 9.84 8.20 -37.06
CA MET E 214 9.51 6.93 -36.42
C MET E 214 8.49 7.13 -35.29
N VAL E 215 8.76 8.09 -34.40
CA VAL E 215 7.84 8.38 -33.31
C VAL E 215 6.49 8.90 -33.82
N GLU E 216 6.52 9.62 -34.94
CA GLU E 216 5.27 10.07 -35.57
C GLU E 216 4.43 8.87 -36.04
N GLY E 217 5.08 7.95 -36.76
CA GLY E 217 4.42 6.74 -37.21
C GLY E 217 3.92 5.91 -36.05
N ARG E 218 4.64 5.98 -34.93
CA ARG E 218 4.25 5.33 -33.69
C ARG E 218 2.97 5.99 -33.16
N MET E 219 2.89 7.30 -33.31
CA MET E 219 1.78 8.09 -32.80
C MET E 219 0.49 7.88 -33.60
N LYS E 220 0.63 7.64 -34.91
CA LYS E 220 -0.53 7.33 -35.72
C LYS E 220 -1.24 6.07 -35.20
N LYS E 221 -0.44 5.05 -34.88
CA LYS E 221 -0.95 3.82 -34.30
C LYS E 221 -1.46 4.03 -32.89
N PHE E 222 -0.75 4.82 -32.11
CA PHE E 222 -1.12 5.10 -30.73
C PHE E 222 -2.51 5.72 -30.65
N THR E 223 -2.68 6.84 -31.36
CA THR E 223 -3.95 7.56 -31.38
C THR E 223 -5.03 6.77 -32.11
N GLY E 224 -4.62 5.96 -33.09
CA GLY E 224 -5.57 5.22 -33.90
C GLY E 224 -6.20 4.01 -33.22
N GLU E 225 -5.37 3.22 -32.54
CA GLU E 225 -5.80 1.93 -31.98
C GLU E 225 -6.70 2.10 -30.76
N VAL E 226 -6.56 3.23 -30.06
CA VAL E 226 -7.34 3.49 -28.86
C VAL E 226 -8.61 4.30 -29.18
N SER E 227 -8.77 4.63 -30.46
CA SER E 227 -9.92 5.43 -30.90
C SER E 227 -10.98 4.57 -31.59
N LEU E 228 -12.24 4.95 -31.43
CA LEU E 228 -13.37 4.17 -31.92
C LEU E 228 -13.36 3.94 -33.43
N THR E 229 -13.33 5.03 -34.19
CA THR E 229 -13.36 4.97 -35.65
C THR E 229 -12.11 4.29 -36.21
N GLY E 230 -10.99 4.47 -35.52
CA GLY E 230 -9.72 3.91 -35.96
C GLY E 230 -9.48 2.51 -35.44
N GLN E 231 -10.56 1.83 -35.07
CA GLN E 231 -10.48 0.48 -34.51
C GLN E 231 -11.08 -0.55 -35.45
N PRO E 232 -10.57 -1.79 -35.39
CA PRO E 232 -11.18 -2.90 -36.14
C PRO E 232 -12.53 -3.27 -35.54
N PHE E 233 -13.53 -3.47 -36.38
CA PHE E 233 -14.86 -3.87 -35.91
C PHE E 233 -14.80 -5.31 -35.41
N VAL E 234 -15.50 -5.59 -34.32
CA VAL E 234 -15.52 -6.94 -33.75
C VAL E 234 -16.25 -7.92 -34.68
N MET E 235 -17.27 -7.42 -35.37
CA MET E 235 -18.05 -8.23 -36.30
C MET E 235 -17.26 -8.61 -37.54
N GLU E 236 -16.65 -7.62 -38.18
CA GLU E 236 -15.77 -7.87 -39.32
C GLU E 236 -14.47 -7.09 -39.19
N PRO E 237 -13.44 -7.72 -38.59
CA PRO E 237 -12.13 -7.10 -38.36
C PRO E 237 -11.44 -6.66 -39.64
N SER E 238 -11.90 -7.17 -40.78
CA SER E 238 -11.40 -6.75 -42.09
C SER E 238 -11.63 -5.27 -42.31
N LYS E 239 -12.77 -4.78 -41.85
CA LYS E 239 -13.10 -3.36 -41.97
C LYS E 239 -13.10 -2.68 -40.60
N THR E 240 -12.76 -1.40 -40.57
CA THR E 240 -12.74 -0.64 -39.34
C THR E 240 -14.16 -0.24 -38.93
N VAL E 241 -14.28 0.42 -37.78
CA VAL E 241 -15.58 0.87 -37.29
C VAL E 241 -16.04 2.10 -38.05
N GLY E 242 -15.13 3.06 -38.22
CA GLY E 242 -15.44 4.28 -38.95
C GLY E 242 -15.88 4.01 -40.38
N GLN E 243 -15.19 3.06 -41.02
CA GLN E 243 -15.56 2.63 -42.35
C GLN E 243 -16.97 2.04 -42.34
N LEU E 244 -17.28 1.26 -41.32
CA LEU E 244 -18.61 0.67 -41.18
C LEU E 244 -19.67 1.76 -41.00
N LEU E 245 -19.27 2.85 -40.35
CA LEU E 245 -20.14 4.01 -40.19
C LEU E 245 -20.42 4.65 -41.54
N LYS E 246 -19.36 4.87 -42.31
CA LYS E 246 -19.48 5.47 -43.64
C LYS E 246 -20.31 4.61 -44.59
N GLU E 247 -20.19 3.29 -44.44
CA GLU E 247 -20.98 2.35 -45.24
C GLU E 247 -22.47 2.56 -45.00
N HIS E 248 -22.82 2.80 -43.75
CA HIS E 248 -24.20 3.10 -43.38
C HIS E 248 -24.43 4.61 -43.32
N ASN E 249 -23.40 5.37 -43.68
CA ASN E 249 -23.43 6.84 -43.69
C ASN E 249 -24.02 7.48 -42.44
N ALA E 250 -23.55 7.02 -41.29
CA ALA E 250 -23.96 7.57 -40.00
C ALA E 250 -22.71 7.82 -39.17
N GLU E 251 -22.85 8.54 -38.06
CA GLU E 251 -21.71 8.80 -37.18
C GLU E 251 -22.08 8.71 -35.71
N VAL E 252 -21.07 8.42 -34.88
CA VAL E 252 -21.28 8.29 -33.44
C VAL E 252 -21.08 9.62 -32.72
N THR E 253 -22.13 10.07 -32.02
CA THR E 253 -22.07 11.33 -31.28
C THR E 253 -21.28 11.15 -29.98
N GLY E 254 -21.50 10.04 -29.30
CA GLY E 254 -20.81 9.77 -28.05
C GLY E 254 -21.00 8.37 -27.53
N PHE E 255 -20.13 7.97 -26.60
CA PHE E 255 -20.23 6.67 -25.96
C PHE E 255 -19.72 6.72 -24.52
N ILE E 256 -20.38 5.98 -23.64
CA ILE E 256 -19.98 5.89 -22.24
C ILE E 256 -19.79 4.42 -21.89
N ARG E 257 -18.68 4.09 -21.23
CA ARG E 257 -18.45 2.71 -20.84
C ARG E 257 -18.31 2.59 -19.32
N PHE E 258 -18.94 1.58 -18.75
CA PHE E 258 -18.92 1.34 -17.32
C PHE E 258 -18.55 -0.10 -17.01
N GLU E 259 -17.50 -0.28 -16.20
CA GLU E 259 -17.06 -1.61 -15.80
C GLU E 259 -16.82 -1.61 -14.29
N VAL E 260 -17.32 -2.64 -13.61
CA VAL E 260 -17.22 -2.73 -12.16
C VAL E 260 -15.77 -2.73 -11.67
N GLY E 261 -15.47 -1.83 -10.74
CA GLY E 261 -14.18 -1.81 -10.07
C GLY E 261 -12.98 -1.56 -10.97
N GLU E 262 -13.00 -0.47 -11.73
CA GLU E 262 -11.83 -0.09 -12.51
C GLU E 262 -10.86 0.62 -11.57
N GLY E 263 -9.64 0.08 -11.45
CA GLY E 263 -8.76 0.49 -10.38
C GLY E 263 -9.34 0.00 -9.07
N ILE E 264 -9.60 0.92 -8.15
CA ILE E 264 -10.25 0.61 -6.88
C ILE E 264 -9.38 -0.25 -5.93
N GLU E 265 -8.22 -0.67 -6.45
CA GLU E 265 -7.05 -1.04 -5.64
C GLU E 265 -6.92 -2.46 -5.07
N LYS E 266 -7.94 -3.31 -5.19
CA LYS E 266 -8.11 -4.42 -4.26
C LYS E 266 -6.83 -5.21 -3.95
N VAL E 267 -6.54 -5.35 -2.66
CA VAL E 267 -5.34 -6.04 -2.22
C VAL E 267 -5.61 -7.54 -2.23
N GLU E 268 -4.70 -8.29 -2.85
CA GLU E 268 -4.92 -9.71 -3.10
C GLU E 268 -5.13 -10.49 -1.80
N THR E 269 -5.99 -11.50 -1.87
CA THR E 269 -6.35 -12.28 -0.68
C THR E 269 -5.57 -13.59 -0.59
N ASP E 270 -5.17 -13.96 0.62
CA ASP E 270 -4.55 -15.25 0.86
C ASP E 270 -5.20 -15.94 2.06
N PHE E 271 -5.84 -17.07 1.80
CA PHE E 271 -6.53 -17.83 2.84
C PHE E 271 -5.51 -18.47 3.78
N ALA E 272 -4.51 -19.10 3.19
CA ALA E 272 -3.44 -19.76 3.94
C ALA E 272 -2.70 -18.80 4.86
N ALA E 273 -2.62 -17.53 4.46
CA ALA E 273 -1.98 -16.50 5.28
C ALA E 273 -2.69 -16.35 6.63
N GLU E 274 -3.99 -16.08 6.57
CA GLU E 274 -4.80 -15.90 7.78
C GLU E 274 -4.89 -17.19 8.59
N VAL E 275 -5.05 -18.32 7.90
CA VAL E 275 -5.10 -19.62 8.57
C VAL E 275 -3.82 -19.89 9.37
N ALA E 276 -2.68 -19.82 8.69
CA ALA E 276 -1.39 -20.03 9.35
C ALA E 276 -1.12 -18.97 10.41
N ALA E 277 -1.69 -17.80 10.23
CA ALA E 277 -1.56 -16.72 11.20
C ALA E 277 -2.24 -17.07 12.52
N MET E 278 -3.50 -17.45 12.45
CA MET E 278 -4.26 -17.82 13.64
C MET E 278 -3.73 -19.13 14.26
N SER E 279 -3.24 -20.01 13.40
CA SER E 279 -2.73 -21.30 13.85
C SER E 279 -1.25 -21.22 14.26
N LYS E 280 -0.69 -20.02 14.16
CA LYS E 280 0.71 -19.79 14.54
C LYS E 280 0.85 -19.79 16.06
N GLN E 281 -0.25 -19.50 16.75
CA GLN E 281 -0.26 -19.40 18.20
C GLN E 281 0.09 -20.73 18.88
N SER E 282 -0.14 -21.83 18.18
CA SER E 282 0.16 -23.15 18.71
C SER E 282 0.74 -24.07 17.63
N ARG F 7 -0.56 -44.93 3.91
CA ARG F 7 -0.03 -44.73 2.57
C ARG F 7 -1.15 -44.65 1.52
N THR F 8 -2.18 -45.46 1.72
CA THR F 8 -3.29 -45.54 0.78
C THR F 8 -4.42 -44.57 1.10
N LYS F 9 -4.23 -43.74 2.13
CA LYS F 9 -5.26 -42.80 2.55
C LYS F 9 -5.65 -41.84 1.42
N PRO F 10 -6.95 -41.81 1.10
CA PRO F 10 -7.49 -41.03 -0.03
C PRO F 10 -7.40 -39.53 0.18
N HIS F 11 -7.43 -38.78 -0.92
CA HIS F 11 -7.39 -37.33 -0.88
C HIS F 11 -8.79 -36.77 -1.04
N VAL F 12 -9.23 -35.97 -0.08
CA VAL F 12 -10.58 -35.39 -0.10
C VAL F 12 -10.52 -33.87 -0.21
N ASN F 13 -11.19 -33.34 -1.24
CA ASN F 13 -11.23 -31.89 -1.43
C ASN F 13 -12.50 -31.28 -0.87
N VAL F 14 -12.34 -30.36 0.07
CA VAL F 14 -13.47 -29.64 0.64
C VAL F 14 -13.17 -28.15 0.73
N GLY F 15 -14.15 -27.38 1.20
CA GLY F 15 -13.95 -25.97 1.35
C GLY F 15 -15.02 -25.30 2.20
N THR F 16 -14.66 -24.17 2.79
CA THR F 16 -15.59 -23.40 3.61
C THR F 16 -16.43 -22.47 2.74
N ILE F 17 -17.69 -22.29 3.12
CA ILE F 17 -18.56 -21.38 2.40
C ILE F 17 -19.49 -20.64 3.38
N GLY F 18 -19.70 -19.35 3.13
CA GLY F 18 -20.53 -18.54 4.00
C GLY F 18 -20.09 -17.09 4.01
N HIS F 19 -20.48 -16.36 5.04
CA HIS F 19 -20.04 -14.98 5.21
C HIS F 19 -18.65 -14.93 5.85
N VAL F 20 -17.86 -13.93 5.49
CA VAL F 20 -16.49 -13.79 5.98
C VAL F 20 -16.43 -13.51 7.48
N ASP F 21 -17.39 -12.73 7.98
CA ASP F 21 -17.40 -12.33 9.38
C ASP F 21 -18.05 -13.40 10.26
N HIS F 22 -18.45 -14.50 9.65
CA HIS F 22 -19.09 -15.60 10.37
C HIS F 22 -18.07 -16.62 10.88
N GLY F 23 -16.79 -16.31 10.71
CA GLY F 23 -15.74 -17.15 11.28
C GLY F 23 -15.14 -18.22 10.37
N LYS F 24 -15.19 -18.00 9.06
CA LYS F 24 -14.60 -18.91 8.09
C LYS F 24 -13.17 -19.33 8.44
N THR F 25 -12.25 -18.37 8.30
CA THR F 25 -10.83 -18.60 8.54
C THR F 25 -10.57 -19.09 9.96
N THR F 26 -11.28 -18.51 10.92
CA THR F 26 -11.17 -18.91 12.32
C THR F 26 -11.55 -20.38 12.47
N LEU F 27 -12.62 -20.78 11.81
CA LEU F 27 -13.08 -22.17 11.86
C LEU F 27 -12.08 -23.13 11.22
N THR F 28 -11.59 -22.77 10.03
CA THR F 28 -10.62 -23.63 9.33
C THR F 28 -9.33 -23.79 10.13
N ALA F 29 -8.83 -22.69 10.66
CA ALA F 29 -7.65 -22.70 11.51
C ALA F 29 -7.92 -23.51 12.78
N ALA F 30 -9.17 -23.47 13.24
CA ALA F 30 -9.57 -24.28 14.38
C ALA F 30 -9.51 -25.77 14.05
N ILE F 31 -9.95 -26.13 12.85
CA ILE F 31 -9.85 -27.51 12.37
C ILE F 31 -8.39 -27.95 12.36
N THR F 32 -7.55 -27.16 11.68
CA THR F 32 -6.12 -27.46 11.59
C THR F 32 -5.48 -27.65 12.97
N THR F 33 -5.66 -26.66 13.85
CA THR F 33 -5.07 -26.68 15.18
C THR F 33 -5.56 -27.83 16.06
N VAL F 34 -6.87 -28.01 16.15
CA VAL F 34 -7.46 -29.06 16.97
C VAL F 34 -7.09 -30.45 16.45
N LEU F 35 -7.20 -30.64 15.15
CA LEU F 35 -6.81 -31.92 14.54
C LEU F 35 -5.33 -32.22 14.74
N ALA F 36 -4.51 -31.18 14.71
CA ALA F 36 -3.08 -31.33 14.97
C ALA F 36 -2.84 -31.74 16.42
N LYS F 37 -3.57 -31.12 17.33
CA LYS F 37 -3.43 -31.38 18.76
C LYS F 37 -4.09 -32.70 19.17
N THR F 38 -4.85 -33.29 18.27
CA THR F 38 -5.56 -34.54 18.53
C THR F 38 -4.85 -35.73 17.89
N TYR F 39 -4.77 -35.72 16.56
CA TYR F 39 -4.15 -36.81 15.83
C TYR F 39 -2.76 -36.43 15.30
N GLY F 40 -1.86 -37.40 15.27
CA GLY F 40 -0.52 -37.20 14.75
C GLY F 40 -0.15 -38.25 13.72
N THR F 64 0.15 -20.61 -3.06
CA THR F 64 -0.75 -21.68 -2.65
C THR F 64 -2.09 -21.13 -2.18
N SER F 65 -3.16 -21.54 -2.86
CA SER F 65 -4.50 -21.04 -2.57
C SER F 65 -5.30 -21.93 -1.63
N HIS F 66 -4.70 -23.00 -1.14
CA HIS F 66 -5.42 -23.96 -0.30
C HIS F 66 -4.67 -24.30 0.98
N VAL F 67 -5.43 -24.71 2.01
CA VAL F 67 -4.84 -25.25 3.23
C VAL F 67 -5.22 -26.73 3.36
N GLU F 68 -4.35 -27.50 3.99
CA GLU F 68 -4.57 -28.94 4.09
C GLU F 68 -4.40 -29.43 5.54
N TYR F 69 -5.29 -30.34 5.95
CA TYR F 69 -5.19 -30.91 7.29
C TYR F 69 -5.44 -32.42 7.27
N ASP F 70 -4.83 -33.12 8.21
CA ASP F 70 -4.90 -34.59 8.25
C ASP F 70 -5.79 -35.14 9.35
N THR F 71 -6.86 -35.82 8.93
CA THR F 71 -7.67 -36.60 9.85
C THR F 71 -7.07 -38.02 9.86
N PRO F 72 -7.28 -38.77 10.95
CA PRO F 72 -6.58 -40.06 11.12
C PRO F 72 -6.69 -40.99 9.91
N THR F 73 -7.87 -41.08 9.30
CA THR F 73 -8.06 -41.94 8.14
C THR F 73 -7.99 -41.21 6.79
N ARG F 74 -7.84 -39.89 6.80
CA ARG F 74 -7.95 -39.12 5.55
C ARG F 74 -7.06 -37.88 5.48
N HIS F 75 -6.82 -37.42 4.25
CA HIS F 75 -6.14 -36.16 4.03
C HIS F 75 -7.08 -35.18 3.35
N TYR F 76 -7.30 -34.02 3.99
CA TYR F 76 -8.23 -33.03 3.47
C TYR F 76 -7.52 -31.81 2.90
N ALA F 77 -7.96 -31.37 1.73
CA ALA F 77 -7.50 -30.11 1.13
C ALA F 77 -8.63 -29.09 1.15
N HIS F 78 -8.41 -27.98 1.86
CA HIS F 78 -9.48 -27.02 2.11
C HIS F 78 -9.34 -25.78 1.23
N VAL F 79 -10.46 -25.27 0.74
CA VAL F 79 -10.45 -24.04 -0.05
C VAL F 79 -11.48 -23.03 0.45
N ASP F 80 -11.37 -21.79 -0.03
CA ASP F 80 -12.37 -20.78 0.27
C ASP F 80 -12.69 -19.99 -1.00
N CYS F 81 -13.98 -19.87 -1.31
CA CYS F 81 -14.40 -19.20 -2.53
C CYS F 81 -14.80 -17.76 -2.26
N PRO F 82 -13.96 -16.80 -2.68
CA PRO F 82 -14.30 -15.39 -2.55
C PRO F 82 -15.06 -14.88 -3.78
N GLY F 83 -16.08 -15.62 -4.19
CA GLY F 83 -16.95 -15.19 -5.27
C GLY F 83 -17.60 -16.36 -5.98
N HIS F 84 -18.57 -16.09 -6.84
CA HIS F 84 -19.22 -17.13 -7.62
C HIS F 84 -18.38 -17.53 -8.82
N ALA F 85 -17.93 -16.53 -9.56
CA ALA F 85 -17.18 -16.74 -10.80
C ALA F 85 -15.83 -17.38 -10.55
N ASP F 86 -15.24 -17.09 -9.39
CA ASP F 86 -13.94 -17.64 -9.04
C ASP F 86 -14.01 -19.16 -8.94
N TYR F 87 -14.98 -19.66 -8.18
CA TYR F 87 -15.12 -21.11 -8.02
C TYR F 87 -15.79 -21.80 -9.21
N VAL F 88 -16.62 -21.09 -9.95
CA VAL F 88 -17.13 -21.65 -11.20
C VAL F 88 -15.95 -21.89 -12.14
N LYS F 89 -15.09 -20.88 -12.25
CA LYS F 89 -13.87 -20.97 -13.05
C LYS F 89 -12.99 -22.12 -12.57
N ASN F 90 -12.84 -22.24 -11.26
CA ASN F 90 -12.03 -23.33 -10.70
C ASN F 90 -12.65 -24.71 -10.88
N MET F 91 -13.97 -24.76 -11.06
CA MET F 91 -14.68 -26.00 -11.32
C MET F 91 -14.48 -26.43 -12.77
N ILE F 92 -14.66 -25.49 -13.68
CA ILE F 92 -14.51 -25.76 -15.11
C ILE F 92 -13.06 -26.11 -15.48
N THR F 93 -12.11 -25.38 -14.91
CA THR F 93 -10.70 -25.66 -15.14
C THR F 93 -10.27 -26.93 -14.40
N GLY F 94 -11.10 -27.37 -13.47
CA GLY F 94 -10.84 -28.60 -12.73
C GLY F 94 -9.63 -28.52 -11.82
N ALA F 95 -9.30 -27.30 -11.39
CA ALA F 95 -8.18 -27.10 -10.48
C ALA F 95 -8.49 -27.75 -9.13
N ALA F 96 -9.61 -27.35 -8.54
CA ALA F 96 -10.06 -27.90 -7.27
C ALA F 96 -11.49 -28.39 -7.39
N GLN F 97 -11.68 -29.70 -7.25
CA GLN F 97 -13.02 -30.28 -7.34
C GLN F 97 -13.44 -30.76 -5.96
N MET F 98 -14.39 -30.05 -5.34
CA MET F 98 -14.77 -30.32 -3.95
C MET F 98 -15.64 -31.57 -3.81
N ASP F 99 -15.25 -32.44 -2.88
CA ASP F 99 -16.03 -33.62 -2.56
C ASP F 99 -17.09 -33.27 -1.52
N GLY F 100 -16.93 -32.10 -0.91
CA GLY F 100 -17.84 -31.64 0.11
C GLY F 100 -17.66 -30.17 0.41
N ALA F 101 -18.69 -29.55 0.99
CA ALA F 101 -18.63 -28.15 1.35
C ALA F 101 -19.08 -27.96 2.79
N ILE F 102 -18.25 -27.28 3.59
CA ILE F 102 -18.62 -26.96 4.96
C ILE F 102 -19.16 -25.53 5.05
N LEU F 103 -20.45 -25.42 5.36
CA LEU F 103 -21.16 -24.15 5.41
C LEU F 103 -21.12 -23.54 6.80
N VAL F 104 -20.45 -22.40 6.92
CA VAL F 104 -20.34 -21.71 8.20
C VAL F 104 -21.45 -20.66 8.36
N VAL F 105 -22.24 -20.79 9.42
CA VAL F 105 -23.27 -19.79 9.72
C VAL F 105 -23.32 -19.48 11.21
N ALA F 106 -23.27 -18.20 11.56
CA ALA F 106 -23.33 -17.78 12.95
C ALA F 106 -24.79 -17.64 13.40
N ALA F 107 -25.08 -18.13 14.60
CA ALA F 107 -26.45 -18.13 15.12
C ALA F 107 -26.88 -16.74 15.60
N THR F 108 -25.91 -15.88 15.85
CA THR F 108 -26.18 -14.50 16.26
C THR F 108 -26.84 -13.74 15.12
N ASP F 109 -26.50 -14.13 13.89
CA ASP F 109 -27.11 -13.56 12.70
C ASP F 109 -28.11 -14.56 12.12
N GLY F 110 -27.59 -15.71 11.71
CA GLY F 110 -28.41 -16.73 11.07
C GLY F 110 -28.24 -16.66 9.57
N PRO F 111 -29.14 -17.31 8.82
CA PRO F 111 -29.13 -17.25 7.36
C PRO F 111 -29.22 -15.82 6.84
N MET F 112 -28.63 -15.57 5.67
CA MET F 112 -28.56 -14.22 5.12
C MET F 112 -28.98 -14.22 3.65
N PRO F 113 -29.31 -13.03 3.10
CA PRO F 113 -29.69 -12.92 1.69
C PRO F 113 -28.64 -13.50 0.72
N GLN F 114 -27.38 -13.47 1.12
CA GLN F 114 -26.31 -14.05 0.30
C GLN F 114 -26.12 -15.55 0.57
N THR F 115 -26.73 -16.06 1.64
CA THR F 115 -26.65 -17.48 1.96
C THR F 115 -27.47 -18.29 0.95
N ARG F 116 -28.59 -17.72 0.53
CA ARG F 116 -29.40 -18.30 -0.53
C ARG F 116 -28.56 -18.48 -1.78
N GLU F 117 -27.76 -17.45 -2.08
CA GLU F 117 -26.87 -17.49 -3.23
C GLU F 117 -25.70 -18.45 -3.02
N HIS F 118 -25.34 -18.66 -1.76
CA HIS F 118 -24.29 -19.62 -1.41
C HIS F 118 -24.76 -21.04 -1.74
N ILE F 119 -25.95 -21.39 -1.24
CA ILE F 119 -26.53 -22.72 -1.48
C ILE F 119 -26.85 -22.90 -2.96
N LEU F 120 -27.30 -21.82 -3.59
CA LEU F 120 -27.57 -21.81 -5.02
C LEU F 120 -26.29 -22.14 -5.78
N LEU F 121 -25.19 -21.53 -5.35
CA LEU F 121 -23.87 -21.83 -5.90
C LEU F 121 -23.57 -23.30 -5.66
N GLY F 122 -24.00 -23.81 -4.51
CA GLY F 122 -23.82 -25.21 -4.18
C GLY F 122 -24.44 -26.14 -5.20
N ARG F 123 -25.73 -25.92 -5.50
CA ARG F 123 -26.44 -26.76 -6.47
C ARG F 123 -25.94 -26.53 -7.90
N GLN F 124 -25.62 -25.28 -8.23
CA GLN F 124 -25.17 -24.93 -9.57
C GLN F 124 -23.82 -25.54 -9.91
N VAL F 125 -22.85 -25.38 -9.02
CA VAL F 125 -21.51 -25.92 -9.23
C VAL F 125 -21.50 -27.42 -8.97
N GLY F 126 -22.60 -27.92 -8.42
CA GLY F 126 -22.77 -29.35 -8.23
C GLY F 126 -21.90 -30.00 -7.15
N VAL F 127 -21.89 -29.42 -5.96
CA VAL F 127 -21.25 -30.06 -4.82
C VAL F 127 -22.18 -31.13 -4.24
N PRO F 128 -21.70 -32.37 -4.15
CA PRO F 128 -22.54 -33.52 -3.77
C PRO F 128 -23.05 -33.49 -2.34
N TYR F 129 -22.24 -33.02 -1.40
CA TYR F 129 -22.63 -33.04 0.00
C TYR F 129 -22.27 -31.75 0.74
N ILE F 130 -23.16 -31.33 1.63
CA ILE F 130 -22.95 -30.13 2.42
C ILE F 130 -23.08 -30.42 3.91
N ILE F 131 -22.10 -29.98 4.70
CA ILE F 131 -22.14 -30.13 6.14
C ILE F 131 -22.30 -28.72 6.70
N VAL F 132 -22.84 -28.57 7.90
CA VAL F 132 -23.10 -27.24 8.45
C VAL F 132 -22.49 -27.02 9.84
N PHE F 133 -21.83 -25.88 10.01
CA PHE F 133 -21.29 -25.48 11.31
C PHE F 133 -21.94 -24.19 11.80
N LEU F 134 -22.60 -24.28 12.95
CA LEU F 134 -23.18 -23.13 13.61
C LEU F 134 -22.15 -22.53 14.56
N ASN F 135 -21.89 -21.23 14.40
CA ASN F 135 -20.85 -20.57 15.19
C ASN F 135 -21.42 -19.57 16.19
N LYS F 136 -20.67 -19.38 17.28
CA LYS F 136 -21.05 -18.46 18.36
C LYS F 136 -22.39 -18.83 19.00
N CYS F 137 -22.62 -20.13 19.18
CA CYS F 137 -23.82 -20.62 19.84
C CYS F 137 -23.80 -20.21 21.31
N ASP F 138 -22.58 -20.04 21.84
CA ASP F 138 -22.38 -19.63 23.23
C ASP F 138 -22.95 -18.24 23.50
N MET F 139 -23.03 -17.43 22.46
CA MET F 139 -23.52 -16.05 22.59
C MET F 139 -25.02 -15.95 22.30
N VAL F 140 -25.66 -17.09 22.10
CA VAL F 140 -27.12 -17.14 21.98
C VAL F 140 -27.73 -17.64 23.29
N ASP F 141 -28.65 -16.85 23.84
CA ASP F 141 -29.24 -17.15 25.14
C ASP F 141 -30.28 -18.27 25.08
N ASP F 142 -31.42 -17.98 24.45
CA ASP F 142 -32.50 -18.96 24.35
C ASP F 142 -32.20 -20.01 23.29
N GLU F 143 -32.42 -21.27 23.63
CA GLU F 143 -32.13 -22.37 22.71
C GLU F 143 -33.22 -22.53 21.65
N GLU F 144 -34.42 -22.03 21.94
CA GLU F 144 -35.50 -22.04 20.95
C GLU F 144 -35.09 -21.23 19.72
N LEU F 145 -34.35 -20.16 19.96
CA LEU F 145 -33.80 -19.33 18.89
C LEU F 145 -32.80 -20.13 18.07
N LEU F 146 -32.01 -20.95 18.75
CA LEU F 146 -31.06 -21.84 18.09
C LEU F 146 -31.78 -22.83 17.18
N GLU F 147 -32.85 -23.44 17.70
CA GLU F 147 -33.69 -24.35 16.92
C GLU F 147 -34.31 -23.64 15.73
N LEU F 148 -34.64 -22.36 15.89
CA LEU F 148 -35.28 -21.59 14.83
C LEU F 148 -34.29 -21.25 13.71
N VAL F 149 -33.09 -20.81 14.08
CA VAL F 149 -32.03 -20.53 13.12
C VAL F 149 -31.64 -21.80 12.38
N GLU F 150 -31.48 -22.88 13.14
CA GLU F 150 -31.13 -24.18 12.60
C GLU F 150 -32.16 -24.66 11.59
N MET F 151 -33.43 -24.62 11.97
CA MET F 151 -34.51 -25.05 11.09
C MET F 151 -34.58 -24.14 9.87
N GLU F 152 -34.23 -22.87 10.07
CA GLU F 152 -34.19 -21.91 8.96
C GLU F 152 -33.14 -22.32 7.94
N VAL F 153 -31.95 -22.69 8.42
CA VAL F 153 -30.88 -23.17 7.56
C VAL F 153 -31.27 -24.46 6.84
N ARG F 154 -31.82 -25.42 7.58
CA ARG F 154 -32.25 -26.70 7.01
C ARG F 154 -33.27 -26.49 5.89
N GLU F 155 -34.27 -25.64 6.16
CA GLU F 155 -35.30 -25.32 5.18
C GLU F 155 -34.67 -24.63 3.98
N LEU F 156 -33.66 -23.81 4.24
CA LEU F 156 -32.95 -23.10 3.18
C LEU F 156 -32.21 -24.09 2.28
N LEU F 157 -31.71 -25.16 2.88
CA LEU F 157 -31.05 -26.23 2.12
C LEU F 157 -32.08 -26.99 1.29
N SER F 158 -33.20 -27.36 1.92
CA SER F 158 -34.27 -28.07 1.22
C SER F 158 -34.87 -27.23 0.10
N GLN F 159 -34.67 -25.91 0.18
CA GLN F 159 -35.17 -25.01 -0.86
C GLN F 159 -34.52 -25.32 -2.21
N TYR F 160 -33.21 -25.57 -2.20
CA TYR F 160 -32.57 -26.09 -3.40
C TYR F 160 -32.07 -27.50 -3.17
N ASP F 161 -32.81 -28.49 -3.67
CA ASP F 161 -32.32 -29.84 -3.92
C ASP F 161 -31.40 -30.46 -2.85
N PHE F 162 -31.68 -30.22 -1.58
CA PHE F 162 -30.81 -30.73 -0.52
C PHE F 162 -31.59 -31.33 0.66
N PRO F 163 -31.00 -32.35 1.32
CA PRO F 163 -31.62 -33.02 2.47
C PRO F 163 -31.53 -32.19 3.74
N GLY F 164 -32.44 -31.22 3.88
CA GLY F 164 -32.45 -30.35 5.04
C GLY F 164 -32.70 -31.07 6.35
N ASP F 165 -33.56 -32.08 6.31
CA ASP F 165 -33.88 -32.86 7.51
C ASP F 165 -32.78 -33.87 7.80
N ASP F 166 -32.11 -34.34 6.75
CA ASP F 166 -31.11 -35.39 6.88
C ASP F 166 -29.67 -34.88 6.96
N THR F 167 -29.48 -33.56 6.84
CA THR F 167 -28.13 -33.00 6.90
C THR F 167 -27.63 -32.86 8.34
N PRO F 168 -26.37 -33.26 8.57
CA PRO F 168 -25.72 -33.09 9.88
C PRO F 168 -25.37 -31.63 10.12
N ILE F 169 -25.54 -31.17 11.36
CA ILE F 169 -25.22 -29.80 11.74
C ILE F 169 -24.57 -29.80 13.11
N VAL F 170 -23.47 -29.06 13.26
CA VAL F 170 -22.77 -29.01 14.54
C VAL F 170 -22.73 -27.60 15.13
N ARG F 171 -23.31 -27.45 16.32
CA ARG F 171 -23.33 -26.15 17.01
C ARG F 171 -22.14 -26.02 17.94
N GLY F 172 -21.28 -25.02 17.69
CA GLY F 172 -20.10 -24.83 18.50
C GLY F 172 -19.45 -23.47 18.33
N SER F 173 -18.25 -23.33 18.88
CA SER F 173 -17.50 -22.07 18.80
C SER F 173 -16.10 -22.29 18.25
N ALA F 174 -15.73 -21.51 17.24
CA ALA F 174 -14.40 -21.61 16.65
C ALA F 174 -13.35 -20.97 17.53
N LEU F 175 -13.64 -19.78 18.03
CA LEU F 175 -12.71 -19.02 18.88
C LEU F 175 -12.33 -19.78 20.15
N LYS F 176 -13.34 -20.21 20.90
CA LYS F 176 -13.14 -20.94 22.14
C LYS F 176 -12.34 -22.23 21.91
N ALA F 177 -12.51 -22.83 20.74
CA ALA F 177 -11.78 -24.04 20.39
C ALA F 177 -10.32 -23.74 20.05
N LEU F 178 -10.11 -22.66 19.31
CA LEU F 178 -8.78 -22.26 18.86
C LEU F 178 -7.90 -21.86 20.06
N GLU F 179 -8.52 -21.32 21.09
CA GLU F 179 -7.78 -20.87 22.28
C GLU F 179 -7.55 -22.00 23.27
N GLY F 180 -8.03 -23.19 22.92
CA GLY F 180 -7.71 -24.38 23.70
C GLY F 180 -8.73 -24.90 24.70
N ASP F 181 -9.98 -24.46 24.59
CA ASP F 181 -11.02 -24.99 25.48
C ASP F 181 -11.49 -26.35 24.97
N ALA F 182 -11.31 -27.38 25.79
CA ALA F 182 -11.56 -28.76 25.40
C ALA F 182 -13.03 -29.01 25.03
N GLU F 183 -13.94 -28.54 25.88
CA GLU F 183 -15.37 -28.68 25.65
C GLU F 183 -15.77 -28.17 24.27
N TRP F 184 -15.11 -27.09 23.85
CA TRP F 184 -15.37 -26.51 22.53
C TRP F 184 -14.51 -27.13 21.43
N GLU F 185 -13.49 -27.90 21.83
CA GLU F 185 -12.69 -28.65 20.86
C GLU F 185 -13.44 -29.89 20.41
N ALA F 186 -14.26 -30.41 21.32
CA ALA F 186 -15.10 -31.58 21.03
C ALA F 186 -16.03 -31.34 19.85
N LYS F 187 -16.51 -30.11 19.69
CA LYS F 187 -17.38 -29.76 18.57
C LYS F 187 -16.62 -29.82 17.25
N ILE F 188 -15.37 -29.36 17.28
CA ILE F 188 -14.50 -29.41 16.12
C ILE F 188 -14.24 -30.85 15.72
N LEU F 189 -13.91 -31.68 16.70
CA LEU F 189 -13.66 -33.10 16.46
C LEU F 189 -14.90 -33.80 15.91
N GLU F 190 -16.05 -33.47 16.47
CA GLU F 190 -17.32 -34.03 16.02
C GLU F 190 -17.59 -33.64 14.56
N LEU F 191 -17.35 -32.37 14.25
CA LEU F 191 -17.47 -31.87 12.89
C LEU F 191 -16.55 -32.66 11.94
N ALA F 192 -15.32 -32.89 12.38
CA ALA F 192 -14.36 -33.66 11.61
C ALA F 192 -14.87 -35.08 11.35
N GLY F 193 -15.49 -35.67 12.37
CA GLY F 193 -16.10 -36.98 12.22
C GLY F 193 -17.20 -36.97 11.17
N PHE F 194 -18.04 -35.94 11.22
CA PHE F 194 -19.09 -35.77 10.23
C PHE F 194 -18.51 -35.56 8.84
N LEU F 195 -17.29 -35.03 8.77
CA LEU F 195 -16.60 -34.85 7.52
C LEU F 195 -16.05 -36.21 7.05
N ASP F 196 -15.83 -37.10 8.00
CA ASP F 196 -15.33 -38.44 7.72
C ASP F 196 -16.45 -39.43 7.43
N SER F 197 -17.69 -39.03 7.70
CA SER F 197 -18.83 -39.92 7.50
C SER F 197 -19.73 -39.43 6.38
N TYR F 198 -20.35 -38.26 6.58
CA TYR F 198 -21.30 -37.70 5.62
C TYR F 198 -20.69 -37.44 4.24
N ILE F 199 -19.41 -37.09 4.21
CA ILE F 199 -18.70 -36.94 2.94
C ILE F 199 -17.98 -38.25 2.61
N PRO F 200 -18.49 -38.97 1.60
CA PRO F 200 -17.97 -40.30 1.22
C PRO F 200 -16.63 -40.21 0.52
N GLU F 201 -16.09 -41.36 0.15
CA GLU F 201 -14.84 -41.43 -0.58
C GLU F 201 -15.12 -41.35 -2.08
N PRO F 202 -14.39 -40.47 -2.79
CA PRO F 202 -14.50 -40.39 -4.25
C PRO F 202 -14.11 -41.73 -4.86
N GLU F 203 -14.84 -42.16 -5.87
CA GLU F 203 -14.60 -43.47 -6.49
C GLU F 203 -13.18 -43.57 -7.04
N ARG F 204 -12.48 -44.64 -6.67
CA ARG F 204 -11.14 -44.88 -7.19
C ARG F 204 -11.19 -45.19 -8.69
N ALA F 205 -10.11 -44.85 -9.39
CA ALA F 205 -10.02 -45.12 -10.83
C ALA F 205 -9.98 -46.62 -11.11
N ILE F 206 -9.44 -47.37 -10.15
CA ILE F 206 -9.36 -48.82 -10.25
C ILE F 206 -10.75 -49.45 -10.23
N ASP F 207 -11.63 -48.90 -9.40
CA ASP F 207 -12.97 -49.43 -9.24
C ASP F 207 -13.90 -49.04 -10.40
N LYS F 208 -13.53 -47.97 -11.10
CA LYS F 208 -14.28 -47.53 -12.28
C LYS F 208 -14.09 -48.52 -13.43
N PRO F 209 -15.05 -48.54 -14.38
CA PRO F 209 -14.92 -49.45 -15.53
C PRO F 209 -13.77 -49.07 -16.45
N PHE F 210 -13.08 -50.06 -17.01
CA PHE F 210 -11.85 -49.83 -17.77
C PHE F 210 -12.02 -48.95 -19.01
N LEU F 211 -11.21 -47.89 -19.10
CA LEU F 211 -11.13 -47.08 -20.31
C LEU F 211 -9.69 -46.64 -20.60
N LEU F 212 -9.23 -46.94 -21.81
CA LEU F 212 -7.91 -46.49 -22.27
C LEU F 212 -8.00 -45.60 -23.50
N PRO F 213 -7.66 -44.31 -23.36
CA PRO F 213 -7.59 -43.45 -24.55
C PRO F 213 -6.42 -43.86 -25.43
N ILE F 214 -6.64 -43.93 -26.74
CA ILE F 214 -5.61 -44.44 -27.64
C ILE F 214 -4.76 -43.33 -28.24
N GLU F 215 -3.50 -43.27 -27.81
CA GLU F 215 -2.55 -42.29 -28.31
C GLU F 215 -1.88 -42.70 -29.64
N ASP F 216 -1.76 -43.99 -29.88
CA ASP F 216 -1.15 -44.48 -31.11
C ASP F 216 -1.58 -45.90 -31.48
N VAL F 217 -1.42 -46.26 -32.75
CA VAL F 217 -1.75 -47.60 -33.23
C VAL F 217 -0.56 -48.21 -33.97
N PHE F 218 -0.34 -49.50 -33.76
CA PHE F 218 0.75 -50.20 -34.41
C PHE F 218 0.31 -51.56 -34.94
N SER F 219 0.84 -51.94 -36.10
CA SER F 219 0.65 -53.28 -36.63
C SER F 219 2.01 -53.98 -36.66
N ILE F 220 2.19 -54.95 -35.78
CA ILE F 220 3.46 -55.65 -35.67
C ILE F 220 3.40 -56.95 -36.49
N SER F 221 4.49 -57.29 -37.17
CA SER F 221 4.53 -58.54 -37.93
C SER F 221 5.03 -59.67 -37.03
N GLY F 222 4.23 -60.73 -36.90
CA GLY F 222 4.56 -61.83 -36.01
C GLY F 222 3.84 -61.74 -34.69
N ARG F 223 3.19 -60.61 -34.46
CA ARG F 223 2.42 -60.36 -33.24
C ARG F 223 1.01 -59.89 -33.59
N GLY F 224 0.92 -58.80 -34.32
CA GLY F 224 -0.36 -58.23 -34.71
C GLY F 224 -0.68 -56.92 -34.02
N THR F 225 -1.88 -56.40 -34.31
CA THR F 225 -2.25 -55.05 -33.89
C THR F 225 -2.14 -54.79 -32.38
N VAL F 226 -1.57 -53.65 -32.03
CA VAL F 226 -1.40 -53.24 -30.64
C VAL F 226 -1.58 -51.73 -30.52
N VAL F 227 -2.21 -51.28 -29.45
CA VAL F 227 -2.40 -49.86 -29.23
C VAL F 227 -1.64 -49.42 -27.97
N THR F 228 -1.30 -48.15 -27.89
CA THR F 228 -0.55 -47.65 -26.75
C THR F 228 -1.36 -46.61 -25.99
N GLY F 229 -1.09 -46.48 -24.70
CA GLY F 229 -1.71 -45.42 -23.93
C GLY F 229 -1.67 -45.59 -22.43
N ARG F 230 -2.13 -44.57 -21.73
CA ARG F 230 -2.27 -44.62 -20.28
C ARG F 230 -3.75 -44.82 -19.95
N VAL F 231 -4.05 -45.85 -19.17
CA VAL F 231 -5.43 -46.17 -18.84
C VAL F 231 -6.01 -45.19 -17.82
N GLU F 232 -7.09 -44.52 -18.22
CA GLU F 232 -7.72 -43.49 -17.39
C GLU F 232 -8.34 -44.10 -16.15
N ARG F 233 -9.02 -45.23 -16.33
CA ARG F 233 -9.67 -45.92 -15.22
C ARG F 233 -9.80 -47.42 -15.48
N GLY F 234 -9.90 -48.19 -14.40
CA GLY F 234 -10.22 -49.60 -14.52
C GLY F 234 -9.06 -50.56 -14.68
N ILE F 235 -9.40 -51.85 -14.80
CA ILE F 235 -8.42 -52.91 -14.99
C ILE F 235 -8.79 -53.69 -16.24
N ILE F 236 -7.79 -54.12 -17.01
CA ILE F 236 -8.04 -54.91 -18.20
C ILE F 236 -7.29 -56.25 -18.17
N LYS F 237 -8.03 -57.34 -18.13
CA LYS F 237 -7.44 -58.68 -18.12
C LYS F 237 -7.34 -59.22 -19.55
N VAL F 238 -6.28 -59.98 -19.82
CA VAL F 238 -6.11 -60.60 -21.13
C VAL F 238 -7.20 -61.64 -21.38
N GLY F 239 -7.77 -61.62 -22.57
CA GLY F 239 -8.88 -62.50 -22.91
C GLY F 239 -10.20 -61.77 -22.89
N GLU F 240 -10.26 -60.65 -22.17
CA GLU F 240 -11.46 -59.83 -22.11
C GLU F 240 -11.78 -59.24 -23.47
N GLU F 241 -13.06 -59.10 -23.79
CA GLU F 241 -13.43 -58.48 -25.04
C GLU F 241 -13.65 -56.99 -24.84
N VAL F 242 -12.71 -56.20 -25.34
CA VAL F 242 -12.85 -54.75 -25.35
C VAL F 242 -13.69 -54.28 -26.53
N GLU F 243 -14.31 -53.12 -26.34
CA GLU F 243 -15.05 -52.46 -27.38
C GLU F 243 -14.36 -51.13 -27.63
N ILE F 244 -13.95 -50.90 -28.88
CA ILE F 244 -13.30 -49.65 -29.24
C ILE F 244 -14.32 -48.65 -29.78
N VAL F 245 -14.54 -47.58 -29.01
CA VAL F 245 -15.54 -46.58 -29.37
C VAL F 245 -14.85 -45.24 -29.60
N GLY F 246 -15.29 -44.51 -30.63
CA GLY F 246 -14.58 -43.33 -31.06
C GLY F 246 -15.12 -42.74 -32.35
N ILE F 247 -14.24 -42.06 -33.08
CA ILE F 247 -14.58 -41.29 -34.28
C ILE F 247 -15.56 -41.98 -35.22
N LYS F 248 -15.10 -43.07 -35.85
CA LYS F 248 -15.96 -43.83 -36.76
C LYS F 248 -16.85 -44.78 -35.97
N GLU F 249 -17.66 -45.56 -36.68
CA GLU F 249 -18.59 -46.49 -36.04
C GLU F 249 -17.87 -47.46 -35.11
N THR F 250 -18.37 -47.56 -33.88
CA THR F 250 -17.73 -48.37 -32.84
C THR F 250 -17.57 -49.83 -33.24
N GLN F 251 -16.43 -50.40 -32.86
CA GLN F 251 -16.13 -51.80 -33.16
C GLN F 251 -15.86 -52.58 -31.89
N LYS F 252 -15.54 -53.85 -32.06
CA LYS F 252 -15.25 -54.73 -30.93
C LYS F 252 -14.09 -55.66 -31.27
N SER F 253 -13.30 -56.01 -30.26
CA SER F 253 -12.21 -56.97 -30.42
C SER F 253 -11.91 -57.60 -29.07
N THR F 254 -11.17 -58.71 -29.08
CA THR F 254 -10.76 -59.33 -27.83
C THR F 254 -9.28 -59.07 -27.57
N CYS F 255 -8.93 -58.89 -26.29
CA CYS F 255 -7.54 -58.59 -25.92
C CYS F 255 -6.62 -59.79 -26.14
N THR F 256 -5.58 -59.59 -26.95
CA THR F 256 -4.57 -60.62 -27.18
C THR F 256 -3.56 -60.65 -26.03
N GLY F 257 -3.18 -59.47 -25.55
CA GLY F 257 -2.22 -59.36 -24.48
C GLY F 257 -1.98 -57.91 -24.08
N VAL F 258 -1.37 -57.73 -22.91
CA VAL F 258 -1.02 -56.40 -22.42
C VAL F 258 0.46 -56.37 -22.09
N GLU F 259 1.19 -55.38 -22.57
CA GLU F 259 2.61 -55.31 -22.27
C GLU F 259 3.16 -53.91 -22.02
N MET F 260 4.32 -53.89 -21.39
CA MET F 260 5.07 -52.67 -21.08
C MET F 260 6.46 -52.94 -21.61
N PHE F 261 7.30 -51.91 -21.65
CA PHE F 261 8.65 -52.06 -22.19
C PHE F 261 9.42 -53.20 -21.54
N ARG F 262 9.34 -53.33 -20.22
CA ARG F 262 10.09 -54.34 -19.50
C ARG F 262 9.58 -55.75 -19.75
N LYS F 263 8.29 -55.97 -19.53
CA LYS F 263 7.72 -57.31 -19.62
C LYS F 263 6.30 -57.34 -20.18
N LEU F 264 5.71 -58.54 -20.19
CA LEU F 264 4.33 -58.74 -20.59
C LEU F 264 3.44 -58.85 -19.36
N LEU F 265 2.24 -58.30 -19.45
CA LEU F 265 1.31 -58.31 -18.32
C LEU F 265 0.06 -59.12 -18.66
N ASP F 266 -0.53 -59.74 -17.65
CA ASP F 266 -1.83 -60.38 -17.82
C ASP F 266 -2.93 -59.40 -17.47
N GLU F 267 -2.54 -58.26 -16.89
CA GLU F 267 -3.49 -57.20 -16.58
C GLU F 267 -2.90 -55.80 -16.73
N GLY F 268 -3.64 -54.91 -17.38
CA GLY F 268 -3.36 -53.49 -17.30
C GLY F 268 -4.12 -52.91 -16.12
N ARG F 269 -3.54 -51.92 -15.45
CA ARG F 269 -4.19 -51.29 -14.30
C ARG F 269 -4.16 -49.78 -14.45
N ALA F 270 -5.19 -49.11 -13.93
CA ALA F 270 -5.32 -47.66 -14.07
C ALA F 270 -4.09 -46.89 -13.61
N GLY F 271 -3.72 -45.87 -14.35
CA GLY F 271 -2.55 -45.07 -14.02
C GLY F 271 -1.30 -45.56 -14.72
N GLU F 272 -1.33 -46.81 -15.20
CA GLU F 272 -0.18 -47.39 -15.88
C GLU F 272 -0.14 -47.02 -17.36
N ASN F 273 1.07 -46.79 -17.86
CA ASN F 273 1.28 -46.58 -19.29
C ASN F 273 1.64 -47.91 -19.94
N VAL F 274 0.74 -48.43 -20.77
CA VAL F 274 0.89 -49.77 -21.34
C VAL F 274 0.54 -49.85 -22.81
N GLY F 275 1.01 -50.92 -23.45
CA GLY F 275 0.47 -51.34 -24.73
C GLY F 275 -0.56 -52.42 -24.50
N VAL F 276 -1.52 -52.52 -25.42
CA VAL F 276 -2.57 -53.54 -25.36
C VAL F 276 -2.71 -54.16 -26.75
N LEU F 277 -2.48 -55.47 -26.83
CA LEU F 277 -2.64 -56.17 -28.10
C LEU F 277 -4.10 -56.53 -28.34
N LEU F 278 -4.52 -56.51 -29.60
CA LEU F 278 -5.90 -56.80 -29.95
C LEU F 278 -5.98 -57.92 -30.98
N ARG F 279 -7.12 -58.61 -31.04
CA ARG F 279 -7.29 -59.72 -31.96
C ARG F 279 -8.29 -59.39 -33.07
N GLY F 280 -7.87 -59.60 -34.31
CA GLY F 280 -8.76 -59.46 -35.45
C GLY F 280 -8.84 -58.06 -36.03
N ILE F 281 -8.48 -57.06 -35.21
CA ILE F 281 -8.56 -55.67 -35.64
C ILE F 281 -7.36 -55.29 -36.49
N LYS F 282 -7.51 -54.27 -37.34
CA LYS F 282 -6.44 -53.80 -38.20
C LYS F 282 -6.04 -52.37 -37.86
N ARG F 283 -4.82 -52.00 -38.21
CA ARG F 283 -4.27 -50.68 -37.87
C ARG F 283 -5.03 -49.53 -38.52
N GLU F 284 -5.51 -49.76 -39.75
CA GLU F 284 -6.28 -48.75 -40.47
C GLU F 284 -7.72 -48.64 -39.93
N GLU F 285 -8.09 -49.57 -39.06
CA GLU F 285 -9.41 -49.57 -38.46
C GLU F 285 -9.43 -48.88 -37.11
N ILE F 286 -8.28 -48.43 -36.65
CA ILE F 286 -8.18 -47.72 -35.38
C ILE F 286 -7.59 -46.33 -35.56
N GLU F 287 -8.29 -45.33 -35.02
CA GLU F 287 -7.91 -43.94 -35.17
C GLU F 287 -7.53 -43.38 -33.81
N ARG F 288 -6.64 -42.38 -33.79
CA ARG F 288 -6.27 -41.73 -32.56
C ARG F 288 -7.40 -40.80 -32.13
N GLY F 289 -7.72 -40.83 -30.84
CA GLY F 289 -8.88 -40.11 -30.32
C GLY F 289 -9.97 -41.10 -29.95
N GLN F 290 -9.84 -42.32 -30.43
CA GLN F 290 -10.74 -43.39 -30.04
C GLN F 290 -10.30 -43.94 -28.68
N VAL F 291 -11.25 -44.52 -27.95
CA VAL F 291 -10.94 -45.12 -26.66
C VAL F 291 -11.29 -46.61 -26.66
N LEU F 292 -10.69 -47.32 -25.72
CA LEU F 292 -10.85 -48.77 -25.59
C LEU F 292 -11.50 -49.06 -24.24
N ALA F 293 -12.74 -49.55 -24.26
CA ALA F 293 -13.46 -49.77 -23.02
C ALA F 293 -14.41 -50.95 -23.15
N LYS F 294 -14.74 -51.60 -22.03
CA LYS F 294 -15.68 -52.72 -22.07
C LYS F 294 -16.99 -52.29 -22.73
N PRO F 295 -17.66 -53.22 -23.42
CA PRO F 295 -18.90 -52.93 -24.15
C PRO F 295 -20.00 -52.32 -23.28
N GLY F 296 -20.70 -51.33 -23.81
CA GLY F 296 -21.81 -50.71 -23.11
C GLY F 296 -21.41 -49.72 -22.03
N THR F 297 -20.12 -49.65 -21.73
CA THR F 297 -19.62 -48.75 -20.69
C THR F 297 -19.70 -47.29 -21.10
N ILE F 298 -19.15 -46.97 -22.28
CA ILE F 298 -19.15 -45.61 -22.78
C ILE F 298 -19.84 -45.53 -24.14
N LYS F 299 -20.49 -44.41 -24.41
CA LYS F 299 -21.17 -44.20 -25.69
C LYS F 299 -20.54 -43.04 -26.47
N PRO F 300 -20.54 -43.17 -27.80
CA PRO F 300 -20.10 -42.07 -28.67
C PRO F 300 -21.17 -41.00 -28.74
N HIS F 301 -20.76 -39.74 -28.75
CA HIS F 301 -21.70 -38.63 -28.87
C HIS F 301 -21.08 -37.47 -29.64
N THR F 302 -21.92 -36.72 -30.33
CA THR F 302 -21.48 -35.55 -31.08
C THR F 302 -22.04 -34.27 -30.45
N LYS F 303 -23.36 -34.15 -30.46
CA LYS F 303 -24.04 -33.01 -29.84
C LYS F 303 -24.19 -33.22 -28.33
N PHE F 304 -24.09 -32.12 -27.58
CA PHE F 304 -24.19 -32.15 -26.12
C PHE F 304 -24.12 -30.73 -25.57
N GLU F 305 -24.34 -30.55 -24.28
CA GLU F 305 -24.23 -29.23 -23.67
C GLU F 305 -23.26 -29.22 -22.48
N SER F 306 -22.53 -28.12 -22.34
CA SER F 306 -21.48 -28.01 -21.33
C SER F 306 -21.22 -26.57 -20.92
N GLU F 307 -20.58 -26.40 -19.76
CA GLU F 307 -20.23 -25.07 -19.29
C GLU F 307 -18.72 -24.83 -19.39
N VAL F 308 -18.34 -23.83 -20.17
CA VAL F 308 -16.92 -23.55 -20.40
C VAL F 308 -16.51 -22.14 -19.97
N TYR F 309 -15.20 -21.98 -19.80
CA TYR F 309 -14.59 -20.71 -19.47
C TYR F 309 -13.47 -20.42 -20.47
N ILE F 310 -13.46 -19.21 -21.03
CA ILE F 310 -12.46 -18.83 -22.01
C ILE F 310 -11.28 -18.14 -21.31
N LEU F 311 -10.06 -18.44 -21.76
CA LEU F 311 -8.88 -17.76 -21.23
C LEU F 311 -8.91 -16.28 -21.60
N SER F 312 -8.46 -15.41 -20.70
CA SER F 312 -8.40 -13.99 -20.99
C SER F 312 -7.21 -13.68 -21.88
N LYS F 313 -7.05 -12.41 -22.23
CA LYS F 313 -5.93 -11.98 -23.07
C LYS F 313 -4.61 -12.18 -22.34
N ASP F 314 -4.62 -11.92 -21.04
CA ASP F 314 -3.41 -12.07 -20.22
C ASP F 314 -3.14 -13.54 -19.90
N GLU F 315 -4.15 -14.38 -20.07
CA GLU F 315 -4.02 -15.80 -19.78
C GLU F 315 -3.52 -16.60 -20.99
N GLY F 316 -3.28 -15.91 -22.09
CA GLY F 316 -2.79 -16.55 -23.29
C GLY F 316 -3.90 -16.92 -24.24
N GLY F 317 -5.11 -16.44 -23.96
CA GLY F 317 -6.26 -16.69 -24.82
C GLY F 317 -6.38 -15.63 -25.89
N ARG F 318 -7.51 -15.63 -26.60
CA ARG F 318 -7.74 -14.67 -27.67
C ARG F 318 -8.14 -13.31 -27.13
N HIS F 319 -7.81 -12.26 -27.89
CA HIS F 319 -8.17 -10.90 -27.55
C HIS F 319 -9.53 -10.54 -28.16
N THR F 320 -10.01 -11.44 -29.01
CA THR F 320 -11.24 -11.20 -29.78
C THR F 320 -12.41 -11.99 -29.22
N PRO F 321 -13.52 -11.30 -28.91
CA PRO F 321 -14.75 -11.98 -28.49
C PRO F 321 -15.35 -12.76 -29.65
N PHE F 322 -16.10 -13.82 -29.36
CA PHE F 322 -16.75 -14.58 -30.43
C PHE F 322 -18.28 -14.51 -30.39
N PHE F 323 -18.90 -15.21 -31.32
CA PHE F 323 -20.33 -15.04 -31.58
C PHE F 323 -21.00 -16.35 -31.94
N LYS F 324 -22.23 -16.26 -32.45
CA LYS F 324 -23.07 -17.40 -32.78
C LYS F 324 -22.39 -18.48 -33.64
N GLY F 325 -21.56 -18.06 -34.59
CA GLY F 325 -20.98 -18.99 -35.54
C GLY F 325 -19.62 -19.55 -35.18
N TYR F 326 -19.27 -19.53 -33.90
CA TYR F 326 -17.96 -19.99 -33.43
C TYR F 326 -17.70 -21.45 -33.81
N ARG F 327 -16.56 -21.69 -34.45
CA ARG F 327 -16.20 -23.04 -34.90
C ARG F 327 -14.76 -23.42 -34.55
N PRO F 328 -14.47 -23.61 -33.24
CA PRO F 328 -13.12 -23.96 -32.82
C PRO F 328 -12.90 -25.46 -32.80
N GLN F 329 -11.74 -25.89 -32.31
CA GLN F 329 -11.48 -27.30 -32.08
C GLN F 329 -11.73 -27.64 -30.61
N PHE F 330 -12.28 -28.83 -30.38
CA PHE F 330 -12.48 -29.32 -29.02
C PHE F 330 -11.59 -30.54 -28.77
N TYR F 331 -10.85 -30.49 -27.67
CA TYR F 331 -9.82 -31.49 -27.38
C TYR F 331 -10.27 -32.41 -26.26
N PHE F 332 -10.48 -33.68 -26.58
CA PHE F 332 -10.78 -34.66 -25.55
C PHE F 332 -9.67 -35.71 -25.43
N ARG F 333 -8.85 -35.55 -24.38
CA ARG F 333 -7.90 -36.57 -23.89
C ARG F 333 -6.81 -37.01 -24.87
N THR F 334 -7.07 -36.85 -26.17
CA THR F 334 -6.10 -37.20 -27.21
C THR F 334 -6.03 -36.20 -28.36
N THR F 335 -7.11 -36.12 -29.12
CA THR F 335 -7.11 -35.35 -30.38
C THR F 335 -8.09 -34.17 -30.40
N ASP F 336 -8.09 -33.46 -31.52
CA ASP F 336 -8.99 -32.34 -31.73
C ASP F 336 -10.15 -32.75 -32.63
N VAL F 337 -11.32 -32.20 -32.35
CA VAL F 337 -12.49 -32.38 -33.21
C VAL F 337 -13.25 -31.07 -33.38
N THR F 338 -13.48 -30.67 -34.62
CA THR F 338 -14.18 -29.43 -34.94
C THR F 338 -15.63 -29.49 -34.44
N GLY F 339 -16.17 -28.34 -34.05
CA GLY F 339 -17.54 -28.27 -33.57
C GLY F 339 -18.18 -26.91 -33.72
N THR F 340 -19.51 -26.88 -33.78
CA THR F 340 -20.25 -25.62 -33.84
C THR F 340 -21.01 -25.43 -32.53
N ILE F 341 -21.06 -24.20 -32.04
CA ILE F 341 -21.62 -23.95 -30.72
C ILE F 341 -22.92 -23.14 -30.75
N GLU F 342 -23.75 -23.34 -29.74
CA GLU F 342 -24.97 -22.58 -29.57
C GLU F 342 -24.89 -21.84 -28.24
N LEU F 343 -25.10 -20.54 -28.29
CA LEU F 343 -25.15 -19.71 -27.09
C LEU F 343 -26.57 -19.71 -26.53
N PRO F 344 -26.71 -19.55 -25.21
CA PRO F 344 -28.04 -19.49 -24.60
C PRO F 344 -28.73 -18.18 -24.97
N GLU F 345 -30.05 -18.12 -24.80
CA GLU F 345 -30.80 -16.90 -25.06
C GLU F 345 -30.38 -15.82 -24.08
N GLY F 346 -30.46 -14.56 -24.51
CA GLY F 346 -30.12 -13.44 -23.66
C GLY F 346 -28.70 -12.94 -23.90
N VAL F 347 -27.87 -13.81 -24.47
CA VAL F 347 -26.50 -13.45 -24.79
C VAL F 347 -26.26 -13.48 -26.30
N GLU F 348 -25.36 -12.62 -26.76
CA GLU F 348 -24.95 -12.59 -28.16
C GLU F 348 -23.44 -12.67 -28.26
N MET F 349 -22.75 -11.67 -27.73
CA MET F 349 -21.30 -11.66 -27.74
C MET F 349 -20.70 -12.35 -26.51
N VAL F 350 -19.64 -13.12 -26.73
CA VAL F 350 -18.91 -13.76 -25.64
C VAL F 350 -17.49 -13.24 -25.59
N MET F 351 -17.17 -12.49 -24.54
CA MET F 351 -15.85 -11.87 -24.40
C MET F 351 -14.77 -12.86 -23.95
N PRO F 352 -13.49 -12.45 -24.07
CA PRO F 352 -12.33 -13.24 -23.65
C PRO F 352 -12.15 -13.36 -22.15
N GLY F 353 -12.73 -14.39 -21.54
CA GLY F 353 -12.62 -14.59 -20.11
C GLY F 353 -13.85 -14.50 -19.23
N ASP F 354 -15.03 -14.33 -19.81
CA ASP F 354 -16.25 -14.52 -19.04
C ASP F 354 -16.62 -16.01 -18.98
N ASN F 355 -17.67 -16.34 -18.24
CA ASN F 355 -18.15 -17.72 -18.15
C ASN F 355 -19.33 -17.92 -19.08
N ILE F 356 -19.33 -19.02 -19.83
CA ILE F 356 -20.43 -19.25 -20.77
C ILE F 356 -20.91 -20.70 -20.79
N LYS F 357 -22.22 -20.89 -20.91
CA LYS F 357 -22.79 -22.22 -21.00
C LYS F 357 -23.22 -22.46 -22.45
N MET F 358 -22.53 -23.34 -23.15
CA MET F 358 -22.76 -23.52 -24.58
C MET F 358 -23.16 -24.94 -24.96
N VAL F 359 -23.81 -25.06 -26.11
CA VAL F 359 -24.16 -26.36 -26.66
C VAL F 359 -23.24 -26.70 -27.84
N VAL F 360 -22.37 -27.69 -27.65
CA VAL F 360 -21.41 -28.07 -28.68
C VAL F 360 -21.92 -29.22 -29.56
N THR F 361 -21.82 -29.03 -30.87
CA THR F 361 -22.14 -30.08 -31.84
C THR F 361 -20.89 -30.42 -32.64
N LEU F 362 -20.34 -31.61 -32.41
CA LEU F 362 -19.12 -32.03 -33.08
C LEU F 362 -19.39 -32.57 -34.49
N ILE F 363 -18.39 -32.45 -35.37
CA ILE F 363 -18.49 -32.96 -36.73
C ILE F 363 -18.57 -34.49 -36.74
N HIS F 364 -17.71 -35.13 -35.93
CA HIS F 364 -17.78 -36.57 -35.74
C HIS F 364 -17.85 -36.90 -34.25
N PRO F 365 -18.60 -37.96 -33.90
CA PRO F 365 -18.85 -38.30 -32.49
C PRO F 365 -17.61 -38.80 -31.75
N ILE F 366 -17.50 -38.44 -30.47
CA ILE F 366 -16.43 -38.92 -29.60
C ILE F 366 -17.07 -39.68 -28.45
N ALA F 367 -16.38 -40.69 -27.93
CA ALA F 367 -16.88 -41.42 -26.77
C ALA F 367 -16.82 -40.49 -25.57
N MET F 368 -17.96 -40.28 -24.91
CA MET F 368 -17.99 -39.32 -23.80
C MET F 368 -18.95 -39.72 -22.70
N ASP F 369 -18.62 -39.30 -21.48
CA ASP F 369 -19.44 -39.54 -20.31
C ASP F 369 -19.54 -38.23 -19.55
N ASP F 370 -20.66 -38.00 -18.87
CA ASP F 370 -20.85 -36.76 -18.12
C ASP F 370 -19.79 -36.62 -17.03
N GLY F 371 -19.17 -35.45 -16.95
CA GLY F 371 -18.08 -35.23 -16.02
C GLY F 371 -16.73 -35.25 -16.72
N LEU F 372 -16.77 -35.40 -18.04
CA LEU F 372 -15.56 -35.37 -18.86
C LEU F 372 -15.09 -33.93 -19.05
N ARG F 373 -13.82 -33.69 -18.76
CA ARG F 373 -13.23 -32.37 -18.90
C ARG F 373 -12.43 -32.28 -20.18
N PHE F 374 -12.67 -31.24 -20.97
CA PHE F 374 -11.99 -31.08 -22.25
C PHE F 374 -11.31 -29.73 -22.41
N ALA F 375 -10.74 -29.48 -23.58
CA ALA F 375 -10.12 -28.18 -23.86
C ALA F 375 -10.71 -27.56 -25.12
N ILE F 376 -10.50 -26.26 -25.27
CA ILE F 376 -10.90 -25.55 -26.50
C ILE F 376 -9.64 -25.00 -27.16
N ARG F 377 -9.40 -25.39 -28.40
CA ARG F 377 -8.16 -25.00 -29.08
C ARG F 377 -8.39 -24.34 -30.44
N GLU F 378 -7.61 -23.30 -30.69
CA GLU F 378 -7.53 -22.68 -32.00
C GLU F 378 -6.11 -22.86 -32.55
N GLY F 379 -5.97 -23.71 -33.57
CA GLY F 379 -4.69 -23.95 -34.21
C GLY F 379 -3.58 -24.42 -33.30
N GLY F 380 -3.93 -25.05 -32.19
CA GLY F 380 -2.94 -25.54 -31.25
C GLY F 380 -2.77 -24.64 -30.04
N ARG F 381 -3.46 -23.50 -30.04
CA ARG F 381 -3.43 -22.57 -28.92
C ARG F 381 -4.69 -22.71 -28.09
N THR F 382 -4.54 -23.03 -26.80
CA THR F 382 -5.70 -23.26 -25.95
C THR F 382 -6.33 -21.92 -25.55
N VAL F 383 -7.58 -21.72 -25.97
CA VAL F 383 -8.29 -20.48 -25.69
C VAL F 383 -9.22 -20.62 -24.49
N GLY F 384 -9.28 -21.82 -23.94
CA GLY F 384 -10.17 -22.10 -22.82
C GLY F 384 -10.46 -23.58 -22.67
N ALA F 385 -11.24 -23.93 -21.64
CA ALA F 385 -11.57 -25.32 -21.37
C ALA F 385 -13.02 -25.46 -20.92
N GLY F 386 -13.53 -26.68 -20.94
CA GLY F 386 -14.90 -26.93 -20.53
C GLY F 386 -15.13 -28.32 -19.98
N VAL F 387 -16.24 -28.51 -19.28
CA VAL F 387 -16.62 -29.81 -18.74
C VAL F 387 -18.02 -30.15 -19.21
N VAL F 388 -18.21 -31.36 -19.73
CA VAL F 388 -19.52 -31.77 -20.23
C VAL F 388 -20.56 -31.82 -19.10
N ALA F 389 -21.73 -31.26 -19.37
CA ALA F 389 -22.82 -31.22 -18.39
C ALA F 389 -23.89 -32.23 -18.74
N LYS F 390 -24.58 -32.01 -19.86
CA LYS F 390 -25.64 -32.91 -20.27
C LYS F 390 -25.34 -33.54 -21.63
N VAL F 391 -25.32 -34.85 -21.68
CA VAL F 391 -25.04 -35.58 -22.92
C VAL F 391 -26.30 -35.65 -23.79
N LEU F 392 -26.11 -35.57 -25.10
CA LEU F 392 -27.23 -35.57 -26.04
C LEU F 392 -26.90 -36.42 -27.27
N GLY F 393 -27.79 -36.39 -28.26
CA GLY F 393 -27.57 -37.12 -29.49
C GLY F 393 -27.63 -36.22 -30.71
N ASN G 8 -9.23 -24.10 -54.03
CA ASN G 8 -8.64 -24.41 -55.32
C ASN G 8 -7.87 -23.23 -55.90
N SER G 9 -8.59 -22.32 -56.58
CA SER G 9 -7.97 -21.20 -57.27
C SER G 9 -7.10 -20.31 -56.39
N LEU G 10 -7.65 -19.85 -55.27
CA LEU G 10 -6.93 -18.97 -54.37
C LEU G 10 -5.67 -19.64 -53.82
N SER G 11 -5.77 -20.92 -53.53
CA SER G 11 -4.64 -21.67 -53.00
C SER G 11 -3.65 -22.04 -54.10
N ALA G 12 -4.15 -22.23 -55.32
CA ALA G 12 -3.30 -22.60 -56.45
C ALA G 12 -2.52 -21.42 -57.01
N GLN G 13 -3.05 -20.21 -56.81
CA GLN G 13 -2.34 -19.00 -57.19
C GLN G 13 -1.10 -18.85 -56.32
N LEU G 14 -1.31 -18.99 -55.01
CA LEU G 14 -0.24 -18.87 -54.04
C LEU G 14 0.75 -20.03 -54.14
N ARG G 15 0.24 -21.21 -54.48
CA ARG G 15 1.11 -22.38 -54.67
C ARG G 15 1.97 -22.21 -55.92
N ARG G 16 1.35 -21.75 -57.00
CA ARG G 16 2.06 -21.51 -58.25
C ARG G 16 3.10 -20.42 -58.08
N ALA G 17 2.77 -19.41 -57.27
CA ALA G 17 3.68 -18.30 -57.03
C ALA G 17 4.79 -18.64 -56.04
N ALA G 18 4.55 -19.64 -55.19
CA ALA G 18 5.52 -20.04 -54.18
C ALA G 18 6.61 -20.93 -54.78
N ASN G 19 6.22 -21.75 -55.75
CA ASN G 19 7.14 -22.71 -56.35
C ASN G 19 7.88 -22.14 -57.55
N THR G 20 7.66 -20.86 -57.85
CA THR G 20 8.38 -20.20 -58.92
C THR G 20 9.83 -19.96 -58.49
N ARG G 21 10.70 -19.74 -59.47
CA ARG G 21 12.08 -19.41 -59.20
C ARG G 21 12.35 -17.98 -59.64
N ILE G 22 12.58 -17.09 -58.68
CA ILE G 22 12.92 -15.71 -58.99
C ILE G 22 14.41 -15.58 -59.26
N GLU G 23 14.78 -14.81 -60.27
CA GLU G 23 16.18 -14.66 -60.64
C GLU G 23 16.51 -13.28 -61.19
N VAL G 24 17.71 -12.81 -60.86
CA VAL G 24 18.22 -11.53 -61.34
C VAL G 24 19.71 -11.69 -61.61
N GLU G 25 20.23 -11.01 -62.62
CA GLU G 25 21.65 -11.09 -62.94
C GLU G 25 22.50 -10.54 -61.79
N GLY G 26 23.51 -11.31 -61.38
CA GLY G 26 24.36 -10.91 -60.28
C GLY G 26 23.86 -11.46 -58.95
N ASN G 27 24.68 -11.32 -57.91
CA ASN G 27 24.30 -11.76 -56.57
C ASN G 27 23.21 -10.86 -56.00
N LEU G 28 22.09 -11.46 -55.60
CA LEU G 28 20.97 -10.70 -55.05
C LEU G 28 21.21 -10.33 -53.60
N ALA G 29 21.78 -11.26 -52.83
CA ALA G 29 22.09 -11.02 -51.43
C ALA G 29 23.04 -9.83 -51.27
N LEU G 30 24.09 -9.82 -52.09
CA LEU G 30 25.07 -8.75 -52.06
C LEU G 30 24.46 -7.43 -52.52
N SER G 31 23.54 -7.50 -53.47
CA SER G 31 22.84 -6.32 -53.97
C SER G 31 21.99 -5.69 -52.86
N ILE G 32 21.23 -6.53 -52.17
CA ILE G 32 20.40 -6.09 -51.05
C ILE G 32 21.26 -5.49 -49.94
N ALA G 33 22.31 -6.21 -49.55
CA ALA G 33 23.25 -5.72 -48.54
C ALA G 33 23.80 -4.35 -48.92
N ASN G 34 24.26 -4.24 -50.16
CA ASN G 34 24.82 -2.99 -50.68
C ASN G 34 23.83 -1.82 -50.65
N ASP G 35 22.61 -2.06 -51.13
CA ASP G 35 21.58 -1.02 -51.11
C ASP G 35 21.24 -0.62 -49.69
N LEU G 36 21.35 -1.57 -48.76
CA LEU G 36 21.12 -1.31 -47.35
C LEU G 36 22.21 -0.40 -46.79
N LEU G 37 23.46 -0.68 -47.15
CA LEU G 37 24.60 0.11 -46.72
C LEU G 37 24.51 1.54 -47.28
N LEU G 38 24.20 1.64 -48.56
CA LEU G 38 23.98 2.93 -49.21
C LEU G 38 22.82 3.68 -48.55
N ALA G 39 21.82 2.93 -48.09
CA ALA G 39 20.71 3.52 -47.36
C ALA G 39 21.20 4.11 -46.06
N TYR G 40 22.13 3.42 -45.39
CA TYR G 40 22.71 3.94 -44.16
C TYR G 40 23.96 4.79 -44.43
N GLY G 41 24.40 4.83 -45.68
CA GLY G 41 25.51 5.66 -46.08
C GLY G 41 26.87 5.00 -45.98
N GLN G 42 26.90 3.77 -45.48
CA GLN G 42 28.16 3.05 -45.30
C GLN G 42 28.74 2.52 -46.61
N SER G 43 30.04 2.23 -46.60
CA SER G 43 30.75 1.74 -47.78
C SER G 43 30.28 0.35 -48.20
N PRO G 44 29.85 0.20 -49.47
CA PRO G 44 29.38 -1.08 -50.01
C PRO G 44 30.51 -2.02 -50.34
N PHE G 45 30.22 -3.32 -50.41
CA PHE G 45 31.21 -4.31 -50.81
C PHE G 45 31.40 -4.28 -52.32
N ASN G 46 32.64 -4.07 -52.76
CA ASN G 46 32.94 -4.05 -54.18
C ASN G 46 33.45 -5.41 -54.66
N SER G 47 33.61 -6.33 -53.72
CA SER G 47 34.08 -7.68 -54.01
C SER G 47 33.66 -8.68 -52.94
N GLU G 48 33.71 -9.96 -53.27
CA GLU G 48 33.29 -11.01 -52.34
C GLU G 48 34.23 -11.15 -51.14
N ALA G 49 35.47 -10.67 -51.31
CA ALA G 49 36.44 -10.69 -50.21
C ALA G 49 36.08 -9.66 -49.16
N GLU G 50 35.57 -8.51 -49.61
CA GLU G 50 35.19 -7.41 -48.72
C GLU G 50 34.07 -7.81 -47.75
N CYS G 51 33.25 -8.77 -48.15
CA CYS G 51 32.16 -9.25 -47.31
C CYS G 51 32.70 -9.90 -46.04
N ILE G 52 33.75 -10.70 -46.19
CA ILE G 52 34.35 -11.41 -45.06
C ILE G 52 35.58 -10.70 -44.48
N SER G 53 35.98 -9.60 -45.09
CA SER G 53 37.21 -8.90 -44.67
C SER G 53 36.95 -7.86 -43.58
N PHE G 54 36.16 -6.84 -43.93
CA PHE G 54 35.95 -5.67 -43.07
C PHE G 54 35.52 -5.99 -41.65
N SER G 55 36.16 -5.34 -40.68
CA SER G 55 35.70 -5.37 -39.31
C SER G 55 35.74 -3.97 -38.73
N PRO G 56 34.69 -3.59 -37.98
CA PRO G 56 34.65 -2.27 -37.35
C PRO G 56 35.44 -2.26 -36.05
N ARG G 57 35.98 -1.11 -35.70
CA ARG G 57 36.44 -0.87 -34.34
C ARG G 57 35.19 -0.48 -33.58
N PHE G 58 35.12 -0.79 -32.29
CA PHE G 58 33.92 -0.46 -31.55
C PHE G 58 34.11 0.91 -30.94
N ASP G 59 33.44 1.91 -31.51
CA ASP G 59 33.53 3.28 -31.05
C ASP G 59 32.37 4.13 -31.55
N GLY G 60 32.15 5.27 -30.90
CA GLY G 60 31.18 6.24 -31.36
C GLY G 60 29.73 5.89 -31.05
N THR G 61 28.82 6.57 -31.72
CA THR G 61 27.38 6.37 -31.53
C THR G 61 26.95 4.94 -31.83
N PRO G 62 25.95 4.44 -31.09
CA PRO G 62 25.45 3.07 -31.28
C PRO G 62 24.73 2.89 -32.61
N ASP G 63 24.17 3.96 -33.16
CA ASP G 63 23.46 3.87 -34.43
C ASP G 63 24.40 3.53 -35.58
N ASP G 64 25.56 4.18 -35.60
CA ASP G 64 26.57 3.91 -36.62
C ASP G 64 27.18 2.53 -36.42
N PHE G 65 27.41 2.16 -35.16
CA PHE G 65 28.02 0.89 -34.83
C PHE G 65 27.14 -0.30 -35.10
N ARG G 66 25.82 -0.12 -34.99
CA ARG G 66 24.88 -1.20 -35.25
C ARG G 66 24.95 -1.60 -36.71
N ILE G 67 25.01 -0.60 -37.58
CA ILE G 67 25.06 -0.84 -39.02
C ILE G 67 26.46 -1.26 -39.48
N ASN G 68 27.49 -0.79 -38.78
CA ASN G 68 28.85 -1.27 -39.05
C ASN G 68 28.99 -2.75 -38.71
N TYR G 69 28.48 -3.12 -37.53
CA TYR G 69 28.50 -4.49 -37.08
C TYR G 69 27.69 -5.37 -38.02
N LEU G 70 26.50 -4.89 -38.37
CA LEU G 70 25.65 -5.59 -39.34
C LEU G 70 26.41 -5.81 -40.64
N LYS G 71 27.15 -4.80 -41.07
CA LYS G 71 27.94 -4.88 -42.30
C LYS G 71 29.02 -5.97 -42.21
N ALA G 72 29.78 -5.96 -41.13
CA ALA G 72 30.85 -6.93 -40.95
C ALA G 72 30.34 -8.34 -40.66
N GLU G 73 29.05 -8.44 -40.36
CA GLU G 73 28.42 -9.72 -40.02
C GLU G 73 27.68 -10.39 -41.17
N ILE G 74 26.69 -9.70 -41.72
CA ILE G 74 25.65 -10.28 -42.57
C ILE G 74 26.12 -11.28 -43.64
N MET G 75 27.14 -10.91 -44.41
CA MET G 75 27.58 -11.74 -45.52
C MET G 75 28.75 -12.65 -45.17
N SER G 76 29.16 -12.62 -43.91
CA SER G 76 30.27 -13.46 -43.44
C SER G 76 29.91 -14.95 -43.45
N LYS G 77 28.63 -15.24 -43.32
CA LYS G 77 28.15 -16.63 -43.32
C LYS G 77 27.64 -17.12 -44.67
N TYR G 78 27.79 -16.30 -45.70
CA TYR G 78 27.30 -16.64 -47.04
C TYR G 78 28.13 -17.77 -47.67
N ASP G 79 27.46 -18.85 -48.04
CA ASP G 79 28.13 -20.07 -48.50
C ASP G 79 28.31 -20.20 -50.01
N ASP G 80 27.68 -19.33 -50.78
CA ASP G 80 27.67 -19.47 -52.23
C ASP G 80 28.80 -18.68 -52.91
N PHE G 81 29.69 -18.13 -52.10
CA PHE G 81 30.79 -17.33 -52.61
C PHE G 81 31.60 -18.02 -53.71
N SER G 82 31.94 -17.25 -54.73
CA SER G 82 32.69 -17.71 -55.90
C SER G 82 34.16 -17.60 -55.58
N LEU G 83 34.44 -17.32 -54.32
CA LEU G 83 35.77 -16.98 -53.82
C LEU G 83 36.73 -18.16 -53.92
N GLY G 84 37.92 -17.99 -53.36
CA GLY G 84 39.05 -18.84 -53.64
C GLY G 84 39.07 -20.14 -52.86
N ILE G 85 40.27 -20.57 -52.49
CA ILE G 85 40.56 -21.93 -52.03
C ILE G 85 39.77 -22.40 -50.79
N ASP G 86 38.94 -21.53 -50.23
CA ASP G 86 38.14 -21.86 -49.05
C ASP G 86 37.42 -23.19 -49.23
N THR G 87 37.52 -24.04 -48.22
CA THR G 87 37.00 -25.41 -48.28
C THR G 87 36.73 -25.93 -46.87
N GLU G 88 36.50 -27.22 -46.74
CA GLU G 88 36.33 -27.83 -45.42
C GLU G 88 37.66 -28.28 -44.85
N ALA G 89 38.72 -28.17 -45.65
CA ALA G 89 40.04 -28.64 -45.23
C ALA G 89 40.67 -27.77 -44.15
N VAL G 90 40.35 -26.48 -44.17
CA VAL G 90 40.78 -25.56 -43.12
C VAL G 90 40.27 -26.02 -41.76
N ALA G 91 39.01 -26.45 -41.73
CA ALA G 91 38.40 -27.00 -40.52
C ALA G 91 39.19 -28.18 -40.00
N TRP G 92 39.74 -28.98 -40.90
CA TRP G 92 40.53 -30.15 -40.51
C TRP G 92 41.93 -29.76 -40.04
N GLU G 93 42.48 -28.70 -40.63
CA GLU G 93 43.76 -28.17 -40.17
C GLU G 93 43.63 -27.66 -38.74
N LYS G 94 42.57 -26.91 -38.48
CA LYS G 94 42.27 -26.41 -37.14
C LYS G 94 41.96 -27.58 -36.19
N PHE G 95 41.37 -28.64 -36.74
CA PHE G 95 41.05 -29.82 -35.96
C PHE G 95 42.32 -30.50 -35.46
N LEU G 96 43.21 -30.82 -36.40
CA LEU G 96 44.50 -31.43 -36.09
C LEU G 96 45.32 -30.53 -35.18
N ALA G 97 45.21 -29.23 -35.38
CA ALA G 97 45.88 -28.26 -34.52
C ALA G 97 45.38 -28.38 -33.09
N ALA G 98 44.06 -28.45 -32.94
CA ALA G 98 43.43 -28.60 -31.64
C ALA G 98 43.86 -29.91 -30.96
N GLU G 99 43.94 -30.97 -31.75
CA GLU G 99 44.38 -32.27 -31.21
C GLU G 99 45.85 -32.26 -30.81
N ALA G 100 46.66 -31.48 -31.50
CA ALA G 100 48.06 -31.31 -31.14
C ALA G 100 48.16 -30.56 -29.81
N GLU G 101 47.46 -29.43 -29.74
CA GLU G 101 47.41 -28.63 -28.50
C GLU G 101 46.95 -29.48 -27.31
N CYS G 102 45.95 -30.32 -27.53
CA CYS G 102 45.47 -31.23 -26.49
C CYS G 102 46.54 -32.28 -26.15
N ALA G 103 47.26 -32.73 -27.17
CA ALA G 103 48.31 -33.72 -26.99
C ALA G 103 49.43 -33.20 -26.08
N LEU G 104 49.79 -31.93 -26.25
CA LEU G 104 50.75 -31.30 -25.36
C LEU G 104 50.14 -31.01 -23.99
N THR G 105 48.87 -30.63 -23.99
CA THR G 105 48.16 -30.27 -22.77
C THR G 105 48.10 -31.42 -21.78
N ASN G 106 47.73 -32.61 -22.26
CA ASN G 106 47.73 -33.82 -21.44
C ASN G 106 49.10 -34.07 -20.82
N ALA G 107 50.14 -33.87 -21.62
CA ALA G 107 51.51 -34.02 -21.14
C ALA G 107 51.82 -33.02 -20.04
N ARG G 108 51.27 -31.81 -20.16
CA ARG G 108 51.44 -30.79 -19.12
C ARG G 108 50.74 -31.18 -17.82
N LEU G 109 49.46 -31.52 -17.90
CA LEU G 109 48.68 -31.85 -16.72
C LEU G 109 49.15 -33.12 -16.01
N TYR G 110 49.59 -34.11 -16.78
CA TYR G 110 50.06 -35.37 -16.20
C TYR G 110 51.43 -35.23 -15.54
N ARG G 111 52.39 -34.66 -16.27
CA ARG G 111 53.73 -34.43 -15.74
C ARG G 111 54.22 -33.01 -16.05
N PRO G 112 53.90 -32.05 -15.15
CA PRO G 112 54.26 -30.64 -15.31
C PRO G 112 55.76 -30.43 -15.56
N ASP G 113 56.07 -29.54 -16.51
CA ASP G 113 57.46 -29.26 -16.88
C ASP G 113 58.11 -28.30 -15.88
N TYR G 114 57.29 -27.43 -15.30
CA TYR G 114 57.70 -26.47 -14.26
C TYR G 114 58.61 -25.34 -14.74
N SER G 115 59.16 -25.47 -15.94
CA SER G 115 59.92 -24.40 -16.57
C SER G 115 59.08 -23.62 -17.59
N GLU G 116 57.83 -24.05 -17.74
CA GLU G 116 56.99 -23.61 -18.86
C GLU G 116 56.06 -22.40 -18.63
N ASP G 117 56.21 -21.72 -17.50
CA ASP G 117 55.33 -20.59 -17.13
C ASP G 117 53.89 -21.07 -16.87
N PHE G 118 52.90 -20.50 -17.56
CA PHE G 118 51.49 -20.89 -17.41
C PHE G 118 50.84 -20.54 -16.05
N ASN G 119 51.62 -19.96 -15.13
CA ASN G 119 51.16 -19.68 -13.77
C ASN G 119 50.72 -20.96 -13.04
N PHE G 120 51.71 -21.80 -12.71
CA PHE G 120 51.44 -23.11 -12.12
C PHE G 120 50.63 -23.05 -10.82
N SER G 121 51.03 -22.18 -9.90
CA SER G 121 50.40 -22.10 -8.59
C SER G 121 48.90 -21.81 -8.66
N LEU G 122 48.56 -20.72 -9.34
CA LEU G 122 47.17 -20.29 -9.48
C LEU G 122 46.28 -21.39 -10.07
N GLY G 123 46.67 -21.90 -11.22
CA GLY G 123 45.93 -22.95 -11.89
C GLY G 123 45.79 -24.22 -11.06
N GLU G 124 46.92 -24.69 -10.51
CA GLU G 124 46.94 -25.93 -9.75
C GLU G 124 46.12 -25.83 -8.46
N SER G 125 46.01 -24.63 -7.90
CA SER G 125 45.11 -24.41 -6.77
C SER G 125 43.67 -24.42 -7.25
N CYS G 126 43.45 -23.77 -8.39
CA CYS G 126 42.13 -23.64 -8.99
C CYS G 126 41.49 -24.98 -9.33
N ILE G 127 42.28 -25.91 -9.87
CA ILE G 127 41.77 -27.21 -10.26
C ILE G 127 41.38 -28.08 -9.07
N HIS G 128 42.08 -27.91 -7.95
CA HIS G 128 41.75 -28.63 -6.74
C HIS G 128 40.48 -28.06 -6.12
N MET G 129 40.41 -26.73 -6.06
CA MET G 129 39.20 -26.06 -5.61
C MET G 129 37.99 -26.50 -6.43
N ALA G 130 38.16 -26.51 -7.74
CA ALA G 130 37.12 -26.93 -8.67
C ALA G 130 36.77 -28.40 -8.47
N ARG G 131 37.77 -29.21 -8.14
CA ARG G 131 37.54 -30.62 -7.85
C ARG G 131 36.66 -30.78 -6.62
N ARG G 132 36.91 -29.96 -5.60
CA ARG G 132 36.10 -29.99 -4.38
C ARG G 132 34.67 -29.56 -4.68
N LYS G 133 34.53 -28.46 -5.43
CA LYS G 133 33.21 -27.95 -5.79
C LYS G 133 32.42 -28.94 -6.66
N ILE G 134 33.13 -29.71 -7.48
CA ILE G 134 32.52 -30.72 -8.32
C ILE G 134 32.08 -31.92 -7.49
N ALA G 135 32.97 -32.40 -6.62
CA ALA G 135 32.65 -33.53 -5.76
C ALA G 135 31.48 -33.22 -4.82
N LYS G 136 31.37 -31.96 -4.40
CA LYS G 136 30.31 -31.53 -3.50
C LYS G 136 28.95 -31.47 -4.20
N LEU G 137 28.95 -31.66 -5.52
CA LEU G 137 27.74 -31.49 -6.32
C LEU G 137 27.36 -32.78 -7.05
N ILE G 138 28.23 -33.18 -7.97
CA ILE G 138 27.98 -34.27 -8.89
C ILE G 138 27.94 -35.65 -8.22
N GLY G 139 28.45 -35.73 -6.99
CA GLY G 139 28.47 -36.97 -6.26
C GLY G 139 29.60 -37.91 -6.67
N ASP G 140 29.75 -39.00 -5.93
CA ASP G 140 30.80 -39.98 -6.23
C ASP G 140 30.46 -40.79 -7.48
N VAL G 141 29.19 -41.11 -7.65
CA VAL G 141 28.75 -41.94 -8.77
C VAL G 141 27.39 -41.43 -9.27
N PRO G 142 27.18 -41.44 -10.59
CA PRO G 142 25.87 -41.04 -11.13
C PRO G 142 24.81 -42.07 -10.80
N SER G 143 23.59 -41.61 -10.52
CA SER G 143 22.50 -42.52 -10.20
C SER G 143 21.97 -43.19 -11.48
N VAL G 144 22.00 -44.51 -11.48
CA VAL G 144 21.66 -45.30 -12.67
C VAL G 144 20.21 -45.07 -13.11
N GLU G 145 19.32 -44.79 -12.16
CA GLU G 145 17.93 -44.52 -12.49
C GLU G 145 17.75 -43.14 -13.11
N GLY G 146 18.69 -42.24 -12.80
CA GLY G 146 18.70 -40.92 -13.41
C GLY G 146 19.19 -41.00 -14.85
N MET G 147 20.27 -41.76 -15.04
CA MET G 147 20.77 -42.04 -16.38
C MET G 147 19.66 -42.67 -17.20
N LEU G 148 19.03 -43.69 -16.64
CA LEU G 148 17.93 -44.38 -17.30
C LEU G 148 16.77 -43.48 -17.67
N ARG G 149 16.33 -42.65 -16.73
CA ARG G 149 15.22 -41.73 -17.00
C ARG G 149 15.61 -40.67 -18.02
N HIS G 150 16.90 -40.37 -18.12
CA HIS G 150 17.36 -39.45 -19.17
C HIS G 150 17.93 -40.14 -20.41
N CYS G 151 18.00 -41.47 -20.39
CA CYS G 151 18.47 -42.22 -21.56
C CYS G 151 17.45 -42.14 -22.68
N ARG G 152 17.94 -41.91 -23.90
CA ARG G 152 17.05 -41.73 -25.05
C ARG G 152 17.77 -41.76 -26.39
N PHE G 153 16.98 -41.60 -27.45
CA PHE G 153 17.49 -41.28 -28.78
C PHE G 153 16.95 -39.91 -29.16
N SER G 154 17.69 -39.18 -29.99
CA SER G 154 17.25 -37.86 -30.45
C SER G 154 17.93 -37.48 -31.75
N GLY G 155 17.35 -36.50 -32.45
CA GLY G 155 17.96 -35.99 -33.67
C GLY G 155 18.07 -37.04 -34.74
N GLY G 156 19.30 -37.30 -35.17
CA GLY G 156 19.61 -38.26 -36.21
C GLY G 156 21.10 -38.45 -36.32
N ALA G 157 21.54 -38.96 -37.47
CA ALA G 157 22.96 -39.08 -37.77
C ALA G 157 23.75 -39.92 -36.77
N THR G 158 23.57 -41.23 -36.85
CA THR G 158 24.40 -42.18 -36.10
C THR G 158 25.22 -42.96 -37.09
N THR G 159 26.31 -43.56 -36.64
CA THR G 159 27.23 -44.27 -37.53
C THR G 159 26.53 -45.27 -38.45
N THR G 160 25.40 -45.82 -37.98
CA THR G 160 24.57 -46.69 -38.81
C THR G 160 23.33 -46.03 -39.41
N ASN G 161 23.06 -44.78 -39.07
CA ASN G 161 21.85 -44.10 -39.54
C ASN G 161 22.09 -42.70 -40.09
N ASN G 162 21.56 -42.40 -41.28
CA ASN G 162 21.66 -41.05 -41.83
C ASN G 162 20.48 -40.15 -41.42
N ARG G 163 20.53 -38.90 -41.86
CA ARG G 163 19.53 -37.90 -41.46
C ARG G 163 18.11 -38.27 -41.89
N SER G 164 17.99 -39.09 -42.93
CA SER G 164 16.70 -39.58 -43.38
C SER G 164 16.17 -40.64 -42.43
N TYR G 165 17.07 -41.50 -41.97
CA TYR G 165 16.75 -42.58 -41.04
C TYR G 165 16.99 -42.15 -39.60
N GLY G 166 17.30 -40.86 -39.41
CA GLY G 166 17.67 -40.34 -38.11
C GLY G 166 16.66 -40.41 -36.97
N HIS G 167 15.40 -40.64 -37.27
CA HIS G 167 14.38 -40.66 -36.22
C HIS G 167 14.56 -41.81 -35.22
N PRO G 168 14.32 -41.54 -33.94
CA PRO G 168 14.49 -42.51 -32.85
C PRO G 168 13.76 -43.84 -33.08
N SER G 169 12.65 -43.80 -33.82
CA SER G 169 11.95 -45.02 -34.19
C SER G 169 12.85 -45.93 -35.01
N PHE G 170 13.70 -45.34 -35.84
CA PHE G 170 14.64 -46.09 -36.66
C PHE G 170 15.85 -46.53 -35.84
N LYS G 171 16.06 -45.87 -34.70
CA LYS G 171 17.12 -46.28 -33.78
C LYS G 171 16.65 -47.51 -33.02
N PHE G 172 15.36 -47.56 -32.71
CA PHE G 172 14.76 -48.74 -32.09
C PHE G 172 14.50 -49.83 -33.12
N ALA G 173 14.47 -49.45 -34.40
CA ALA G 173 14.29 -50.41 -35.48
C ALA G 173 15.63 -51.01 -35.90
N LEU G 174 16.45 -50.19 -36.54
CA LEU G 174 17.76 -50.65 -37.00
C LEU G 174 18.72 -50.87 -35.83
N PRO G 175 19.45 -51.99 -35.85
CA PRO G 175 20.46 -52.28 -34.84
C PRO G 175 21.57 -51.23 -34.88
N GLN G 176 21.91 -50.68 -33.72
CA GLN G 176 22.92 -49.63 -33.66
C GLN G 176 24.29 -50.20 -33.30
N ALA G 177 25.24 -49.30 -33.06
CA ALA G 177 26.60 -49.71 -32.73
C ALA G 177 27.00 -49.19 -31.35
N CYS G 178 28.04 -49.77 -30.76
CA CYS G 178 28.56 -49.31 -29.48
C CYS G 178 30.06 -49.54 -29.39
N THR G 179 30.70 -48.83 -28.46
CA THR G 179 32.12 -49.03 -28.19
C THR G 179 32.25 -50.17 -27.16
N PRO G 180 33.38 -50.90 -27.19
CA PRO G 180 33.59 -52.05 -26.29
C PRO G 180 33.34 -51.74 -24.80
N ARG G 181 33.54 -50.50 -24.38
CA ARG G 181 33.32 -50.14 -22.98
C ARG G 181 31.84 -49.87 -22.67
N ALA G 182 31.06 -49.58 -23.71
CA ALA G 182 29.63 -49.30 -23.52
C ALA G 182 28.79 -50.55 -23.70
N LEU G 183 29.44 -51.66 -24.02
CA LEU G 183 28.77 -52.94 -24.26
C LEU G 183 27.94 -53.39 -23.06
N LYS G 184 28.57 -53.43 -21.89
CA LYS G 184 27.90 -53.88 -20.67
C LYS G 184 26.58 -53.15 -20.40
N TYR G 185 26.53 -51.87 -20.77
CA TYR G 185 25.33 -51.07 -20.59
C TYR G 185 24.19 -51.55 -21.49
N VAL G 186 24.46 -51.67 -22.79
CA VAL G 186 23.44 -52.12 -23.73
C VAL G 186 23.03 -53.56 -23.45
N LEU G 187 23.97 -54.35 -22.90
CA LEU G 187 23.67 -55.71 -22.49
C LEU G 187 22.71 -55.71 -21.30
N ALA G 188 22.96 -54.80 -20.36
CA ALA G 188 22.06 -54.63 -19.21
C ALA G 188 20.67 -54.20 -19.69
N LEU G 189 20.63 -53.36 -20.72
CA LEU G 189 19.37 -52.94 -21.30
C LEU G 189 18.67 -54.11 -21.98
N ARG G 190 19.44 -54.99 -22.59
CA ARG G 190 18.90 -56.18 -23.23
C ARG G 190 18.33 -57.13 -22.19
N ALA G 191 18.94 -57.12 -21.01
CA ALA G 191 18.51 -57.99 -19.91
C ALA G 191 17.25 -57.45 -19.25
N SER G 192 17.04 -56.14 -19.34
CA SER G 192 15.93 -55.49 -18.66
C SER G 192 14.65 -55.42 -19.50
N THR G 193 14.69 -55.98 -20.71
CA THR G 193 13.51 -56.04 -21.56
C THR G 193 13.33 -57.42 -22.20
N HIS G 194 12.09 -57.73 -22.56
CA HIS G 194 11.80 -58.98 -23.25
C HIS G 194 11.92 -58.78 -24.75
N PHE G 195 12.07 -57.53 -25.17
CA PHE G 195 12.31 -57.20 -26.57
C PHE G 195 13.75 -57.55 -26.93
N ASP G 196 14.01 -57.76 -28.22
CA ASP G 196 15.36 -58.05 -28.67
C ASP G 196 16.14 -56.78 -28.92
N ILE G 197 17.27 -56.64 -28.24
CA ILE G 197 18.14 -55.50 -28.46
C ILE G 197 19.30 -55.95 -29.34
N ARG G 198 19.28 -55.49 -30.59
CA ARG G 198 20.32 -55.84 -31.55
C ARG G 198 21.41 -54.78 -31.50
N ILE G 199 22.66 -55.23 -31.56
CA ILE G 199 23.79 -54.31 -31.64
C ILE G 199 24.79 -54.81 -32.69
N SER G 200 25.07 -53.99 -33.68
CA SER G 200 25.87 -54.44 -34.82
C SER G 200 27.30 -53.91 -34.80
N ASP G 201 28.26 -54.83 -34.93
CA ASP G 201 29.68 -54.50 -35.08
C ASP G 201 30.26 -53.51 -34.07
N ILE G 202 30.57 -53.98 -32.86
CA ILE G 202 31.08 -53.11 -31.81
C ILE G 202 32.30 -52.34 -32.34
N SER G 203 32.17 -51.02 -32.36
CA SER G 203 33.14 -50.14 -33.01
C SER G 203 33.74 -49.11 -32.07
N PRO G 204 35.07 -49.16 -31.89
CA PRO G 204 35.74 -48.13 -31.08
C PRO G 204 35.73 -46.77 -31.75
N PHE G 205 35.46 -46.72 -33.05
CA PHE G 205 35.50 -45.46 -33.79
C PHE G 205 34.17 -44.74 -33.85
N ASN G 206 34.18 -43.57 -34.48
CA ASN G 206 32.97 -42.78 -34.72
C ASN G 206 33.22 -41.90 -35.94
N LYS G 207 32.16 -41.38 -36.56
CA LYS G 207 32.35 -40.68 -37.83
C LYS G 207 32.48 -39.16 -37.65
N ALA G 208 33.68 -38.64 -37.88
CA ALA G 208 33.92 -37.20 -37.76
C ALA G 208 33.67 -36.52 -39.09
N VAL G 209 32.82 -35.49 -39.09
CA VAL G 209 32.44 -34.82 -40.33
C VAL G 209 32.37 -33.30 -40.19
N THR G 210 32.25 -32.61 -41.32
CA THR G 210 32.17 -31.15 -41.33
C THR G 210 30.75 -30.65 -41.53
N VAL G 211 30.43 -29.54 -40.88
CA VAL G 211 29.11 -28.91 -41.01
C VAL G 211 29.33 -27.40 -41.17
N PRO G 212 28.54 -26.76 -42.06
CA PRO G 212 28.69 -25.33 -42.34
C PRO G 212 28.70 -24.44 -41.10
N LYS G 213 29.65 -23.52 -41.04
CA LYS G 213 29.81 -22.59 -39.93
C LYS G 213 29.95 -21.17 -40.46
N ASN G 214 31.08 -20.91 -41.13
CA ASN G 214 31.34 -19.61 -41.74
C ASN G 214 31.58 -19.75 -43.25
N SER G 215 31.89 -18.64 -43.90
CA SER G 215 32.30 -18.68 -45.30
C SER G 215 33.77 -19.06 -45.41
N LYS G 216 34.55 -18.68 -44.39
CA LYS G 216 35.98 -18.97 -44.38
C LYS G 216 36.36 -20.27 -43.67
N THR G 217 35.39 -20.89 -42.99
CA THR G 217 35.67 -22.12 -42.24
C THR G 217 34.43 -22.98 -42.00
N ASP G 218 34.66 -24.23 -41.60
CA ASP G 218 33.58 -25.14 -41.24
C ASP G 218 33.75 -25.62 -39.80
N ARG G 219 32.66 -26.10 -39.21
CA ARG G 219 32.70 -26.63 -37.86
C ARG G 219 32.86 -28.15 -37.93
N CYS G 220 33.63 -28.72 -36.99
CA CYS G 220 33.85 -30.16 -36.98
C CYS G 220 32.96 -30.86 -35.96
N ILE G 221 32.00 -31.62 -36.47
CA ILE G 221 31.04 -32.34 -35.65
C ILE G 221 31.39 -33.83 -35.57
N ALA G 222 31.17 -34.43 -34.41
CA ALA G 222 31.47 -35.85 -34.20
C ALA G 222 30.20 -36.69 -34.11
N ILE G 223 30.04 -37.61 -35.05
CA ILE G 223 28.88 -38.49 -35.09
C ILE G 223 29.17 -39.77 -34.32
N GLU G 224 28.47 -39.93 -33.21
CA GLU G 224 28.64 -41.06 -32.29
C GLU G 224 27.71 -42.21 -32.65
N PRO G 225 28.06 -43.43 -32.22
CA PRO G 225 27.16 -44.58 -32.36
C PRO G 225 25.89 -44.39 -31.54
N GLY G 226 24.82 -45.09 -31.91
CA GLY G 226 23.53 -44.92 -31.27
C GLY G 226 23.48 -45.33 -29.81
N TRP G 227 23.94 -46.53 -29.50
CA TRP G 227 23.93 -47.04 -28.14
C TRP G 227 24.83 -46.22 -27.22
N ASN G 228 25.83 -45.57 -27.78
CA ASN G 228 26.67 -44.66 -27.02
C ASN G 228 25.92 -43.39 -26.64
N MET G 229 25.36 -42.72 -27.65
CA MET G 229 24.58 -41.51 -27.46
C MET G 229 23.38 -41.74 -26.53
N PHE G 230 22.91 -42.99 -26.51
CA PHE G 230 21.79 -43.39 -25.68
C PHE G 230 22.05 -43.06 -24.21
N PHE G 231 23.14 -43.58 -23.68
CA PHE G 231 23.51 -43.35 -22.28
C PHE G 231 24.21 -42.00 -22.08
N GLN G 232 24.90 -41.54 -23.12
CA GLN G 232 25.52 -40.22 -23.13
C GLN G 232 24.49 -39.15 -22.79
N LEU G 233 23.35 -39.21 -23.47
CA LEU G 233 22.27 -38.28 -23.21
C LEU G 233 21.67 -38.48 -21.81
N GLY G 234 21.84 -39.68 -21.26
CA GLY G 234 21.40 -39.95 -19.90
C GLY G 234 22.22 -39.19 -18.88
N ILE G 235 23.53 -39.40 -18.90
CA ILE G 235 24.42 -38.71 -17.97
C ILE G 235 24.43 -37.19 -18.22
N GLY G 236 24.31 -36.81 -19.49
CA GLY G 236 24.20 -35.41 -19.83
C GLY G 236 22.92 -34.83 -19.24
N GLY G 237 21.86 -35.63 -19.27
CA GLY G 237 20.59 -35.23 -18.70
C GLY G 237 20.67 -35.00 -17.20
N ILE G 238 21.21 -35.98 -16.47
CA ILE G 238 21.34 -35.84 -15.02
C ILE G 238 22.27 -34.68 -14.65
N LEU G 239 23.30 -34.46 -15.47
CA LEU G 239 24.17 -33.29 -15.31
C LEU G 239 23.35 -32.01 -15.45
N ARG G 240 22.52 -31.96 -16.49
CA ARG G 240 21.68 -30.80 -16.77
C ARG G 240 20.72 -30.53 -15.62
N ASP G 241 20.27 -31.60 -14.96
CA ASP G 241 19.40 -31.45 -13.80
C ASP G 241 20.16 -30.98 -12.55
N ARG G 242 21.41 -31.42 -12.39
CA ARG G 242 22.21 -31.05 -11.23
C ARG G 242 22.84 -29.67 -11.32
N LEU G 243 22.97 -29.14 -12.54
CA LEU G 243 23.61 -27.84 -12.74
C LEU G 243 22.73 -26.65 -12.36
N ARG G 244 21.47 -26.93 -12.03
CA ARG G 244 20.54 -25.88 -11.63
C ARG G 244 20.92 -25.31 -10.27
N CYS G 245 21.50 -26.15 -9.41
CA CYS G 245 21.88 -25.74 -8.07
C CYS G 245 23.01 -24.71 -8.06
N TRP G 246 23.78 -24.68 -9.13
CA TRP G 246 24.85 -23.69 -9.28
C TRP G 246 24.31 -22.40 -9.89
N GLY G 247 23.01 -22.39 -10.16
CA GLY G 247 22.37 -21.23 -10.77
C GLY G 247 22.50 -21.24 -12.27
N ILE G 248 22.68 -22.44 -12.84
CA ILE G 248 22.79 -22.59 -14.28
C ILE G 248 21.61 -23.38 -14.85
N ASP G 249 20.85 -22.75 -15.74
CA ASP G 249 19.75 -23.42 -16.43
C ASP G 249 20.11 -23.54 -17.90
N LEU G 250 20.38 -24.76 -18.35
CA LEU G 250 20.83 -25.00 -19.72
C LEU G 250 19.67 -24.94 -20.71
N ASN G 251 18.45 -24.99 -20.18
CA ASN G 251 17.26 -24.86 -21.01
C ASN G 251 16.78 -23.41 -21.12
N ASP G 252 17.38 -22.54 -20.31
CA ASP G 252 17.08 -21.12 -20.36
C ASP G 252 18.34 -20.35 -20.69
N GLN G 253 18.43 -19.82 -21.90
CA GLN G 253 19.62 -19.12 -22.35
C GLN G 253 19.49 -17.60 -22.23
N THR G 254 18.33 -17.14 -21.78
CA THR G 254 18.06 -15.70 -21.71
C THR G 254 18.80 -15.02 -20.57
N ILE G 255 19.24 -15.81 -19.58
CA ILE G 255 19.98 -15.29 -18.44
C ILE G 255 21.29 -14.62 -18.85
N ASN G 256 22.07 -15.33 -19.68
CA ASN G 256 23.32 -14.80 -20.19
C ASN G 256 23.10 -13.68 -21.19
N GLN G 257 21.95 -13.67 -21.86
CA GLN G 257 21.60 -12.58 -22.75
C GLN G 257 21.40 -11.30 -21.93
N ARG G 258 20.56 -11.40 -20.90
CA ARG G 258 20.29 -10.28 -20.02
C ARG G 258 21.55 -9.78 -19.31
N ARG G 259 22.38 -10.71 -18.85
CA ARG G 259 23.61 -10.33 -18.15
C ARG G 259 24.67 -9.78 -19.09
N ALA G 260 24.63 -10.21 -20.36
CA ALA G 260 25.49 -9.62 -21.38
C ALA G 260 25.04 -8.19 -21.64
N HIS G 261 23.73 -7.98 -21.64
CA HIS G 261 23.17 -6.64 -21.75
C HIS G 261 23.57 -5.81 -20.54
N GLU G 262 23.72 -6.47 -19.40
CA GLU G 262 24.10 -5.81 -18.15
C GLU G 262 25.56 -5.35 -18.22
N GLY G 263 26.41 -6.21 -18.75
CA GLY G 263 27.82 -5.88 -18.89
C GLY G 263 28.07 -4.84 -19.97
N SER G 264 27.06 -4.59 -20.79
CA SER G 264 27.14 -3.60 -21.85
C SER G 264 27.19 -2.17 -21.31
N VAL G 265 26.70 -2.00 -20.08
CA VAL G 265 26.66 -0.69 -19.44
C VAL G 265 27.53 -0.60 -18.18
N THR G 266 27.21 -1.40 -17.17
CA THR G 266 27.93 -1.37 -15.89
C THR G 266 29.40 -1.73 -16.04
N ASN G 267 29.72 -2.48 -17.10
CA ASN G 267 31.10 -2.89 -17.40
C ASN G 267 31.74 -3.68 -16.25
N ASN G 268 30.90 -4.26 -15.40
CA ASN G 268 31.37 -5.18 -14.37
C ASN G 268 31.54 -6.56 -14.96
N LEU G 269 30.60 -6.94 -15.81
CA LEU G 269 30.54 -8.30 -16.33
C LEU G 269 31.23 -8.45 -17.70
N ALA G 270 31.87 -9.60 -17.87
CA ALA G 270 32.59 -9.90 -19.10
C ALA G 270 32.09 -11.21 -19.69
N THR G 271 32.00 -11.25 -21.01
CA THR G 271 31.53 -12.42 -21.73
C THR G 271 32.69 -13.11 -22.44
N VAL G 272 33.05 -14.30 -21.96
CA VAL G 272 34.12 -15.07 -22.58
C VAL G 272 33.57 -16.25 -23.37
N ASP G 273 33.89 -16.30 -24.66
CA ASP G 273 33.45 -17.39 -25.53
C ASP G 273 34.67 -18.11 -26.10
N LEU G 274 34.52 -19.40 -26.37
CA LEU G 274 35.59 -20.16 -27.00
C LEU G 274 35.03 -21.09 -28.07
N SER G 275 35.50 -20.93 -29.31
CA SER G 275 35.01 -21.73 -30.43
C SER G 275 35.64 -23.12 -30.44
N ALA G 276 36.91 -23.18 -30.06
CA ALA G 276 37.65 -24.44 -30.06
C ALA G 276 37.48 -25.17 -28.73
N ALA G 277 36.69 -24.59 -27.83
CA ALA G 277 36.49 -25.14 -26.48
C ALA G 277 36.01 -26.59 -26.46
N SER G 278 34.97 -26.88 -27.23
CA SER G 278 34.39 -28.23 -27.28
C SER G 278 35.44 -29.28 -27.61
N ASP G 279 36.39 -28.90 -28.45
CA ASP G 279 37.49 -29.79 -28.82
C ASP G 279 38.72 -29.54 -27.95
N SER G 280 38.63 -28.57 -27.05
CA SER G 280 39.76 -28.19 -26.20
C SER G 280 39.76 -28.84 -24.81
N ILE G 281 38.75 -29.65 -24.50
CA ILE G 281 38.68 -30.25 -23.17
C ILE G 281 39.53 -31.51 -23.13
N SER G 282 40.56 -31.48 -22.31
CA SER G 282 41.50 -32.60 -22.21
C SER G 282 40.94 -33.75 -21.38
N LEU G 283 41.48 -34.94 -21.59
CA LEU G 283 41.15 -36.11 -20.78
C LEU G 283 41.69 -35.92 -19.36
N ALA G 284 42.87 -35.32 -19.27
CA ALA G 284 43.54 -35.13 -17.98
C ALA G 284 42.78 -34.20 -17.05
N LEU G 285 42.35 -33.06 -17.59
CA LEU G 285 41.60 -32.08 -16.80
C LEU G 285 40.34 -32.71 -16.22
N CYS G 286 39.70 -33.59 -17.01
CA CYS G 286 38.52 -34.31 -16.56
C CYS G 286 38.87 -35.34 -15.49
N GLU G 287 39.99 -36.04 -15.69
CA GLU G 287 40.43 -37.08 -14.76
C GLU G 287 40.76 -36.47 -13.41
N LEU G 288 41.27 -35.24 -13.43
CA LEU G 288 41.63 -34.51 -12.22
C LEU G 288 40.41 -33.89 -11.54
N LEU G 289 39.54 -33.29 -12.34
CA LEU G 289 38.38 -32.60 -11.81
C LEU G 289 37.25 -33.54 -11.38
N LEU G 290 36.93 -34.50 -12.25
CA LEU G 290 35.79 -35.38 -12.00
C LEU G 290 36.14 -36.52 -11.05
N PRO G 291 35.16 -36.89 -10.19
CA PRO G 291 35.30 -38.07 -9.33
C PRO G 291 35.45 -39.32 -10.19
N PRO G 292 36.27 -40.27 -9.72
CA PRO G 292 36.68 -41.46 -10.48
C PRO G 292 35.53 -42.28 -11.07
N GLY G 293 34.40 -42.37 -10.38
CA GLY G 293 33.25 -43.09 -10.89
C GLY G 293 32.67 -42.43 -12.12
N TRP G 294 32.35 -41.14 -11.98
CA TRP G 294 31.86 -40.33 -13.10
C TRP G 294 32.85 -40.36 -14.27
N PHE G 295 34.13 -40.30 -13.96
CA PHE G 295 35.15 -40.31 -15.00
C PHE G 295 35.18 -41.65 -15.72
N GLU G 296 35.01 -42.74 -14.97
CA GLU G 296 35.03 -44.07 -15.54
C GLU G 296 33.81 -44.34 -16.43
N VAL G 297 32.63 -43.91 -15.98
CA VAL G 297 31.43 -44.05 -16.81
C VAL G 297 31.51 -43.14 -18.05
N LEU G 298 32.12 -41.97 -17.89
CA LEU G 298 32.34 -41.06 -19.00
C LEU G 298 33.33 -41.62 -20.03
N MET G 299 34.34 -42.34 -19.55
CA MET G 299 35.28 -43.00 -20.43
C MET G 299 34.64 -44.23 -21.06
N ASP G 300 33.65 -44.79 -20.37
CA ASP G 300 32.90 -45.93 -20.89
C ASP G 300 32.01 -45.52 -22.06
N LEU G 301 31.26 -44.43 -21.90
CA LEU G 301 30.31 -44.00 -22.92
C LEU G 301 30.93 -43.28 -24.12
N ARG G 302 32.11 -42.69 -23.93
CA ARG G 302 32.75 -41.92 -24.99
C ARG G 302 33.40 -42.80 -26.07
N SER G 303 33.58 -42.23 -27.25
CA SER G 303 34.29 -42.91 -28.32
C SER G 303 35.77 -42.53 -28.28
N PRO G 304 36.64 -43.51 -27.96
CA PRO G 304 38.08 -43.31 -27.78
C PRO G 304 38.77 -42.93 -29.10
N LYS G 305 38.27 -43.46 -30.21
CA LYS G 305 38.86 -43.20 -31.51
C LYS G 305 37.85 -42.54 -32.45
N GLY G 306 38.30 -42.21 -33.66
CA GLY G 306 37.46 -41.55 -34.63
C GLY G 306 37.91 -41.76 -36.06
N ARG G 307 36.96 -41.63 -36.99
CA ARG G 307 37.22 -41.88 -38.40
C ARG G 307 36.94 -40.63 -39.23
N LEU G 308 38.00 -40.07 -39.81
CA LEU G 308 37.88 -38.89 -40.68
C LEU G 308 37.44 -39.31 -42.08
N PRO G 309 36.83 -38.38 -42.84
CA PRO G 309 36.35 -38.67 -44.20
C PRO G 309 37.48 -39.10 -45.13
N ASP G 310 38.71 -38.80 -44.76
CA ASP G 310 39.88 -39.18 -45.55
C ASP G 310 40.19 -40.66 -45.38
N GLY G 311 39.49 -41.32 -44.46
CA GLY G 311 39.77 -42.70 -44.13
C GLY G 311 40.76 -42.75 -42.97
N SER G 312 41.43 -41.63 -42.76
CA SER G 312 42.40 -41.49 -41.67
C SER G 312 41.75 -41.70 -40.31
N VAL G 313 42.47 -42.35 -39.41
CA VAL G 313 41.98 -42.61 -38.07
C VAL G 313 42.66 -41.69 -37.05
N VAL G 314 41.91 -41.29 -36.02
CA VAL G 314 42.47 -40.43 -34.99
C VAL G 314 42.14 -40.94 -33.60
N THR G 315 43.11 -40.87 -32.69
CA THR G 315 42.86 -41.18 -31.29
C THR G 315 42.68 -39.87 -30.54
N TYR G 316 41.47 -39.65 -30.03
CA TYR G 316 41.12 -38.39 -29.39
C TYR G 316 41.95 -38.09 -28.15
N GLU G 317 42.53 -36.89 -28.12
CA GLU G 317 43.25 -36.39 -26.96
C GLU G 317 42.26 -35.67 -26.05
N LYS G 318 41.05 -35.49 -26.56
CA LYS G 318 39.99 -34.81 -25.84
C LYS G 318 38.95 -35.79 -25.34
N ILE G 319 38.37 -35.48 -24.18
CA ILE G 319 37.33 -36.33 -23.59
C ILE G 319 36.12 -36.46 -24.50
N SER G 320 35.77 -35.35 -25.16
CA SER G 320 34.59 -35.32 -26.02
C SER G 320 34.64 -34.10 -26.95
N SER G 321 33.58 -33.94 -27.73
CA SER G 321 33.46 -32.83 -28.67
C SER G 321 32.01 -32.66 -29.08
N MET G 322 31.77 -31.77 -30.02
CA MET G 322 30.42 -31.55 -30.55
C MET G 322 29.84 -32.84 -31.11
N GLY G 323 28.53 -33.02 -30.96
CA GLY G 323 27.88 -34.23 -31.43
C GLY G 323 27.86 -35.34 -30.40
N ASN G 324 28.03 -34.96 -29.14
CA ASN G 324 28.02 -35.89 -28.02
C ASN G 324 26.87 -35.59 -27.07
N GLY G 325 26.44 -36.61 -26.33
CA GLY G 325 25.32 -36.44 -25.41
C GLY G 325 25.62 -35.55 -24.22
N TYR G 326 26.72 -35.83 -23.52
CA TYR G 326 27.04 -35.12 -22.29
C TYR G 326 28.04 -33.96 -22.43
N THR G 327 28.58 -33.76 -23.64
CA THR G 327 29.66 -32.79 -23.85
C THR G 327 29.29 -31.35 -23.50
N PHE G 328 28.04 -30.98 -23.73
CA PHE G 328 27.54 -29.63 -23.50
C PHE G 328 27.46 -29.36 -22.00
N GLU G 329 26.81 -30.29 -21.31
CA GLU G 329 26.65 -30.22 -19.86
C GLU G 329 27.99 -30.37 -19.15
N LEU G 330 28.89 -31.15 -19.74
CA LEU G 330 30.24 -31.32 -19.20
C LEU G 330 31.03 -30.02 -19.32
N GLU G 331 30.94 -29.40 -20.50
CA GLU G 331 31.56 -28.10 -20.74
C GLU G 331 31.08 -27.08 -19.71
N SER G 332 29.77 -26.92 -19.64
CA SER G 332 29.16 -25.97 -18.71
C SER G 332 29.60 -26.25 -17.28
N LEU G 333 29.56 -27.52 -16.88
CA LEU G 333 29.93 -27.93 -15.54
C LEU G 333 31.37 -27.56 -15.19
N ILE G 334 32.32 -28.04 -15.99
CA ILE G 334 33.74 -27.79 -15.75
C ILE G 334 34.08 -26.29 -15.78
N PHE G 335 33.59 -25.59 -16.80
CA PHE G 335 33.78 -24.15 -16.91
C PHE G 335 33.27 -23.45 -15.65
N ALA G 336 32.08 -23.84 -15.21
CA ALA G 336 31.47 -23.26 -14.01
C ALA G 336 32.32 -23.53 -12.77
N SER G 337 32.86 -24.75 -12.67
CA SER G 337 33.72 -25.10 -11.54
C SER G 337 34.96 -24.22 -11.50
N LEU G 338 35.61 -24.08 -12.66
CA LEU G 338 36.83 -23.27 -12.76
C LEU G 338 36.58 -21.79 -12.49
N ALA G 339 35.51 -21.25 -13.07
CA ALA G 339 35.18 -19.84 -12.91
C ALA G 339 34.76 -19.51 -11.48
N ARG G 340 33.94 -20.38 -10.89
CA ARG G 340 33.56 -20.27 -9.49
C ARG G 340 34.79 -20.30 -8.60
N SER G 341 35.71 -21.21 -8.92
CA SER G 341 36.97 -21.32 -8.19
C SER G 341 37.75 -20.02 -8.26
N VAL G 342 37.87 -19.47 -9.47
CA VAL G 342 38.56 -18.21 -9.70
C VAL G 342 37.94 -17.07 -8.88
N CYS G 343 36.62 -16.94 -8.95
CA CYS G 343 35.91 -15.89 -8.23
C CYS G 343 36.02 -16.04 -6.72
N GLU G 344 36.10 -17.27 -6.25
CA GLU G 344 36.25 -17.53 -4.82
C GLU G 344 37.68 -17.23 -4.34
N ILE G 345 38.66 -17.50 -5.21
CA ILE G 345 40.05 -17.19 -4.93
C ILE G 345 40.24 -15.67 -4.84
N LEU G 346 39.49 -14.95 -5.66
CA LEU G 346 39.58 -13.49 -5.70
C LEU G 346 38.64 -12.85 -4.69
N ASP G 347 38.03 -13.69 -3.86
CA ASP G 347 37.05 -13.24 -2.87
C ASP G 347 35.88 -12.53 -3.54
N LEU G 348 35.10 -13.32 -4.28
CA LEU G 348 33.90 -12.82 -4.95
C LEU G 348 32.78 -13.84 -4.81
N ASP G 349 31.56 -13.42 -5.11
CA ASP G 349 30.41 -14.31 -5.02
C ASP G 349 30.33 -15.20 -6.26
N SER G 350 30.26 -16.51 -6.03
CA SER G 350 30.13 -17.47 -7.13
C SER G 350 28.75 -17.41 -7.76
N SER G 351 27.86 -16.62 -7.17
CA SER G 351 26.52 -16.46 -7.70
C SER G 351 26.50 -15.52 -8.91
N GLU G 352 27.62 -14.86 -9.16
CA GLU G 352 27.74 -13.94 -10.29
C GLU G 352 28.35 -14.56 -11.55
N VAL G 353 28.73 -15.83 -11.47
CA VAL G 353 29.22 -16.52 -12.67
C VAL G 353 28.15 -17.43 -13.27
N THR G 354 27.81 -17.19 -14.52
CA THR G 354 26.80 -17.97 -15.23
C THR G 354 27.40 -18.58 -16.48
N VAL G 355 27.14 -19.88 -16.70
CA VAL G 355 27.72 -20.59 -17.82
C VAL G 355 26.66 -21.28 -18.68
N TYR G 356 26.72 -21.03 -19.98
CA TYR G 356 25.93 -21.78 -20.95
C TYR G 356 26.89 -22.28 -22.02
N GLY G 357 27.11 -23.58 -22.08
CA GLY G 357 28.07 -24.16 -23.00
C GLY G 357 29.47 -23.59 -22.88
N ASP G 358 30.02 -23.14 -24.00
CA ASP G 358 31.34 -22.53 -24.04
C ASP G 358 31.23 -21.03 -23.84
N ASP G 359 30.01 -20.56 -23.62
CA ASP G 359 29.75 -19.14 -23.37
C ASP G 359 29.65 -18.89 -21.87
N ILE G 360 30.60 -18.15 -21.32
CA ILE G 360 30.63 -17.83 -19.90
C ILE G 360 30.46 -16.33 -19.69
N ILE G 361 29.83 -15.95 -18.57
CA ILE G 361 29.75 -14.55 -18.17
C ILE G 361 30.15 -14.40 -16.71
N LEU G 362 31.22 -13.65 -16.46
CA LEU G 362 31.74 -13.52 -15.10
C LEU G 362 32.32 -12.11 -14.89
N PRO G 363 32.39 -11.65 -13.62
CA PRO G 363 32.90 -10.30 -13.34
C PRO G 363 34.26 -10.04 -13.99
N SER G 364 34.38 -8.89 -14.66
CA SER G 364 35.52 -8.61 -15.52
C SER G 364 36.87 -8.60 -14.80
N CYS G 365 36.88 -8.20 -13.54
CA CYS G 365 38.12 -8.14 -12.76
C CYS G 365 38.76 -9.52 -12.60
N ALA G 366 37.96 -10.57 -12.83
CA ALA G 366 38.45 -11.94 -12.73
C ALA G 366 38.90 -12.51 -14.07
N VAL G 367 38.77 -11.72 -15.14
CA VAL G 367 39.17 -12.19 -16.48
C VAL G 367 40.66 -12.49 -16.64
N PRO G 368 41.55 -11.54 -16.28
CA PRO G 368 42.97 -11.87 -16.40
C PRO G 368 43.35 -13.00 -15.44
N ALA G 369 42.64 -13.08 -14.32
CA ALA G 369 42.82 -14.17 -13.37
C ALA G 369 42.37 -15.49 -14.00
N LEU G 370 41.29 -15.43 -14.76
CA LEU G 370 40.74 -16.60 -15.44
C LEU G 370 41.66 -17.06 -16.58
N ARG G 371 42.08 -16.10 -17.40
CA ARG G 371 42.90 -16.39 -18.58
C ARG G 371 44.24 -17.03 -18.20
N GLU G 372 44.78 -16.64 -17.04
CA GLU G 372 46.00 -17.25 -16.52
C GLU G 372 45.78 -18.73 -16.23
N VAL G 373 44.62 -19.06 -15.65
CA VAL G 373 44.28 -20.43 -15.33
C VAL G 373 43.95 -21.25 -16.58
N PHE G 374 43.11 -20.69 -17.44
CA PHE G 374 42.67 -21.36 -18.67
C PHE G 374 43.85 -21.72 -19.56
N LYS G 375 44.84 -20.84 -19.63
CA LYS G 375 46.05 -21.09 -20.39
C LYS G 375 46.77 -22.33 -19.87
N TYR G 376 46.71 -22.52 -18.55
CA TYR G 376 47.36 -23.65 -17.91
C TYR G 376 46.62 -24.97 -18.14
N VAL G 377 45.29 -24.92 -18.08
CA VAL G 377 44.47 -26.13 -18.18
C VAL G 377 44.16 -26.55 -19.61
N GLY G 378 44.64 -25.77 -20.58
CA GLY G 378 44.52 -26.15 -21.97
C GLY G 378 43.51 -25.36 -22.79
N PHE G 379 42.64 -24.60 -22.12
CA PHE G 379 41.68 -23.78 -22.85
C PHE G 379 42.34 -22.47 -23.31
N THR G 380 42.38 -22.26 -24.62
CA THR G 380 42.92 -21.04 -25.16
C THR G 380 41.79 -20.03 -25.34
N THR G 381 41.83 -18.96 -24.55
CA THR G 381 40.80 -17.92 -24.60
C THR G 381 40.79 -17.29 -25.99
N ASN G 382 39.63 -16.83 -26.42
CA ASN G 382 39.51 -16.21 -27.74
C ASN G 382 39.73 -14.71 -27.60
N THR G 383 40.84 -14.22 -28.13
CA THR G 383 41.20 -12.82 -28.01
C THR G 383 40.16 -11.90 -28.63
N LYS G 384 39.59 -12.35 -29.75
CA LYS G 384 38.61 -11.56 -30.47
C LYS G 384 37.19 -11.67 -29.90
N LYS G 385 36.81 -12.87 -29.47
CA LYS G 385 35.41 -13.12 -29.08
C LYS G 385 35.12 -12.90 -27.59
N THR G 386 36.17 -12.69 -26.79
CA THR G 386 35.98 -12.44 -25.36
C THR G 386 36.21 -10.96 -25.04
N PHE G 387 35.18 -10.30 -24.52
CA PHE G 387 35.28 -8.88 -24.21
C PHE G 387 35.23 -8.64 -22.70
N SER G 388 36.37 -8.28 -22.13
CA SER G 388 36.45 -7.99 -20.69
C SER G 388 36.40 -6.50 -20.37
N GLU G 389 36.40 -5.67 -21.41
CA GLU G 389 36.48 -4.22 -21.21
C GLU G 389 35.47 -3.40 -22.01
N GLY G 390 35.57 -3.45 -23.34
CA GLY G 390 34.78 -2.59 -24.20
C GLY G 390 33.28 -2.67 -24.02
N PRO G 391 32.57 -1.62 -24.46
CA PRO G 391 31.12 -1.46 -24.33
C PRO G 391 30.35 -2.55 -25.07
N PHE G 392 31.03 -3.26 -25.97
CA PHE G 392 30.41 -4.34 -26.72
C PHE G 392 30.44 -5.65 -25.95
N ARG G 393 29.29 -6.32 -25.89
CA ARG G 393 29.15 -7.61 -25.21
C ARG G 393 28.39 -8.60 -26.09
N GLU G 394 28.85 -9.85 -26.11
CA GLU G 394 28.21 -10.90 -26.90
C GLU G 394 28.04 -12.19 -26.11
N SER G 395 26.79 -12.64 -25.99
CA SER G 395 26.50 -13.94 -25.39
C SER G 395 25.22 -14.55 -25.95
N CYS G 396 25.24 -15.87 -26.14
CA CYS G 396 24.07 -16.64 -26.57
C CYS G 396 23.31 -16.06 -27.76
N GLY G 397 24.04 -15.54 -28.74
CA GLY G 397 23.42 -15.02 -29.96
C GLY G 397 23.02 -13.56 -29.88
N LYS G 398 22.92 -13.03 -28.67
CA LYS G 398 22.53 -11.63 -28.48
C LYS G 398 23.75 -10.72 -28.45
N HIS G 399 23.72 -9.66 -29.27
CA HIS G 399 24.81 -8.70 -29.32
C HIS G 399 24.37 -7.35 -28.78
N TYR G 400 25.10 -6.83 -27.80
CA TYR G 400 24.75 -5.55 -27.19
C TYR G 400 25.89 -4.55 -27.22
N TYR G 401 25.56 -3.28 -27.44
CA TYR G 401 26.55 -2.21 -27.44
C TYR G 401 26.05 -1.05 -26.60
N SER G 402 26.73 -0.78 -25.49
CA SER G 402 26.35 0.28 -24.56
C SER G 402 24.88 0.24 -24.14
N GLY G 403 24.33 -0.96 -24.06
CA GLY G 403 22.96 -1.15 -23.60
C GLY G 403 21.89 -1.16 -24.67
N VAL G 404 22.29 -1.30 -25.93
CA VAL G 404 21.31 -1.39 -27.02
C VAL G 404 21.51 -2.70 -27.80
N ASP G 405 20.50 -3.10 -28.56
CA ASP G 405 20.57 -4.37 -29.29
C ASP G 405 21.09 -4.16 -30.70
N VAL G 406 22.33 -4.58 -30.92
CA VAL G 406 22.97 -4.50 -32.23
C VAL G 406 22.93 -5.81 -33.00
N THR G 407 22.25 -6.81 -32.43
CA THR G 407 22.29 -8.18 -32.96
C THR G 407 21.86 -8.25 -34.41
N PRO G 408 22.81 -8.62 -35.30
CA PRO G 408 22.64 -8.64 -36.75
C PRO G 408 21.91 -9.88 -37.28
N PHE G 409 21.16 -9.72 -38.37
CA PHE G 409 20.73 -10.86 -39.18
C PHE G 409 21.80 -11.26 -40.18
N TYR G 410 21.82 -12.53 -40.58
CA TYR G 410 22.76 -13.00 -41.59
C TYR G 410 22.02 -13.49 -42.83
N ILE G 411 22.69 -13.48 -43.97
CA ILE G 411 22.18 -14.20 -45.13
C ILE G 411 23.14 -15.35 -45.41
N ARG G 412 22.71 -16.56 -45.05
CA ARG G 412 23.55 -17.75 -45.12
C ARG G 412 23.57 -18.41 -46.50
N HIS G 413 22.43 -18.38 -47.19
CA HIS G 413 22.30 -19.10 -48.45
C HIS G 413 21.95 -18.16 -49.59
N ARG G 414 22.30 -18.56 -50.81
CA ARG G 414 21.91 -17.82 -52.00
C ARG G 414 20.41 -17.90 -52.18
N ILE G 415 19.77 -16.76 -52.43
CA ILE G 415 18.33 -16.74 -52.63
C ILE G 415 17.98 -17.28 -54.04
N VAL G 416 17.02 -18.19 -54.07
CA VAL G 416 16.53 -18.76 -55.32
C VAL G 416 15.01 -18.70 -55.35
N SER G 417 14.38 -19.43 -54.42
CA SER G 417 12.94 -19.41 -54.24
C SER G 417 12.50 -18.11 -53.56
N PRO G 418 11.24 -17.71 -53.78
CA PRO G 418 10.71 -16.49 -53.16
C PRO G 418 10.76 -16.57 -51.63
N ALA G 419 10.60 -17.78 -51.10
CA ALA G 419 10.62 -18.00 -49.66
C ALA G 419 11.92 -17.53 -48.99
N ASP G 420 13.04 -17.70 -49.69
CA ASP G 420 14.33 -17.24 -49.20
C ASP G 420 14.34 -15.72 -49.08
N LEU G 421 13.91 -15.07 -50.16
CA LEU G 421 13.78 -13.61 -50.20
C LEU G 421 12.87 -13.11 -49.07
N ILE G 422 11.81 -13.87 -48.80
CA ILE G 422 10.87 -13.56 -47.72
C ILE G 422 11.56 -13.66 -46.36
N LEU G 423 12.33 -14.72 -46.16
CA LEU G 423 13.11 -14.91 -44.94
C LEU G 423 14.05 -13.74 -44.71
N VAL G 424 14.75 -13.33 -45.77
CA VAL G 424 15.66 -12.20 -45.71
C VAL G 424 14.92 -10.90 -45.35
N LEU G 425 13.86 -10.61 -46.08
CA LEU G 425 13.06 -9.40 -45.83
C LEU G 425 12.47 -9.35 -44.42
N ASN G 426 12.11 -10.51 -43.89
CA ASN G 426 11.52 -10.60 -42.57
C ASN G 426 12.56 -10.48 -41.45
N ASN G 427 13.74 -11.02 -41.67
CA ASN G 427 14.84 -10.80 -40.74
C ASN G 427 15.25 -9.34 -40.73
N LEU G 428 15.26 -8.73 -41.92
CA LEU G 428 15.52 -7.32 -42.07
C LEU G 428 14.44 -6.51 -41.37
N TYR G 429 13.22 -7.01 -41.39
CA TYR G 429 12.11 -6.40 -40.67
C TYR G 429 12.41 -6.43 -39.19
N ARG G 430 12.73 -7.62 -38.68
CA ARG G 430 13.01 -7.80 -37.25
C ARG G 430 14.18 -6.95 -36.77
N TRP G 431 15.14 -6.72 -37.65
CA TRP G 431 16.32 -5.93 -37.30
C TRP G 431 16.09 -4.42 -37.35
N ALA G 432 15.42 -3.96 -38.41
CA ALA G 432 15.21 -2.53 -38.63
C ALA G 432 14.03 -1.95 -37.84
N THR G 433 12.94 -2.72 -37.76
CA THR G 433 11.68 -2.23 -37.21
C THR G 433 11.66 -2.21 -35.68
N ILE G 434 11.10 -1.15 -35.10
CA ILE G 434 10.88 -1.07 -33.66
C ILE G 434 9.38 -0.98 -33.35
N ASP G 435 8.84 -2.03 -32.72
CA ASP G 435 7.45 -2.09 -32.31
C ASP G 435 6.46 -1.84 -33.46
N GLY G 436 6.79 -2.36 -34.63
CA GLY G 436 5.92 -2.23 -35.79
C GLY G 436 6.19 -0.97 -36.61
N VAL G 437 7.11 -0.14 -36.14
CA VAL G 437 7.47 1.09 -36.85
C VAL G 437 8.81 0.97 -37.57
N TRP G 438 8.80 1.23 -38.87
CA TRP G 438 9.99 1.08 -39.71
C TRP G 438 11.01 2.22 -39.56
N ASP G 439 12.29 1.86 -39.68
CA ASP G 439 13.34 2.85 -39.83
C ASP G 439 13.32 3.30 -41.28
N PRO G 440 13.15 4.61 -41.51
CA PRO G 440 12.99 5.20 -42.85
C PRO G 440 14.09 4.77 -43.82
N ARG G 441 15.30 4.61 -43.31
CA ARG G 441 16.43 4.15 -44.10
C ARG G 441 16.20 2.76 -44.74
N ALA G 442 16.11 1.74 -43.90
CA ALA G 442 15.97 0.37 -44.39
C ALA G 442 14.63 0.09 -45.09
N HIS G 443 13.61 0.89 -44.76
CA HIS G 443 12.28 0.69 -45.32
C HIS G 443 12.25 0.87 -46.84
N SER G 444 13.10 1.76 -47.33
CA SER G 444 13.23 1.98 -48.77
C SER G 444 13.75 0.72 -49.48
N VAL G 445 14.75 0.09 -48.89
CA VAL G 445 15.33 -1.14 -49.43
C VAL G 445 14.33 -2.28 -49.36
N TYR G 446 13.73 -2.47 -48.18
CA TYR G 446 12.71 -3.48 -47.97
C TYR G 446 11.61 -3.37 -49.02
N LEU G 447 11.06 -2.16 -49.14
CA LEU G 447 9.97 -1.91 -50.08
C LEU G 447 10.45 -2.04 -51.53
N LYS G 448 11.75 -1.85 -51.74
CA LYS G 448 12.33 -2.01 -53.08
C LYS G 448 12.36 -3.48 -53.49
N TYR G 449 12.95 -4.32 -52.65
CA TYR G 449 13.12 -5.73 -52.98
C TYR G 449 11.87 -6.55 -52.71
N ARG G 450 10.86 -5.92 -52.11
CA ARG G 450 9.58 -6.56 -51.91
C ARG G 450 8.87 -6.74 -53.26
N LYS G 451 9.37 -6.04 -54.27
CA LYS G 451 8.81 -6.09 -55.61
C LYS G 451 9.42 -7.21 -56.47
N LEU G 452 10.36 -7.95 -55.89
CA LEU G 452 10.89 -9.14 -56.53
C LEU G 452 9.92 -10.30 -56.32
N LEU G 453 9.04 -10.13 -55.34
CA LEU G 453 8.04 -11.14 -55.01
C LEU G 453 6.88 -11.09 -55.99
N PRO G 454 6.25 -12.25 -56.26
CA PRO G 454 5.05 -12.32 -57.10
C PRO G 454 3.94 -11.43 -56.54
N LYS G 455 3.04 -10.98 -57.41
CA LYS G 455 2.01 -10.01 -57.07
C LYS G 455 1.21 -10.37 -55.80
N GLN G 456 0.74 -11.61 -55.71
CA GLN G 456 -0.05 -12.05 -54.57
C GLN G 456 0.80 -12.20 -53.30
N LEU G 457 2.05 -12.63 -53.48
CA LEU G 457 2.96 -12.85 -52.35
C LEU G 457 3.41 -11.55 -51.68
N GLN G 458 3.27 -10.44 -52.39
CA GLN G 458 3.66 -9.14 -51.86
C GLN G 458 2.65 -8.62 -50.83
N ARG G 459 1.37 -8.89 -51.09
CA ARG G 459 0.30 -8.38 -50.24
C ARG G 459 -0.12 -9.34 -49.13
N ASN G 460 0.55 -10.49 -49.06
CA ASN G 460 0.24 -11.47 -48.01
C ASN G 460 1.15 -11.31 -46.80
N THR G 461 0.55 -10.94 -45.66
CA THR G 461 1.32 -10.66 -44.45
C THR G 461 0.80 -11.35 -43.19
N ILE G 462 1.73 -11.79 -42.34
CA ILE G 462 1.38 -12.39 -41.05
C ILE G 462 2.05 -11.61 -39.92
N PRO G 463 1.51 -11.71 -38.70
CA PRO G 463 2.18 -11.07 -37.56
C PRO G 463 3.45 -11.82 -37.17
N ASP G 464 4.38 -11.13 -36.51
CA ASP G 464 5.67 -11.71 -36.15
C ASP G 464 5.52 -12.84 -35.13
N GLY G 465 6.41 -13.83 -35.22
CA GLY G 465 6.38 -14.96 -34.30
C GLY G 465 5.76 -16.21 -34.88
N TYR G 466 5.04 -16.04 -36.00
CA TYR G 466 4.38 -17.16 -36.65
C TYR G 466 5.24 -17.80 -37.73
N GLY G 467 6.48 -17.34 -37.84
CA GLY G 467 7.41 -17.92 -38.79
C GLY G 467 7.65 -17.05 -40.00
N ASP G 468 8.52 -17.53 -40.88
CA ASP G 468 8.91 -16.77 -42.07
C ASP G 468 8.15 -17.16 -43.34
N GLY G 469 7.17 -18.04 -43.21
CA GLY G 469 6.38 -18.51 -44.34
C GLY G 469 5.67 -17.42 -45.13
N ALA G 470 5.50 -16.25 -44.53
CA ALA G 470 4.91 -15.11 -45.20
C ALA G 470 5.51 -13.82 -44.67
N LEU G 471 5.35 -12.72 -45.42
CA LEU G 471 5.91 -11.44 -45.01
C LEU G 471 5.37 -10.99 -43.64
N VAL G 472 6.26 -10.48 -42.81
CA VAL G 472 5.86 -10.02 -41.48
C VAL G 472 5.32 -8.59 -41.54
N GLY G 473 4.07 -8.43 -41.10
CA GLY G 473 3.43 -7.13 -41.09
C GLY G 473 2.06 -7.27 -40.44
N SER G 474 1.25 -6.20 -40.49
CA SER G 474 -0.09 -6.25 -39.94
C SER G 474 -0.95 -7.23 -40.73
N VAL G 475 -1.56 -8.17 -40.02
CA VAL G 475 -2.37 -9.21 -40.64
C VAL G 475 -3.73 -8.67 -41.09
N LEU G 476 -4.11 -7.52 -40.52
CA LEU G 476 -5.39 -6.91 -40.83
C LEU G 476 -5.45 -6.46 -42.29
N ILE G 477 -4.29 -6.05 -42.81
CA ILE G 477 -4.20 -5.55 -44.17
C ILE G 477 -4.19 -6.69 -45.19
N ASN G 478 -3.98 -7.91 -44.70
CA ASN G 478 -3.92 -9.07 -45.57
C ASN G 478 -5.29 -9.43 -46.11
N PRO G 479 -5.48 -9.30 -47.43
CA PRO G 479 -6.76 -9.62 -48.08
C PRO G 479 -7.01 -11.11 -48.09
N PHE G 480 -5.92 -11.88 -48.13
CA PHE G 480 -5.99 -13.34 -48.22
C PHE G 480 -6.45 -13.96 -46.89
N ALA G 481 -6.19 -13.27 -45.79
CA ALA G 481 -6.61 -13.73 -44.48
C ALA G 481 -8.14 -13.80 -44.41
N LYS G 482 -8.66 -14.95 -44.02
CA LYS G 482 -10.10 -15.14 -43.94
C LYS G 482 -10.56 -15.43 -42.53
N ASN G 483 -11.64 -14.77 -42.11
CA ASN G 483 -12.26 -15.06 -40.84
C ASN G 483 -13.42 -16.03 -41.04
N ARG G 484 -13.26 -17.25 -40.53
CA ARG G 484 -14.29 -18.27 -40.67
C ARG G 484 -14.55 -18.94 -39.32
N GLY G 485 -15.77 -18.78 -38.81
CA GLY G 485 -16.11 -19.32 -37.51
C GLY G 485 -15.51 -18.49 -36.40
N TRP G 486 -15.38 -17.19 -36.63
CA TRP G 486 -14.82 -16.26 -35.66
C TRP G 486 -13.39 -16.60 -35.26
N ILE G 487 -12.69 -17.25 -36.18
CA ILE G 487 -11.25 -17.46 -36.07
C ILE G 487 -10.61 -17.19 -37.42
N ARG G 488 -9.65 -16.27 -37.45
CA ARG G 488 -9.07 -15.81 -38.71
C ARG G 488 -7.95 -16.73 -39.20
N TYR G 489 -8.05 -17.16 -40.45
CA TYR G 489 -7.09 -18.09 -41.03
C TYR G 489 -6.24 -17.45 -42.13
N VAL G 490 -4.93 -17.35 -41.90
CA VAL G 490 -4.01 -16.80 -42.89
C VAL G 490 -3.14 -17.89 -43.53
N PRO G 491 -3.10 -17.94 -44.87
CA PRO G 491 -2.26 -18.89 -45.60
C PRO G 491 -0.78 -18.52 -45.54
N VAL G 492 0.08 -19.53 -45.42
CA VAL G 492 1.53 -19.31 -45.41
C VAL G 492 2.22 -20.36 -46.28
N ILE G 493 3.49 -20.10 -46.60
CA ILE G 493 4.28 -21.06 -47.38
C ILE G 493 4.97 -22.06 -46.46
N THR G 494 4.86 -23.33 -46.81
CA THR G 494 5.46 -24.41 -46.03
C THR G 494 6.19 -25.32 -46.99
N ASP G 495 7.11 -26.12 -46.47
CA ASP G 495 7.79 -27.12 -47.30
C ASP G 495 6.77 -28.13 -47.78
N HIS G 496 6.98 -28.66 -48.99
CA HIS G 496 6.09 -29.70 -49.51
C HIS G 496 6.66 -31.06 -49.18
N THR G 497 5.96 -31.79 -48.32
CA THR G 497 6.44 -33.08 -47.83
C THR G 497 5.58 -34.25 -48.32
N ARG G 498 6.25 -35.31 -48.74
CA ARG G 498 5.55 -36.55 -49.06
C ARG G 498 5.87 -37.61 -48.01
N ASP G 499 4.84 -38.39 -47.66
CA ASP G 499 4.93 -39.33 -46.55
C ASP G 499 5.93 -40.45 -46.80
N ARG G 500 6.41 -41.07 -45.73
CA ARG G 500 7.30 -42.22 -45.85
C ARG G 500 6.86 -43.34 -44.91
N GLU G 501 7.31 -44.55 -45.22
CA GLU G 501 7.02 -45.70 -44.40
C GLU G 501 7.82 -45.64 -43.11
N ARG G 502 7.24 -46.12 -42.02
CA ARG G 502 7.88 -46.08 -40.71
C ARG G 502 8.01 -47.49 -40.16
N ALA G 503 8.88 -47.64 -39.16
CA ALA G 503 9.04 -48.93 -38.50
C ALA G 503 8.01 -49.10 -37.39
N GLU G 504 7.22 -50.16 -37.50
CA GLU G 504 6.15 -50.40 -36.53
C GLU G 504 6.68 -50.83 -35.18
N LEU G 505 7.55 -51.83 -35.18
CA LEU G 505 8.16 -52.32 -33.94
C LEU G 505 9.11 -51.26 -33.36
N GLY G 506 9.66 -50.42 -34.24
CA GLY G 506 10.55 -49.35 -33.82
C GLY G 506 9.81 -48.18 -33.19
N SER G 507 8.72 -47.76 -33.81
CA SER G 507 7.91 -46.67 -33.28
C SER G 507 7.21 -47.11 -32.01
N TYR G 508 6.83 -48.39 -31.97
CA TYR G 508 6.18 -48.98 -30.81
C TYR G 508 7.14 -49.14 -29.65
N LEU G 509 8.37 -49.55 -29.94
CA LEU G 509 9.41 -49.65 -28.93
C LEU G 509 9.78 -48.26 -28.39
N TYR G 510 9.89 -47.30 -29.29
CA TYR G 510 10.15 -45.92 -28.92
C TYR G 510 9.06 -45.39 -27.99
N ASP G 511 7.81 -45.64 -28.39
CA ASP G 511 6.66 -45.23 -27.60
C ASP G 511 6.68 -45.86 -26.20
N LEU G 512 6.80 -47.18 -26.16
CA LEU G 512 6.86 -47.89 -24.88
C LEU G 512 8.00 -47.42 -24.00
N PHE G 513 9.14 -47.08 -24.62
CA PHE G 513 10.27 -46.58 -23.86
C PHE G 513 9.95 -45.21 -23.27
N SER G 514 9.23 -44.39 -24.03
CA SER G 514 8.78 -43.10 -23.52
C SER G 514 7.82 -43.29 -22.34
N ARG G 515 6.97 -44.32 -22.43
CA ARG G 515 6.09 -44.70 -21.35
C ARG G 515 6.88 -45.04 -20.09
N CYS G 516 7.90 -45.89 -20.26
CA CYS G 516 8.75 -46.30 -19.14
C CYS G 516 9.47 -45.11 -18.53
N LEU G 517 9.85 -44.15 -19.37
CA LEU G 517 10.53 -42.95 -18.89
C LEU G 517 9.61 -42.04 -18.08
N SER G 518 8.38 -41.87 -18.55
CA SER G 518 7.41 -41.02 -17.86
C SER G 518 7.13 -41.49 -16.42
N GLU G 519 7.23 -42.79 -16.20
CA GLU G 519 6.94 -43.37 -14.89
C GLU G 519 8.05 -43.13 -13.87
N SER G 520 9.18 -42.59 -14.33
CA SER G 520 10.29 -42.29 -13.43
C SER G 520 10.27 -40.84 -12.96
N PHE G 538 -6.38 -22.55 -15.30
CA PHE G 538 -5.22 -21.81 -15.80
C PHE G 538 -4.17 -22.75 -16.38
N ALA G 539 -3.20 -23.13 -15.55
CA ALA G 539 -2.15 -24.04 -15.99
C ALA G 539 -2.51 -25.48 -15.64
N ILE G 540 -3.66 -25.66 -15.00
CA ILE G 540 -4.12 -26.98 -14.58
C ILE G 540 -4.91 -27.70 -15.67
N ASP G 541 -5.31 -26.96 -16.72
CA ASP G 541 -6.03 -27.55 -17.85
C ASP G 541 -5.08 -27.89 -19.00
N GLN G 542 -3.80 -27.59 -18.82
CA GLN G 542 -2.79 -27.91 -19.82
C GLN G 542 -2.43 -29.39 -19.71
N LEU G 543 -2.95 -30.04 -18.68
CA LEU G 543 -2.66 -31.44 -18.40
C LEU G 543 -3.56 -32.39 -19.19
N ILE G 544 -4.48 -31.82 -19.98
CA ILE G 544 -5.36 -32.60 -20.84
C ILE G 544 -4.62 -33.04 -22.10
N CYS G 545 -3.69 -32.20 -22.55
CA CYS G 545 -2.97 -32.40 -23.80
C CYS G 545 -1.92 -33.51 -23.75
N ARG G 546 -1.51 -33.96 -24.94
CA ARG G 546 -0.63 -35.12 -25.08
C ARG G 546 0.48 -34.94 -26.11
N SER G 547 1.18 -36.03 -26.41
CA SER G 547 2.30 -36.01 -27.35
C SER G 547 1.92 -36.65 -28.68
N ASN G 548 2.51 -36.17 -29.77
CA ASN G 548 2.18 -36.65 -31.11
C ASN G 548 2.86 -37.97 -31.50
N PRO G 549 2.16 -38.82 -32.27
CA PRO G 549 2.66 -40.12 -32.73
C PRO G 549 3.75 -40.00 -33.79
N THR G 550 4.47 -41.09 -34.03
CA THR G 550 5.55 -41.08 -35.01
C THR G 550 5.01 -41.08 -36.44
N LYS G 551 5.38 -40.05 -37.21
CA LYS G 551 5.02 -39.97 -38.62
C LYS G 551 6.21 -39.45 -39.43
N ILE G 552 6.58 -40.17 -40.47
CA ILE G 552 7.75 -39.81 -41.27
C ILE G 552 7.35 -39.17 -42.61
N SER G 553 7.84 -37.95 -42.83
CA SER G 553 7.59 -37.27 -44.10
C SER G 553 8.89 -36.63 -44.60
N ARG G 554 9.35 -37.05 -45.77
CA ARG G 554 10.52 -36.45 -46.39
C ARG G 554 10.15 -35.16 -47.10
N SER G 555 11.11 -34.24 -47.22
CA SER G 555 10.83 -32.92 -47.76
C SER G 555 11.33 -32.73 -49.19
N THR G 556 10.40 -32.58 -50.13
CA THR G 556 10.73 -32.23 -51.50
C THR G 556 11.08 -30.74 -51.60
N GLY G 557 11.76 -30.36 -52.67
CA GLY G 557 12.11 -28.96 -52.88
C GLY G 557 10.93 -28.07 -53.19
N LYS G 558 9.77 -28.68 -53.38
CA LYS G 558 8.55 -27.95 -53.69
C LYS G 558 7.98 -27.21 -52.48
N PHE G 559 7.14 -26.22 -52.73
CA PHE G 559 6.49 -25.48 -51.66
C PHE G 559 4.97 -25.64 -51.73
N ASP G 560 4.32 -25.68 -50.57
CA ASP G 560 2.88 -25.87 -50.50
C ASP G 560 2.26 -24.85 -49.55
N ILE G 561 1.06 -24.38 -49.89
CA ILE G 561 0.39 -23.37 -49.07
C ILE G 561 -0.50 -24.00 -48.01
N GLN G 562 -0.38 -23.51 -46.77
CA GLN G 562 -1.18 -24.04 -45.68
C GLN G 562 -1.77 -22.93 -44.80
N TYR G 563 -3.05 -23.04 -44.50
CA TYR G 563 -3.74 -22.07 -43.65
C TYR G 563 -3.44 -22.30 -42.18
N ILE G 564 -3.17 -21.22 -41.44
CA ILE G 564 -2.96 -21.32 -40.00
C ILE G 564 -3.79 -20.29 -39.25
N ALA G 565 -3.92 -20.48 -37.94
CA ALA G 565 -4.66 -19.54 -37.09
C ALA G 565 -3.71 -18.53 -36.47
N CYS G 566 -4.02 -17.24 -36.65
CA CYS G 566 -3.20 -16.18 -36.11
C CYS G 566 -4.03 -15.13 -35.36
N SER G 567 -3.39 -14.45 -34.40
CA SER G 567 -4.04 -13.35 -33.70
C SER G 567 -3.49 -12.01 -34.18
N SER G 568 -3.97 -10.92 -33.60
CA SER G 568 -3.54 -9.59 -34.00
C SER G 568 -2.09 -9.31 -33.63
N ARG G 569 -1.72 -9.68 -32.41
CA ARG G 569 -0.36 -9.45 -31.92
C ARG G 569 0.58 -10.58 -32.33
N THR H 2 7.64 -49.86 -11.45
CA THR H 2 8.21 -48.93 -12.41
C THR H 2 9.69 -48.67 -12.12
N GLU H 3 10.03 -48.62 -10.83
CA GLU H 3 11.41 -48.35 -10.41
C GLU H 3 12.21 -49.64 -10.26
N SER H 4 11.54 -50.78 -10.36
CA SER H 4 12.22 -52.07 -10.31
C SER H 4 13.00 -52.30 -11.61
N PHE H 5 12.64 -51.55 -12.65
CA PHE H 5 13.33 -51.60 -13.93
C PHE H 5 14.79 -51.21 -13.76
N ALA H 6 15.02 -50.09 -13.07
CA ALA H 6 16.36 -49.60 -12.80
C ALA H 6 17.14 -50.58 -11.92
N GLN H 7 16.43 -51.23 -11.00
CA GLN H 7 17.03 -52.28 -10.16
C GLN H 7 17.55 -53.39 -11.04
N LEU H 8 16.70 -53.88 -11.92
CA LEU H 8 17.04 -54.96 -12.84
C LEU H 8 18.20 -54.56 -13.74
N PHE H 9 18.23 -53.29 -14.14
CA PHE H 9 19.29 -52.79 -14.99
C PHE H 9 20.64 -52.79 -14.27
N GLU H 10 20.67 -52.18 -13.09
CA GLU H 10 21.92 -52.10 -12.33
C GLU H 10 22.44 -53.49 -11.94
N GLU H 11 21.52 -54.34 -11.51
CA GLU H 11 21.85 -55.71 -11.15
C GLU H 11 22.40 -56.47 -12.35
N SER H 12 21.78 -56.28 -13.51
CA SER H 12 22.25 -56.88 -14.75
C SER H 12 23.66 -56.39 -15.06
N LEU H 13 23.87 -55.09 -14.92
CA LEU H 13 25.16 -54.46 -15.19
C LEU H 13 26.26 -55.08 -14.33
N LYS H 14 26.05 -55.10 -13.02
CA LYS H 14 27.03 -55.69 -12.11
C LYS H 14 27.23 -57.17 -12.39
N GLU H 15 26.16 -57.84 -12.81
CA GLU H 15 26.25 -59.24 -13.23
C GLU H 15 27.20 -59.39 -14.41
N ILE H 16 27.12 -58.46 -15.37
CA ILE H 16 28.00 -58.48 -16.53
C ILE H 16 29.45 -58.22 -16.12
N GLU H 17 29.64 -57.20 -15.27
CA GLU H 17 30.98 -56.87 -14.78
C GLU H 17 31.60 -58.00 -13.96
N THR H 18 30.75 -58.86 -13.41
CA THR H 18 31.23 -60.03 -12.67
C THR H 18 31.87 -61.04 -13.63
N ARG H 19 31.27 -61.22 -14.80
CA ARG H 19 31.78 -62.19 -15.77
C ARG H 19 33.06 -61.68 -16.41
N PRO H 20 34.18 -62.39 -16.16
CA PRO H 20 35.50 -61.96 -16.60
C PRO H 20 35.70 -62.08 -18.11
N GLY H 21 36.46 -61.15 -18.67
CA GLY H 21 36.83 -61.21 -20.08
C GLY H 21 35.81 -60.64 -21.04
N SER H 22 35.92 -61.06 -22.30
CA SER H 22 35.04 -60.59 -23.36
C SER H 22 33.79 -61.45 -23.43
N ILE H 23 33.67 -62.35 -22.48
CA ILE H 23 32.55 -63.29 -22.39
C ILE H 23 31.19 -62.58 -22.44
N VAL H 24 30.33 -63.05 -23.34
CA VAL H 24 28.97 -62.55 -23.44
C VAL H 24 27.98 -63.70 -23.62
N ARG H 25 26.82 -63.58 -22.98
CA ARG H 25 25.80 -64.61 -23.08
C ARG H 25 25.26 -64.70 -24.50
N GLY H 26 24.85 -65.90 -24.90
CA GLY H 26 24.18 -66.08 -26.16
C GLY H 26 23.49 -67.42 -26.24
N VAL H 27 22.44 -67.48 -27.07
CA VAL H 27 21.67 -68.70 -27.22
C VAL H 27 21.89 -69.30 -28.60
N VAL H 28 21.90 -70.63 -28.68
CA VAL H 28 22.13 -71.28 -29.96
C VAL H 28 20.88 -71.19 -30.82
N VAL H 29 21.02 -70.57 -31.99
CA VAL H 29 19.90 -70.46 -32.93
C VAL H 29 19.76 -71.76 -33.70
N ALA H 30 20.89 -72.31 -34.12
CA ALA H 30 20.87 -73.55 -34.90
C ALA H 30 22.07 -74.44 -34.64
N ILE H 31 21.90 -75.74 -34.82
CA ILE H 31 22.97 -76.70 -34.63
C ILE H 31 23.20 -77.51 -35.91
N ASP H 32 24.46 -77.84 -36.18
CA ASP H 32 24.82 -78.56 -37.40
C ASP H 32 26.16 -79.25 -37.17
N LYS H 33 26.47 -80.25 -38.00
CA LYS H 33 27.76 -80.92 -37.94
C LYS H 33 28.86 -79.98 -38.41
N ASP H 34 28.49 -79.01 -39.23
CA ASP H 34 29.45 -78.03 -39.75
C ASP H 34 29.73 -76.92 -38.74
N VAL H 35 28.72 -76.10 -38.47
CA VAL H 35 28.88 -74.96 -37.57
C VAL H 35 27.82 -74.94 -36.47
N VAL H 36 28.13 -74.23 -35.39
CA VAL H 36 27.16 -74.04 -34.32
C VAL H 36 26.73 -72.58 -34.32
N LEU H 37 25.49 -72.32 -34.74
CA LEU H 37 25.05 -70.94 -34.94
C LEU H 37 24.39 -70.39 -33.69
N VAL H 38 25.07 -69.41 -33.09
CA VAL H 38 24.65 -68.81 -31.83
C VAL H 38 24.46 -67.30 -32.01
N ASP H 39 23.44 -66.76 -31.34
CA ASP H 39 23.20 -65.32 -31.34
C ASP H 39 23.65 -64.71 -30.02
N ALA H 40 24.63 -63.81 -30.08
CA ALA H 40 25.13 -63.14 -28.89
C ALA H 40 24.41 -61.81 -28.67
N GLY H 41 23.45 -61.52 -29.53
CA GLY H 41 22.73 -60.26 -29.48
C GLY H 41 23.15 -59.38 -30.63
N LEU H 42 24.23 -59.78 -31.30
CA LEU H 42 24.72 -59.05 -32.46
C LEU H 42 23.81 -59.29 -33.66
N LYS H 43 23.83 -58.37 -34.60
CA LYS H 43 23.07 -58.52 -35.84
C LYS H 43 23.65 -59.67 -36.65
N SER H 44 24.95 -59.89 -36.48
CA SER H 44 25.63 -61.01 -37.12
C SER H 44 25.73 -62.19 -36.16
N GLU H 45 25.19 -63.33 -36.57
CA GLU H 45 25.31 -64.54 -35.78
C GLU H 45 26.76 -65.00 -35.77
N SER H 46 27.13 -65.74 -34.72
CA SER H 46 28.49 -66.24 -34.61
C SER H 46 28.46 -67.76 -34.67
N ALA H 47 29.57 -68.36 -35.06
CA ALA H 47 29.63 -69.80 -35.23
C ALA H 47 30.99 -70.38 -34.84
N ILE H 48 30.97 -71.62 -34.35
CA ILE H 48 32.20 -72.37 -34.15
C ILE H 48 32.05 -73.67 -34.93
N PRO H 49 33.11 -74.08 -35.66
CA PRO H 49 33.05 -75.29 -36.47
C PRO H 49 32.99 -76.58 -35.67
N ALA H 50 33.77 -76.64 -34.60
CA ALA H 50 34.06 -77.90 -33.92
C ALA H 50 33.43 -78.03 -32.54
N GLU H 51 33.81 -77.12 -31.65
CA GLU H 51 33.65 -77.29 -30.22
C GLU H 51 34.40 -78.56 -29.84
N GLN H 52 33.82 -79.39 -28.97
CA GLN H 52 34.50 -80.61 -28.57
C GLN H 52 34.30 -81.72 -29.60
N PHE H 53 35.26 -82.66 -29.67
CA PHE H 53 35.08 -83.87 -30.46
C PHE H 53 34.08 -84.74 -29.70
N LYS H 54 33.78 -85.94 -30.20
CA LYS H 54 32.75 -86.70 -29.51
C LYS H 54 33.38 -87.55 -28.42
N ASN H 55 33.21 -87.09 -27.19
CA ASN H 55 33.42 -87.90 -25.99
C ASN H 55 32.27 -87.61 -25.04
N ALA H 56 32.26 -86.38 -24.52
CA ALA H 56 31.14 -85.88 -23.74
C ALA H 56 30.21 -85.03 -24.61
N GLN H 57 30.57 -84.89 -25.88
CA GLN H 57 29.80 -84.07 -26.81
C GLN H 57 28.51 -84.77 -27.23
N GLY H 58 27.39 -84.06 -27.09
CA GLY H 58 26.10 -84.61 -27.42
C GLY H 58 24.95 -83.66 -27.15
N GLU H 59 23.75 -84.24 -27.04
CA GLU H 59 22.53 -83.47 -26.79
C GLU H 59 22.62 -82.69 -25.48
N LEU H 60 23.23 -83.29 -24.47
CA LEU H 60 23.36 -82.67 -23.15
C LEU H 60 24.49 -81.63 -23.11
N GLU H 61 25.46 -81.76 -24.00
CA GLU H 61 26.57 -80.82 -24.06
C GLU H 61 26.07 -79.47 -24.57
N ILE H 62 25.44 -79.50 -25.74
CA ILE H 62 24.83 -78.30 -26.34
C ILE H 62 23.57 -78.71 -27.07
N GLN H 63 22.74 -77.72 -27.38
CA GLN H 63 21.43 -77.96 -27.98
C GLN H 63 20.78 -76.62 -28.29
N VAL H 64 19.73 -76.64 -29.11
CA VAL H 64 19.01 -75.41 -29.43
C VAL H 64 18.30 -74.88 -28.19
N GLY H 65 18.55 -73.62 -27.87
CA GLY H 65 17.97 -73.01 -26.68
C GLY H 65 18.98 -72.86 -25.55
N ASP H 66 20.11 -73.53 -25.67
CA ASP H 66 21.15 -73.49 -24.64
C ASP H 66 21.86 -72.15 -24.63
N GLU H 67 22.31 -71.74 -23.44
CA GLU H 67 23.05 -70.49 -23.30
C GLU H 67 24.55 -70.74 -23.27
N VAL H 68 25.24 -70.28 -24.30
CA VAL H 68 26.68 -70.44 -24.40
C VAL H 68 27.38 -69.09 -24.40
N ASP H 69 28.39 -68.95 -23.54
CA ASP H 69 29.17 -67.73 -23.50
C ASP H 69 30.18 -67.73 -24.65
N VAL H 70 30.12 -66.68 -25.48
CA VAL H 70 31.03 -66.57 -26.62
C VAL H 70 32.01 -65.42 -26.39
N ALA H 71 33.23 -65.57 -26.90
CA ALA H 71 34.26 -64.56 -26.74
C ALA H 71 34.65 -63.94 -28.09
N LEU H 72 34.49 -62.64 -28.20
CA LEU H 72 34.99 -61.92 -29.37
C LEU H 72 36.16 -61.03 -28.92
N ASP H 73 37.37 -61.47 -29.23
CA ASP H 73 38.59 -60.82 -28.76
C ASP H 73 39.12 -59.65 -29.59
N ALA H 74 39.07 -59.81 -30.91
CA ALA H 74 39.93 -59.04 -31.83
C ALA H 74 40.01 -57.53 -31.60
N VAL H 75 38.94 -56.82 -31.93
CA VAL H 75 38.99 -55.36 -31.93
C VAL H 75 38.47 -54.75 -30.62
N GLU H 76 38.11 -55.60 -29.66
CA GLU H 76 37.76 -55.13 -28.33
C GLU H 76 39.00 -54.58 -27.65
N ASP H 77 38.82 -53.64 -26.73
CA ASP H 77 39.96 -52.90 -26.22
C ASP H 77 40.57 -53.50 -24.96
N GLY H 78 41.75 -54.11 -25.11
CA GLY H 78 42.71 -54.16 -24.02
C GLY H 78 43.78 -53.13 -24.35
N PHE H 79 43.87 -52.83 -25.64
CA PHE H 79 44.86 -51.87 -26.14
C PHE H 79 44.28 -50.46 -26.33
N GLY H 80 42.96 -50.35 -26.22
CA GLY H 80 42.30 -49.07 -26.40
C GLY H 80 42.44 -48.21 -25.17
N GLU H 81 42.44 -48.85 -24.01
CA GLU H 81 42.61 -48.17 -22.74
C GLU H 81 44.06 -47.72 -22.56
N THR H 82 44.98 -48.53 -23.07
CA THR H 82 46.40 -48.25 -22.97
C THR H 82 46.86 -47.42 -24.16
N LEU H 83 45.91 -47.04 -25.01
CA LEU H 83 46.23 -46.34 -26.26
C LEU H 83 46.69 -44.92 -26.00
N LEU H 84 46.61 -44.50 -24.74
CA LEU H 84 47.21 -43.26 -24.32
C LEU H 84 48.53 -43.62 -23.64
N SER H 85 49.64 -43.34 -24.31
CA SER H 85 50.95 -43.74 -23.84
C SER H 85 51.50 -42.75 -22.82
N ARG H 86 50.81 -41.63 -22.68
CA ARG H 86 51.20 -40.58 -21.75
C ARG H 86 50.94 -41.02 -20.30
N GLU H 87 49.72 -41.46 -20.04
CA GLU H 87 49.32 -41.85 -18.70
C GLU H 87 49.49 -43.34 -18.46
N LYS H 88 49.99 -44.06 -19.47
CA LYS H 88 50.14 -45.52 -19.37
C LYS H 88 50.98 -45.94 -18.18
N ALA H 89 52.28 -45.71 -18.25
CA ALA H 89 53.18 -46.09 -17.17
C ALA H 89 53.19 -45.05 -16.06
N LYS H 90 52.75 -43.84 -16.39
CA LYS H 90 52.80 -42.72 -15.45
C LYS H 90 51.78 -42.80 -14.32
N ARG H 91 50.52 -43.02 -14.66
CA ARG H 91 49.47 -43.05 -13.64
C ARG H 91 49.46 -44.30 -12.76
N HIS H 92 49.40 -45.47 -13.39
CA HIS H 92 49.15 -46.71 -12.66
C HIS H 92 50.29 -47.13 -11.72
N GLU H 93 51.52 -47.08 -12.22
CA GLU H 93 52.68 -47.48 -11.43
C GLU H 93 52.87 -46.50 -10.28
N ALA H 94 52.61 -45.23 -10.55
CA ALA H 94 52.69 -44.20 -9.53
C ALA H 94 51.64 -44.44 -8.43
N TRP H 95 50.46 -44.87 -8.83
CA TRP H 95 49.42 -45.22 -7.86
C TRP H 95 49.81 -46.45 -7.02
N ILE H 96 50.44 -47.42 -7.67
CA ILE H 96 50.93 -48.60 -6.96
C ILE H 96 51.99 -48.23 -5.93
N THR H 97 52.92 -47.36 -6.31
CA THR H 97 53.95 -46.88 -5.41
C THR H 97 53.35 -46.07 -4.26
N LEU H 98 52.36 -45.25 -4.57
CA LEU H 98 51.68 -44.46 -3.56
C LEU H 98 50.92 -45.35 -2.59
N GLU H 99 50.49 -46.52 -3.06
CA GLU H 99 49.89 -47.51 -2.17
C GLU H 99 50.97 -48.21 -1.37
N LYS H 100 52.17 -48.31 -1.96
CA LYS H 100 53.32 -48.90 -1.30
C LYS H 100 53.88 -47.95 -0.24
N ALA H 101 53.41 -46.71 -0.26
CA ALA H 101 53.81 -45.71 0.73
C ALA H 101 53.22 -46.03 2.11
N TYR H 102 52.36 -47.03 2.16
CA TYR H 102 51.75 -47.47 3.42
C TYR H 102 52.49 -48.64 4.06
N GLU H 103 52.47 -49.79 3.39
CA GLU H 103 53.01 -51.02 3.97
C GLU H 103 54.53 -51.10 3.89
N ASP H 104 55.11 -50.54 2.83
CA ASP H 104 56.56 -50.62 2.62
C ASP H 104 57.25 -49.26 2.70
N ALA H 105 57.07 -48.46 1.66
CA ALA H 105 57.76 -47.17 1.54
C ALA H 105 57.28 -46.17 2.58
N GLU H 106 58.11 -45.16 2.82
CA GLU H 106 57.76 -44.09 3.76
C GLU H 106 57.84 -42.74 3.08
N THR H 107 59.05 -42.34 2.69
CA THR H 107 59.28 -41.02 2.10
C THR H 107 59.21 -41.06 0.57
N VAL H 108 58.53 -40.06 0.01
CA VAL H 108 58.45 -39.90 -1.44
C VAL H 108 58.83 -38.46 -1.80
N THR H 109 58.80 -38.15 -3.09
CA THR H 109 59.20 -36.83 -3.56
C THR H 109 58.05 -36.13 -4.27
N GLY H 110 57.88 -34.83 -3.98
CA GLY H 110 56.80 -34.06 -4.58
C GLY H 110 57.01 -32.56 -4.48
N VAL H 111 56.05 -31.80 -4.98
CA VAL H 111 56.12 -30.34 -4.96
C VAL H 111 54.79 -29.74 -4.56
N ILE H 112 54.83 -28.78 -3.63
CA ILE H 112 53.62 -28.08 -3.19
C ILE H 112 53.44 -26.84 -4.05
N ASN H 113 52.37 -26.83 -4.86
CA ASN H 113 52.15 -25.76 -5.82
C ASN H 113 51.52 -24.47 -5.26
N GLY H 114 50.51 -24.61 -4.39
CA GLY H 114 49.84 -23.43 -3.87
C GLY H 114 48.86 -23.64 -2.72
N LYS H 115 48.27 -22.54 -2.26
CA LYS H 115 47.33 -22.58 -1.14
C LYS H 115 45.86 -22.59 -1.57
N VAL H 116 45.19 -23.64 -1.12
CA VAL H 116 43.75 -23.83 -1.18
C VAL H 116 43.17 -23.28 0.13
N LYS H 117 42.06 -23.86 0.57
CA LYS H 117 41.45 -23.60 1.86
C LYS H 117 42.47 -24.04 2.91
N GLY H 118 42.03 -24.40 4.11
CA GLY H 118 42.94 -24.54 5.24
C GLY H 118 44.11 -25.50 5.04
N GLY H 119 44.42 -25.78 3.77
CA GLY H 119 45.58 -26.55 3.37
C GLY H 119 46.16 -26.15 2.02
N PHE H 120 47.15 -26.93 1.55
CA PHE H 120 47.86 -26.65 0.31
C PHE H 120 47.70 -27.81 -0.66
N THR H 121 48.03 -27.60 -1.92
CA THR H 121 48.03 -28.69 -2.88
C THR H 121 49.44 -29.18 -3.22
N VAL H 122 49.59 -30.49 -3.28
CA VAL H 122 50.88 -31.08 -3.61
C VAL H 122 50.76 -31.88 -4.91
N GLU H 123 51.83 -31.86 -5.72
CA GLU H 123 51.90 -32.70 -6.90
C GLU H 123 53.20 -33.50 -6.84
N LEU H 124 53.10 -34.82 -6.87
CA LEU H 124 54.29 -35.65 -6.80
C LEU H 124 54.56 -36.32 -8.14
N ASN H 125 53.80 -37.37 -8.43
CA ASN H 125 53.89 -38.06 -9.72
C ASN H 125 52.81 -37.62 -10.70
N GLY H 126 52.05 -36.60 -10.30
CA GLY H 126 50.87 -36.18 -11.02
C GLY H 126 49.63 -36.47 -10.21
N ILE H 127 49.82 -37.21 -9.11
CA ILE H 127 48.75 -37.41 -8.14
C ILE H 127 48.66 -36.18 -7.23
N ARG H 128 47.47 -35.62 -7.13
CA ARG H 128 47.28 -34.38 -6.37
C ARG H 128 46.92 -34.66 -4.92
N ALA H 129 47.61 -33.98 -4.00
CA ALA H 129 47.48 -34.25 -2.58
C ALA H 129 47.11 -33.01 -1.76
N PHE H 130 46.64 -33.26 -0.53
CA PHE H 130 46.18 -32.19 0.35
C PHE H 130 47.09 -32.06 1.56
N LEU H 131 47.54 -30.84 1.85
CA LEU H 131 48.45 -30.59 2.96
C LEU H 131 47.81 -29.72 4.03
N PRO H 132 47.43 -30.32 5.17
CA PRO H 132 46.75 -29.57 6.24
C PRO H 132 47.56 -28.35 6.70
N GLY H 133 46.88 -27.21 6.84
CA GLY H 133 47.53 -25.95 7.16
C GLY H 133 48.26 -25.91 8.49
N SER H 134 47.80 -26.71 9.44
CA SER H 134 48.48 -26.81 10.73
C SER H 134 49.67 -27.75 10.61
N LEU H 135 49.64 -28.61 9.59
CA LEU H 135 50.70 -29.60 9.38
C LEU H 135 51.75 -29.13 8.37
N VAL H 136 51.62 -27.87 7.92
CA VAL H 136 52.53 -27.28 6.94
C VAL H 136 54.01 -27.43 7.29
N ASP H 137 54.34 -27.29 8.58
CA ASP H 137 55.70 -27.51 9.06
C ASP H 137 55.73 -27.82 10.56
N VAL H 138 56.93 -27.86 11.12
CA VAL H 138 57.10 -28.03 12.56
C VAL H 138 56.51 -26.82 13.27
N ARG H 139 56.74 -25.65 12.69
CA ARG H 139 56.13 -24.41 13.17
C ARG H 139 55.63 -23.60 11.98
N PRO H 140 54.46 -22.97 12.13
CA PRO H 140 53.84 -22.23 11.02
C PRO H 140 54.61 -20.96 10.65
N VAL H 141 54.85 -20.77 9.36
CA VAL H 141 55.48 -19.55 8.86
C VAL H 141 54.57 -18.97 7.78
N ARG H 142 54.63 -17.65 7.58
CA ARG H 142 53.87 -17.03 6.51
C ARG H 142 54.26 -17.64 5.17
N ASP H 143 53.26 -18.15 4.46
CA ASP H 143 53.49 -18.89 3.22
C ASP H 143 53.34 -18.04 1.96
N THR H 144 53.03 -16.76 2.14
CA THR H 144 52.86 -15.84 1.02
C THR H 144 54.18 -15.69 0.25
N LEU H 145 55.27 -15.51 0.99
CA LEU H 145 56.60 -15.39 0.41
C LEU H 145 57.34 -16.73 0.37
N HIS H 146 56.67 -17.79 0.80
CA HIS H 146 57.31 -19.10 0.93
C HIS H 146 57.68 -19.70 -0.42
N LEU H 147 58.58 -20.69 -0.37
CA LEU H 147 59.11 -21.37 -1.55
C LEU H 147 58.01 -21.87 -2.47
N GLU H 148 58.20 -21.68 -3.77
CA GLU H 148 57.21 -22.07 -4.77
C GLU H 148 57.82 -22.92 -5.89
N GLY H 149 57.16 -24.02 -6.23
CA GLY H 149 57.62 -24.89 -7.29
C GLY H 149 59.00 -25.46 -7.04
N LYS H 150 59.23 -25.96 -5.83
CA LYS H 150 60.54 -26.48 -5.45
C LYS H 150 60.44 -27.87 -4.82
N GLU H 151 61.24 -28.79 -5.31
CA GLU H 151 61.17 -30.20 -4.94
C GLU H 151 61.44 -30.43 -3.44
N LEU H 152 60.59 -31.24 -2.82
CA LEU H 152 60.70 -31.56 -1.40
C LEU H 152 60.22 -32.99 -1.14
N GLU H 153 60.54 -33.53 0.03
CA GLU H 153 60.16 -34.90 0.38
C GLU H 153 58.99 -34.94 1.36
N PHE H 154 58.16 -35.96 1.23
CA PHE H 154 56.90 -36.02 1.98
C PHE H 154 56.50 -37.45 2.37
N LYS H 155 55.56 -37.58 3.31
CA LYS H 155 54.93 -38.87 3.59
C LYS H 155 53.41 -38.73 3.59
N VAL H 156 52.73 -39.78 3.17
CA VAL H 156 51.27 -39.79 3.09
C VAL H 156 50.63 -40.04 4.45
N ILE H 157 49.39 -39.58 4.61
CA ILE H 157 48.62 -39.83 5.83
C ILE H 157 47.46 -40.78 5.56
N LYS H 158 46.43 -40.25 4.92
CA LYS H 158 45.22 -41.01 4.65
C LYS H 158 45.03 -41.25 3.16
N LEU H 159 44.31 -42.31 2.82
CA LEU H 159 44.09 -42.66 1.42
C LEU H 159 42.68 -43.21 1.25
N ASP H 160 42.11 -42.96 0.07
CA ASP H 160 40.78 -43.44 -0.27
C ASP H 160 40.90 -44.59 -1.27
N GLN H 161 41.55 -44.29 -2.40
CA GLN H 161 42.03 -45.27 -3.39
C GLN H 161 41.00 -45.73 -4.41
N LYS H 162 39.72 -45.48 -4.15
CA LYS H 162 38.70 -45.67 -5.16
C LYS H 162 38.25 -44.29 -5.55
N ARG H 163 37.67 -43.58 -4.59
CA ARG H 163 37.59 -42.14 -4.64
C ARG H 163 39.04 -41.68 -4.60
N ASN H 164 39.38 -40.65 -5.38
CA ASN H 164 40.78 -40.23 -5.43
C ASN H 164 41.06 -39.03 -4.55
N ASN H 165 41.71 -39.27 -3.42
CA ASN H 165 42.22 -38.22 -2.55
C ASN H 165 43.39 -38.72 -1.72
N VAL H 166 44.34 -37.84 -1.45
CA VAL H 166 45.47 -38.16 -0.61
C VAL H 166 45.88 -36.95 0.21
N VAL H 167 46.29 -37.19 1.45
CA VAL H 167 46.72 -36.11 2.32
C VAL H 167 48.16 -36.34 2.81
N VAL H 168 48.88 -35.26 3.05
CA VAL H 168 50.29 -35.33 3.43
C VAL H 168 50.61 -34.36 4.56
N SER H 169 51.27 -34.85 5.60
CA SER H 169 51.77 -33.99 6.67
C SER H 169 53.24 -33.68 6.43
N ARG H 170 53.65 -32.45 6.66
CA ARG H 170 55.01 -32.04 6.38
C ARG H 170 55.95 -32.28 7.55
N ARG H 171 55.40 -32.67 8.70
CA ARG H 171 56.26 -33.25 9.71
C ARG H 171 56.04 -34.74 9.55
N ALA H 172 56.97 -35.35 8.84
CA ALA H 172 56.91 -36.76 8.52
C ALA H 172 58.28 -37.37 8.70
N VAL H 173 59.18 -36.95 7.82
CA VAL H 173 60.58 -37.33 7.86
C VAL H 173 61.26 -36.46 8.90
N ILE H 174 60.61 -35.35 9.25
CA ILE H 174 61.16 -34.42 10.23
C ILE H 174 61.04 -34.96 11.65
N GLU H 175 59.86 -35.44 12.01
CA GLU H 175 59.63 -35.98 13.35
C GLU H 175 60.18 -37.38 13.53
N SER H 176 60.15 -38.18 12.45
CA SER H 176 60.82 -39.47 12.45
C SER H 176 62.31 -39.27 12.24
N GLU H 177 62.66 -38.03 11.88
CA GLU H 177 64.05 -37.53 11.87
C GLU H 177 64.94 -38.04 10.74
N ASN H 178 64.51 -39.11 10.07
CA ASN H 178 65.30 -39.71 9.00
C ASN H 178 64.48 -40.73 8.21
#